data_8QHN
#
_entry.id   8QHN
#
_cell.length_a   97.521
_cell.length_b   98.476
_cell.length_c   102.981
_cell.angle_alpha   77.766
_cell.angle_beta   76.083
_cell.angle_gamma   67.792
#
_symmetry.space_group_name_H-M   'P 1'
#
loop_
_entity.id
_entity.type
_entity.pdbx_description
1 polymer 'NADP-dependent glyceraldehyde-3-phosphate dehydrogenase'
2 polymer 'NADP-dependent glyceraldehyde-3-phosphate dehydrogenase'
3 non-polymer 'NADP NICOTINAMIDE-ADENINE-DINUCLEOTIDE PHOSPHATE'
4 non-polymer ERYTHOSE-4-PHOSPHATE
5 non-polymer GLYCEROL
6 water water
#
loop_
_entity_poly.entity_id
_entity_poly.type
_entity_poly.pdbx_seq_one_letter_code
_entity_poly.pdbx_strand_id
1 'polypeptide(L)'
;MAKQYKNLVNGEWKLSENEITIYAPATGEELGSVPAMTQAEVDAVYASAKKALSDWRTLSYVERAAYLHKAADILVRDAE
KIGAILSKEVAKGHKAAVSEVIRTAEIINYAAEEGLRMEGEVLEGGSFEAASKKKIAIVRREPVGLVLAISPFNYPVNLA
GSKIAPALIAGNVVALKPPTQGSISGLLLAEAFAEAGIPAGVFNTITGRGSVIGDYIVEHEAVNFINFTGSTPIGEGIGK
LAGMRPIMLELGGKDSAIVLEDADLALAAKNIVAGAFGYSGQRSTAVKRVLVMDKVADQLAAEIKTLVEKLSVGMPEDDA
DITPLIDTSAADFVEGLIKDATDKGATALTAFNREGNLISPVLFDHVTTDMRLAWEEPFGPVLPIIRVTTVEEAIKISNE
SEYGLQASIFTTNFPKAFGIAEQLEVGTVHLNNKTQRGTDNFPFLGAKKSGAGVQGVKYSIEAMTTVKSVVFDIQ
;
A,B,C,E,F,G,H
2 'polypeptide(L)'
;IEGRRDAKQYKNLVNGEWKLSENEITIYAPATGEELGSVPAMTQAEVDAVYASAKKALSDWRTLSYVERAAYLHKAADIL
VRDAEKIGAILSKEVAKGHKAAVSEVIRTAEIINYAAEEGLRMEGEVLEGGSFEAASKKKIAIVRREPVGLVLAISPFNY
PVNLAGSKIAPALIAGNVVALKPPTQGSISGLLLAEAFAEAGIPAGVFNTITGRGSVIGDYIVEHEAVNFINFTGSTPIG
EGIGKLAGMRPIMLELGGKDSAIVLEDADLALAAKNIVAGAFGYSGQRSTAVKRVLVMDKVADQLAAEIKTLVEKLSVGM
PEDDADITPLIDTSAADFVEGLIKDATDKGATALTAFNREGNLISPVLFDHVTTDMRLAWEEPFGPVLPIIRVTTVEEAI
KISNESEYGLQASIFTTNFPKAFGIAEQLEVGTVHLNNKTQRGTDNFPFLGAKKSGAGVQGVKYSIEAMTTVKSVVFDIQ
;
D
#
loop_
_chem_comp.id
_chem_comp.type
_chem_comp.name
_chem_comp.formula
E4P saccharide ERYTHOSE-4-PHOSPHATE 'C4 H9 O7 P'
GOL non-polymer GLYCEROL 'C3 H8 O3'
NAP non-polymer 'NADP NICOTINAMIDE-ADENINE-DINUCLEOTIDE PHOSPHATE' 'C21 H28 N7 O17 P3'
#
# COMPACT_ATOMS: atom_id res chain seq x y z
N ALA A 2 0.42 14.47 -67.47
CA ALA A 2 1.12 14.23 -68.72
C ALA A 2 0.91 12.79 -69.19
N LYS A 3 1.16 11.83 -68.30
CA LYS A 3 1.05 10.41 -68.61
C LYS A 3 -0.24 9.85 -68.03
N GLN A 4 -0.78 8.85 -68.72
CA GLN A 4 -1.95 8.10 -68.23
C GLN A 4 -1.45 6.87 -67.51
N TYR A 5 -1.64 6.84 -66.19
CA TYR A 5 -1.13 5.73 -65.39
C TYR A 5 -2.16 4.62 -65.26
N LYS A 6 -1.67 3.43 -64.91
CA LYS A 6 -2.47 2.22 -64.89
C LYS A 6 -2.20 1.42 -63.62
N ASN A 7 -3.17 0.59 -63.27
CA ASN A 7 -3.05 -0.29 -62.12
C ASN A 7 -2.42 -1.63 -62.53
N LEU A 8 -1.65 -2.20 -61.61
CA LEU A 8 -1.10 -3.54 -61.78
C LEU A 8 -2.15 -4.54 -61.32
N VAL A 9 -2.68 -5.32 -62.26
CA VAL A 9 -3.75 -6.28 -61.98
C VAL A 9 -3.38 -7.59 -62.65
N ASN A 10 -3.10 -8.61 -61.84
CA ASN A 10 -2.81 -9.96 -62.33
C ASN A 10 -1.70 -9.92 -63.37
N GLY A 11 -0.62 -9.21 -63.04
CA GLY A 11 0.54 -9.14 -63.89
C GLY A 11 0.45 -8.26 -65.11
N GLU A 12 -0.67 -7.56 -65.30
CA GLU A 12 -0.84 -6.68 -66.45
C GLU A 12 -1.27 -5.30 -65.99
N TRP A 13 -1.11 -4.33 -66.89
CA TRP A 13 -1.41 -2.93 -66.61
C TRP A 13 -2.77 -2.60 -67.17
N LYS A 14 -3.66 -2.11 -66.32
CA LYS A 14 -5.08 -1.98 -66.63
C LYS A 14 -5.52 -0.52 -66.57
N LEU A 15 -6.15 -0.05 -67.63
CA LEU A 15 -6.89 1.20 -67.60
C LEU A 15 -8.31 0.96 -67.12
N SER A 16 -8.98 2.04 -66.73
CA SER A 16 -10.39 2.02 -66.39
C SER A 16 -11.12 3.00 -67.31
N GLU A 17 -12.44 2.84 -67.38
CA GLU A 17 -13.23 3.69 -68.26
C GLU A 17 -13.13 5.15 -67.84
N ASN A 18 -13.17 5.42 -66.54
CA ASN A 18 -13.01 6.75 -65.98
C ASN A 18 -11.67 6.86 -65.26
N GLU A 19 -11.16 8.09 -65.17
CA GLU A 19 -9.87 8.33 -64.55
C GLU A 19 -9.93 9.62 -63.76
N ILE A 20 -8.87 9.85 -62.97
CA ILE A 20 -8.75 11.01 -62.10
C ILE A 20 -7.45 11.73 -62.42
N THR A 21 -7.55 13.00 -62.79
CA THR A 21 -6.37 13.80 -63.09
C THR A 21 -5.73 14.31 -61.81
N ILE A 22 -4.41 14.14 -61.70
CA ILE A 22 -3.66 14.54 -60.52
C ILE A 22 -2.90 15.83 -60.83
N TYR A 23 -2.93 16.76 -59.89
CA TYR A 23 -2.24 18.04 -60.03
C TYR A 23 -1.25 18.24 -58.87
N ALA A 24 -0.15 18.92 -59.17
CA ALA A 24 0.83 19.24 -58.13
C ALA A 24 0.25 20.27 -57.18
N PRO A 25 0.15 19.98 -55.88
CA PRO A 25 -0.50 20.94 -54.97
C PRO A 25 0.19 22.28 -54.88
N ALA A 26 1.50 22.34 -55.16
CA ALA A 26 2.25 23.59 -55.00
C ALA A 26 2.16 24.49 -56.22
N THR A 27 1.89 23.94 -57.40
CA THR A 27 1.92 24.73 -58.63
C THR A 27 0.70 24.53 -59.52
N GLY A 28 -0.12 23.51 -59.27
CA GLY A 28 -1.22 23.20 -60.17
C GLY A 28 -0.82 22.49 -61.44
N GLU A 29 0.45 22.13 -61.59
CA GLU A 29 0.89 21.42 -62.78
C GLU A 29 0.17 20.09 -62.90
N GLU A 30 -0.32 19.79 -64.10
CA GLU A 30 -0.94 18.49 -64.35
C GLU A 30 0.14 17.42 -64.44
N LEU A 31 0.03 16.40 -63.58
CA LEU A 31 1.03 15.34 -63.51
C LEU A 31 0.62 14.08 -64.26
N GLY A 32 -0.67 13.86 -64.47
CA GLY A 32 -1.14 12.66 -65.12
C GLY A 32 -2.48 12.27 -64.57
N SER A 33 -2.89 11.04 -64.88
CA SER A 33 -4.17 10.52 -64.41
C SER A 33 -3.98 9.09 -63.92
N VAL A 34 -4.83 8.69 -62.99
CA VAL A 34 -4.85 7.32 -62.48
C VAL A 34 -6.26 6.80 -62.67
N PRO A 35 -6.44 5.48 -62.73
CA PRO A 35 -7.77 4.92 -62.98
C PRO A 35 -8.71 5.16 -61.82
N ALA A 36 -9.99 5.29 -62.14
CA ALA A 36 -11.08 5.38 -61.17
C ALA A 36 -11.81 4.03 -61.24
N MET A 37 -11.33 3.07 -60.46
CA MET A 37 -11.82 1.70 -60.57
C MET A 37 -13.29 1.59 -60.19
N THR A 38 -13.96 0.63 -60.81
CA THR A 38 -15.32 0.25 -60.45
C THR A 38 -15.29 -0.90 -59.44
N GLN A 39 -16.45 -1.19 -58.86
CA GLN A 39 -16.54 -2.31 -57.93
C GLN A 39 -16.25 -3.63 -58.63
N ALA A 40 -16.65 -3.76 -59.90
CA ALA A 40 -16.37 -4.99 -60.63
C ALA A 40 -14.87 -5.17 -60.86
N GLU A 41 -14.15 -4.06 -61.07
CA GLU A 41 -12.70 -4.15 -61.24
C GLU A 41 -12.01 -4.47 -59.92
N VAL A 42 -12.55 -4.00 -58.80
CA VAL A 42 -12.01 -4.40 -57.49
C VAL A 42 -12.15 -5.90 -57.31
N ASP A 43 -13.32 -6.45 -57.67
CA ASP A 43 -13.52 -7.89 -57.57
C ASP A 43 -12.47 -8.65 -58.37
N ALA A 44 -12.16 -8.16 -59.57
CA ALA A 44 -11.18 -8.84 -60.42
C ALA A 44 -9.79 -8.81 -59.78
N VAL A 45 -9.42 -7.68 -59.17
CA VAL A 45 -8.15 -7.62 -58.46
C VAL A 45 -8.11 -8.67 -57.37
N TYR A 46 -9.15 -8.72 -56.55
CA TYR A 46 -9.18 -9.67 -55.43
C TYR A 46 -9.24 -11.11 -55.93
N ALA A 47 -10.02 -11.36 -56.99
CA ALA A 47 -10.08 -12.70 -57.56
C ALA A 47 -8.70 -13.15 -58.05
N SER A 48 -7.97 -12.24 -58.72
CA SER A 48 -6.64 -12.57 -59.20
C SER A 48 -5.69 -12.87 -58.03
N ALA A 49 -5.81 -12.10 -56.95
CA ALA A 49 -4.93 -12.30 -55.81
C ALA A 49 -5.18 -13.67 -55.17
N LYS A 50 -6.44 -14.01 -54.93
CA LYS A 50 -6.75 -15.27 -54.26
C LYS A 50 -6.34 -16.47 -55.11
N LYS A 51 -6.38 -16.33 -56.43
CA LYS A 51 -5.95 -17.41 -57.31
C LYS A 51 -4.44 -17.62 -57.26
N ALA A 52 -3.68 -16.54 -57.09
CA ALA A 52 -2.22 -16.63 -57.04
C ALA A 52 -1.70 -17.03 -55.67
N LEU A 53 -2.55 -17.01 -54.64
CA LEU A 53 -2.07 -17.23 -53.28
C LEU A 53 -1.45 -18.62 -53.10
N SER A 54 -2.12 -19.65 -53.63
CA SER A 54 -1.69 -21.01 -53.37
C SER A 54 -0.25 -21.24 -53.84
N ASP A 55 0.03 -20.90 -55.10
CA ASP A 55 1.38 -21.11 -55.62
C ASP A 55 2.39 -20.20 -54.95
N TRP A 56 1.97 -19.00 -54.53
CA TRP A 56 2.89 -18.05 -53.91
C TRP A 56 3.31 -18.52 -52.52
N ARG A 57 2.36 -18.97 -51.71
CA ARG A 57 2.69 -19.42 -50.37
C ARG A 57 3.46 -20.74 -50.38
N THR A 58 3.37 -21.51 -51.46
CA THR A 58 4.10 -22.77 -51.56
C THR A 58 5.55 -22.57 -52.02
N LEU A 59 5.90 -21.39 -52.49
CA LEU A 59 7.29 -21.09 -52.77
C LEU A 59 8.09 -21.07 -51.47
N SER A 60 9.40 -21.23 -51.61
CA SER A 60 10.29 -21.13 -50.47
C SER A 60 10.42 -19.68 -50.03
N TYR A 61 10.85 -19.49 -48.78
CA TYR A 61 11.11 -18.14 -48.29
C TYR A 61 12.20 -17.47 -49.13
N VAL A 62 13.25 -18.23 -49.49
CA VAL A 62 14.35 -17.63 -50.24
C VAL A 62 13.86 -17.15 -51.60
N GLU A 63 12.93 -17.88 -52.21
CA GLU A 63 12.41 -17.47 -53.51
C GLU A 63 11.58 -16.20 -53.39
N ARG A 64 10.72 -16.12 -52.37
CA ARG A 64 9.95 -14.89 -52.19
C ARG A 64 10.87 -13.72 -51.86
N ALA A 65 11.91 -13.97 -51.08
CA ALA A 65 12.85 -12.90 -50.73
C ALA A 65 13.58 -12.36 -51.96
N ALA A 66 13.85 -13.21 -52.93
CA ALA A 66 14.56 -12.76 -54.14
C ALA A 66 13.75 -11.69 -54.87
N TYR A 67 12.44 -11.86 -54.96
CA TYR A 67 11.61 -10.87 -55.64
C TYR A 67 11.72 -9.51 -54.96
N LEU A 68 11.63 -9.49 -53.62
CA LEU A 68 11.69 -8.22 -52.90
C LEU A 68 13.03 -7.54 -53.09
N HIS A 69 14.13 -8.30 -53.02
CA HIS A 69 15.45 -7.69 -53.24
C HIS A 69 15.54 -7.04 -54.62
N LYS A 70 15.00 -7.70 -55.65
CA LYS A 70 15.04 -7.12 -56.98
C LYS A 70 14.26 -5.82 -57.04
N ALA A 71 13.07 -5.78 -56.43
CA ALA A 71 12.27 -4.57 -56.43
C ALA A 71 12.99 -3.43 -55.71
N ALA A 72 13.67 -3.73 -54.60
CA ALA A 72 14.43 -2.71 -53.90
C ALA A 72 15.56 -2.17 -54.78
N ASP A 73 16.29 -3.06 -55.46
CA ASP A 73 17.35 -2.62 -56.35
C ASP A 73 16.81 -1.66 -57.41
N ILE A 74 15.64 -1.96 -57.97
CA ILE A 74 15.07 -1.10 -58.99
C ILE A 74 14.67 0.25 -58.42
N LEU A 75 14.18 0.26 -57.18
CA LEU A 75 13.81 1.52 -56.56
C LEU A 75 15.02 2.41 -56.35
N VAL A 76 16.14 1.84 -55.89
CA VAL A 76 17.36 2.64 -55.73
C VAL A 76 17.82 3.18 -57.08
N ARG A 77 17.71 2.35 -58.13
CA ARG A 77 18.11 2.79 -59.46
C ARG A 77 17.28 3.99 -59.90
N ASP A 78 15.96 3.94 -59.68
CA ASP A 78 15.04 4.96 -60.15
C ASP A 78 14.65 5.95 -59.06
N ALA A 79 15.48 6.09 -58.02
CA ALA A 79 15.12 6.96 -56.91
C ALA A 79 14.93 8.41 -57.36
N GLU A 80 15.81 8.91 -58.24
CA GLU A 80 15.68 10.28 -58.70
C GLU A 80 14.41 10.46 -59.54
N LYS A 81 14.17 9.55 -60.47
CA LYS A 81 12.98 9.61 -61.31
C LYS A 81 11.71 9.62 -60.45
N ILE A 82 11.58 8.64 -59.55
CA ILE A 82 10.36 8.53 -58.77
C ILE A 82 10.24 9.69 -57.79
N GLY A 83 11.34 10.03 -57.10
CA GLY A 83 11.29 11.10 -56.14
C GLY A 83 10.91 12.44 -56.75
N ALA A 84 11.35 12.69 -57.99
CA ALA A 84 11.01 13.93 -58.65
C ALA A 84 9.50 14.06 -58.84
N ILE A 85 8.84 12.97 -59.25
CA ILE A 85 7.40 13.01 -59.41
C ILE A 85 6.72 13.05 -58.05
N LEU A 86 7.21 12.25 -57.10
CA LEU A 86 6.66 12.27 -55.75
C LEU A 86 6.71 13.67 -55.15
N SER A 87 7.84 14.36 -55.32
CA SER A 87 7.96 15.71 -54.80
C SER A 87 6.84 16.61 -55.31
N LYS A 88 6.55 16.52 -56.61
CA LYS A 88 5.49 17.35 -57.17
C LYS A 88 4.12 16.90 -56.68
N GLU A 89 3.91 15.58 -56.57
CA GLU A 89 2.56 15.06 -56.33
C GLU A 89 2.05 15.43 -54.95
N VAL A 90 2.93 15.44 -53.94
CA VAL A 90 2.51 15.72 -52.58
C VAL A 90 3.23 16.95 -52.01
N ALA A 91 3.82 17.76 -52.89
CA ALA A 91 4.46 19.01 -52.47
C ALA A 91 5.49 18.75 -51.38
N LYS A 92 6.28 17.69 -51.56
CA LYS A 92 7.36 17.35 -50.66
C LYS A 92 8.68 17.80 -51.25
N GLY A 93 9.59 18.25 -50.38
CA GLY A 93 10.92 18.65 -50.81
C GLY A 93 11.54 17.61 -51.72
N HIS A 94 12.19 18.08 -52.80
CA HIS A 94 12.73 17.15 -53.79
C HIS A 94 13.67 16.14 -53.15
N LYS A 95 14.68 16.62 -52.42
CA LYS A 95 15.62 15.71 -51.77
C LYS A 95 14.91 14.79 -50.79
N ALA A 96 13.97 15.35 -50.01
CA ALA A 96 13.22 14.52 -49.07
C ALA A 96 12.42 13.45 -49.80
N ALA A 97 11.89 13.78 -50.97
CA ALA A 97 11.14 12.79 -51.74
C ALA A 97 12.05 11.67 -52.21
N VAL A 98 13.25 12.01 -52.70
CA VAL A 98 14.20 10.97 -53.08
C VAL A 98 14.56 10.12 -51.88
N SER A 99 14.75 10.75 -50.72
CA SER A 99 15.10 10.00 -49.51
C SER A 99 14.00 9.00 -49.17
N GLU A 100 12.73 9.38 -49.38
CA GLU A 100 11.65 8.45 -49.08
C GLU A 100 11.77 7.18 -49.93
N VAL A 101 12.07 7.34 -51.21
CA VAL A 101 12.22 6.18 -52.09
C VAL A 101 13.37 5.30 -51.61
N ILE A 102 14.49 5.92 -51.25
CA ILE A 102 15.65 5.17 -50.76
C ILE A 102 15.29 4.43 -49.48
N ARG A 103 14.64 5.12 -48.54
CA ARG A 103 14.22 4.48 -47.31
C ARG A 103 13.28 3.32 -47.57
N THR A 104 12.42 3.46 -48.59
CA THR A 104 11.49 2.38 -48.93
C THR A 104 12.25 1.13 -49.38
N ALA A 105 13.26 1.30 -50.22
CA ALA A 105 14.06 0.15 -50.64
C ALA A 105 14.74 -0.50 -49.45
N GLU A 106 15.23 0.31 -48.51
CA GLU A 106 15.88 -0.24 -47.32
C GLU A 106 14.92 -1.10 -46.53
N ILE A 107 13.66 -0.66 -46.39
CA ILE A 107 12.69 -1.43 -45.63
C ILE A 107 12.36 -2.73 -46.36
N ILE A 108 12.26 -2.68 -47.69
CA ILE A 108 11.94 -3.89 -48.45
C ILE A 108 13.04 -4.92 -48.30
N ASN A 109 14.30 -4.47 -48.42
CA ASN A 109 15.43 -5.38 -48.25
C ASN A 109 15.46 -5.97 -46.85
N TYR A 110 15.27 -5.12 -45.83
CA TYR A 110 15.31 -5.61 -44.46
C TYR A 110 14.17 -6.58 -44.18
N ALA A 111 12.98 -6.28 -44.70
CA ALA A 111 11.83 -7.18 -44.50
C ALA A 111 12.09 -8.53 -45.14
N ALA A 112 12.71 -8.55 -46.31
CA ALA A 112 12.96 -9.81 -47.01
C ALA A 112 13.84 -10.73 -46.18
N GLU A 113 14.94 -10.19 -45.62
CA GLU A 113 15.85 -11.01 -44.85
C GLU A 113 15.31 -11.31 -43.45
N GLU A 114 14.52 -10.40 -42.89
CA GLU A 114 13.89 -10.68 -41.60
C GLU A 114 12.89 -11.82 -41.75
N GLY A 115 12.04 -11.76 -42.79
CA GLY A 115 10.97 -12.73 -42.92
C GLY A 115 11.44 -14.11 -43.33
N LEU A 116 12.51 -14.19 -44.13
CA LEU A 116 12.97 -15.51 -44.54
CA LEU A 116 13.04 -15.48 -44.55
C LEU A 116 13.55 -16.31 -43.39
N ARG A 117 13.84 -15.68 -42.24
CA ARG A 117 14.33 -16.37 -41.06
C ARG A 117 13.21 -16.70 -40.08
N MET A 118 11.95 -16.64 -40.53
CA MET A 118 10.83 -17.01 -39.68
C MET A 118 11.05 -18.41 -39.12
N GLU A 119 10.81 -18.56 -37.82
CA GLU A 119 10.97 -19.82 -37.13
C GLU A 119 9.67 -20.20 -36.45
N GLY A 120 9.52 -21.51 -36.22
CA GLY A 120 8.44 -22.04 -35.42
C GLY A 120 8.92 -22.48 -34.05
N GLU A 121 7.99 -23.09 -33.31
CA GLU A 121 8.25 -23.53 -31.95
C GLU A 121 7.84 -24.98 -31.77
N VAL A 122 8.52 -25.66 -30.85
CA VAL A 122 8.17 -27.01 -30.42
C VAL A 122 7.85 -26.95 -28.94
N LEU A 123 6.61 -27.28 -28.58
CA LEU A 123 6.13 -27.22 -27.20
C LEU A 123 5.96 -28.62 -26.65
N GLU A 124 6.21 -28.77 -25.34
CA GLU A 124 6.21 -30.06 -24.67
C GLU A 124 4.92 -30.23 -23.88
N GLY A 125 4.19 -31.33 -24.15
CA GLY A 125 3.03 -31.64 -23.34
C GLY A 125 3.40 -31.88 -21.89
N GLY A 126 4.61 -32.39 -21.64
CA GLY A 126 5.08 -32.63 -20.29
C GLY A 126 5.36 -31.38 -19.50
N SER A 127 5.31 -30.21 -20.13
CA SER A 127 5.41 -28.95 -19.40
C SER A 127 4.16 -28.67 -18.57
N PHE A 128 3.02 -29.25 -18.94
CA PHE A 128 1.75 -28.98 -18.29
C PHE A 128 1.20 -30.18 -17.52
N GLU A 129 1.30 -31.39 -18.07
CA GLU A 129 0.83 -32.56 -17.34
C GLU A 129 1.69 -33.77 -17.68
N ALA A 130 2.00 -34.55 -16.65
CA ALA A 130 2.90 -35.69 -16.84
C ALA A 130 2.33 -36.69 -17.83
N ALA A 131 1.01 -36.89 -17.80
CA ALA A 131 0.39 -37.88 -18.68
C ALA A 131 0.55 -37.53 -20.15
N SER A 132 0.85 -36.26 -20.47
CA SER A 132 1.01 -35.83 -21.85
C SER A 132 2.48 -35.60 -22.21
N LYS A 133 3.41 -36.24 -21.50
CA LYS A 133 4.81 -35.93 -21.72
C LYS A 133 5.29 -36.35 -23.09
N LYS A 134 4.64 -37.33 -23.72
CA LYS A 134 5.04 -37.79 -25.05
C LYS A 134 4.36 -37.00 -26.16
N LYS A 135 3.48 -36.07 -25.82
CA LYS A 135 2.78 -35.25 -26.81
C LYS A 135 3.54 -33.95 -27.02
N ILE A 136 3.83 -33.63 -28.29
CA ILE A 136 4.51 -32.40 -28.64
C ILE A 136 3.68 -31.66 -29.69
N ALA A 137 3.88 -30.35 -29.75
CA ALA A 137 3.21 -29.47 -30.71
C ALA A 137 4.25 -28.86 -31.61
N ILE A 138 4.11 -29.08 -32.92
CA ILE A 138 4.98 -28.48 -33.93
C ILE A 138 4.24 -27.27 -34.50
N VAL A 139 4.69 -26.07 -34.13
CA VAL A 139 3.99 -24.83 -34.44
C VAL A 139 4.80 -24.06 -35.48
N ARG A 140 4.22 -23.88 -36.67
CA ARG A 140 4.85 -23.17 -37.75
C ARG A 140 3.99 -21.99 -38.20
N ARG A 141 4.63 -21.01 -38.84
CA ARG A 141 3.96 -19.80 -39.28
C ARG A 141 3.39 -19.97 -40.68
N GLU A 142 2.24 -19.35 -40.92
CA GLU A 142 1.58 -19.34 -42.21
C GLU A 142 1.08 -17.93 -42.49
N PRO A 143 0.85 -17.60 -43.77
CA PRO A 143 0.26 -16.30 -44.09
C PRO A 143 -1.22 -16.25 -43.70
N VAL A 144 -1.73 -15.02 -43.58
CA VAL A 144 -3.15 -14.84 -43.32
C VAL A 144 -3.97 -14.86 -44.60
N GLY A 145 -3.34 -14.56 -45.75
CA GLY A 145 -4.02 -14.63 -47.02
C GLY A 145 -3.84 -13.38 -47.86
N LEU A 146 -4.94 -12.69 -48.13
CA LEU A 146 -4.93 -11.47 -48.92
C LEU A 146 -4.89 -10.27 -47.96
N VAL A 147 -3.85 -9.46 -48.09
CA VAL A 147 -3.68 -8.26 -47.29
C VAL A 147 -4.08 -7.06 -48.14
N LEU A 148 -5.00 -6.25 -47.64
CA LEU A 148 -5.31 -4.95 -48.24
C LEU A 148 -4.45 -3.90 -47.57
N ALA A 149 -3.54 -3.30 -48.34
CA ALA A 149 -2.64 -2.26 -47.84
C ALA A 149 -3.12 -0.90 -48.33
N ILE A 150 -3.28 0.04 -47.39
CA ILE A 150 -3.76 1.39 -47.69
C ILE A 150 -2.75 2.40 -47.15
N SER A 151 -2.11 3.15 -48.05
CA SER A 151 -1.07 4.11 -47.69
C SER A 151 -1.61 5.53 -47.65
N PRO A 152 -0.92 6.45 -46.93
CA PRO A 152 -1.40 7.83 -46.82
C PRO A 152 -0.73 8.79 -47.78
N PHE A 153 -1.26 10.00 -47.90
CA PHE A 153 -0.71 10.94 -48.88
C PHE A 153 0.69 11.41 -48.52
N ASN A 154 1.02 11.50 -47.22
CA ASN A 154 2.27 12.16 -46.84
C ASN A 154 3.49 11.27 -47.03
N TYR A 155 3.32 9.95 -47.07
CA TYR A 155 4.39 9.01 -47.39
C TYR A 155 3.79 7.90 -48.23
N PRO A 156 3.40 8.21 -49.47
CA PRO A 156 2.65 7.24 -50.28
C PRO A 156 3.46 6.05 -50.73
N VAL A 157 4.78 6.15 -50.73
CA VAL A 157 5.66 5.04 -51.13
C VAL A 157 6.22 4.33 -49.91
N ASN A 158 6.80 5.08 -48.97
CA ASN A 158 7.37 4.48 -47.77
C ASN A 158 6.33 3.70 -47.00
N LEU A 159 5.16 4.29 -46.78
CA LEU A 159 4.09 3.64 -46.03
C LEU A 159 3.23 2.74 -46.91
N ALA A 160 3.63 2.52 -48.16
CA ALA A 160 3.17 1.38 -48.95
C ALA A 160 4.13 0.20 -48.82
N GLY A 161 5.42 0.46 -49.02
CA GLY A 161 6.41 -0.60 -48.89
C GLY A 161 6.49 -1.17 -47.50
N SER A 162 6.24 -0.35 -46.48
CA SER A 162 6.29 -0.86 -45.10
C SER A 162 5.23 -1.91 -44.86
N LYS A 163 4.22 -1.99 -45.72
CA LYS A 163 3.17 -3.01 -45.63
C LYS A 163 3.36 -4.12 -46.65
N ILE A 164 3.74 -3.78 -47.88
CA ILE A 164 3.83 -4.77 -48.95
C ILE A 164 4.91 -5.80 -48.65
N ALA A 165 6.11 -5.33 -48.30
CA ALA A 165 7.23 -6.25 -48.16
C ALA A 165 7.03 -7.22 -47.00
N PRO A 166 6.67 -6.78 -45.79
CA PRO A 166 6.41 -7.75 -44.72
C PRO A 166 5.32 -8.74 -45.09
N ALA A 167 4.28 -8.28 -45.79
CA ALA A 167 3.20 -9.18 -46.17
C ALA A 167 3.66 -10.22 -47.18
N LEU A 168 4.42 -9.79 -48.19
CA LEU A 168 4.77 -10.71 -49.28
C LEU A 168 5.74 -11.79 -48.80
N ILE A 169 6.75 -11.41 -48.01
CA ILE A 169 7.75 -12.40 -47.60
C ILE A 169 7.10 -13.51 -46.80
N ALA A 170 6.05 -13.20 -46.04
CA ALA A 170 5.36 -14.19 -45.23
C ALA A 170 4.45 -15.10 -46.05
N GLY A 171 4.30 -14.84 -47.35
CA GLY A 171 3.47 -15.65 -48.21
C GLY A 171 2.08 -15.11 -48.48
N ASN A 172 1.77 -13.91 -48.00
CA ASN A 172 0.50 -13.28 -48.32
C ASN A 172 0.54 -12.71 -49.73
N VAL A 173 -0.67 -12.54 -50.31
CA VAL A 173 -0.85 -11.75 -51.50
C VAL A 173 -1.36 -10.40 -51.06
N VAL A 174 -1.14 -9.37 -51.88
CA VAL A 174 -1.36 -7.99 -51.45
C VAL A 174 -2.09 -7.21 -52.52
N ALA A 175 -2.99 -6.33 -52.09
CA ALA A 175 -3.58 -5.29 -52.92
C ALA A 175 -3.27 -3.95 -52.27
N LEU A 176 -2.64 -3.05 -53.03
CA LEU A 176 -2.29 -1.73 -52.54
C LEU A 176 -3.33 -0.72 -53.03
N LYS A 177 -3.95 -0.02 -52.09
CA LYS A 177 -4.80 1.13 -52.38
C LYS A 177 -4.04 2.39 -51.98
N PRO A 178 -3.36 3.07 -52.90
CA PRO A 178 -2.68 4.30 -52.55
C PRO A 178 -3.66 5.42 -52.30
N PRO A 179 -3.22 6.54 -51.72
CA PRO A 179 -4.07 7.72 -51.70
C PRO A 179 -4.23 8.28 -53.11
N THR A 180 -5.39 8.85 -53.39
CA THR A 180 -5.60 9.46 -54.70
C THR A 180 -4.52 10.49 -54.98
N GLN A 181 -4.34 11.45 -54.08
CA GLN A 181 -3.22 12.39 -54.14
C GLN A 181 -2.00 11.62 -53.64
N GLY A 182 -1.28 11.00 -54.58
CA GLY A 182 -0.20 10.10 -54.23
C GLY A 182 -0.29 8.78 -54.97
N SER A 183 -1.37 8.60 -55.74
CA SER A 183 -1.55 7.34 -56.47
C SER A 183 -0.49 7.15 -57.54
N ILE A 184 -0.04 8.24 -58.18
CA ILE A 184 1.01 8.12 -59.19
C ILE A 184 2.27 7.53 -58.59
N SER A 185 2.69 8.05 -57.44
CA SER A 185 3.88 7.50 -56.78
C SER A 185 3.63 6.06 -56.34
N GLY A 186 2.43 5.76 -55.86
CA GLY A 186 2.11 4.38 -55.53
C GLY A 186 2.21 3.46 -56.74
N LEU A 187 1.72 3.92 -57.89
CA LEU A 187 1.82 3.11 -59.10
C LEU A 187 3.25 3.04 -59.62
N LEU A 188 4.05 4.08 -59.39
CA LEU A 188 5.48 3.99 -59.70
C LEU A 188 6.17 2.94 -58.85
N LEU A 189 5.80 2.86 -57.56
CA LEU A 189 6.30 1.78 -56.72
C LEU A 189 5.90 0.42 -57.28
N ALA A 190 4.65 0.31 -57.74
CA ALA A 190 4.18 -0.96 -58.30
C ALA A 190 4.98 -1.35 -59.54
N GLU A 191 5.39 -0.36 -60.33
CA GLU A 191 6.18 -0.65 -61.52
C GLU A 191 7.46 -1.39 -61.15
N ALA A 192 8.09 -1.01 -60.03
CA ALA A 192 9.30 -1.69 -59.60
C ALA A 192 9.04 -3.15 -59.30
N PHE A 193 7.92 -3.45 -58.63
CA PHE A 193 7.60 -4.85 -58.34
C PHE A 193 7.27 -5.61 -59.61
N ALA A 194 6.60 -4.95 -60.56
CA ALA A 194 6.32 -5.60 -61.85
C ALA A 194 7.62 -5.93 -62.57
N GLU A 195 8.53 -4.94 -62.65
CA GLU A 195 9.80 -5.18 -63.33
C GLU A 195 10.60 -6.27 -62.62
N ALA A 196 10.48 -6.38 -61.30
CA ALA A 196 11.18 -7.42 -60.56
C ALA A 196 10.63 -8.81 -60.83
N GLY A 197 9.51 -8.93 -61.55
CA GLY A 197 8.96 -10.22 -61.90
C GLY A 197 8.00 -10.83 -60.90
N ILE A 198 7.42 -10.04 -60.01
CA ILE A 198 6.47 -10.54 -59.01
C ILE A 198 5.38 -11.30 -59.75
N PRO A 199 5.07 -12.54 -59.35
CA PRO A 199 4.10 -13.33 -60.13
C PRO A 199 2.75 -12.64 -60.23
N ALA A 200 2.06 -12.92 -61.33
CA ALA A 200 0.78 -12.28 -61.60
C ALA A 200 -0.21 -12.53 -60.47
N GLY A 201 -0.78 -11.44 -59.95
CA GLY A 201 -1.77 -11.51 -58.91
C GLY A 201 -1.22 -11.50 -57.49
N VAL A 202 0.07 -11.79 -57.32
CA VAL A 202 0.65 -11.77 -55.98
C VAL A 202 0.65 -10.35 -55.44
N PHE A 203 0.89 -9.36 -56.29
CA PHE A 203 0.84 -7.96 -55.90
C PHE A 203 0.04 -7.19 -56.93
N ASN A 204 -0.94 -6.42 -56.47
CA ASN A 204 -1.81 -5.65 -57.34
C ASN A 204 -2.05 -4.28 -56.72
N THR A 205 -2.57 -3.36 -57.53
CA THR A 205 -2.90 -2.02 -57.06
C THR A 205 -4.38 -1.72 -57.35
N ILE A 206 -4.95 -0.86 -56.51
CA ILE A 206 -6.30 -0.36 -56.66
C ILE A 206 -6.23 1.16 -56.52
N THR A 207 -6.83 1.87 -57.47
CA THR A 207 -6.92 3.33 -57.38
C THR A 207 -8.36 3.76 -57.56
N GLY A 208 -8.70 4.84 -56.86
CA GLY A 208 -10.03 5.42 -56.84
C GLY A 208 -10.18 6.25 -55.59
N ARG A 209 -11.20 7.11 -55.60
CA ARG A 209 -11.45 7.96 -54.45
C ARG A 209 -11.96 7.12 -53.29
N GLY A 210 -11.25 7.17 -52.16
CA GLY A 210 -11.68 6.43 -50.99
C GLY A 210 -13.11 6.72 -50.60
N SER A 211 -13.58 7.94 -50.85
CA SER A 211 -14.95 8.31 -50.56
C SER A 211 -15.96 7.64 -51.48
N VAL A 212 -15.51 6.95 -52.53
CA VAL A 212 -16.40 6.32 -53.51
C VAL A 212 -16.30 4.80 -53.44
N ILE A 213 -15.09 4.25 -53.31
CA ILE A 213 -14.87 2.81 -53.29
C ILE A 213 -14.21 2.36 -52.00
N GLY A 214 -13.90 3.30 -51.11
CA GLY A 214 -13.20 2.95 -49.88
C GLY A 214 -13.88 1.86 -49.08
N ASP A 215 -15.17 2.05 -48.78
CA ASP A 215 -15.86 1.05 -47.98
C ASP A 215 -15.96 -0.27 -48.72
N TYR A 216 -16.10 -0.25 -50.04
CA TYR A 216 -16.26 -1.51 -50.75
C TYR A 216 -15.01 -2.38 -50.65
N ILE A 217 -13.82 -1.78 -50.82
CA ILE A 217 -12.60 -2.57 -50.80
C ILE A 217 -12.33 -3.13 -49.42
N VAL A 218 -12.80 -2.42 -48.38
CA VAL A 218 -12.59 -2.90 -47.01
C VAL A 218 -13.62 -3.98 -46.65
N GLU A 219 -14.86 -3.76 -47.05
CA GLU A 219 -15.92 -4.67 -46.67
C GLU A 219 -15.79 -6.02 -47.38
N HIS A 220 -15.09 -6.06 -48.51
CA HIS A 220 -15.05 -7.25 -49.36
C HIS A 220 -14.60 -8.49 -48.57
N GLU A 221 -15.35 -9.59 -48.74
CA GLU A 221 -15.05 -10.82 -48.01
C GLU A 221 -13.71 -11.44 -48.43
N ALA A 222 -13.26 -11.15 -49.65
CA ALA A 222 -12.00 -11.74 -50.12
C ALA A 222 -10.82 -11.30 -49.26
N VAL A 223 -10.93 -10.14 -48.61
CA VAL A 223 -9.82 -9.59 -47.83
C VAL A 223 -9.73 -10.30 -46.49
N ASN A 224 -8.54 -10.78 -46.14
CA ASN A 224 -8.32 -11.45 -44.87
C ASN A 224 -7.65 -10.56 -43.84
N PHE A 225 -7.15 -9.40 -44.23
CA PHE A 225 -6.34 -8.55 -43.35
C PHE A 225 -6.29 -7.16 -43.96
N ILE A 226 -6.49 -6.13 -43.14
CA ILE A 226 -6.45 -4.75 -43.59
C ILE A 226 -5.33 -4.04 -42.84
N ASN A 227 -4.39 -3.48 -43.60
CA ASN A 227 -3.21 -2.80 -43.06
C ASN A 227 -3.30 -1.35 -43.53
N PHE A 228 -3.69 -0.45 -42.62
CA PHE A 228 -4.12 0.89 -42.99
C PHE A 228 -3.35 1.94 -42.22
N THR A 229 -2.96 3.00 -42.94
CA THR A 229 -2.41 4.20 -42.36
C THR A 229 -3.19 5.40 -42.87
N GLY A 230 -3.69 6.24 -41.95
CA GLY A 230 -4.45 7.41 -42.35
C GLY A 230 -5.06 8.10 -41.15
N SER A 231 -6.17 8.79 -41.39
CA SER A 231 -6.80 9.58 -40.35
C SER A 231 -7.55 8.67 -39.37
N THR A 232 -7.71 9.15 -38.14
CA THR A 232 -8.41 8.36 -37.13
C THR A 232 -9.85 8.09 -37.51
N PRO A 233 -10.63 9.05 -38.00
CA PRO A 233 -12.02 8.73 -38.38
C PRO A 233 -12.12 7.61 -39.42
N ILE A 234 -11.25 7.63 -40.43
CA ILE A 234 -11.29 6.57 -41.43
C ILE A 234 -10.88 5.24 -40.81
N GLY A 235 -9.88 5.26 -39.93
CA GLY A 235 -9.51 4.05 -39.22
C GLY A 235 -10.65 3.50 -38.38
N GLU A 236 -11.41 4.39 -37.74
CA GLU A 236 -12.57 3.96 -36.97
C GLU A 236 -13.55 3.21 -37.85
N GLY A 237 -13.83 3.73 -39.05
CA GLY A 237 -14.75 3.05 -39.95
C GLY A 237 -14.19 1.73 -40.44
N ILE A 238 -12.88 1.66 -40.68
CA ILE A 238 -12.27 0.41 -41.11
C ILE A 238 -12.38 -0.63 -40.01
N GLY A 239 -12.21 -0.20 -38.76
CA GLY A 239 -12.36 -1.13 -37.65
C GLY A 239 -13.74 -1.74 -37.60
N LYS A 240 -14.77 -0.94 -37.90
CA LYS A 240 -16.13 -1.45 -37.90
C LYS A 240 -16.32 -2.44 -39.05
N LEU A 241 -15.94 -2.03 -40.25
CA LEU A 241 -16.13 -2.86 -41.44
C LEU A 241 -15.28 -4.12 -41.43
N ALA A 242 -14.19 -4.14 -40.66
CA ALA A 242 -13.36 -5.33 -40.60
C ALA A 242 -14.08 -6.48 -39.89
N GLY A 243 -15.02 -6.17 -39.01
CA GLY A 243 -15.67 -7.23 -38.25
C GLY A 243 -14.67 -7.88 -37.33
N MET A 244 -14.55 -9.20 -37.42
N MET A 244 -14.55 -9.20 -37.42
CA MET A 244 -13.60 -9.96 -36.63
CA MET A 244 -13.59 -9.95 -36.63
C MET A 244 -12.34 -10.32 -37.43
C MET A 244 -12.22 -10.06 -37.30
N ARG A 245 -12.11 -9.67 -38.57
CA ARG A 245 -10.89 -9.90 -39.31
C ARG A 245 -9.74 -9.07 -38.72
N PRO A 246 -8.51 -9.59 -38.79
CA PRO A 246 -7.38 -8.85 -38.20
C PRO A 246 -7.05 -7.60 -38.98
N ILE A 247 -6.57 -6.58 -38.25
CA ILE A 247 -6.21 -5.31 -38.86
C ILE A 247 -5.00 -4.72 -38.17
N MET A 248 -4.35 -3.78 -38.85
CA MET A 248 -3.38 -2.89 -38.26
C MET A 248 -3.72 -1.48 -38.70
N LEU A 249 -3.75 -0.56 -37.75
CA LEU A 249 -4.12 0.83 -38.00
C LEU A 249 -3.03 1.74 -37.46
N GLU A 250 -2.58 2.66 -38.29
CA GLU A 250 -1.66 3.73 -37.90
C GLU A 250 -2.39 5.03 -38.16
N LEU A 251 -2.85 5.69 -37.08
CA LEU A 251 -3.79 6.78 -37.20
C LEU A 251 -3.13 8.08 -36.76
N GLY A 252 -3.91 9.02 -36.24
CA GLY A 252 -3.39 10.34 -35.97
C GLY A 252 -2.51 10.38 -34.74
N GLY A 253 -1.79 11.49 -34.61
CA GLY A 253 -0.92 11.70 -33.47
C GLY A 253 -0.97 13.14 -33.02
N LYS A 254 -0.64 13.34 -31.75
CA LYS A 254 -0.49 14.65 -31.14
C LYS A 254 0.64 14.53 -30.13
N ASP A 255 1.81 14.12 -30.62
CA ASP A 255 2.93 13.79 -29.75
C ASP A 255 3.33 14.97 -28.89
N SER A 256 3.48 14.74 -27.60
CA SER A 256 3.92 15.77 -26.67
C SER A 256 5.44 15.73 -26.53
N ALA A 257 6.01 16.90 -26.23
CA ALA A 257 7.42 17.04 -25.91
C ALA A 257 7.51 17.60 -24.50
N ILE A 258 7.88 16.75 -23.55
CA ILE A 258 7.96 17.16 -22.15
C ILE A 258 9.38 17.65 -21.88
N VAL A 259 9.51 18.90 -21.46
CA VAL A 259 10.80 19.53 -21.20
C VAL A 259 10.86 19.84 -19.71
N LEU A 260 11.77 19.19 -19.00
CA LEU A 260 11.91 19.36 -17.57
C LEU A 260 12.89 20.48 -17.25
N GLU A 261 13.00 20.81 -15.96
CA GLU A 261 13.78 21.96 -15.56
C GLU A 261 15.28 21.77 -15.81
N ASP A 262 15.75 20.53 -15.78
CA ASP A 262 17.17 20.23 -15.96
C ASP A 262 17.52 19.89 -17.40
N ALA A 263 16.66 20.22 -18.35
CA ALA A 263 16.88 19.86 -19.74
C ALA A 263 17.90 20.79 -20.39
N ASP A 264 18.59 20.25 -21.40
CA ASP A 264 19.40 21.07 -22.31
C ASP A 264 18.43 21.81 -23.23
N LEU A 265 18.16 23.07 -22.91
CA LEU A 265 17.09 23.78 -23.62
C LEU A 265 17.44 23.98 -25.09
N ALA A 266 18.71 24.24 -25.39
CA ALA A 266 19.12 24.39 -26.78
C ALA A 266 18.90 23.10 -27.56
N LEU A 267 19.29 21.97 -27.00
CA LEU A 267 19.05 20.69 -27.66
C LEU A 267 17.56 20.43 -27.82
N ALA A 268 16.77 20.76 -26.80
CA ALA A 268 15.33 20.55 -26.89
C ALA A 268 14.72 21.37 -28.02
N ALA A 269 15.09 22.66 -28.10
CA ALA A 269 14.53 23.51 -29.15
C ALA A 269 14.90 22.98 -30.54
N LYS A 270 16.14 22.52 -30.71
CA LYS A 270 16.54 21.95 -31.99
C LYS A 270 15.66 20.78 -32.38
N ASN A 271 15.48 19.82 -31.47
CA ASN A 271 14.70 18.64 -31.78
C ASN A 271 13.23 18.99 -31.95
N ILE A 272 12.71 19.87 -31.10
CA ILE A 272 11.29 20.23 -31.16
C ILE A 272 10.95 20.87 -32.51
N VAL A 273 11.79 21.79 -32.97
CA VAL A 273 11.51 22.48 -34.23
C VAL A 273 11.65 21.52 -35.41
N ALA A 274 12.71 20.71 -35.40
CA ALA A 274 12.90 19.75 -36.49
C ALA A 274 11.72 18.78 -36.59
N GLY A 275 11.26 18.27 -35.45
CA GLY A 275 10.17 17.30 -35.47
C GLY A 275 8.82 17.92 -35.73
N ALA A 276 8.59 19.14 -35.25
CA ALA A 276 7.27 19.74 -35.36
C ALA A 276 7.00 20.26 -36.77
N PHE A 277 8.01 20.83 -37.43
CA PHE A 277 7.81 21.50 -38.70
C PHE A 277 8.33 20.72 -39.89
N GLY A 278 8.89 19.53 -39.67
CA GLY A 278 9.28 18.68 -40.78
C GLY A 278 8.11 18.42 -41.72
N TYR A 279 8.34 18.57 -43.03
CA TYR A 279 7.29 18.40 -44.02
C TYR A 279 6.07 19.24 -43.66
N SER A 280 6.32 20.46 -43.17
CA SER A 280 5.28 21.41 -42.79
C SER A 280 4.36 20.84 -41.72
N GLY A 281 4.89 19.92 -40.90
CA GLY A 281 4.11 19.31 -39.85
C GLY A 281 3.12 18.26 -40.31
N GLN A 282 3.21 17.84 -41.56
CA GLN A 282 2.30 16.83 -42.11
C GLN A 282 2.84 15.43 -41.85
N ARG A 283 3.04 15.12 -40.57
CA ARG A 283 3.55 13.82 -40.15
C ARG A 283 2.86 13.43 -38.85
N SER A 284 2.55 12.14 -38.72
CA SER A 284 1.84 11.68 -37.52
C SER A 284 2.74 11.70 -36.29
N THR A 285 4.03 11.43 -36.45
CA THR A 285 4.97 11.41 -35.34
C THR A 285 5.62 12.76 -35.08
N ALA A 286 5.03 13.84 -35.58
CA ALA A 286 5.60 15.16 -35.38
C ALA A 286 5.35 15.65 -33.95
N VAL A 287 6.33 16.39 -33.42
CA VAL A 287 6.12 17.10 -32.16
C VAL A 287 4.97 18.07 -32.39
N LYS A 288 3.86 17.87 -31.69
CA LYS A 288 2.67 18.69 -31.92
C LYS A 288 2.23 19.48 -30.69
N ARG A 289 2.92 19.36 -29.57
CA ARG A 289 2.61 20.18 -28.40
C ARG A 289 3.78 20.09 -27.43
N VAL A 290 4.21 21.25 -26.93
CA VAL A 290 5.31 21.33 -25.98
C VAL A 290 4.71 21.50 -24.59
N LEU A 291 5.07 20.61 -23.67
CA LEU A 291 4.69 20.68 -22.27
C LEU A 291 5.96 20.99 -21.50
N VAL A 292 6.12 22.25 -21.09
CA VAL A 292 7.38 22.73 -20.51
C VAL A 292 7.13 23.25 -19.11
N MET A 293 8.02 22.90 -18.19
CA MET A 293 7.92 23.40 -16.83
C MET A 293 8.10 24.91 -16.82
N ASP A 294 7.29 25.59 -16.00
CA ASP A 294 7.25 27.05 -16.00
C ASP A 294 8.65 27.64 -15.87
N LYS A 295 9.48 27.08 -14.98
CA LYS A 295 10.77 27.69 -14.70
C LYS A 295 11.61 27.92 -15.94
N VAL A 296 11.51 27.04 -16.93
CA VAL A 296 12.33 27.14 -18.14
C VAL A 296 11.51 27.49 -19.37
N ALA A 297 10.23 27.85 -19.20
CA ALA A 297 9.38 28.08 -20.35
C ALA A 297 9.81 29.31 -21.14
N ASP A 298 10.13 30.41 -20.45
CA ASP A 298 10.53 31.62 -21.14
C ASP A 298 11.76 31.39 -22.00
N GLN A 299 12.78 30.72 -21.44
CA GLN A 299 14.01 30.50 -22.18
C GLN A 299 13.81 29.53 -23.33
N LEU A 300 13.02 28.47 -23.10
CA LEU A 300 12.75 27.51 -24.17
C LEU A 300 12.00 28.18 -25.32
N ALA A 301 10.96 28.96 -24.99
CA ALA A 301 10.16 29.59 -26.04
C ALA A 301 11.02 30.49 -26.92
N ALA A 302 11.96 31.23 -26.31
CA ALA A 302 12.81 32.12 -27.10
C ALA A 302 13.69 31.34 -28.06
N GLU A 303 14.30 30.25 -27.59
CA GLU A 303 15.17 29.45 -28.45
C GLU A 303 14.38 28.76 -29.56
N ILE A 304 13.17 28.28 -29.26
CA ILE A 304 12.35 27.69 -30.32
C ILE A 304 12.00 28.76 -31.35
N LYS A 305 11.59 29.94 -30.88
CA LYS A 305 11.22 31.02 -31.78
C LYS A 305 12.35 31.33 -32.77
N THR A 306 13.57 31.49 -32.26
CA THR A 306 14.69 31.86 -33.12
C THR A 306 14.89 30.82 -34.22
N LEU A 307 14.72 29.54 -33.91
CA LEU A 307 14.90 28.50 -34.92
C LEU A 307 13.74 28.50 -35.91
N VAL A 308 12.52 28.74 -35.43
CA VAL A 308 11.37 28.79 -36.35
C VAL A 308 11.54 29.92 -37.35
N GLU A 309 12.04 31.07 -36.87
CA GLU A 309 12.31 32.18 -37.77
C GLU A 309 13.33 31.82 -38.84
N LYS A 310 14.11 30.77 -38.60
CA LYS A 310 15.15 30.36 -39.53
C LYS A 310 14.68 29.35 -40.56
N LEU A 311 13.45 28.84 -40.44
CA LEU A 311 12.91 27.88 -41.40
C LEU A 311 12.64 28.56 -42.75
N SER A 312 12.99 27.86 -43.82
CA SER A 312 12.70 28.35 -45.17
C SER A 312 11.26 28.03 -45.56
N VAL A 313 10.62 28.96 -46.27
CA VAL A 313 9.25 28.82 -46.72
C VAL A 313 9.26 29.02 -48.23
N GLY A 314 8.93 27.96 -48.97
CA GLY A 314 8.98 28.03 -50.41
C GLY A 314 8.47 26.78 -51.10
N MET A 315 9.04 26.47 -52.26
CA MET A 315 8.51 25.45 -53.14
C MET A 315 9.24 24.13 -52.96
N PRO A 316 8.60 23.01 -53.31
CA PRO A 316 9.30 21.71 -53.20
C PRO A 316 10.58 21.66 -54.01
N GLU A 317 10.60 22.24 -55.21
CA GLU A 317 11.80 22.15 -56.04
C GLU A 317 13.00 22.85 -55.39
N ASP A 318 12.75 23.79 -54.49
CA ASP A 318 13.81 24.52 -53.79
C ASP A 318 14.13 23.91 -52.44
N ASP A 319 13.55 22.75 -52.13
CA ASP A 319 13.84 22.03 -50.88
C ASP A 319 13.58 22.91 -49.66
N ALA A 320 12.50 23.69 -49.72
CA ALA A 320 12.13 24.53 -48.59
C ALA A 320 11.70 23.67 -47.40
N ASP A 321 12.03 24.14 -46.19
CA ASP A 321 11.56 23.47 -44.98
C ASP A 321 10.04 23.41 -44.96
N ILE A 322 9.39 24.55 -45.19
CA ILE A 322 7.93 24.68 -45.17
C ILE A 322 7.47 24.78 -46.62
N THR A 323 6.71 23.79 -47.07
CA THR A 323 6.15 23.74 -48.41
C THR A 323 4.64 23.91 -48.33
N PRO A 324 3.99 24.15 -49.47
CA PRO A 324 2.52 24.25 -49.45
C PRO A 324 1.88 22.96 -48.97
N LEU A 325 0.78 23.10 -48.23
CA LEU A 325 0.09 21.92 -47.70
C LEU A 325 -0.60 21.17 -48.84
N ILE A 326 -1.11 19.98 -48.50
CA ILE A 326 -1.51 19.02 -49.53
C ILE A 326 -2.68 19.54 -50.35
N ASP A 327 -3.59 20.31 -49.75
CA ASP A 327 -4.71 20.87 -50.48
C ASP A 327 -5.28 22.04 -49.69
N THR A 328 -6.28 22.70 -50.29
CA THR A 328 -6.84 23.91 -49.68
C THR A 328 -7.55 23.58 -48.36
N SER A 329 -8.28 22.46 -48.32
CA SER A 329 -9.01 22.11 -47.10
CA SER A 329 -9.01 22.11 -47.10
C SER A 329 -8.07 22.01 -45.91
N ALA A 330 -6.88 21.42 -46.10
CA ALA A 330 -5.93 21.31 -45.02
C ALA A 330 -5.47 22.68 -44.55
N ALA A 331 -5.22 23.60 -45.49
CA ALA A 331 -4.79 24.94 -45.11
C ALA A 331 -5.91 25.68 -44.38
N ASP A 332 -7.14 25.56 -44.87
CA ASP A 332 -8.27 26.18 -44.17
C ASP A 332 -8.41 25.64 -42.75
N PHE A 333 -8.26 24.33 -42.59
CA PHE A 333 -8.35 23.75 -41.25
C PHE A 333 -7.26 24.28 -40.33
N VAL A 334 -6.03 24.38 -40.84
CA VAL A 334 -4.94 24.91 -40.02
C VAL A 334 -5.19 26.37 -39.70
N GLU A 335 -5.65 27.15 -40.68
CA GLU A 335 -5.93 28.56 -40.44
C GLU A 335 -6.99 28.71 -39.35
N GLY A 336 -7.98 27.82 -39.32
CA GLY A 336 -8.98 27.89 -38.28
C GLY A 336 -8.43 27.64 -36.90
N LEU A 337 -7.53 26.65 -36.77
CA LEU A 337 -6.89 26.41 -35.49
C LEU A 337 -6.02 27.59 -35.06
N ILE A 338 -5.34 28.20 -36.01
CA ILE A 338 -4.54 29.40 -35.71
C ILE A 338 -5.46 30.53 -35.25
N LYS A 339 -6.59 30.69 -35.93
CA LYS A 339 -7.52 31.77 -35.57
C LYS A 339 -8.10 31.53 -34.18
N ASP A 340 -8.42 30.27 -33.86
CA ASP A 340 -8.96 29.93 -32.55
C ASP A 340 -7.98 30.29 -31.44
N ALA A 341 -6.70 29.96 -31.61
CA ALA A 341 -5.72 30.26 -30.57
C ALA A 341 -5.57 31.76 -30.38
N THR A 342 -5.53 32.52 -31.47
CA THR A 342 -5.41 33.97 -31.35
C THR A 342 -6.60 34.57 -30.63
N ASP A 343 -7.81 34.16 -31.00
CA ASP A 343 -9.00 34.74 -30.40
C ASP A 343 -9.12 34.42 -28.92
N LYS A 344 -8.50 33.32 -28.47
CA LYS A 344 -8.60 32.91 -27.07
C LYS A 344 -7.41 33.37 -26.24
N GLY A 345 -6.53 34.19 -26.81
CA GLY A 345 -5.50 34.85 -26.03
C GLY A 345 -4.12 34.26 -26.12
N ALA A 346 -3.91 33.28 -27.01
CA ALA A 346 -2.58 32.71 -27.17
C ALA A 346 -1.63 33.75 -27.76
N THR A 347 -0.37 33.66 -27.36
CA THR A 347 0.66 34.56 -27.85
C THR A 347 1.32 33.93 -29.06
N ALA A 348 1.18 34.59 -30.22
CA ALA A 348 1.83 34.12 -31.45
C ALA A 348 3.26 34.64 -31.45
N LEU A 349 4.23 33.76 -31.24
CA LEU A 349 5.62 34.17 -31.23
C LEU A 349 6.18 34.32 -32.64
N THR A 350 5.55 33.67 -33.61
CA THR A 350 5.85 33.86 -35.03
C THR A 350 4.53 34.14 -35.74
N ALA A 351 4.61 34.92 -36.81
CA ALA A 351 3.42 35.48 -37.44
C ALA A 351 2.78 34.51 -38.42
N PHE A 352 1.45 34.54 -38.47
CA PHE A 352 0.71 33.76 -39.43
C PHE A 352 0.64 34.50 -40.77
N ASN A 353 1.00 33.81 -41.84
CA ASN A 353 0.87 34.34 -43.19
C ASN A 353 0.51 33.19 -44.11
N ARG A 354 -0.35 33.45 -45.09
CA ARG A 354 -0.81 32.40 -45.99
C ARG A 354 -0.82 32.94 -47.42
N GLU A 355 -0.06 32.29 -48.30
CA GLU A 355 -0.01 32.58 -49.72
C GLU A 355 -0.54 31.32 -50.41
N GLY A 356 -1.76 31.38 -50.94
CA GLY A 356 -2.37 30.18 -51.46
C GLY A 356 -2.57 29.18 -50.35
N ASN A 357 -1.92 28.02 -50.47
CA ASN A 357 -1.90 27.04 -49.40
C ASN A 357 -0.53 26.96 -48.73
N LEU A 358 0.34 27.94 -48.95
CA LEU A 358 1.64 28.02 -48.30
C LEU A 358 1.49 28.84 -47.03
N ILE A 359 1.50 28.16 -45.89
CA ILE A 359 1.35 28.81 -44.59
C ILE A 359 2.72 28.90 -43.93
N SER A 360 3.02 30.07 -43.35
CA SER A 360 4.27 30.25 -42.65
CA SER A 360 4.27 30.26 -42.64
C SER A 360 4.24 29.53 -41.30
N PRO A 361 5.41 29.19 -40.76
CA PRO A 361 5.43 28.45 -39.48
C PRO A 361 5.02 29.35 -38.32
N VAL A 362 3.98 28.93 -37.60
CA VAL A 362 3.38 29.72 -36.52
C VAL A 362 3.69 29.04 -35.19
N LEU A 363 4.34 29.77 -34.29
CA LEU A 363 4.65 29.28 -32.96
C LEU A 363 3.80 30.06 -31.95
N PHE A 364 3.02 29.32 -31.15
CA PHE A 364 2.17 29.90 -30.12
C PHE A 364 2.71 29.56 -28.74
N ASP A 365 2.70 30.56 -27.85
CA ASP A 365 3.02 30.37 -26.45
C ASP A 365 1.80 30.67 -25.60
N HIS A 366 1.84 30.22 -24.34
CA HIS A 366 0.75 30.43 -23.39
C HIS A 366 -0.55 29.81 -23.91
N VAL A 367 -0.43 28.62 -24.51
CA VAL A 367 -1.60 27.88 -24.97
C VAL A 367 -2.24 27.18 -23.77
N THR A 368 -3.57 27.22 -23.71
CA THR A 368 -4.34 26.60 -22.65
C THR A 368 -5.21 25.48 -23.20
N THR A 369 -5.68 24.63 -22.30
CA THR A 369 -6.42 23.43 -22.70
C THR A 369 -7.79 23.74 -23.28
N ASP A 370 -8.27 24.97 -23.16
CA ASP A 370 -9.54 25.35 -23.78
C ASP A 370 -9.40 25.70 -25.25
N MET A 371 -8.18 25.67 -25.79
CA MET A 371 -7.93 25.99 -27.19
C MET A 371 -7.89 24.71 -28.01
N ARG A 372 -8.48 24.77 -29.21
CA ARG A 372 -8.50 23.62 -30.09
C ARG A 372 -7.08 23.15 -30.42
N LEU A 373 -6.14 24.10 -30.55
CA LEU A 373 -4.79 23.76 -30.94
C LEU A 373 -4.09 22.89 -29.90
N ALA A 374 -4.62 22.83 -28.68
CA ALA A 374 -4.00 21.99 -27.66
C ALA A 374 -4.27 20.51 -27.87
N TRP A 375 -5.27 20.16 -28.69
CA TRP A 375 -5.71 18.77 -28.81
C TRP A 375 -5.81 18.28 -30.24
N GLU A 376 -6.36 19.08 -31.15
CA GLU A 376 -6.63 18.61 -32.50
C GLU A 376 -5.35 18.55 -33.33
N GLU A 377 -5.22 17.48 -34.10
CA GLU A 377 -4.07 17.32 -34.98
C GLU A 377 -4.15 18.31 -36.13
N PRO A 378 -3.27 19.31 -36.21
CA PRO A 378 -3.41 20.28 -37.31
C PRO A 378 -2.98 19.72 -38.65
N PHE A 379 -1.89 18.96 -38.67
CA PHE A 379 -1.23 18.58 -39.92
C PHE A 379 -0.87 19.84 -40.71
N GLY A 380 -0.23 20.77 -40.01
CA GLY A 380 0.24 22.00 -40.60
C GLY A 380 1.34 22.60 -39.74
N PRO A 381 1.99 23.65 -40.23
CA PRO A 381 3.14 24.21 -39.49
C PRO A 381 2.73 25.16 -38.38
N VAL A 382 2.15 24.60 -37.32
CA VAL A 382 1.75 25.36 -36.14
C VAL A 382 2.03 24.53 -34.90
N LEU A 383 2.70 25.11 -33.92
CA LEU A 383 3.14 24.39 -32.73
C LEU A 383 2.73 25.14 -31.48
N PRO A 384 1.97 24.52 -30.57
CA PRO A 384 1.66 25.18 -29.30
C PRO A 384 2.63 24.83 -28.19
N ILE A 385 2.87 25.82 -27.33
CA ILE A 385 3.66 25.66 -26.12
C ILE A 385 2.71 25.77 -24.94
N ILE A 386 2.66 24.72 -24.12
CA ILE A 386 1.79 24.67 -22.95
C ILE A 386 2.67 24.63 -21.70
N ARG A 387 2.48 25.59 -20.82
CA ARG A 387 3.26 25.70 -19.60
C ARG A 387 2.60 24.92 -18.47
N VAL A 388 3.41 24.16 -17.73
CA VAL A 388 2.95 23.36 -16.61
C VAL A 388 3.82 23.66 -15.40
N THR A 389 3.28 23.38 -14.21
CA THR A 389 3.98 23.63 -12.97
C THR A 389 4.62 22.39 -12.36
N THR A 390 4.13 21.19 -12.70
CA THR A 390 4.67 19.95 -12.16
C THR A 390 4.78 18.93 -13.29
N VAL A 391 5.55 17.87 -13.03
CA VAL A 391 5.63 16.79 -14.01
C VAL A 391 4.34 15.99 -14.01
N GLU A 392 3.65 15.93 -12.88
CA GLU A 392 2.37 15.22 -12.82
C GLU A 392 1.34 15.90 -13.74
N GLU A 393 1.36 17.23 -13.79
CA GLU A 393 0.46 17.94 -14.70
C GLU A 393 0.81 17.66 -16.15
N ALA A 394 2.11 17.65 -16.47
CA ALA A 394 2.52 17.33 -17.84
C ALA A 394 2.05 15.93 -18.21
N ILE A 395 2.26 14.96 -17.31
CA ILE A 395 1.77 13.60 -17.57
C ILE A 395 0.26 13.63 -17.71
N LYS A 396 -0.42 14.38 -16.82
CA LYS A 396 -1.87 14.47 -16.86
C LYS A 396 -2.35 15.06 -18.18
N ILE A 397 -1.80 16.22 -18.56
CA ILE A 397 -2.21 16.85 -19.81
C ILE A 397 -1.84 15.98 -21.01
N SER A 398 -0.66 15.36 -20.97
CA SER A 398 -0.24 14.53 -22.10
C SER A 398 -1.23 13.39 -22.33
N ASN A 399 -1.61 12.69 -21.25
CA ASN A 399 -2.48 11.52 -21.39
C ASN A 399 -3.94 11.87 -21.60
N GLU A 400 -4.35 13.11 -21.35
CA GLU A 400 -5.75 13.48 -21.60
C GLU A 400 -6.08 13.47 -23.09
N SER A 401 -5.07 13.50 -23.95
CA SER A 401 -5.32 13.46 -25.39
C SER A 401 -5.87 12.09 -25.79
N GLU A 402 -6.76 12.10 -26.79
CA GLU A 402 -7.22 10.84 -27.35
C GLU A 402 -6.13 10.14 -28.16
N TYR A 403 -5.08 10.85 -28.53
CA TYR A 403 -3.97 10.27 -29.27
C TYR A 403 -2.87 9.81 -28.32
N GLY A 404 -2.13 8.79 -28.75
CA GLY A 404 -1.03 8.26 -27.96
C GLY A 404 -0.03 7.55 -28.85
N LEU A 405 0.53 8.27 -29.81
CA LEU A 405 1.49 7.67 -30.74
C LEU A 405 2.87 7.62 -30.12
N GLN A 406 3.48 8.78 -29.90
CA GLN A 406 4.80 8.87 -29.30
C GLN A 406 4.86 10.09 -28.41
N ALA A 407 5.98 10.22 -27.69
CA ALA A 407 6.25 11.37 -26.84
C ALA A 407 7.76 11.54 -26.72
N SER A 408 8.19 12.76 -26.46
CA SER A 408 9.58 13.09 -26.20
C SER A 408 9.73 13.60 -24.78
N ILE A 409 10.82 13.23 -24.13
CA ILE A 409 11.18 13.75 -22.81
C ILE A 409 12.58 14.33 -22.90
N PHE A 410 12.72 15.60 -22.55
CA PHE A 410 14.01 16.29 -22.56
C PHE A 410 14.41 16.54 -21.11
N THR A 411 15.50 15.91 -20.70
CA THR A 411 15.95 15.95 -19.32
C THR A 411 17.32 15.28 -19.25
N THR A 412 18.06 15.60 -18.18
CA THR A 412 19.32 14.96 -17.90
C THR A 412 19.19 13.84 -16.88
N ASN A 413 18.00 13.65 -16.31
CA ASN A 413 17.73 12.60 -15.32
C ASN A 413 17.00 11.47 -16.02
N PHE A 414 17.76 10.46 -16.45
CA PHE A 414 17.21 9.38 -17.25
C PHE A 414 16.41 8.40 -16.40
N PRO A 415 16.85 8.07 -15.18
CA PRO A 415 16.00 7.23 -14.32
C PRO A 415 14.61 7.80 -14.15
N LYS A 416 14.50 9.12 -13.93
CA LYS A 416 13.19 9.76 -13.85
C LYS A 416 12.47 9.71 -15.19
N ALA A 417 13.20 9.92 -16.29
CA ALA A 417 12.58 9.87 -17.61
C ALA A 417 11.94 8.51 -17.87
N PHE A 418 12.61 7.43 -17.48
CA PHE A 418 12.01 6.11 -17.61
C PHE A 418 10.74 5.98 -16.77
N GLY A 419 10.76 6.54 -15.55
CA GLY A 419 9.57 6.51 -14.72
C GLY A 419 8.42 7.27 -15.34
N ILE A 420 8.71 8.43 -15.93
CA ILE A 420 7.68 9.18 -16.64
C ILE A 420 7.19 8.40 -17.85
N ALA A 421 8.12 7.79 -18.59
CA ALA A 421 7.74 7.05 -19.80
C ALA A 421 6.75 5.94 -19.48
N GLU A 422 6.91 5.28 -18.33
CA GLU A 422 5.99 4.21 -17.95
C GLU A 422 4.55 4.73 -17.82
N GLN A 423 4.39 5.99 -17.42
CA GLN A 423 3.06 6.55 -17.21
C GLN A 423 2.46 7.18 -18.46
N LEU A 424 3.26 7.42 -19.49
CA LEU A 424 2.75 8.04 -20.71
C LEU A 424 2.05 7.01 -21.58
N GLU A 425 0.81 7.32 -21.98
CA GLU A 425 0.00 6.40 -22.79
C GLU A 425 0.36 6.57 -24.26
N VAL A 426 1.55 6.10 -24.61
CA VAL A 426 2.07 6.17 -25.97
C VAL A 426 2.79 4.86 -26.29
N GLY A 427 3.09 4.67 -27.56
CA GLY A 427 3.81 3.49 -28.01
C GLY A 427 5.29 3.60 -27.79
N THR A 428 5.86 4.77 -28.07
CA THR A 428 7.30 4.98 -28.02
C THR A 428 7.61 6.31 -27.38
N VAL A 429 8.64 6.34 -26.54
CA VAL A 429 9.12 7.55 -25.89
C VAL A 429 10.57 7.76 -26.29
N HIS A 430 10.88 8.90 -26.89
CA HIS A 430 12.24 9.26 -27.27
C HIS A 430 12.82 10.20 -26.21
N LEU A 431 14.02 9.88 -25.76
CA LEU A 431 14.70 10.66 -24.72
C LEU A 431 15.67 11.63 -25.39
N ASN A 432 15.49 12.93 -25.11
CA ASN A 432 16.36 13.97 -25.65
C ASN A 432 16.46 13.87 -27.16
N ASN A 433 15.31 13.62 -27.81
CA ASN A 433 15.26 13.42 -29.24
C ASN A 433 13.83 13.63 -29.70
N LYS A 434 13.67 14.07 -30.94
CA LYS A 434 12.33 14.22 -31.50
C LYS A 434 11.67 12.84 -31.63
N THR A 435 10.34 12.84 -31.65
CA THR A 435 9.62 11.62 -31.98
C THR A 435 9.84 11.26 -33.46
N GLN A 436 9.89 9.96 -33.73
CA GLN A 436 10.16 9.47 -35.07
C GLN A 436 9.86 7.99 -35.13
N ARG A 437 9.52 7.51 -36.33
CA ARG A 437 9.21 6.10 -36.51
C ARG A 437 10.47 5.23 -36.56
N GLY A 438 11.60 5.78 -37.04
CA GLY A 438 12.79 4.98 -37.22
C GLY A 438 13.57 4.74 -35.95
N THR A 439 14.56 3.85 -36.03
CA THR A 439 14.85 3.06 -37.22
C THR A 439 13.78 2.00 -37.45
N ASP A 440 13.58 1.63 -38.72
CA ASP A 440 12.42 0.82 -39.11
C ASP A 440 12.44 -0.59 -38.54
N ASN A 441 13.54 -1.01 -37.93
CA ASN A 441 13.53 -2.26 -37.19
C ASN A 441 12.92 -2.10 -35.81
N PHE A 442 12.86 -0.87 -35.30
CA PHE A 442 12.27 -0.62 -33.99
C PHE A 442 10.74 -0.78 -34.04
N PRO A 443 10.11 -1.10 -32.91
CA PRO A 443 8.64 -1.16 -32.90
C PRO A 443 8.04 0.22 -33.12
N PHE A 444 6.91 0.24 -33.82
CA PHE A 444 6.15 1.47 -34.05
C PHE A 444 4.68 1.16 -33.80
N LEU A 445 4.09 1.83 -32.81
CA LEU A 445 2.70 1.58 -32.47
C LEU A 445 2.14 2.81 -31.78
N GLY A 446 0.81 2.89 -31.79
CA GLY A 446 0.11 3.97 -31.11
C GLY A 446 -0.95 3.42 -30.19
N ALA A 447 -1.07 4.05 -29.03
CA ALA A 447 -2.10 3.70 -28.06
C ALA A 447 -3.37 4.52 -28.31
N LYS A 448 -4.46 4.08 -27.70
CA LYS A 448 -5.74 4.80 -27.74
C LYS A 448 -6.13 4.99 -29.20
N LYS A 449 -6.47 6.20 -29.63
CA LYS A 449 -6.99 6.43 -30.97
C LYS A 449 -5.90 6.58 -32.02
N SER A 450 -4.64 6.33 -31.66
CA SER A 450 -3.52 6.49 -32.58
C SER A 450 -3.23 5.24 -33.40
N GLY A 451 -3.85 4.11 -33.11
CA GLY A 451 -3.70 2.95 -33.96
C GLY A 451 -4.03 1.65 -33.25
N ALA A 452 -3.73 0.56 -33.95
CA ALA A 452 -3.93 -0.79 -33.46
C ALA A 452 -2.86 -1.67 -34.09
N GLY A 453 -2.30 -2.57 -33.29
CA GLY A 453 -1.24 -3.44 -33.75
C GLY A 453 0.12 -2.78 -33.64
N VAL A 454 1.17 -3.57 -33.84
CA VAL A 454 2.54 -3.12 -33.69
C VAL A 454 3.25 -3.31 -35.03
N GLN A 455 3.83 -2.23 -35.55
CA GLN A 455 4.59 -2.27 -36.77
C GLN A 455 6.08 -2.08 -36.45
N GLY A 456 6.85 -1.68 -37.43
CA GLY A 456 8.25 -2.06 -37.42
C GLY A 456 8.43 -3.42 -38.06
N VAL A 457 9.57 -3.61 -38.73
CA VAL A 457 9.68 -4.68 -39.73
C VAL A 457 9.26 -6.02 -39.14
N LYS A 458 10.04 -6.51 -38.15
CA LYS A 458 9.75 -7.85 -37.64
C LYS A 458 8.37 -7.93 -37.02
N TYR A 459 7.89 -6.83 -36.44
CA TYR A 459 6.57 -6.82 -35.83
C TYR A 459 5.48 -6.88 -36.90
N SER A 460 5.70 -6.21 -38.03
CA SER A 460 4.74 -6.28 -39.13
C SER A 460 4.62 -7.70 -39.67
N ILE A 461 5.75 -8.38 -39.86
CA ILE A 461 5.72 -9.74 -40.38
C ILE A 461 4.92 -10.64 -39.44
N GLU A 462 5.18 -10.53 -38.14
CA GLU A 462 4.46 -11.36 -37.17
C GLU A 462 2.97 -11.07 -37.21
N ALA A 463 2.58 -9.80 -37.30
CA ALA A 463 1.17 -9.46 -37.28
C ALA A 463 0.43 -10.07 -38.48
N MET A 464 1.06 -10.07 -39.66
CA MET A 464 0.43 -10.58 -40.87
C MET A 464 0.73 -12.04 -41.12
N THR A 465 0.97 -12.80 -40.06
CA THR A 465 1.03 -14.26 -40.11
C THR A 465 0.14 -14.84 -39.01
N THR A 466 -0.24 -16.10 -39.18
CA THR A 466 -0.89 -16.89 -38.15
C THR A 466 -0.01 -18.12 -37.90
N VAL A 467 -0.49 -19.02 -37.03
CA VAL A 467 0.27 -20.22 -36.70
C VAL A 467 -0.57 -21.45 -37.04
N LYS A 468 0.13 -22.53 -37.36
CA LYS A 468 -0.46 -23.84 -37.61
C LYS A 468 0.23 -24.83 -36.68
N SER A 469 -0.54 -25.43 -35.77
CA SER A 469 0.00 -26.37 -34.80
C SER A 469 -0.32 -27.79 -35.25
N VAL A 470 0.70 -28.64 -35.27
CA VAL A 470 0.55 -30.07 -35.55
C VAL A 470 0.98 -30.82 -34.30
N VAL A 471 0.07 -31.60 -33.73
CA VAL A 471 0.29 -32.26 -32.44
C VAL A 471 0.22 -33.76 -32.67
N PHE A 472 1.20 -34.49 -32.11
CA PHE A 472 1.22 -35.94 -32.20
C PHE A 472 1.94 -36.49 -30.99
N ASP A 473 1.75 -37.78 -30.75
CA ASP A 473 2.35 -38.48 -29.61
C ASP A 473 3.55 -39.29 -30.09
N ILE A 474 4.68 -39.10 -29.41
CA ILE A 474 5.86 -39.91 -29.68
C ILE A 474 5.66 -41.30 -29.09
N GLN A 475 6.12 -42.31 -29.82
CA GLN A 475 5.88 -43.69 -29.40
C GLN A 475 7.21 -44.43 -29.25
N ALA B 2 -30.82 -22.81 -2.41
CA ALA B 2 -31.26 -21.62 -3.12
C ALA B 2 -30.73 -20.36 -2.46
N LYS B 3 -29.56 -19.89 -2.92
CA LYS B 3 -28.90 -18.72 -2.37
C LYS B 3 -29.01 -17.56 -3.35
N GLN B 4 -29.00 -16.35 -2.81
CA GLN B 4 -28.93 -15.13 -3.61
C GLN B 4 -27.46 -14.77 -3.79
N TYR B 5 -26.92 -15.05 -4.98
CA TYR B 5 -25.51 -14.79 -5.23
C TYR B 5 -25.29 -13.33 -5.60
N LYS B 6 -24.06 -12.87 -5.41
CA LYS B 6 -23.73 -11.46 -5.58
C LYS B 6 -22.52 -11.30 -6.49
N ASN B 7 -22.44 -10.14 -7.11
CA ASN B 7 -21.30 -9.79 -7.96
C ASN B 7 -20.19 -9.19 -7.12
N LEU B 8 -18.95 -9.47 -7.54
CA LEU B 8 -17.77 -8.87 -6.93
C LEU B 8 -17.51 -7.54 -7.63
N VAL B 9 -17.67 -6.44 -6.88
CA VAL B 9 -17.53 -5.10 -7.43
C VAL B 9 -16.65 -4.30 -6.47
N ASN B 10 -15.45 -3.95 -6.92
CA ASN B 10 -14.54 -3.09 -6.18
C ASN B 10 -14.36 -3.59 -4.75
N GLY B 11 -14.12 -4.90 -4.62
CA GLY B 11 -13.87 -5.48 -3.33
C GLY B 11 -15.09 -5.71 -2.46
N GLU B 12 -16.28 -5.46 -2.98
CA GLU B 12 -17.51 -5.64 -2.22
CA GLU B 12 -17.52 -5.63 -2.23
C GLU B 12 -18.45 -6.56 -2.99
N TRP B 13 -19.35 -7.21 -2.24
CA TRP B 13 -20.33 -8.12 -2.81
C TRP B 13 -21.67 -7.41 -2.89
N LYS B 14 -22.19 -7.25 -4.10
CA LYS B 14 -23.36 -6.42 -4.34
C LYS B 14 -24.48 -7.24 -4.97
N LEU B 15 -25.68 -7.13 -4.38
CA LEU B 15 -26.89 -7.56 -5.05
C LEU B 15 -27.36 -6.44 -5.98
N SER B 16 -28.31 -6.77 -6.85
CA SER B 16 -28.98 -5.78 -7.69
C SER B 16 -30.47 -5.79 -7.35
N GLU B 17 -31.17 -4.75 -7.79
CA GLU B 17 -32.60 -4.66 -7.50
C GLU B 17 -33.32 -5.89 -8.01
N ASN B 18 -33.06 -6.29 -9.25
CA ASN B 18 -33.66 -7.45 -9.87
C ASN B 18 -32.61 -8.54 -10.03
N GLU B 19 -33.09 -9.78 -10.10
CA GLU B 19 -32.21 -10.94 -10.14
C GLU B 19 -32.79 -11.97 -11.10
N ILE B 20 -31.97 -12.97 -11.40
CA ILE B 20 -32.32 -14.03 -12.35
C ILE B 20 -32.20 -15.35 -11.61
N THR B 21 -33.30 -16.11 -11.58
CA THR B 21 -33.29 -17.43 -10.96
C THR B 21 -32.71 -18.46 -11.91
N ILE B 22 -31.82 -19.30 -11.39
CA ILE B 22 -31.11 -20.30 -12.18
C ILE B 22 -31.66 -21.67 -11.82
N TYR B 23 -31.94 -22.48 -12.84
CA TYR B 23 -32.47 -23.83 -12.65
C TYR B 23 -31.54 -24.85 -13.30
N ALA B 24 -31.41 -26.01 -12.66
CA ALA B 24 -30.59 -27.07 -13.22
C ALA B 24 -31.25 -27.62 -14.48
N PRO B 25 -30.59 -27.57 -15.63
CA PRO B 25 -31.27 -27.98 -16.87
C PRO B 25 -31.71 -29.43 -16.89
N ALA B 26 -31.09 -30.30 -16.09
CA ALA B 26 -31.42 -31.71 -16.13
C ALA B 26 -32.59 -32.08 -15.24
N THR B 27 -32.84 -31.30 -14.19
CA THR B 27 -33.86 -31.66 -13.20
C THR B 27 -34.85 -30.55 -12.89
N GLY B 28 -34.59 -29.31 -13.28
CA GLY B 28 -35.42 -28.20 -12.91
C GLY B 28 -35.21 -27.69 -11.50
N GLU B 29 -34.26 -28.27 -10.76
CA GLU B 29 -33.99 -27.83 -9.40
C GLU B 29 -33.57 -26.37 -9.39
N GLU B 30 -34.13 -25.62 -8.44
CA GLU B 30 -33.76 -24.22 -8.27
C GLU B 30 -32.41 -24.15 -7.54
N LEU B 31 -31.42 -23.53 -8.18
CA LEU B 31 -30.07 -23.48 -7.63
C LEU B 31 -29.75 -22.17 -6.93
N GLY B 32 -30.47 -21.10 -7.25
CA GLY B 32 -30.21 -19.80 -6.67
C GLY B 32 -30.55 -18.72 -7.69
N SER B 33 -30.04 -17.52 -7.41
CA SER B 33 -30.27 -16.38 -8.29
C SER B 33 -28.97 -15.59 -8.41
N VAL B 34 -28.85 -14.86 -9.52
CA VAL B 34 -27.72 -13.98 -9.76
C VAL B 34 -28.29 -12.60 -10.08
N PRO B 35 -27.54 -11.52 -9.85
CA PRO B 35 -28.09 -10.19 -10.10
C PRO B 35 -28.32 -9.92 -11.58
N ALA B 36 -29.31 -9.08 -11.86
CA ALA B 36 -29.59 -8.58 -13.20
C ALA B 36 -29.11 -7.13 -13.22
N MET B 37 -27.83 -6.94 -13.54
CA MET B 37 -27.22 -5.62 -13.41
C MET B 37 -27.84 -4.64 -14.39
N THR B 38 -27.89 -3.38 -13.97
CA THR B 38 -28.27 -2.28 -14.83
C THR B 38 -27.05 -1.71 -15.54
N GLN B 39 -27.29 -0.85 -16.53
CA GLN B 39 -26.17 -0.23 -17.23
C GLN B 39 -25.35 0.64 -16.28
N ALA B 40 -26.01 1.32 -15.35
CA ALA B 40 -25.28 2.13 -14.38
C ALA B 40 -24.39 1.26 -13.49
N GLU B 41 -24.87 0.08 -13.12
CA GLU B 41 -24.05 -0.83 -12.32
C GLU B 41 -22.86 -1.34 -13.11
N VAL B 42 -23.03 -1.56 -14.42
CA VAL B 42 -21.89 -1.88 -15.27
C VAL B 42 -20.90 -0.73 -15.29
N ASP B 43 -21.40 0.51 -15.40
CA ASP B 43 -20.50 1.66 -15.36
C ASP B 43 -19.68 1.67 -14.07
N ALA B 44 -20.31 1.33 -12.94
CA ALA B 44 -19.60 1.33 -11.67
C ALA B 44 -18.50 0.29 -11.65
N VAL B 45 -18.76 -0.89 -12.22
CA VAL B 45 -17.74 -1.95 -12.29
C VAL B 45 -16.52 -1.44 -13.05
N TYR B 46 -16.75 -0.88 -14.24
CA TYR B 46 -15.63 -0.43 -15.07
C TYR B 46 -14.89 0.74 -14.42
N ALA B 47 -15.64 1.67 -13.80
CA ALA B 47 -14.99 2.77 -13.10
C ALA B 47 -14.07 2.26 -12.00
N SER B 48 -14.55 1.29 -11.22
CA SER B 48 -13.72 0.71 -10.17
C SER B 48 -12.45 0.09 -10.75
N ALA B 49 -12.59 -0.62 -11.86
CA ALA B 49 -11.44 -1.31 -12.45
C ALA B 49 -10.38 -0.31 -12.91
N LYS B 50 -10.80 0.72 -13.64
CA LYS B 50 -9.84 1.69 -14.15
C LYS B 50 -9.13 2.41 -13.00
N LYS B 51 -9.81 2.61 -11.88
CA LYS B 51 -9.18 3.27 -10.74
C LYS B 51 -8.14 2.36 -10.08
N ALA B 52 -8.37 1.05 -10.08
CA ALA B 52 -7.42 0.11 -9.51
C ALA B 52 -6.26 -0.19 -10.43
N LEU B 53 -6.37 0.15 -11.72
CA LEU B 53 -5.35 -0.26 -12.69
C LEU B 53 -3.98 0.29 -12.32
N SER B 54 -3.91 1.54 -11.87
CA SER B 54 -2.62 2.17 -11.61
C SER B 54 -1.83 1.39 -10.55
N ASP B 55 -2.45 1.16 -9.40
CA ASP B 55 -1.74 0.44 -8.34
C ASP B 55 -1.47 -1.01 -8.70
N TRP B 56 -2.36 -1.62 -9.49
CA TRP B 56 -2.19 -3.02 -9.84
C TRP B 56 -1.01 -3.22 -10.79
N ARG B 57 -0.91 -2.38 -11.83
CA ARG B 57 0.15 -2.56 -12.81
C ARG B 57 1.52 -2.16 -12.27
N THR B 58 1.57 -1.36 -11.21
CA THR B 58 2.84 -0.97 -10.61
C THR B 58 3.36 -2.00 -9.61
N LEU B 59 2.54 -2.97 -9.22
CA LEU B 59 3.05 -4.06 -8.38
C LEU B 59 4.08 -4.87 -9.16
N SER B 60 4.86 -5.66 -8.41
CA SER B 60 5.81 -6.55 -9.03
C SER B 60 5.09 -7.75 -9.65
N TYR B 61 5.76 -8.40 -10.60
CA TYR B 61 5.19 -9.62 -11.18
C TYR B 61 4.98 -10.68 -10.11
N VAL B 62 5.94 -10.83 -9.18
CA VAL B 62 5.82 -11.87 -8.17
C VAL B 62 4.63 -11.61 -7.26
N GLU B 63 4.38 -10.34 -6.94
CA GLU B 63 3.23 -10.00 -6.11
C GLU B 63 1.93 -10.37 -6.80
N ARG B 64 1.79 -10.02 -8.07
CA ARG B 64 0.59 -10.41 -8.81
C ARG B 64 0.51 -11.93 -8.94
N ALA B 65 1.65 -12.59 -9.15
CA ALA B 65 1.64 -14.05 -9.24
C ALA B 65 1.19 -14.69 -7.93
N ALA B 66 1.57 -14.09 -6.80
CA ALA B 66 1.21 -14.66 -5.50
C ALA B 66 -0.30 -14.70 -5.32
N TYR B 67 -1.00 -13.64 -5.75
CA TYR B 67 -2.46 -13.65 -5.66
C TYR B 67 -3.07 -14.78 -6.47
N LEU B 68 -2.56 -14.99 -7.69
CA LEU B 68 -3.10 -16.03 -8.57
C LEU B 68 -2.88 -17.41 -7.98
N HIS B 69 -1.68 -17.66 -7.44
CA HIS B 69 -1.41 -18.95 -6.81
C HIS B 69 -2.35 -19.18 -5.63
N LYS B 70 -2.59 -18.13 -4.82
CA LYS B 70 -3.53 -18.26 -3.71
C LYS B 70 -4.92 -18.62 -4.21
N ALA B 71 -5.39 -17.94 -5.24
CA ALA B 71 -6.72 -18.23 -5.79
C ALA B 71 -6.79 -19.67 -6.30
N ALA B 72 -5.74 -20.14 -6.97
CA ALA B 72 -5.73 -21.51 -7.44
C ALA B 72 -5.78 -22.50 -6.28
N ASP B 73 -5.02 -22.21 -5.21
CA ASP B 73 -5.07 -23.08 -4.04
C ASP B 73 -6.49 -23.18 -3.48
N ILE B 74 -7.21 -22.06 -3.45
CA ILE B 74 -8.56 -22.07 -2.91
C ILE B 74 -9.50 -22.86 -3.82
N LEU B 75 -9.30 -22.75 -5.14
CA LEU B 75 -10.11 -23.52 -6.06
C LEU B 75 -9.91 -25.03 -5.86
N VAL B 76 -8.66 -25.45 -5.70
CA VAL B 76 -8.40 -26.87 -5.44
C VAL B 76 -9.05 -27.30 -4.13
N ARG B 77 -8.97 -26.45 -3.11
CA ARG B 77 -9.58 -26.79 -1.82
C ARG B 77 -11.08 -26.97 -1.94
N ASP B 78 -11.75 -26.12 -2.73
CA ASP B 78 -13.20 -26.14 -2.85
C ASP B 78 -13.67 -26.82 -4.14
N ALA B 79 -12.81 -27.65 -4.75
CA ALA B 79 -13.15 -28.24 -6.04
C ALA B 79 -14.45 -29.02 -5.98
N GLU B 80 -14.65 -29.81 -4.92
CA GLU B 80 -15.86 -30.61 -4.81
CA GLU B 80 -15.86 -30.61 -4.80
C GLU B 80 -17.09 -29.73 -4.62
N LYS B 81 -17.00 -28.73 -3.73
CA LYS B 81 -18.12 -27.83 -3.52
CA LYS B 81 -18.12 -27.83 -3.52
C LYS B 81 -18.51 -27.12 -4.80
N ILE B 82 -17.53 -26.51 -5.48
CA ILE B 82 -17.82 -25.77 -6.70
C ILE B 82 -18.27 -26.72 -7.81
N GLY B 83 -17.59 -27.86 -7.95
CA GLY B 83 -17.95 -28.79 -9.01
C GLY B 83 -19.35 -29.34 -8.89
N ALA B 84 -19.84 -29.50 -7.65
CA ALA B 84 -21.19 -30.01 -7.46
C ALA B 84 -22.22 -29.03 -8.01
N ILE B 85 -22.03 -27.73 -7.77
CA ILE B 85 -22.97 -26.73 -8.26
C ILE B 85 -22.84 -26.58 -9.77
N LEU B 86 -21.60 -26.55 -10.27
CA LEU B 86 -21.40 -26.44 -11.71
C LEU B 86 -22.05 -27.60 -12.46
N SER B 87 -21.92 -28.82 -11.92
CA SER B 87 -22.54 -29.98 -12.56
C SER B 87 -24.05 -29.78 -12.73
N LYS B 88 -24.71 -29.26 -11.70
CA LYS B 88 -26.14 -29.03 -11.79
C LYS B 88 -26.47 -27.87 -12.73
N GLU B 89 -25.65 -26.82 -12.69
CA GLU B 89 -26.01 -25.58 -13.37
C GLU B 89 -25.98 -25.72 -14.89
N VAL B 90 -25.01 -26.48 -15.42
CA VAL B 90 -24.87 -26.64 -16.85
C VAL B 90 -25.05 -28.10 -17.27
N ALA B 91 -25.58 -28.93 -16.38
CA ALA B 91 -25.88 -30.33 -16.70
C ALA B 91 -24.63 -31.05 -17.20
N LYS B 92 -23.51 -30.82 -16.52
CA LYS B 92 -22.26 -31.51 -16.80
C LYS B 92 -22.07 -32.60 -15.76
N GLY B 93 -21.53 -33.73 -16.18
CA GLY B 93 -21.25 -34.82 -15.26
C GLY B 93 -20.50 -34.36 -14.03
N HIS B 94 -20.91 -34.86 -12.86
CA HIS B 94 -20.33 -34.39 -11.60
C HIS B 94 -18.81 -34.48 -11.61
N LYS B 95 -18.27 -35.65 -11.97
CA LYS B 95 -16.83 -35.82 -11.98
C LYS B 95 -16.17 -34.89 -12.98
N ALA B 96 -16.78 -34.75 -14.16
CA ALA B 96 -16.23 -33.84 -15.17
C ALA B 96 -16.30 -32.39 -14.70
N ALA B 97 -17.33 -32.03 -13.94
CA ALA B 97 -17.41 -30.67 -13.42
C ALA B 97 -16.31 -30.39 -12.40
N VAL B 98 -16.04 -31.35 -11.52
CA VAL B 98 -14.92 -31.19 -10.58
C VAL B 98 -13.61 -31.08 -11.35
N SER B 99 -13.44 -31.91 -12.38
CA SER B 99 -12.22 -31.85 -13.18
C SER B 99 -12.05 -30.46 -13.80
N GLU B 100 -13.14 -29.85 -14.25
CA GLU B 100 -13.04 -28.51 -14.82
C GLU B 100 -12.44 -27.54 -13.80
N VAL B 101 -12.89 -27.61 -12.55
CA VAL B 101 -12.39 -26.72 -11.52
C VAL B 101 -10.90 -26.95 -11.29
N ILE B 102 -10.49 -28.22 -11.22
CA ILE B 102 -9.08 -28.54 -11.01
C ILE B 102 -8.25 -28.03 -12.19
N ARG B 103 -8.72 -28.28 -13.41
CA ARG B 103 -7.99 -27.81 -14.58
C ARG B 103 -7.86 -26.29 -14.57
N THR B 104 -8.89 -25.59 -14.08
CA THR B 104 -8.83 -24.15 -13.99
C THR B 104 -7.72 -23.69 -13.05
N ALA B 105 -7.60 -24.35 -11.89
CA ALA B 105 -6.50 -24.03 -10.99
C ALA B 105 -5.15 -24.27 -11.66
N GLU B 106 -5.03 -25.35 -12.42
CA GLU B 106 -3.79 -25.63 -13.13
C GLU B 106 -3.45 -24.52 -14.11
N ILE B 107 -4.46 -24.00 -14.82
CA ILE B 107 -4.22 -22.92 -15.78
C ILE B 107 -3.82 -21.64 -15.05
N ILE B 108 -4.48 -21.35 -13.92
CA ILE B 108 -4.14 -20.15 -13.16
C ILE B 108 -2.69 -20.21 -12.70
N ASN B 109 -2.30 -21.34 -12.11
CA ASN B 109 -0.92 -21.50 -11.65
C ASN B 109 0.07 -21.38 -12.81
N TYR B 110 -0.23 -22.03 -13.94
CA TYR B 110 0.68 -21.98 -15.08
C TYR B 110 0.77 -20.57 -15.65
N ALA B 111 -0.35 -19.86 -15.73
CA ALA B 111 -0.33 -18.49 -16.23
C ALA B 111 0.48 -17.57 -15.33
N ALA B 112 0.38 -17.77 -14.01
CA ALA B 112 1.12 -16.92 -13.08
C ALA B 112 2.61 -17.06 -13.29
N GLU B 113 3.10 -18.30 -13.41
CA GLU B 113 4.53 -18.52 -13.58
C GLU B 113 4.99 -18.20 -15.00
N GLU B 114 4.12 -18.37 -16.00
CA GLU B 114 4.47 -17.95 -17.35
C GLU B 114 4.60 -16.44 -17.44
N GLY B 115 3.61 -15.73 -16.89
CA GLY B 115 3.58 -14.29 -17.04
C GLY B 115 4.64 -13.55 -16.25
N LEU B 116 5.03 -14.09 -15.09
CA LEU B 116 6.01 -13.39 -14.27
C LEU B 116 7.38 -13.38 -14.92
N ARG B 117 7.62 -14.27 -15.89
CA ARG B 117 8.86 -14.30 -16.65
C ARG B 117 8.80 -13.42 -17.89
N MET B 118 7.86 -12.49 -17.94
CA MET B 118 7.76 -11.56 -19.04
C MET B 118 9.11 -10.92 -19.31
N GLU B 119 9.52 -10.95 -20.58
CA GLU B 119 10.77 -10.32 -20.98
C GLU B 119 10.52 -9.31 -22.09
N GLY B 120 11.39 -8.30 -22.14
CA GLY B 120 11.43 -7.37 -23.24
C GLY B 120 12.62 -7.65 -24.15
N GLU B 121 12.88 -6.69 -25.04
CA GLU B 121 13.95 -6.82 -26.01
C GLU B 121 14.66 -5.50 -26.17
N VAL B 122 15.93 -5.59 -26.58
CA VAL B 122 16.78 -4.43 -26.86
C VAL B 122 17.16 -4.51 -28.33
N LEU B 123 16.81 -3.48 -29.09
CA LEU B 123 17.08 -3.44 -30.52
C LEU B 123 18.17 -2.42 -30.84
N GLU B 124 18.94 -2.73 -31.87
CA GLU B 124 20.11 -1.94 -32.25
C GLU B 124 19.79 -1.10 -33.48
N GLY B 125 19.96 0.21 -33.36
CA GLY B 125 19.78 1.09 -34.51
C GLY B 125 20.77 0.79 -35.62
N GLY B 126 21.94 0.26 -35.27
CA GLY B 126 22.93 -0.10 -36.26
C GLY B 126 22.62 -1.36 -37.04
N SER B 127 21.56 -2.07 -36.67
CA SER B 127 21.09 -3.18 -37.48
C SER B 127 20.47 -2.71 -38.79
N PHE B 128 20.03 -1.45 -38.85
CA PHE B 128 19.33 -0.92 -40.00
C PHE B 128 20.11 0.14 -40.75
N GLU B 129 20.74 1.08 -40.06
CA GLU B 129 21.52 2.11 -40.73
C GLU B 129 22.72 2.49 -39.86
N ALA B 130 23.88 2.64 -40.52
CA ALA B 130 25.11 2.89 -39.79
C ALA B 130 25.01 4.18 -38.96
N ALA B 131 24.35 5.21 -39.52
CA ALA B 131 24.30 6.50 -38.84
C ALA B 131 23.60 6.42 -37.49
N SER B 132 22.76 5.40 -37.27
CA SER B 132 22.02 5.24 -36.03
C SER B 132 22.59 4.14 -35.15
N LYS B 133 23.88 3.83 -35.29
CA LYS B 133 24.44 2.71 -34.55
C LYS B 133 24.46 2.93 -33.05
N LYS B 134 24.46 4.19 -32.59
CA LYS B 134 24.45 4.50 -31.17
C LYS B 134 23.04 4.57 -30.59
N LYS B 135 22.00 4.41 -31.41
CA LYS B 135 20.62 4.48 -30.96
C LYS B 135 20.10 3.09 -30.66
N ILE B 136 19.54 2.91 -29.47
CA ILE B 136 18.96 1.63 -29.09
C ILE B 136 17.53 1.83 -28.60
N ALA B 137 16.73 0.78 -28.72
CA ALA B 137 15.33 0.78 -28.30
C ALA B 137 15.17 -0.22 -27.16
N ILE B 138 14.78 0.29 -26.00
CA ILE B 138 14.48 -0.55 -24.84
C ILE B 138 12.98 -0.83 -24.84
N VAL B 139 12.61 -2.04 -25.20
CA VAL B 139 11.22 -2.41 -25.43
C VAL B 139 10.74 -3.29 -24.28
N ARG B 140 9.76 -2.79 -23.53
CA ARG B 140 9.21 -3.52 -22.40
C ARG B 140 7.71 -3.72 -22.59
N ARG B 141 7.19 -4.77 -21.94
CA ARG B 141 5.79 -5.12 -22.09
C ARG B 141 4.94 -4.43 -21.03
N GLU B 142 3.72 -4.05 -21.42
CA GLU B 142 2.76 -3.41 -20.53
C GLU B 142 1.39 -4.02 -20.74
N PRO B 143 0.51 -3.91 -19.76
CA PRO B 143 -0.86 -4.38 -19.94
C PRO B 143 -1.62 -3.49 -20.92
N VAL B 144 -2.71 -4.05 -21.47
CA VAL B 144 -3.57 -3.26 -22.34
C VAL B 144 -4.59 -2.44 -21.55
N GLY B 145 -4.82 -2.79 -20.29
CA GLY B 145 -5.72 -2.05 -19.43
C GLY B 145 -6.83 -2.88 -18.83
N LEU B 146 -8.07 -2.57 -19.18
CA LEU B 146 -9.24 -3.28 -18.68
C LEU B 146 -9.64 -4.35 -19.69
N VAL B 147 -9.59 -5.61 -19.26
CA VAL B 147 -10.00 -6.74 -20.08
C VAL B 147 -11.40 -7.16 -19.68
N LEU B 148 -12.29 -7.24 -20.65
CA LEU B 148 -13.63 -7.80 -20.45
C LEU B 148 -13.58 -9.27 -20.88
N ALA B 149 -13.73 -10.17 -19.92
CA ALA B 149 -13.75 -11.61 -20.18
C ALA B 149 -15.18 -12.10 -20.18
N ILE B 150 -15.55 -12.86 -21.22
CA ILE B 150 -16.88 -13.42 -21.38
C ILE B 150 -16.73 -14.92 -21.62
N SER B 151 -17.25 -15.73 -20.70
CA SER B 151 -17.10 -17.17 -20.78
C SER B 151 -18.38 -17.82 -21.28
N PRO B 152 -18.31 -19.07 -21.76
CA PRO B 152 -19.50 -19.74 -22.27
C PRO B 152 -20.12 -20.71 -21.28
N PHE B 153 -21.33 -21.21 -21.59
CA PHE B 153 -22.04 -22.07 -20.66
C PHE B 153 -21.34 -23.42 -20.47
N ASN B 154 -20.67 -23.92 -21.51
CA ASN B 154 -20.17 -25.28 -21.47
C ASN B 154 -18.90 -25.42 -20.63
N TYR B 155 -18.12 -24.34 -20.48
CA TYR B 155 -16.97 -24.32 -19.59
C TYR B 155 -16.93 -22.97 -18.88
N PRO B 156 -17.90 -22.72 -17.99
CA PRO B 156 -18.02 -21.36 -17.44
C PRO B 156 -16.91 -20.98 -16.48
N VAL B 157 -16.24 -21.96 -15.86
CA VAL B 157 -15.13 -21.70 -14.95
C VAL B 157 -13.78 -21.82 -15.67
N ASN B 158 -13.59 -22.92 -16.40
CA ASN B 158 -12.32 -23.13 -17.10
C ASN B 158 -12.04 -22.00 -18.09
N LEU B 159 -13.02 -21.66 -18.93
CA LEU B 159 -12.85 -20.62 -19.92
C LEU B 159 -13.14 -19.23 -19.36
N ALA B 160 -13.28 -19.12 -18.04
CA ALA B 160 -13.13 -17.84 -17.35
C ALA B 160 -11.70 -17.69 -16.84
N GLY B 161 -11.19 -18.71 -16.15
CA GLY B 161 -9.82 -18.66 -15.66
C GLY B 161 -8.79 -18.56 -16.77
N SER B 162 -9.04 -19.20 -17.91
CA SER B 162 -8.12 -19.12 -19.03
C SER B 162 -8.01 -17.69 -19.57
N LYS B 163 -8.95 -16.82 -19.23
CA LYS B 163 -8.89 -15.41 -19.61
C LYS B 163 -8.41 -14.53 -18.46
N ILE B 164 -8.90 -14.79 -17.25
CA ILE B 164 -8.60 -13.92 -16.11
C ILE B 164 -7.12 -14.00 -15.75
N ALA B 165 -6.58 -15.22 -15.62
CA ALA B 165 -5.23 -15.36 -15.10
C ALA B 165 -4.19 -14.76 -16.05
N PRO B 166 -4.21 -15.05 -17.35
CA PRO B 166 -3.23 -14.39 -18.24
C PRO B 166 -3.32 -12.87 -18.19
N ALA B 167 -4.54 -12.33 -18.09
CA ALA B 167 -4.71 -10.89 -18.04
C ALA B 167 -4.16 -10.31 -16.74
N LEU B 168 -4.42 -10.97 -15.61
CA LEU B 168 -4.05 -10.41 -14.32
C LEU B 168 -2.53 -10.39 -14.14
N ILE B 169 -1.85 -11.46 -14.53
CA ILE B 169 -0.40 -11.53 -14.30
C ILE B 169 0.31 -10.41 -15.06
N ALA B 170 -0.22 -10.03 -16.22
CA ALA B 170 0.40 -8.98 -17.03
C ALA B 170 0.13 -7.57 -16.52
N GLY B 171 -0.73 -7.42 -15.52
CA GLY B 171 -1.05 -6.12 -14.98
C GLY B 171 -2.37 -5.53 -15.44
N ASN B 172 -3.15 -6.27 -16.21
CA ASN B 172 -4.49 -5.81 -16.59
C ASN B 172 -5.45 -5.95 -15.40
N VAL B 173 -6.50 -5.14 -15.42
CA VAL B 173 -7.65 -5.34 -14.56
C VAL B 173 -8.72 -6.02 -15.41
N VAL B 174 -9.63 -6.74 -14.75
CA VAL B 174 -10.53 -7.64 -15.44
C VAL B 174 -11.96 -7.48 -14.92
N ALA B 175 -12.92 -7.57 -15.85
CA ALA B 175 -14.33 -7.75 -15.52
C ALA B 175 -14.79 -9.03 -16.21
N LEU B 176 -15.38 -9.94 -15.43
CA LEU B 176 -15.86 -11.22 -15.94
C LEU B 176 -17.37 -11.16 -16.09
N LYS B 177 -17.85 -11.41 -17.31
CA LYS B 177 -19.27 -11.59 -17.61
C LYS B 177 -19.49 -13.06 -17.88
N PRO B 178 -19.88 -13.86 -16.89
CA PRO B 178 -20.15 -15.27 -17.15
C PRO B 178 -21.43 -15.43 -17.95
N PRO B 179 -21.69 -16.62 -18.48
CA PRO B 179 -23.01 -16.88 -19.07
C PRO B 179 -24.06 -16.90 -17.98
N THR B 180 -25.27 -16.44 -18.32
CA THR B 180 -26.35 -16.47 -17.36
C THR B 180 -26.55 -17.89 -16.82
N GLN B 181 -26.68 -18.87 -17.72
CA GLN B 181 -26.68 -20.28 -17.33
C GLN B 181 -25.22 -20.67 -17.09
N GLY B 182 -24.78 -20.51 -15.85
CA GLY B 182 -23.38 -20.70 -15.51
C GLY B 182 -22.83 -19.57 -14.68
N SER B 183 -23.65 -18.54 -14.46
CA SER B 183 -23.19 -17.38 -13.71
C SER B 183 -22.94 -17.71 -12.24
N ILE B 184 -23.72 -18.63 -11.65
CA ILE B 184 -23.44 -19.04 -10.29
C ILE B 184 -22.04 -19.62 -10.21
N SER B 185 -21.70 -20.52 -11.13
CA SER B 185 -20.36 -21.09 -11.15
C SER B 185 -19.29 -20.01 -11.34
N GLY B 186 -19.58 -19.02 -12.19
CA GLY B 186 -18.64 -17.93 -12.39
C GLY B 186 -18.44 -17.10 -11.13
N LEU B 187 -19.52 -16.86 -10.39
CA LEU B 187 -19.38 -16.12 -9.14
C LEU B 187 -18.72 -16.95 -8.06
N LEU B 188 -18.86 -18.28 -8.10
CA LEU B 188 -18.10 -19.12 -7.19
C LEU B 188 -16.61 -19.03 -7.47
N LEU B 189 -16.23 -18.95 -8.75
CA LEU B 189 -14.83 -18.70 -9.08
C LEU B 189 -14.38 -17.35 -8.54
N ALA B 190 -15.24 -16.34 -8.64
CA ALA B 190 -14.88 -15.01 -8.15
C ALA B 190 -14.63 -15.03 -6.65
N GLU B 191 -15.40 -15.84 -5.90
CA GLU B 191 -15.19 -15.94 -4.47
C GLU B 191 -13.76 -16.35 -4.15
N ALA B 192 -13.22 -17.31 -4.92
CA ALA B 192 -11.85 -17.76 -4.67
C ALA B 192 -10.85 -16.62 -4.84
N PHE B 193 -11.02 -15.80 -5.87
CA PHE B 193 -10.13 -14.66 -6.04
C PHE B 193 -10.30 -13.65 -4.91
N ALA B 194 -11.54 -13.44 -4.45
CA ALA B 194 -11.77 -12.52 -3.35
C ALA B 194 -11.09 -13.01 -2.08
N GLU B 195 -11.26 -14.31 -1.75
CA GLU B 195 -10.62 -14.85 -0.56
C GLU B 195 -9.11 -14.80 -0.66
N ALA B 196 -8.56 -14.87 -1.88
CA ALA B 196 -7.12 -14.75 -2.07
C ALA B 196 -6.61 -13.35 -1.83
N GLY B 197 -7.50 -12.37 -1.65
CA GLY B 197 -7.09 -11.02 -1.37
C GLY B 197 -6.86 -10.12 -2.56
N ILE B 198 -7.38 -10.48 -3.73
CA ILE B 198 -7.18 -9.68 -4.94
C ILE B 198 -7.62 -8.25 -4.63
N PRO B 199 -6.79 -7.24 -4.90
CA PRO B 199 -7.14 -5.88 -4.48
C PRO B 199 -8.46 -5.42 -5.08
N ALA B 200 -9.16 -4.58 -4.33
CA ALA B 200 -10.47 -4.10 -4.73
C ALA B 200 -10.42 -3.46 -6.11
N GLY B 201 -11.31 -3.91 -6.99
CA GLY B 201 -11.40 -3.38 -8.34
C GLY B 201 -10.52 -4.05 -9.36
N VAL B 202 -9.49 -4.77 -8.92
CA VAL B 202 -8.60 -5.44 -9.87
C VAL B 202 -9.36 -6.52 -10.64
N PHE B 203 -10.28 -7.21 -9.97
CA PHE B 203 -11.11 -8.22 -10.60
C PHE B 203 -12.56 -8.02 -10.15
N ASN B 204 -13.48 -8.04 -11.11
CA ASN B 204 -14.89 -7.82 -10.83
C ASN B 204 -15.71 -8.76 -11.70
N THR B 205 -16.99 -8.91 -11.34
CA THR B 205 -17.93 -9.72 -12.09
C THR B 205 -19.12 -8.89 -12.53
N ILE B 206 -19.69 -9.26 -13.68
CA ILE B 206 -20.90 -8.68 -14.22
C ILE B 206 -21.85 -9.83 -14.56
N THR B 207 -23.09 -9.73 -14.10
CA THR B 207 -24.12 -10.70 -14.44
C THR B 207 -25.34 -9.96 -14.98
N GLY B 208 -26.06 -10.65 -15.85
CA GLY B 208 -27.20 -10.09 -16.55
C GLY B 208 -27.32 -10.76 -17.91
N ARG B 209 -28.54 -10.76 -18.44
CA ARG B 209 -28.78 -11.44 -19.71
C ARG B 209 -28.07 -10.70 -20.83
N GLY B 210 -27.21 -11.41 -21.56
CA GLY B 210 -26.49 -10.82 -22.66
C GLY B 210 -27.37 -10.20 -23.71
N SER B 211 -28.65 -10.60 -23.75
CA SER B 211 -29.60 -10.02 -24.69
C SER B 211 -30.08 -8.64 -24.27
N VAL B 212 -29.72 -8.17 -23.07
CA VAL B 212 -30.15 -6.86 -22.58
C VAL B 212 -28.96 -5.94 -22.32
N ILE B 213 -27.87 -6.45 -21.75
CA ILE B 213 -26.68 -5.65 -21.47
C ILE B 213 -25.49 -6.09 -22.29
N GLY B 214 -25.61 -7.16 -23.09
CA GLY B 214 -24.45 -7.68 -23.79
C GLY B 214 -23.76 -6.65 -24.66
N ASP B 215 -24.54 -5.96 -25.50
CA ASP B 215 -23.94 -4.94 -26.36
C ASP B 215 -23.33 -3.82 -25.53
N TYR B 216 -23.98 -3.45 -24.42
CA TYR B 216 -23.50 -2.32 -23.63
C TYR B 216 -22.14 -2.60 -23.00
N ILE B 217 -21.96 -3.80 -22.44
CA ILE B 217 -20.70 -4.08 -21.76
C ILE B 217 -19.55 -4.12 -22.75
N VAL B 218 -19.81 -4.49 -24.00
CA VAL B 218 -18.76 -4.59 -25.01
C VAL B 218 -18.47 -3.24 -25.63
N GLU B 219 -19.52 -2.47 -25.94
CA GLU B 219 -19.34 -1.18 -26.59
C GLU B 219 -18.75 -0.13 -25.67
N HIS B 220 -18.81 -0.34 -24.35
CA HIS B 220 -18.35 0.65 -23.39
C HIS B 220 -16.90 1.06 -23.67
N GLU B 221 -16.67 2.37 -23.72
CA GLU B 221 -15.34 2.87 -24.08
C GLU B 221 -14.30 2.60 -23.00
N ALA B 222 -14.73 2.27 -21.79
CA ALA B 222 -13.76 1.95 -20.74
C ALA B 222 -13.01 0.65 -21.04
N VAL B 223 -13.62 -0.24 -21.81
CA VAL B 223 -13.01 -1.54 -22.10
C VAL B 223 -11.92 -1.35 -23.15
N ASN B 224 -10.73 -1.89 -22.86
CA ASN B 224 -9.61 -1.82 -23.78
C ASN B 224 -9.38 -3.11 -24.56
N PHE B 225 -10.05 -4.20 -24.18
CA PHE B 225 -9.80 -5.52 -24.74
C PHE B 225 -10.98 -6.40 -24.41
N ILE B 226 -11.48 -7.14 -25.41
CA ILE B 226 -12.59 -8.06 -25.21
C ILE B 226 -12.09 -9.47 -25.52
N ASN B 227 -12.19 -10.36 -24.53
CA ASN B 227 -11.76 -11.75 -24.64
C ASN B 227 -13.00 -12.61 -24.49
N PHE B 228 -13.46 -13.19 -25.59
CA PHE B 228 -14.80 -13.78 -25.67
C PHE B 228 -14.75 -15.19 -26.20
N THR B 229 -15.59 -16.05 -25.62
CA THR B 229 -15.81 -17.41 -26.10
C THR B 229 -17.32 -17.64 -26.17
N GLY B 230 -17.80 -18.03 -27.35
CA GLY B 230 -19.24 -18.22 -27.53
C GLY B 230 -19.57 -18.51 -28.99
N SER B 231 -20.79 -18.15 -29.37
CA SER B 231 -21.27 -18.44 -30.71
C SER B 231 -20.67 -17.49 -31.75
N THR B 232 -20.62 -17.95 -32.99
CA THR B 232 -20.08 -17.13 -34.06
C THR B 232 -20.90 -15.87 -34.29
N PRO B 233 -22.24 -15.93 -34.34
CA PRO B 233 -23.00 -14.67 -34.56
C PRO B 233 -22.76 -13.62 -33.49
N ILE B 234 -22.68 -14.02 -32.23
CA ILE B 234 -22.40 -13.04 -31.17
C ILE B 234 -20.96 -12.56 -31.27
N GLY B 235 -20.04 -13.47 -31.57
CA GLY B 235 -18.67 -13.05 -31.82
C GLY B 235 -18.57 -12.08 -32.98
N GLU B 236 -19.35 -12.33 -34.04
CA GLU B 236 -19.34 -11.41 -35.18
CA GLU B 236 -19.34 -11.41 -35.18
C GLU B 236 -19.75 -10.01 -34.77
N GLY B 237 -20.77 -9.90 -33.92
CA GLY B 237 -21.20 -8.58 -33.46
C GLY B 237 -20.18 -7.92 -32.55
N ILE B 238 -19.50 -8.72 -31.73
CA ILE B 238 -18.47 -8.17 -30.85
C ILE B 238 -17.33 -7.57 -31.67
N GLY B 239 -16.99 -8.22 -32.79
CA GLY B 239 -15.95 -7.67 -33.65
C GLY B 239 -16.29 -6.29 -34.17
N LYS B 240 -17.56 -6.09 -34.55
CA LYS B 240 -17.99 -4.76 -35.00
C LYS B 240 -18.03 -3.78 -33.84
N LEU B 241 -18.65 -4.16 -32.73
CA LEU B 241 -18.71 -3.25 -31.58
C LEU B 241 -17.32 -2.97 -31.01
N ALA B 242 -16.36 -3.87 -31.23
CA ALA B 242 -15.01 -3.64 -30.74
C ALA B 242 -14.37 -2.44 -31.42
N GLY B 243 -14.75 -2.16 -32.66
CA GLY B 243 -14.15 -1.08 -33.42
C GLY B 243 -12.70 -1.33 -33.73
N MET B 244 -11.81 -0.48 -33.21
CA MET B 244 -10.38 -0.65 -33.38
C MET B 244 -9.75 -1.41 -32.22
N ARG B 245 -10.49 -1.68 -31.16
CA ARG B 245 -9.92 -2.27 -29.96
C ARG B 245 -9.56 -3.73 -30.19
N PRO B 246 -8.51 -4.21 -29.53
CA PRO B 246 -8.11 -5.62 -29.70
C PRO B 246 -9.10 -6.57 -29.05
N ILE B 247 -9.23 -7.75 -29.65
CA ILE B 247 -10.17 -8.75 -29.19
C ILE B 247 -9.55 -10.14 -29.33
N MET B 248 -10.13 -11.09 -28.61
CA MET B 248 -9.87 -12.51 -28.83
C MET B 248 -11.21 -13.22 -28.89
N LEU B 249 -11.40 -14.02 -29.93
CA LEU B 249 -12.66 -14.72 -30.16
C LEU B 249 -12.38 -16.20 -30.33
N GLU B 250 -13.17 -17.02 -29.62
CA GLU B 250 -13.14 -18.48 -29.75
C GLU B 250 -14.60 -18.85 -30.02
N LEU B 251 -14.93 -19.14 -31.28
CA LEU B 251 -16.30 -19.22 -31.74
C LEU B 251 -16.64 -20.68 -32.09
N GLY B 252 -17.53 -20.87 -33.06
CA GLY B 252 -18.00 -22.20 -33.37
C GLY B 252 -16.94 -23.07 -34.02
N GLY B 253 -17.20 -24.36 -34.01
CA GLY B 253 -16.31 -25.32 -34.63
C GLY B 253 -17.10 -26.39 -35.34
N LYS B 254 -16.50 -26.96 -36.38
CA LYS B 254 -17.04 -28.12 -37.09
C LYS B 254 -15.84 -29.02 -37.45
N ASP B 255 -15.09 -29.43 -36.43
CA ASP B 255 -13.83 -30.12 -36.65
C ASP B 255 -14.03 -31.40 -37.44
N SER B 256 -13.17 -31.61 -38.44
CA SER B 256 -13.24 -32.80 -39.28
CA SER B 256 -13.23 -32.79 -39.30
C SER B 256 -12.26 -33.85 -38.78
N ALA B 257 -12.65 -35.11 -38.92
CA ALA B 257 -11.80 -36.25 -38.61
C ALA B 257 -11.56 -36.97 -39.94
N ILE B 258 -10.37 -36.78 -40.50
CA ILE B 258 -10.03 -37.38 -41.79
C ILE B 258 -9.37 -38.73 -41.53
N VAL B 259 -9.99 -39.79 -42.06
CA VAL B 259 -9.52 -41.16 -41.86
C VAL B 259 -9.12 -41.71 -43.23
N LEU B 260 -7.84 -42.01 -43.39
CA LEU B 260 -7.30 -42.50 -44.64
C LEU B 260 -7.31 -44.02 -44.66
N GLU B 261 -6.95 -44.58 -45.82
CA GLU B 261 -7.08 -46.01 -46.02
C GLU B 261 -6.14 -46.81 -45.12
N ASP B 262 -5.00 -46.23 -44.73
CA ASP B 262 -4.03 -46.94 -43.90
C ASP B 262 -4.21 -46.66 -42.41
N ALA B 263 -5.35 -46.14 -42.00
CA ALA B 263 -5.55 -45.73 -40.63
C ALA B 263 -5.78 -46.93 -39.71
N ASP B 264 -5.40 -46.75 -38.44
CA ASP B 264 -5.77 -47.67 -37.37
C ASP B 264 -7.23 -47.41 -37.01
N LEU B 265 -8.13 -48.21 -37.59
CA LEU B 265 -9.56 -47.91 -37.44
C LEU B 265 -10.01 -48.01 -35.99
N ALA B 266 -9.48 -48.96 -35.24
CA ALA B 266 -9.85 -49.07 -33.83
C ALA B 266 -9.47 -47.81 -33.06
N LEU B 267 -8.27 -47.27 -33.34
CA LEU B 267 -7.84 -46.04 -32.69
CA LEU B 267 -7.83 -46.04 -32.70
C LEU B 267 -8.66 -44.85 -33.17
N ALA B 268 -8.98 -44.83 -34.47
CA ALA B 268 -9.80 -43.73 -34.99
C ALA B 268 -11.19 -43.76 -34.39
N ALA B 269 -11.82 -44.94 -34.35
CA ALA B 269 -13.17 -45.04 -33.78
C ALA B 269 -13.18 -44.61 -32.32
N LYS B 270 -12.17 -45.02 -31.56
CA LYS B 270 -12.11 -44.66 -30.14
C LYS B 270 -12.01 -43.15 -29.97
N ASN B 271 -11.07 -42.52 -30.68
CA ASN B 271 -10.89 -41.08 -30.55
C ASN B 271 -12.09 -40.32 -31.09
N ILE B 272 -12.67 -40.79 -32.19
CA ILE B 272 -13.80 -40.08 -32.79
C ILE B 272 -14.99 -40.08 -31.86
N VAL B 273 -15.29 -41.22 -31.24
CA VAL B 273 -16.46 -41.29 -30.37
C VAL B 273 -16.23 -40.46 -29.10
N ALA B 274 -15.05 -40.56 -28.51
CA ALA B 274 -14.77 -39.77 -27.31
C ALA B 274 -14.84 -38.28 -27.61
N GLY B 275 -14.28 -37.84 -28.74
CA GLY B 275 -14.27 -36.42 -29.05
C GLY B 275 -15.60 -35.88 -29.52
N ALA B 276 -16.37 -36.70 -30.23
CA ALA B 276 -17.62 -36.21 -30.79
C ALA B 276 -18.71 -36.11 -29.73
N PHE B 277 -18.77 -37.07 -28.81
CA PHE B 277 -19.89 -37.18 -27.89
C PHE B 277 -19.55 -36.77 -26.46
N GLY B 278 -18.32 -36.35 -26.19
CA GLY B 278 -18.01 -35.82 -24.88
C GLY B 278 -18.89 -34.64 -24.54
N TYR B 279 -19.47 -34.64 -23.33
CA TYR B 279 -20.40 -33.59 -22.90
C TYR B 279 -21.54 -33.43 -23.92
N SER B 280 -22.00 -34.55 -24.46
CA SER B 280 -23.11 -34.59 -25.41
C SER B 280 -22.84 -33.75 -26.65
N GLY B 281 -21.57 -33.62 -27.02
CA GLY B 281 -21.20 -32.87 -28.20
C GLY B 281 -21.23 -31.36 -28.05
N GLN B 282 -21.37 -30.85 -26.83
CA GLN B 282 -21.45 -29.41 -26.59
C GLN B 282 -20.06 -28.83 -26.34
N ARG B 283 -19.17 -29.06 -27.31
CA ARG B 283 -17.80 -28.58 -27.22
C ARG B 283 -17.38 -28.04 -28.58
N SER B 284 -16.60 -26.95 -28.57
CA SER B 284 -16.16 -26.36 -29.83
C SER B 284 -15.13 -27.24 -30.53
N THR B 285 -14.26 -27.90 -29.77
CA THR B 285 -13.20 -28.73 -30.33
C THR B 285 -13.64 -30.17 -30.55
N ALA B 286 -14.95 -30.43 -30.63
CA ALA B 286 -15.44 -31.79 -30.80
C ALA B 286 -15.31 -32.23 -32.24
N VAL B 287 -15.03 -33.53 -32.43
CA VAL B 287 -15.11 -34.14 -33.75
C VAL B 287 -16.57 -34.02 -34.18
N LYS B 288 -16.84 -33.25 -35.24
CA LYS B 288 -18.20 -32.99 -35.66
C LYS B 288 -18.51 -33.51 -37.06
N ARG B 289 -17.54 -34.07 -37.77
CA ARG B 289 -17.80 -34.71 -39.05
C ARG B 289 -16.64 -35.63 -39.39
N VAL B 290 -16.95 -36.85 -39.82
CA VAL B 290 -15.96 -37.82 -40.24
C VAL B 290 -15.87 -37.80 -41.76
N LEU B 291 -14.68 -37.58 -42.28
CA LEU B 291 -14.40 -37.63 -43.72
C LEU B 291 -13.50 -38.84 -43.94
N VAL B 292 -14.08 -39.94 -44.41
CA VAL B 292 -13.40 -41.23 -44.47
C VAL B 292 -13.35 -41.74 -45.91
N MET B 293 -12.18 -42.26 -46.30
CA MET B 293 -12.05 -42.92 -47.59
C MET B 293 -13.03 -44.09 -47.69
N ASP B 294 -13.65 -44.22 -48.87
CA ASP B 294 -14.74 -45.19 -49.00
CA ASP B 294 -14.72 -45.20 -49.02
C ASP B 294 -14.27 -46.61 -48.65
N LYS B 295 -13.03 -46.95 -49.00
CA LYS B 295 -12.57 -48.32 -48.83
C LYS B 295 -12.69 -48.79 -47.38
N VAL B 296 -12.48 -47.90 -46.42
CA VAL B 296 -12.51 -48.27 -45.01
C VAL B 296 -13.75 -47.74 -44.30
N ALA B 297 -14.69 -47.16 -45.04
CA ALA B 297 -15.81 -46.47 -44.40
C ALA B 297 -16.76 -47.45 -43.71
N ASP B 298 -17.08 -48.57 -44.36
CA ASP B 298 -18.02 -49.51 -43.75
C ASP B 298 -17.51 -49.99 -42.40
N GLN B 299 -16.23 -50.36 -42.32
CA GLN B 299 -15.69 -50.92 -41.09
C GLN B 299 -15.51 -49.86 -40.02
N LEU B 300 -15.08 -48.66 -40.41
CA LEU B 300 -14.98 -47.56 -39.45
C LEU B 300 -16.36 -47.26 -38.87
N ALA B 301 -17.37 -47.13 -39.73
CA ALA B 301 -18.72 -46.83 -39.27
C ALA B 301 -19.21 -47.88 -38.29
N ALA B 302 -18.95 -49.16 -38.58
CA ALA B 302 -19.38 -50.22 -37.68
C ALA B 302 -18.68 -50.14 -36.33
N GLU B 303 -17.37 -49.87 -36.34
CA GLU B 303 -16.64 -49.79 -35.08
C GLU B 303 -17.04 -48.56 -34.29
N ILE B 304 -17.32 -47.44 -34.97
CA ILE B 304 -17.87 -46.28 -34.27
C ILE B 304 -19.23 -46.61 -33.68
N LYS B 305 -20.09 -47.27 -34.47
CA LYS B 305 -21.43 -47.64 -34.00
C LYS B 305 -21.36 -48.42 -32.70
N THR B 306 -20.49 -49.43 -32.65
CA THR B 306 -20.40 -50.26 -31.45
C THR B 306 -20.08 -49.42 -30.22
N LEU B 307 -19.19 -48.45 -30.37
CA LEU B 307 -18.80 -47.63 -29.22
C LEU B 307 -19.91 -46.66 -28.83
N VAL B 308 -20.60 -46.08 -29.82
CA VAL B 308 -21.70 -45.17 -29.51
C VAL B 308 -22.77 -45.89 -28.70
N GLU B 309 -23.08 -47.13 -29.07
CA GLU B 309 -24.14 -47.87 -28.40
C GLU B 309 -23.82 -48.16 -26.94
N LYS B 310 -22.55 -48.05 -26.53
CA LYS B 310 -22.16 -48.30 -25.16
C LYS B 310 -22.08 -47.03 -24.31
N LEU B 311 -22.24 -45.85 -24.91
CA LEU B 311 -22.27 -44.64 -24.13
C LEU B 311 -23.48 -44.64 -23.20
N SER B 312 -23.26 -44.19 -21.96
CA SER B 312 -24.35 -44.08 -21.01
C SER B 312 -25.14 -42.80 -21.26
N VAL B 313 -26.46 -42.90 -21.10
CA VAL B 313 -27.37 -41.79 -21.32
C VAL B 313 -28.19 -41.62 -20.04
N GLY B 314 -27.99 -40.51 -19.35
CA GLY B 314 -28.66 -40.28 -18.09
C GLY B 314 -28.39 -38.91 -17.50
N MET B 315 -28.37 -38.80 -16.17
CA MET B 315 -28.31 -37.52 -15.49
C MET B 315 -26.88 -37.12 -15.16
N PRO B 316 -26.63 -35.83 -15.00
CA PRO B 316 -25.27 -35.39 -14.65
C PRO B 316 -24.76 -35.95 -13.33
N GLU B 317 -25.62 -36.06 -12.32
CA GLU B 317 -25.16 -36.58 -11.03
CA GLU B 317 -25.15 -36.57 -11.04
C GLU B 317 -24.67 -38.01 -11.13
N ASP B 318 -25.12 -38.77 -12.13
CA ASP B 318 -24.71 -40.15 -12.32
C ASP B 318 -23.53 -40.28 -13.28
N ASP B 319 -22.91 -39.16 -13.64
CA ASP B 319 -21.73 -39.17 -14.51
C ASP B 319 -21.99 -39.88 -15.83
N ALA B 320 -23.19 -39.68 -16.38
CA ALA B 320 -23.50 -40.26 -17.68
C ALA B 320 -22.68 -39.60 -18.77
N ASP B 321 -22.32 -40.40 -19.78
CA ASP B 321 -21.62 -39.86 -20.95
C ASP B 321 -22.48 -38.80 -21.63
N ILE B 322 -23.74 -39.11 -21.90
CA ILE B 322 -24.67 -38.22 -22.57
C ILE B 322 -25.66 -37.71 -21.53
N THR B 323 -25.65 -36.39 -21.32
CA THR B 323 -26.53 -35.71 -20.40
C THR B 323 -27.52 -34.83 -21.16
N PRO B 324 -28.58 -34.36 -20.49
CA PRO B 324 -29.52 -33.47 -21.17
C PRO B 324 -28.85 -32.20 -21.65
N LEU B 325 -29.29 -31.70 -22.80
CA LEU B 325 -28.66 -30.52 -23.38
C LEU B 325 -29.01 -29.28 -22.55
N ILE B 326 -28.34 -28.17 -22.86
CA ILE B 326 -28.34 -27.02 -21.98
C ILE B 326 -29.74 -26.44 -21.83
N ASP B 327 -30.54 -26.47 -22.89
CA ASP B 327 -31.92 -25.98 -22.81
C ASP B 327 -32.73 -26.61 -23.93
N THR B 328 -34.04 -26.31 -23.92
CA THR B 328 -34.94 -26.93 -24.89
C THR B 328 -34.64 -26.48 -26.32
N SER B 329 -34.33 -25.20 -26.50
CA SER B 329 -33.99 -24.70 -27.83
C SER B 329 -32.84 -25.48 -28.44
N ALA B 330 -31.80 -25.76 -27.65
CA ALA B 330 -30.67 -26.54 -28.17
C ALA B 330 -31.13 -27.91 -28.63
N ALA B 331 -31.98 -28.57 -27.83
CA ALA B 331 -32.47 -29.89 -28.20
C ALA B 331 -33.35 -29.83 -29.44
N ASP B 332 -34.19 -28.80 -29.55
CA ASP B 332 -35.01 -28.64 -30.74
C ASP B 332 -34.14 -28.43 -31.98
N PHE B 333 -33.08 -27.63 -31.86
CA PHE B 333 -32.19 -27.41 -32.99
C PHE B 333 -31.53 -28.71 -33.43
N VAL B 334 -31.08 -29.52 -32.47
CA VAL B 334 -30.43 -30.79 -32.81
C VAL B 334 -31.42 -31.72 -33.50
N GLU B 335 -32.64 -31.82 -32.95
CA GLU B 335 -33.65 -32.66 -33.58
C GLU B 335 -33.95 -32.18 -34.99
N GLY B 336 -33.96 -30.87 -35.21
CA GLY B 336 -34.18 -30.36 -36.55
C GLY B 336 -33.11 -30.80 -37.53
N LEU B 337 -31.84 -30.76 -37.10
CA LEU B 337 -30.76 -31.24 -37.95
C LEU B 337 -30.92 -32.72 -38.25
N ILE B 338 -31.33 -33.50 -37.26
CA ILE B 338 -31.52 -34.94 -37.46
C ILE B 338 -32.61 -35.19 -38.48
N LYS B 339 -33.74 -34.48 -38.37
CA LYS B 339 -34.81 -34.66 -39.32
C LYS B 339 -34.35 -34.33 -40.74
N ASP B 340 -33.58 -33.25 -40.90
CA ASP B 340 -33.10 -32.87 -42.22
C ASP B 340 -32.27 -33.98 -42.83
N ALA B 341 -31.36 -34.57 -42.05
CA ALA B 341 -30.55 -35.67 -42.56
C ALA B 341 -31.41 -36.87 -42.93
N THR B 342 -32.35 -37.24 -42.06
CA THR B 342 -33.21 -38.39 -42.33
C THR B 342 -34.02 -38.18 -43.61
N ASP B 343 -34.62 -36.99 -43.76
CA ASP B 343 -35.46 -36.73 -44.92
C ASP B 343 -34.65 -36.81 -46.21
N LYS B 344 -33.36 -36.52 -46.16
CA LYS B 344 -32.52 -36.50 -47.36
C LYS B 344 -31.79 -37.81 -47.60
N GLY B 345 -32.10 -38.85 -46.82
CA GLY B 345 -31.62 -40.19 -47.10
C GLY B 345 -30.46 -40.69 -46.27
N ALA B 346 -30.06 -39.96 -45.23
CA ALA B 346 -28.95 -40.42 -44.40
C ALA B 346 -29.34 -41.71 -43.69
N THR B 347 -28.34 -42.55 -43.44
CA THR B 347 -28.54 -43.82 -42.75
C THR B 347 -28.28 -43.62 -41.25
N ALA B 348 -29.30 -43.89 -40.44
CA ALA B 348 -29.19 -43.72 -38.98
C ALA B 348 -28.69 -45.02 -38.38
N LEU B 349 -27.38 -45.08 -38.07
CA LEU B 349 -26.81 -46.28 -37.50
C LEU B 349 -27.25 -46.48 -36.06
N THR B 350 -27.55 -45.39 -35.35
CA THR B 350 -28.16 -45.43 -34.03
C THR B 350 -29.42 -44.58 -34.08
N ALA B 351 -30.44 -45.01 -33.33
CA ALA B 351 -31.77 -44.42 -33.45
C ALA B 351 -31.86 -43.12 -32.65
N PHE B 352 -32.63 -42.18 -33.20
CA PHE B 352 -32.91 -40.95 -32.48
C PHE B 352 -34.00 -41.19 -31.44
N ASN B 353 -33.73 -40.82 -30.20
CA ASN B 353 -34.71 -40.88 -29.12
C ASN B 353 -34.47 -39.66 -28.24
N ARG B 354 -35.56 -39.07 -27.76
CA ARG B 354 -35.50 -37.84 -26.97
C ARG B 354 -36.50 -37.93 -25.83
N GLU B 355 -36.02 -37.79 -24.60
CA GLU B 355 -36.85 -37.70 -23.41
C GLU B 355 -36.58 -36.34 -22.78
N GLY B 356 -37.56 -35.45 -22.83
CA GLY B 356 -37.29 -34.08 -22.43
C GLY B 356 -36.26 -33.45 -23.35
N ASN B 357 -35.14 -33.02 -22.78
CA ASN B 357 -34.01 -32.52 -23.56
C ASN B 357 -32.84 -33.50 -23.55
N LEU B 358 -33.06 -34.74 -23.14
CA LEU B 358 -32.05 -35.79 -23.18
C LEU B 358 -32.19 -36.50 -24.53
N ILE B 359 -31.24 -36.25 -25.43
CA ILE B 359 -31.24 -36.86 -26.76
C ILE B 359 -30.22 -37.99 -26.78
N SER B 360 -30.65 -39.18 -27.20
CA SER B 360 -29.73 -40.29 -27.34
CA SER B 360 -29.74 -40.30 -27.35
C SER B 360 -28.71 -39.98 -28.42
N PRO B 361 -27.53 -40.61 -28.37
CA PRO B 361 -26.50 -40.32 -29.37
C PRO B 361 -26.86 -40.93 -30.72
N VAL B 362 -26.85 -40.08 -31.75
CA VAL B 362 -27.28 -40.46 -33.09
C VAL B 362 -26.06 -40.46 -34.02
N LEU B 363 -25.82 -41.57 -34.69
CA LEU B 363 -24.73 -41.72 -35.64
C LEU B 363 -25.31 -41.88 -37.04
N PHE B 364 -24.93 -40.97 -37.94
CA PHE B 364 -25.38 -40.99 -39.33
C PHE B 364 -24.24 -41.39 -40.25
N ASP B 365 -24.55 -42.26 -41.21
CA ASP B 365 -23.63 -42.63 -42.27
C ASP B 365 -24.20 -42.15 -43.60
N HIS B 366 -23.35 -42.09 -44.62
CA HIS B 366 -23.78 -41.68 -45.96
C HIS B 366 -24.40 -40.27 -45.93
N VAL B 367 -23.80 -39.39 -45.14
CA VAL B 367 -24.21 -37.99 -45.12
C VAL B 367 -23.66 -37.28 -46.35
N THR B 368 -24.46 -36.39 -46.92
CA THR B 368 -24.10 -35.67 -48.12
C THR B 368 -23.97 -34.18 -47.83
N THR B 369 -23.28 -33.48 -48.74
CA THR B 369 -23.02 -32.06 -48.56
C THR B 369 -24.27 -31.21 -48.72
N ASP B 370 -25.38 -31.78 -49.18
CA ASP B 370 -26.65 -31.05 -49.22
C ASP B 370 -27.39 -31.08 -47.90
N MET B 371 -26.90 -31.82 -46.91
CA MET B 371 -27.55 -31.91 -45.61
C MET B 371 -26.98 -30.89 -44.65
N ARG B 372 -27.86 -30.26 -43.87
CA ARG B 372 -27.42 -29.27 -42.90
C ARG B 372 -26.44 -29.85 -41.90
N LEU B 373 -26.60 -31.13 -41.53
CA LEU B 373 -25.72 -31.74 -40.54
C LEU B 373 -24.29 -31.85 -41.04
N ALA B 374 -24.06 -31.70 -42.34
CA ALA B 374 -22.69 -31.73 -42.84
C ALA B 374 -21.92 -30.46 -42.51
N TRP B 375 -22.62 -29.38 -42.17
CA TRP B 375 -21.97 -28.08 -42.00
C TRP B 375 -22.30 -27.40 -40.68
N GLU B 376 -23.56 -27.39 -40.28
CA GLU B 376 -23.96 -26.61 -39.11
C GLU B 376 -23.48 -27.28 -37.82
N GLU B 377 -23.05 -26.46 -36.88
CA GLU B 377 -22.61 -26.96 -35.59
C GLU B 377 -23.82 -27.35 -34.75
N PRO B 378 -24.01 -28.63 -34.43
CA PRO B 378 -25.23 -29.01 -33.69
C PRO B 378 -25.17 -28.63 -32.22
N PHE B 379 -24.02 -28.82 -31.59
CA PHE B 379 -23.91 -28.73 -30.13
C PHE B 379 -24.89 -29.71 -29.49
N GLY B 380 -24.86 -30.94 -29.99
CA GLY B 380 -25.65 -32.03 -29.47
C GLY B 380 -25.05 -33.35 -29.91
N PRO B 381 -25.56 -34.46 -29.37
CA PRO B 381 -24.93 -35.77 -29.62
C PRO B 381 -25.34 -36.40 -30.94
N VAL B 382 -24.87 -35.82 -32.04
CA VAL B 382 -25.15 -36.32 -33.38
C VAL B 382 -23.89 -36.14 -34.23
N LEU B 383 -23.48 -37.22 -34.91
CA LEU B 383 -22.22 -37.25 -35.65
C LEU B 383 -22.48 -37.71 -37.08
N PRO B 384 -22.09 -36.93 -38.09
CA PRO B 384 -22.20 -37.41 -39.48
C PRO B 384 -20.90 -38.04 -39.99
N ILE B 385 -21.07 -39.09 -40.78
CA ILE B 385 -19.98 -39.73 -41.51
C ILE B 385 -20.18 -39.40 -42.99
N ILE B 386 -19.17 -38.78 -43.60
CA ILE B 386 -19.20 -38.37 -45.00
C ILE B 386 -18.10 -39.14 -45.73
N ARG B 387 -18.51 -39.94 -46.72
CA ARG B 387 -17.55 -40.75 -47.47
C ARG B 387 -16.95 -39.94 -48.61
N VAL B 388 -15.64 -40.11 -48.82
CA VAL B 388 -14.92 -39.45 -49.88
C VAL B 388 -14.13 -40.50 -50.66
N THR B 389 -13.77 -40.14 -51.88
CA THR B 389 -13.02 -41.06 -52.75
C THR B 389 -11.54 -40.75 -52.83
N THR B 390 -11.12 -39.52 -52.49
CA THR B 390 -9.73 -39.12 -52.56
C THR B 390 -9.41 -38.21 -51.38
N VAL B 391 -8.13 -38.15 -51.02
CA VAL B 391 -7.72 -37.22 -49.96
C VAL B 391 -7.95 -35.79 -50.40
N GLU B 392 -7.72 -35.50 -51.68
CA GLU B 392 -8.00 -34.16 -52.20
C GLU B 392 -9.44 -33.76 -51.90
N GLU B 393 -10.39 -34.66 -52.19
CA GLU B 393 -11.79 -34.38 -51.89
C GLU B 393 -11.98 -34.12 -50.40
N ALA B 394 -11.35 -34.92 -49.54
CA ALA B 394 -11.47 -34.72 -48.10
C ALA B 394 -10.99 -33.32 -47.70
N ILE B 395 -9.85 -32.90 -48.25
CA ILE B 395 -9.33 -31.57 -47.93
C ILE B 395 -10.31 -30.50 -48.41
N LYS B 396 -10.85 -30.66 -49.62
CA LYS B 396 -11.78 -29.67 -50.15
C LYS B 396 -13.02 -29.56 -49.27
N ILE B 397 -13.63 -30.70 -48.93
CA ILE B 397 -14.84 -30.67 -48.12
C ILE B 397 -14.55 -30.07 -46.75
N SER B 398 -13.40 -30.42 -46.17
CA SER B 398 -13.04 -29.84 -44.88
C SER B 398 -12.94 -28.32 -44.96
N ASN B 399 -12.23 -27.83 -45.97
CA ASN B 399 -12.01 -26.38 -46.10
C ASN B 399 -13.25 -25.64 -46.59
N GLU B 400 -14.22 -26.36 -47.17
CA GLU B 400 -15.46 -25.69 -47.57
C GLU B 400 -16.22 -25.16 -46.37
N SER B 401 -15.96 -25.68 -45.18
CA SER B 401 -16.63 -25.21 -43.97
C SER B 401 -16.20 -23.77 -43.67
N GLU B 402 -17.14 -22.98 -43.16
CA GLU B 402 -16.80 -21.66 -42.65
C GLU B 402 -16.03 -21.73 -41.34
N TYR B 403 -16.02 -22.88 -40.70
CA TYR B 403 -15.29 -23.09 -39.45
C TYR B 403 -13.94 -23.69 -39.74
N GLY B 404 -12.99 -23.42 -38.86
CA GLY B 404 -11.63 -23.91 -39.00
C GLY B 404 -10.91 -23.92 -37.69
N LEU B 405 -11.48 -24.61 -36.70
CA LEU B 405 -10.89 -24.63 -35.36
C LEU B 405 -9.78 -25.68 -35.31
N GLN B 406 -10.13 -26.95 -35.44
CA GLN B 406 -9.14 -28.02 -35.45
C GLN B 406 -9.55 -29.10 -36.44
N ALA B 407 -8.66 -30.06 -36.62
CA ALA B 407 -8.91 -31.23 -37.47
C ALA B 407 -8.05 -32.38 -36.96
N SER B 408 -8.55 -33.60 -37.18
CA SER B 408 -7.80 -34.81 -36.88
C SER B 408 -7.50 -35.54 -38.18
N ILE B 409 -6.33 -36.16 -38.24
CA ILE B 409 -5.95 -37.02 -39.36
C ILE B 409 -5.51 -38.36 -38.79
N PHE B 410 -6.16 -39.43 -39.25
CA PHE B 410 -5.82 -40.79 -38.83
C PHE B 410 -5.19 -41.50 -40.02
N THR B 411 -3.89 -41.76 -39.90
CA THR B 411 -3.11 -42.38 -40.97
C THR B 411 -1.79 -42.84 -40.38
N THR B 412 -1.17 -43.81 -41.06
CA THR B 412 0.15 -44.27 -40.69
C THR B 412 1.27 -43.57 -41.46
N ASN B 413 0.91 -42.68 -42.40
CA ASN B 413 1.89 -41.96 -43.23
C ASN B 413 1.99 -40.54 -42.69
N PHE B 414 2.93 -40.34 -41.77
CA PHE B 414 3.05 -39.07 -41.08
CA PHE B 414 3.15 -39.09 -41.04
C PHE B 414 3.63 -37.98 -41.97
N PRO B 415 4.57 -38.27 -42.88
CA PRO B 415 5.00 -37.21 -43.81
C PRO B 415 3.84 -36.69 -44.65
N LYS B 416 3.01 -37.58 -45.18
CA LYS B 416 1.84 -37.15 -45.94
C LYS B 416 0.83 -36.46 -45.04
N ALA B 417 0.68 -36.93 -43.80
CA ALA B 417 -0.21 -36.27 -42.86
C ALA B 417 0.18 -34.80 -42.65
N PHE B 418 1.48 -34.53 -42.54
CA PHE B 418 1.92 -33.15 -42.40
C PHE B 418 1.60 -32.34 -43.64
N GLY B 419 1.74 -32.93 -44.83
CA GLY B 419 1.39 -32.22 -46.04
C GLY B 419 -0.08 -31.89 -46.12
N ILE B 420 -0.93 -32.83 -45.70
CA ILE B 420 -2.36 -32.54 -45.60
C ILE B 420 -2.60 -31.44 -44.58
N ALA B 421 -1.92 -31.52 -43.43
CA ALA B 421 -2.13 -30.53 -42.38
C ALA B 421 -1.84 -29.12 -42.86
N GLU B 422 -0.82 -28.96 -43.71
CA GLU B 422 -0.50 -27.64 -44.25
C GLU B 422 -1.67 -27.07 -45.05
N GLN B 423 -2.46 -27.93 -45.69
CA GLN B 423 -3.55 -27.49 -46.54
C GLN B 423 -4.85 -27.27 -45.79
N LEU B 424 -4.98 -27.80 -44.58
CA LEU B 424 -6.21 -27.65 -43.82
C LEU B 424 -6.28 -26.27 -43.20
N GLU B 425 -7.41 -25.58 -43.41
CA GLU B 425 -7.60 -24.22 -42.90
C GLU B 425 -8.14 -24.29 -41.47
N VAL B 426 -7.25 -24.70 -40.56
CA VAL B 426 -7.57 -24.84 -39.15
C VAL B 426 -6.39 -24.34 -38.34
N GLY B 427 -6.62 -24.16 -37.05
CA GLY B 427 -5.56 -23.72 -36.15
C GLY B 427 -4.64 -24.86 -35.76
N THR B 428 -5.22 -26.01 -35.44
CA THR B 428 -4.47 -27.15 -34.94
C THR B 428 -4.94 -28.42 -35.62
N VAL B 429 -3.97 -29.27 -35.98
CA VAL B 429 -4.23 -30.58 -36.57
C VAL B 429 -3.62 -31.62 -35.64
N HIS B 430 -4.45 -32.53 -35.15
CA HIS B 430 -4.01 -33.63 -34.30
C HIS B 430 -3.86 -34.89 -35.12
N LEU B 431 -2.71 -35.55 -35.01
CA LEU B 431 -2.44 -36.77 -35.76
C LEU B 431 -2.75 -37.99 -34.89
N ASN B 432 -3.61 -38.87 -35.42
CA ASN B 432 -3.99 -40.09 -34.72
C ASN B 432 -4.45 -39.79 -33.29
N ASN B 433 -5.29 -38.76 -33.18
CA ASN B 433 -5.83 -38.36 -31.90
CA ASN B 433 -5.82 -38.33 -31.89
C ASN B 433 -7.03 -37.44 -32.14
N LYS B 434 -7.95 -37.44 -31.19
CA LYS B 434 -9.10 -36.56 -31.27
C LYS B 434 -8.65 -35.10 -31.18
N THR B 435 -9.48 -34.20 -31.69
CA THR B 435 -9.22 -32.78 -31.53
C THR B 435 -9.41 -32.39 -30.07
N GLN B 436 -8.63 -31.42 -29.61
CA GLN B 436 -8.66 -31.03 -28.21
C GLN B 436 -7.91 -29.72 -28.03
N ARG B 437 -8.29 -28.97 -26.99
CA ARG B 437 -7.61 -27.70 -26.70
C ARG B 437 -6.28 -27.90 -25.99
N GLY B 438 -6.12 -28.97 -25.20
CA GLY B 438 -4.92 -29.15 -24.43
C GLY B 438 -3.77 -29.71 -25.23
N THR B 439 -2.59 -29.72 -24.62
CA THR B 439 -2.37 -29.19 -23.28
C THR B 439 -2.40 -27.67 -23.32
N ASP B 440 -2.78 -27.05 -22.20
CA ASP B 440 -3.11 -25.63 -22.18
C ASP B 440 -1.91 -24.73 -22.44
N ASN B 441 -0.69 -25.27 -22.46
CA ASN B 441 0.44 -24.47 -22.93
C ASN B 441 0.52 -24.41 -24.44
N PHE B 442 -0.12 -25.34 -25.14
CA PHE B 442 -0.12 -25.34 -26.60
C PHE B 442 -0.97 -24.19 -27.14
N PRO B 443 -0.67 -23.72 -28.35
CA PRO B 443 -1.52 -22.68 -28.96
C PRO B 443 -2.90 -23.22 -29.26
N PHE B 444 -3.90 -22.34 -29.13
CA PHE B 444 -5.28 -22.68 -29.44
C PHE B 444 -5.89 -21.52 -30.22
N LEU B 445 -6.29 -21.80 -31.46
CA LEU B 445 -6.79 -20.76 -32.33
C LEU B 445 -7.69 -21.38 -33.40
N GLY B 446 -8.50 -20.54 -34.01
CA GLY B 446 -9.37 -20.96 -35.09
C GLY B 446 -9.28 -20.03 -36.27
N ALA B 447 -9.25 -20.62 -37.46
CA ALA B 447 -9.22 -19.86 -38.70
C ALA B 447 -10.65 -19.54 -39.16
N LYS B 448 -10.75 -18.62 -40.12
CA LYS B 448 -12.02 -18.26 -40.75
C LYS B 448 -13.01 -17.84 -39.66
N LYS B 449 -14.22 -18.38 -39.61
CA LYS B 449 -15.23 -17.92 -38.67
C LYS B 449 -15.09 -18.52 -37.29
N SER B 450 -14.02 -19.25 -37.01
CA SER B 450 -13.86 -19.93 -35.73
C SER B 450 -13.19 -19.08 -34.66
N GLY B 451 -12.67 -17.91 -34.99
CA GLY B 451 -12.17 -17.02 -33.97
C GLY B 451 -11.19 -15.99 -34.51
N ALA B 452 -10.56 -15.31 -33.56
CA ALA B 452 -9.56 -14.28 -33.83
C ALA B 452 -8.59 -14.26 -32.67
N GLY B 453 -7.29 -14.19 -32.99
CA GLY B 453 -6.25 -14.25 -31.98
C GLY B 453 -5.86 -15.68 -31.63
N VAL B 454 -4.77 -15.78 -30.86
CA VAL B 454 -4.18 -17.06 -30.51
C VAL B 454 -4.20 -17.18 -28.99
N GLN B 455 -4.85 -18.23 -28.49
CA GLN B 455 -4.89 -18.50 -27.06
C GLN B 455 -3.95 -19.66 -26.74
N GLY B 456 -4.17 -20.31 -25.61
CA GLY B 456 -3.04 -20.96 -24.95
C GLY B 456 -2.31 -19.98 -24.06
N VAL B 457 -1.78 -20.50 -22.96
CA VAL B 457 -1.40 -19.62 -21.84
C VAL B 457 -0.46 -18.52 -22.30
N LYS B 458 0.73 -18.88 -22.77
CA LYS B 458 1.70 -17.86 -23.13
C LYS B 458 1.17 -16.96 -24.26
N TYR B 459 0.36 -17.52 -25.15
CA TYR B 459 -0.20 -16.72 -26.23
C TYR B 459 -1.28 -15.77 -25.72
N SER B 460 -2.07 -16.21 -24.74
CA SER B 460 -3.06 -15.33 -24.14
C SER B 460 -2.39 -14.13 -23.47
N ILE B 461 -1.23 -14.35 -22.85
CA ILE B 461 -0.53 -13.27 -22.16
C ILE B 461 0.00 -12.27 -23.16
N GLU B 462 0.61 -12.75 -24.25
CA GLU B 462 1.11 -11.84 -25.27
C GLU B 462 -0.02 -11.05 -25.92
N ALA B 463 -1.16 -11.70 -26.16
CA ALA B 463 -2.27 -11.03 -26.82
C ALA B 463 -2.79 -9.88 -25.97
N MET B 464 -2.85 -10.05 -24.65
CA MET B 464 -3.38 -9.05 -23.74
C MET B 464 -2.27 -8.19 -23.13
N THR B 465 -1.15 -8.03 -23.84
CA THR B 465 -0.15 -7.04 -23.51
C THR B 465 0.20 -6.25 -24.76
N THR B 466 0.73 -5.06 -24.56
CA THR B 466 1.29 -4.23 -25.62
C THR B 466 2.75 -3.96 -25.27
N VAL B 467 3.41 -3.14 -26.09
CA VAL B 467 4.81 -2.85 -25.88
C VAL B 467 5.00 -1.34 -25.71
N LYS B 468 5.98 -0.98 -24.89
CA LYS B 468 6.39 0.39 -24.65
C LYS B 468 7.88 0.47 -24.97
N SER B 469 8.22 1.26 -25.98
CA SER B 469 9.59 1.40 -26.44
C SER B 469 10.18 2.72 -25.94
N VAL B 470 11.37 2.64 -25.35
CA VAL B 470 12.11 3.82 -24.91
C VAL B 470 13.41 3.86 -25.71
N VAL B 471 13.59 4.93 -26.48
CA VAL B 471 14.70 5.06 -27.42
C VAL B 471 15.58 6.21 -26.97
N PHE B 472 16.89 5.97 -26.94
CA PHE B 472 17.85 7.02 -26.62
C PHE B 472 19.17 6.72 -27.33
N ASP B 473 20.03 7.74 -27.40
CA ASP B 473 21.32 7.64 -28.05
C ASP B 473 22.41 7.43 -27.01
N ILE B 474 23.28 6.44 -27.26
CA ILE B 474 24.44 6.22 -26.41
C ILE B 474 25.49 7.28 -26.71
N GLN B 475 26.15 7.77 -25.67
CA GLN B 475 27.16 8.81 -25.82
C GLN B 475 28.52 8.35 -25.31
N ALA C 2 52.37 -23.50 -60.81
CA ALA C 2 52.53 -23.53 -59.36
C ALA C 2 53.12 -22.21 -58.86
N LYS C 3 52.31 -21.43 -58.15
CA LYS C 3 52.70 -20.12 -57.67
C LYS C 3 53.02 -20.17 -56.18
N GLN C 4 53.86 -19.24 -55.74
CA GLN C 4 54.21 -19.10 -54.33
C GLN C 4 53.20 -18.16 -53.66
N TYR C 5 52.41 -18.72 -52.75
CA TYR C 5 51.33 -17.99 -52.09
C TYR C 5 51.82 -17.30 -50.83
N LYS C 6 51.02 -16.35 -50.37
CA LYS C 6 51.38 -15.49 -49.25
C LYS C 6 50.23 -15.45 -48.25
N ASN C 7 50.59 -15.13 -47.01
CA ASN C 7 49.60 -14.97 -45.95
C ASN C 7 49.10 -13.53 -45.90
N LEU C 8 47.83 -13.38 -45.55
CA LEU C 8 47.25 -12.06 -45.29
C LEU C 8 47.53 -11.71 -43.84
N VAL C 9 48.34 -10.68 -43.63
CA VAL C 9 48.75 -10.26 -42.29
C VAL C 9 48.62 -8.74 -42.23
N ASN C 10 47.66 -8.25 -41.44
CA ASN C 10 47.46 -6.83 -41.23
C ASN C 10 47.35 -6.08 -42.55
N GLY C 11 46.53 -6.63 -43.46
CA GLY C 11 46.28 -6.01 -44.73
C GLY C 11 47.40 -6.12 -45.75
N GLU C 12 48.47 -6.85 -45.43
CA GLU C 12 49.59 -7.03 -46.34
C GLU C 12 49.80 -8.52 -46.60
N TRP C 13 50.37 -8.83 -47.76
CA TRP C 13 50.64 -10.19 -48.17
C TRP C 13 52.10 -10.51 -47.92
N LYS C 14 52.36 -11.53 -47.11
CA LYS C 14 53.70 -11.79 -46.59
C LYS C 14 54.14 -13.22 -46.91
N LEU C 15 55.34 -13.32 -47.47
CA LEU C 15 56.03 -14.60 -47.54
C LEU C 15 56.78 -14.86 -46.24
N SER C 16 57.26 -16.09 -46.06
CA SER C 16 58.14 -16.44 -44.97
C SER C 16 59.45 -16.96 -45.56
N GLU C 17 60.49 -17.01 -44.71
CA GLU C 17 61.80 -17.46 -45.18
C GLU C 17 61.73 -18.91 -45.65
N ASN C 18 60.94 -19.73 -44.98
CA ASN C 18 60.68 -21.10 -45.43
C ASN C 18 59.25 -21.21 -45.93
N GLU C 19 59.02 -22.22 -46.77
CA GLU C 19 57.72 -22.45 -47.39
C GLU C 19 57.43 -23.94 -47.39
N ILE C 20 56.19 -24.28 -47.76
CA ILE C 20 55.73 -25.66 -47.83
C ILE C 20 55.15 -25.88 -49.22
N THR C 21 55.74 -26.80 -49.97
CA THR C 21 55.24 -27.11 -51.30
C THR C 21 54.05 -28.05 -51.19
N ILE C 22 53.01 -27.78 -51.98
CA ILE C 22 51.75 -28.51 -51.92
C ILE C 22 51.56 -29.27 -53.22
N TYR C 23 51.28 -30.57 -53.10
CA TYR C 23 51.12 -31.45 -54.25
C TYR C 23 49.71 -32.02 -54.27
N ALA C 24 49.20 -32.24 -55.48
CA ALA C 24 47.88 -32.84 -55.66
C ALA C 24 47.90 -34.29 -55.20
N PRO C 25 47.06 -34.70 -54.24
CA PRO C 25 47.13 -36.09 -53.76
C PRO C 25 46.83 -37.13 -54.82
N ALA C 26 46.10 -36.77 -55.88
CA ALA C 26 45.72 -37.75 -56.88
C ALA C 26 46.79 -37.97 -57.95
N THR C 27 47.66 -36.99 -58.17
CA THR C 27 48.61 -37.06 -59.27
C THR C 27 50.05 -36.71 -58.90
N GLY C 28 50.29 -36.12 -57.74
CA GLY C 28 51.61 -35.63 -57.43
C GLY C 28 51.97 -34.32 -58.09
N GLU C 29 51.02 -33.70 -58.79
CA GLU C 29 51.30 -32.43 -59.44
C GLU C 29 51.66 -31.35 -58.43
N GLU C 30 52.71 -30.59 -58.73
CA GLU C 30 53.10 -29.47 -57.89
C GLU C 30 52.11 -28.32 -58.10
N LEU C 31 51.42 -27.91 -57.03
CA LEU C 31 50.40 -26.88 -57.12
C LEU C 31 50.88 -25.51 -56.69
N GLY C 32 51.93 -25.43 -55.89
CA GLY C 32 52.41 -24.18 -55.37
C GLY C 32 52.99 -24.38 -53.99
N SER C 33 53.24 -23.28 -53.31
CA SER C 33 53.78 -23.32 -51.95
C SER C 33 53.08 -22.28 -51.08
N VAL C 34 53.05 -22.55 -49.78
CA VAL C 34 52.53 -21.61 -48.79
C VAL C 34 53.62 -21.37 -47.77
N PRO C 35 53.57 -20.24 -47.07
CA PRO C 35 54.64 -19.92 -46.11
C PRO C 35 54.63 -20.87 -44.91
N ALA C 36 55.82 -21.10 -44.36
CA ALA C 36 55.99 -21.86 -43.13
C ALA C 36 56.31 -20.86 -42.02
N MET C 37 55.25 -20.33 -41.41
CA MET C 37 55.41 -19.23 -40.48
C MET C 37 56.19 -19.65 -39.23
N THR C 38 56.89 -18.69 -38.66
CA THR C 38 57.54 -18.85 -37.37
C THR C 38 56.59 -18.40 -36.27
N GLN C 39 56.96 -18.71 -35.02
CA GLN C 39 56.16 -18.26 -33.89
C GLN C 39 56.15 -16.73 -33.80
N ALA C 40 57.27 -16.09 -34.14
CA ALA C 40 57.32 -14.63 -34.12
C ALA C 40 56.38 -14.04 -35.16
N GLU C 41 56.23 -14.69 -36.31
CA GLU C 41 55.28 -14.21 -37.32
C GLU C 41 53.85 -14.44 -36.87
N VAL C 42 53.58 -15.53 -36.14
CA VAL C 42 52.26 -15.71 -35.56
C VAL C 42 51.95 -14.59 -34.57
N ASP C 43 52.94 -14.21 -33.75
CA ASP C 43 52.74 -13.10 -32.81
C ASP C 43 52.29 -11.85 -33.55
N ALA C 44 52.89 -11.57 -34.71
CA ALA C 44 52.53 -10.39 -35.48
C ALA C 44 51.09 -10.48 -35.97
N VAL C 45 50.67 -11.67 -36.41
CA VAL C 45 49.29 -11.86 -36.85
C VAL C 45 48.33 -11.52 -35.73
N TYR C 46 48.56 -12.10 -34.55
CA TYR C 46 47.62 -11.90 -33.43
C TYR C 46 47.66 -10.46 -32.93
N ALA C 47 48.85 -9.85 -32.88
CA ALA C 47 48.94 -8.46 -32.46
C ALA C 47 48.18 -7.54 -33.41
N SER C 48 48.28 -7.78 -34.71
CA SER C 48 47.54 -6.96 -35.67
C SER C 48 46.04 -7.15 -35.49
N ALA C 49 45.61 -8.37 -35.16
CA ALA C 49 44.18 -8.62 -34.99
C ALA C 49 43.65 -7.92 -33.74
N LYS C 50 44.33 -8.10 -32.60
CA LYS C 50 43.88 -7.41 -31.39
C LYS C 50 43.97 -5.89 -31.54
N LYS C 51 44.90 -5.41 -32.37
CA LYS C 51 44.99 -3.99 -32.64
C LYS C 51 43.79 -3.47 -33.43
N ALA C 52 43.27 -4.28 -34.35
CA ALA C 52 42.14 -3.88 -35.18
C ALA C 52 40.79 -4.08 -34.50
N LEU C 53 40.75 -4.81 -33.38
CA LEU C 53 39.47 -5.20 -32.79
C LEU C 53 38.64 -4.00 -32.38
N SER C 54 39.27 -2.99 -31.76
CA SER C 54 38.51 -1.87 -31.23
C SER C 54 37.71 -1.18 -32.32
N ASP C 55 38.37 -0.80 -33.41
CA ASP C 55 37.68 -0.11 -34.50
C ASP C 55 36.68 -1.02 -35.22
N TRP C 56 36.95 -2.32 -35.27
CA TRP C 56 36.06 -3.25 -35.97
C TRP C 56 34.77 -3.44 -35.19
N ARG C 57 34.86 -3.67 -33.88
CA ARG C 57 33.66 -3.95 -33.09
C ARG C 57 32.80 -2.70 -32.90
N THR C 58 33.35 -1.51 -33.11
CA THR C 58 32.59 -0.27 -32.98
C THR C 58 31.87 0.11 -34.28
N LEU C 59 32.18 -0.55 -35.38
CA LEU C 59 31.38 -0.35 -36.60
C LEU C 59 29.96 -0.85 -36.37
N SER C 60 29.04 -0.37 -37.21
CA SER C 60 27.67 -0.84 -37.17
C SER C 60 27.59 -2.26 -37.75
N TYR C 61 26.52 -2.96 -37.39
CA TYR C 61 26.28 -4.28 -37.97
C TYR C 61 26.17 -4.19 -39.49
N VAL C 62 25.49 -3.15 -40.00
CA VAL C 62 25.31 -3.01 -41.43
CA VAL C 62 25.31 -3.04 -41.44
C VAL C 62 26.65 -2.85 -42.14
N GLU C 63 27.56 -2.08 -41.54
CA GLU C 63 28.87 -1.91 -42.15
C GLU C 63 29.63 -3.23 -42.20
N ARG C 64 29.59 -4.00 -41.12
CA ARG C 64 30.27 -5.29 -41.12
C ARG C 64 29.60 -6.25 -42.11
N ALA C 65 28.27 -6.21 -42.20
CA ALA C 65 27.58 -7.07 -43.15
C ALA C 65 27.95 -6.76 -44.59
N ALA C 66 28.19 -5.49 -44.90
CA ALA C 66 28.53 -5.11 -46.27
C ALA C 66 29.83 -5.78 -46.72
N TYR C 67 30.83 -5.85 -45.84
CA TYR C 67 32.09 -6.50 -46.18
C TYR C 67 31.86 -7.97 -46.51
N LEU C 68 31.08 -8.67 -45.70
CA LEU C 68 30.87 -10.10 -45.96
C LEU C 68 30.12 -10.31 -47.28
N HIS C 69 29.08 -9.51 -47.53
CA HIS C 69 28.35 -9.63 -48.80
C HIS C 69 29.27 -9.41 -49.99
N LYS C 70 30.16 -8.41 -49.91
CA LYS C 70 31.10 -8.17 -51.00
C LYS C 70 32.03 -9.37 -51.19
N ALA C 71 32.53 -9.94 -50.09
CA ALA C 71 33.42 -11.10 -50.19
C ALA C 71 32.70 -12.30 -50.80
N ALA C 72 31.44 -12.51 -50.43
CA ALA C 72 30.67 -13.61 -51.00
C ALA C 72 30.50 -13.43 -52.50
N ASP C 73 30.19 -12.19 -52.94
CA ASP C 73 30.05 -11.93 -54.36
C ASP C 73 31.32 -12.29 -55.12
N ILE C 74 32.49 -11.97 -54.55
CA ILE C 74 33.75 -12.25 -55.21
C ILE C 74 33.98 -13.76 -55.30
N LEU C 75 33.57 -14.50 -54.26
CA LEU C 75 33.73 -15.95 -54.31
C LEU C 75 32.88 -16.56 -55.42
N VAL C 76 31.64 -16.06 -55.58
CA VAL C 76 30.80 -16.54 -56.67
C VAL C 76 31.45 -16.21 -58.01
N ARG C 77 32.06 -15.03 -58.12
CA ARG C 77 32.73 -14.65 -59.36
C ARG C 77 33.85 -15.63 -59.70
N ASP C 78 34.65 -16.00 -58.70
CA ASP C 78 35.84 -16.81 -58.92
C ASP C 78 35.61 -18.29 -58.56
N ALA C 79 34.36 -18.73 -58.52
CA ALA C 79 34.07 -20.10 -58.10
C ALA C 79 34.78 -21.13 -58.98
N GLU C 80 34.81 -20.89 -60.30
CA GLU C 80 35.50 -21.81 -61.20
C GLU C 80 37.00 -21.79 -60.96
N LYS C 81 37.58 -20.59 -60.86
CA LYS C 81 39.01 -20.48 -60.60
C LYS C 81 39.39 -21.18 -59.31
N ILE C 82 38.71 -20.85 -58.21
CA ILE C 82 39.07 -21.40 -56.91
C ILE C 82 38.79 -22.89 -56.86
N GLY C 83 37.62 -23.30 -57.37
CA GLY C 83 37.26 -24.71 -57.30
C GLY C 83 38.24 -25.61 -58.05
N ALA C 84 38.77 -25.11 -59.17
CA ALA C 84 39.73 -25.91 -59.94
C ALA C 84 40.96 -26.24 -59.10
N ILE C 85 41.46 -25.26 -58.35
CA ILE C 85 42.62 -25.50 -57.50
C ILE C 85 42.24 -26.35 -56.31
N LEU C 86 41.09 -26.05 -55.69
CA LEU C 86 40.63 -26.85 -54.56
C LEU C 86 40.51 -28.32 -54.93
N SER C 87 39.94 -28.60 -56.11
CA SER C 87 39.81 -29.99 -56.55
C SER C 87 41.15 -30.70 -56.56
N LYS C 88 42.18 -30.04 -57.10
CA LYS C 88 43.50 -30.67 -57.15
C LYS C 88 44.10 -30.80 -55.76
N GLU C 89 43.90 -29.79 -54.90
CA GLU C 89 44.64 -29.76 -53.64
C GLU C 89 44.22 -30.88 -52.71
N VAL C 90 42.93 -31.22 -52.69
CA VAL C 90 42.42 -32.23 -51.77
C VAL C 90 41.76 -33.39 -52.52
N ALA C 91 42.03 -33.51 -53.82
CA ALA C 91 41.53 -34.62 -54.63
C ALA C 91 40.01 -34.75 -54.54
N LYS C 92 39.32 -33.61 -54.59
CA LYS C 92 37.87 -33.56 -54.62
C LYS C 92 37.43 -33.37 -56.07
N GLY C 93 36.32 -34.02 -56.42
CA GLY C 93 35.76 -33.87 -57.75
C GLY C 93 35.65 -32.42 -58.18
N HIS C 94 36.01 -32.12 -59.43
CA HIS C 94 36.02 -30.74 -59.90
C HIS C 94 34.68 -30.05 -59.66
N LYS C 95 33.59 -30.67 -60.12
CA LYS C 95 32.28 -30.06 -59.95
C LYS C 95 31.95 -29.89 -58.48
N ALA C 96 32.26 -30.90 -57.65
CA ALA C 96 32.00 -30.77 -56.22
C ALA C 96 32.81 -29.65 -55.61
N ALA C 97 34.05 -29.46 -56.08
CA ALA C 97 34.89 -28.41 -55.51
C ALA C 97 34.32 -27.03 -55.81
N VAL C 98 33.88 -26.80 -57.05
CA VAL C 98 33.23 -25.54 -57.37
C VAL C 98 31.98 -25.35 -56.52
N SER C 99 31.22 -26.43 -56.32
CA SER C 99 30.02 -26.35 -55.50
C SER C 99 30.36 -25.93 -54.07
N GLU C 100 31.50 -26.41 -53.55
CA GLU C 100 31.90 -26.01 -52.20
C GLU C 100 32.08 -24.51 -52.12
N VAL C 101 32.71 -23.91 -53.13
CA VAL C 101 32.91 -22.46 -53.13
C VAL C 101 31.56 -21.74 -53.13
N ILE C 102 30.62 -22.22 -53.96
CA ILE C 102 29.30 -21.61 -54.02
C ILE C 102 28.62 -21.72 -52.66
N ARG C 103 28.67 -22.91 -52.05
CA ARG C 103 28.06 -23.09 -50.74
C ARG C 103 28.69 -22.17 -49.71
N THR C 104 29.99 -21.92 -49.82
CA THR C 104 30.65 -21.00 -48.90
C THR C 104 30.10 -19.59 -49.04
N ALA C 105 29.88 -19.14 -50.27
CA ALA C 105 29.32 -17.81 -50.49
C ALA C 105 27.93 -17.69 -49.86
N GLU C 106 27.09 -18.70 -50.03
CA GLU C 106 25.75 -18.59 -49.46
CA GLU C 106 25.74 -18.66 -49.47
C GLU C 106 25.79 -18.61 -47.94
N ILE C 107 26.73 -19.34 -47.34
CA ILE C 107 26.84 -19.33 -45.88
C ILE C 107 27.34 -17.97 -45.41
N ILE C 108 28.26 -17.35 -46.14
CA ILE C 108 28.76 -16.03 -45.76
C ILE C 108 27.64 -15.00 -45.84
N ASN C 109 26.85 -15.04 -46.92
CA ASN C 109 25.73 -14.13 -47.05
C ASN C 109 24.72 -14.34 -45.94
N TYR C 110 24.36 -15.60 -45.67
CA TYR C 110 23.35 -15.89 -44.66
C TYR C 110 23.83 -15.45 -43.28
N ALA C 111 25.10 -15.70 -42.95
CA ALA C 111 25.61 -15.29 -41.65
C ALA C 111 25.57 -13.77 -41.49
N ALA C 112 25.87 -13.03 -42.56
CA ALA C 112 25.88 -11.57 -42.48
C ALA C 112 24.50 -11.04 -42.10
N GLU C 113 23.45 -11.55 -42.76
CA GLU C 113 22.10 -11.08 -42.47
C GLU C 113 21.55 -11.66 -41.18
N GLU C 114 21.97 -12.87 -40.81
CA GLU C 114 21.58 -13.43 -39.53
C GLU C 114 22.18 -12.62 -38.38
N GLY C 115 23.46 -12.28 -38.49
CA GLY C 115 24.15 -11.63 -37.39
C GLY C 115 23.71 -10.20 -37.15
N LEU C 116 23.41 -9.48 -38.22
CA LEU C 116 23.02 -8.08 -38.06
C LEU C 116 21.67 -7.92 -37.38
N ARG C 117 20.95 -9.02 -37.17
CA ARG C 117 19.66 -8.99 -36.49
C ARG C 117 19.74 -9.56 -35.08
N MET C 118 20.94 -9.81 -34.56
CA MET C 118 21.05 -10.31 -33.20
C MET C 118 20.51 -9.27 -32.24
N GLU C 119 19.54 -9.67 -31.43
CA GLU C 119 18.82 -8.78 -30.53
C GLU C 119 19.18 -9.09 -29.09
N GLY C 120 18.98 -8.10 -28.23
CA GLY C 120 19.17 -8.27 -26.80
C GLY C 120 17.86 -8.42 -26.05
N GLU C 121 18.00 -8.47 -24.73
CA GLU C 121 16.87 -8.72 -23.84
C GLU C 121 16.81 -7.66 -22.77
N VAL C 122 15.60 -7.39 -22.30
CA VAL C 122 15.34 -6.54 -21.15
C VAL C 122 14.66 -7.39 -20.10
N LEU C 123 15.32 -7.55 -18.96
CA LEU C 123 14.83 -8.41 -17.89
C LEU C 123 14.32 -7.58 -16.72
N GLU C 124 13.28 -8.10 -16.08
CA GLU C 124 12.59 -7.38 -15.01
C GLU C 124 13.03 -7.93 -13.66
N GLY C 125 13.55 -7.04 -12.81
CA GLY C 125 13.88 -7.45 -11.46
C GLY C 125 12.69 -7.92 -10.67
N GLY C 126 11.51 -7.38 -10.96
CA GLY C 126 10.30 -7.79 -10.29
C GLY C 126 9.84 -9.18 -10.65
N SER C 127 10.48 -9.83 -11.61
CA SER C 127 10.20 -11.24 -11.90
C SER C 127 10.69 -12.14 -10.78
N PHE C 128 11.67 -11.70 -10.00
CA PHE C 128 12.27 -12.52 -8.94
C PHE C 128 11.98 -12.02 -7.54
N GLU C 129 12.02 -10.71 -7.30
CA GLU C 129 11.70 -10.19 -5.97
C GLU C 129 11.02 -8.83 -6.09
N ALA C 130 10.00 -8.61 -5.26
CA ALA C 130 9.22 -7.38 -5.33
C ALA C 130 10.10 -6.17 -5.05
N ALA C 131 11.06 -6.28 -4.14
CA ALA C 131 11.87 -5.13 -3.76
C ALA C 131 12.72 -4.61 -4.92
N SER C 132 12.95 -5.42 -5.95
CA SER C 132 13.75 -5.00 -7.10
C SER C 132 12.90 -4.73 -8.33
N LYS C 133 11.61 -4.44 -8.15
CA LYS C 133 10.71 -4.32 -9.30
C LYS C 133 11.06 -3.15 -10.21
N LYS C 134 11.75 -2.13 -9.69
CA LYS C 134 12.14 -0.99 -10.51
C LYS C 134 13.49 -1.20 -11.19
N LYS C 135 14.16 -2.32 -10.93
CA LYS C 135 15.47 -2.61 -11.50
C LYS C 135 15.29 -3.44 -12.76
N ILE C 136 15.89 -2.98 -13.86
CA ILE C 136 15.85 -3.71 -15.12
C ILE C 136 17.28 -3.92 -15.62
N ALA C 137 17.44 -4.98 -16.41
CA ALA C 137 18.74 -5.35 -16.98
C ALA C 137 18.64 -5.24 -18.50
N ILE C 138 19.51 -4.43 -19.09
CA ILE C 138 19.60 -4.26 -20.53
C ILE C 138 20.77 -5.12 -20.99
N VAL C 139 20.46 -6.24 -21.65
CA VAL C 139 21.44 -7.25 -22.00
C VAL C 139 21.65 -7.20 -23.51
N ARG C 140 22.87 -6.85 -23.93
CA ARG C 140 23.23 -6.73 -25.33
C ARG C 140 24.39 -7.67 -25.65
N ARG C 141 24.50 -8.02 -26.93
CA ARG C 141 25.53 -8.94 -27.39
C ARG C 141 26.81 -8.20 -27.73
N GLU C 142 27.93 -8.86 -27.46
CA GLU C 142 29.25 -8.35 -27.77
C GLU C 142 30.10 -9.49 -28.32
N PRO C 143 31.15 -9.17 -29.08
CA PRO C 143 32.07 -10.23 -29.53
C PRO C 143 32.95 -10.74 -28.40
N VAL C 144 33.51 -11.93 -28.62
CA VAL C 144 34.43 -12.49 -27.64
C VAL C 144 35.86 -11.98 -27.84
N GLY C 145 36.20 -11.54 -29.04
CA GLY C 145 37.51 -10.99 -29.32
C GLY C 145 38.18 -11.54 -30.56
N LEU C 146 39.31 -12.23 -30.39
CA LEU C 146 40.03 -12.84 -31.48
C LEU C 146 39.66 -14.32 -31.56
N VAL C 147 39.11 -14.74 -32.71
CA VAL C 147 38.73 -16.13 -32.94
C VAL C 147 39.79 -16.78 -33.80
N LEU C 148 40.31 -17.92 -33.35
CA LEU C 148 41.19 -18.76 -34.15
C LEU C 148 40.32 -19.78 -34.87
N ALA C 149 40.24 -19.68 -36.19
CA ALA C 149 39.48 -20.60 -37.01
C ALA C 149 40.43 -21.56 -37.70
N ILE C 150 40.19 -22.85 -37.54
CA ILE C 150 41.02 -23.91 -38.10
C ILE C 150 40.13 -24.78 -38.96
N SER C 151 40.37 -24.80 -40.26
CA SER C 151 39.54 -25.52 -41.21
C SER C 151 40.12 -26.88 -41.50
N PRO C 152 39.29 -27.82 -42.02
CA PRO C 152 39.79 -29.17 -42.29
C PRO C 152 40.17 -29.37 -43.74
N PHE C 153 40.87 -30.46 -44.05
CA PHE C 153 41.33 -30.68 -45.42
C PHE C 153 40.17 -31.00 -46.36
N ASN C 154 39.11 -31.64 -45.86
CA ASN C 154 38.04 -32.11 -46.71
C ASN C 154 37.06 -31.01 -47.08
N TYR C 155 37.04 -29.90 -46.34
CA TYR C 155 36.25 -28.71 -46.68
C TYR C 155 37.07 -27.48 -46.34
N PRO C 156 38.20 -27.26 -47.03
CA PRO C 156 39.12 -26.19 -46.61
C PRO C 156 38.57 -24.79 -46.83
N VAL C 157 37.57 -24.61 -47.70
CA VAL C 157 36.95 -23.31 -47.93
C VAL C 157 35.62 -23.20 -47.21
N ASN C 158 34.74 -24.19 -47.40
CA ASN C 158 33.40 -24.15 -46.80
C ASN C 158 33.47 -24.09 -45.27
N LEU C 159 34.27 -24.98 -44.67
CA LEU C 159 34.40 -25.02 -43.22
C LEU C 159 35.45 -24.04 -42.70
N ALA C 160 35.96 -23.15 -43.56
CA ALA C 160 36.59 -21.93 -43.10
C ALA C 160 35.57 -20.80 -43.05
N GLY C 161 34.82 -20.61 -44.15
CA GLY C 161 33.81 -19.57 -44.17
C GLY C 161 32.72 -19.76 -43.15
N SER C 162 32.39 -21.01 -42.83
CA SER C 162 31.38 -21.29 -41.81
C SER C 162 31.81 -20.79 -40.44
N LYS C 163 33.09 -20.52 -40.25
CA LYS C 163 33.64 -19.97 -39.02
C LYS C 163 33.94 -18.49 -39.13
N ILE C 164 34.48 -18.05 -40.26
CA ILE C 164 34.90 -16.66 -40.42
C ILE C 164 33.70 -15.73 -40.43
N ALA C 165 32.70 -16.04 -41.26
CA ALA C 165 31.58 -15.12 -41.44
C ALA C 165 30.77 -14.94 -40.17
N PRO C 166 30.36 -16.01 -39.46
CA PRO C 166 29.66 -15.79 -38.18
C PRO C 166 30.50 -15.01 -37.18
N ALA C 167 31.81 -15.24 -37.15
CA ALA C 167 32.66 -14.52 -36.20
C ALA C 167 32.73 -13.04 -36.56
N LEU C 168 32.88 -12.72 -37.84
CA LEU C 168 33.12 -11.33 -38.23
C LEU C 168 31.88 -10.47 -38.03
N ILE C 169 30.69 -10.98 -38.39
CA ILE C 169 29.50 -10.14 -38.28
C ILE C 169 29.26 -9.72 -36.84
N ALA C 170 29.63 -10.56 -35.88
CA ALA C 170 29.42 -10.25 -34.47
C ALA C 170 30.44 -9.27 -33.90
N GLY C 171 31.45 -8.89 -34.69
CA GLY C 171 32.46 -7.97 -34.23
C GLY C 171 33.76 -8.62 -33.78
N ASN C 172 33.89 -9.93 -33.93
CA ASN C 172 35.16 -10.58 -33.66
C ASN C 172 36.16 -10.30 -34.78
N VAL C 173 37.43 -10.42 -34.45
CA VAL C 173 38.50 -10.50 -35.44
C VAL C 173 38.89 -11.96 -35.56
N VAL C 174 39.48 -12.33 -36.69
CA VAL C 174 39.68 -13.73 -37.03
C VAL C 174 41.09 -13.96 -37.57
N ALA C 175 41.69 -15.08 -37.19
CA ALA C 175 42.87 -15.62 -37.83
C ALA C 175 42.52 -17.02 -38.30
N LEU C 176 42.69 -17.26 -39.60
CA LEU C 176 42.38 -18.55 -40.20
C LEU C 176 43.66 -19.37 -40.32
N LYS C 177 43.66 -20.56 -39.72
CA LYS C 177 44.73 -21.54 -39.93
C LYS C 177 44.14 -22.66 -40.78
N PRO C 178 44.34 -22.66 -42.10
CA PRO C 178 43.88 -23.78 -42.91
C PRO C 178 44.76 -25.00 -42.66
N PRO C 179 44.33 -26.18 -43.08
CA PRO C 179 45.24 -27.33 -43.07
C PRO C 179 46.31 -27.13 -44.12
N THR C 180 47.50 -27.65 -43.85
CA THR C 180 48.57 -27.56 -44.83
C THR C 180 48.11 -28.08 -46.19
N GLN C 181 47.55 -29.29 -46.22
CA GLN C 181 46.91 -29.81 -47.41
C GLN C 181 45.53 -29.15 -47.50
N GLY C 182 45.48 -28.02 -48.21
CA GLY C 182 44.29 -27.20 -48.23
C GLY C 182 44.60 -25.74 -47.95
N SER C 183 45.88 -25.45 -47.67
CA SER C 183 46.27 -24.08 -47.34
C SER C 183 46.13 -23.15 -48.54
N ILE C 184 46.41 -23.64 -49.74
CA ILE C 184 46.26 -22.80 -50.92
C ILE C 184 44.81 -22.35 -51.07
N SER C 185 43.87 -23.31 -51.00
CA SER C 185 42.45 -22.98 -51.09
C SER C 185 42.05 -22.00 -49.99
N GLY C 186 42.63 -22.15 -48.79
CA GLY C 186 42.33 -21.22 -47.73
C GLY C 186 42.82 -19.81 -48.04
N LEU C 187 44.03 -19.70 -48.59
CA LEU C 187 44.57 -18.39 -48.94
C LEU C 187 43.82 -17.78 -50.12
N LEU C 188 43.29 -18.62 -51.02
CA LEU C 188 42.43 -18.12 -52.09
C LEU C 188 41.15 -17.52 -51.52
N LEU C 189 40.59 -18.15 -50.49
CA LEU C 189 39.45 -17.58 -49.79
C LEU C 189 39.81 -16.23 -49.18
N ALA C 190 41.01 -16.12 -48.60
CA ALA C 190 41.43 -14.87 -47.98
C ALA C 190 41.56 -13.75 -49.01
N GLU C 191 42.01 -14.08 -50.23
CA GLU C 191 42.10 -13.07 -51.28
C GLU C 191 40.74 -12.42 -51.51
N ALA C 192 39.67 -13.21 -51.48
CA ALA C 192 38.34 -12.64 -51.67
C ALA C 192 38.01 -11.63 -50.59
N PHE C 193 38.33 -11.94 -49.33
CA PHE C 193 38.05 -10.99 -48.25
C PHE C 193 38.91 -9.75 -48.38
N ALA C 194 40.17 -9.91 -48.77
CA ALA C 194 41.04 -8.75 -48.98
C ALA C 194 40.51 -7.86 -50.09
N GLU C 195 40.11 -8.46 -51.21
CA GLU C 195 39.56 -7.66 -52.31
C GLU C 195 38.27 -6.97 -51.88
N ALA C 196 37.49 -7.59 -50.99
CA ALA C 196 36.29 -6.96 -50.48
C ALA C 196 36.58 -5.76 -49.59
N GLY C 197 37.85 -5.53 -49.25
CA GLY C 197 38.20 -4.38 -48.44
C GLY C 197 38.17 -4.59 -46.95
N ILE C 198 38.22 -5.84 -46.48
CA ILE C 198 38.18 -6.15 -45.06
C ILE C 198 39.31 -5.35 -44.39
N PRO C 199 39.04 -4.59 -43.34
CA PRO C 199 40.07 -3.72 -42.78
C PRO C 199 41.29 -4.50 -42.32
N ALA C 200 42.45 -3.87 -42.42
CA ALA C 200 43.71 -4.51 -42.07
C ALA C 200 43.66 -5.05 -40.64
N GLY C 201 43.99 -6.33 -40.48
CA GLY C 201 44.03 -6.96 -39.19
C GLY C 201 42.72 -7.59 -38.75
N VAL C 202 41.60 -7.21 -39.36
CA VAL C 202 40.32 -7.80 -38.98
C VAL C 202 40.29 -9.27 -39.35
N PHE C 203 40.86 -9.63 -40.49
CA PHE C 203 40.95 -11.02 -40.94
C PHE C 203 42.38 -11.28 -41.40
N ASN C 204 42.97 -12.36 -40.90
CA ASN C 204 44.35 -12.74 -41.22
C ASN C 204 44.41 -14.25 -41.42
N THR C 205 45.51 -14.71 -42.02
CA THR C 205 45.73 -16.13 -42.23
C THR C 205 47.05 -16.55 -41.61
N ILE C 206 47.12 -17.82 -41.21
CA ILE C 206 48.33 -18.42 -40.66
C ILE C 206 48.55 -19.76 -41.38
N THR C 207 49.74 -19.96 -41.92
CA THR C 207 50.12 -21.24 -42.49
C THR C 207 51.47 -21.65 -41.93
N GLY C 208 51.70 -22.96 -41.82
CA GLY C 208 52.95 -23.43 -41.29
C GLY C 208 52.86 -24.86 -40.80
N ARG C 209 53.99 -25.32 -40.26
CA ARG C 209 54.15 -26.70 -39.83
C ARG C 209 53.71 -26.87 -38.39
N GLY C 210 52.96 -27.93 -38.13
CA GLY C 210 52.59 -28.23 -36.76
C GLY C 210 53.79 -28.38 -35.84
N SER C 211 54.91 -28.85 -36.38
CA SER C 211 56.11 -29.02 -35.57
C SER C 211 56.71 -27.70 -35.13
N VAL C 212 56.28 -26.57 -35.70
CA VAL C 212 56.82 -25.27 -35.37
C VAL C 212 55.81 -24.39 -34.64
N ILE C 213 54.56 -24.39 -35.09
CA ILE C 213 53.53 -23.51 -34.55
C ILE C 213 52.27 -24.25 -34.12
N GLY C 214 52.22 -25.56 -34.27
CA GLY C 214 50.98 -26.29 -34.03
C GLY C 214 50.31 -25.98 -32.70
N ASP C 215 51.01 -26.27 -31.60
CA ASP C 215 50.46 -25.93 -30.29
C ASP C 215 50.51 -24.43 -30.04
N TYR C 216 51.49 -23.74 -30.62
CA TYR C 216 51.72 -22.34 -30.30
C TYR C 216 50.51 -21.48 -30.68
N ILE C 217 49.92 -21.72 -31.84
CA ILE C 217 48.82 -20.87 -32.29
C ILE C 217 47.63 -21.00 -31.34
N VAL C 218 47.49 -22.16 -30.70
CA VAL C 218 46.37 -22.40 -29.79
C VAL C 218 46.68 -21.88 -28.40
N GLU C 219 47.91 -22.08 -27.91
CA GLU C 219 48.27 -21.66 -26.57
C GLU C 219 48.33 -20.15 -26.41
N HIS C 220 48.53 -19.42 -27.50
CA HIS C 220 48.76 -17.98 -27.42
C HIS C 220 47.63 -17.29 -26.66
N GLU C 221 48.02 -16.49 -25.67
CA GLU C 221 47.04 -15.84 -24.80
C GLU C 221 46.24 -14.77 -25.52
N ALA C 222 46.67 -14.34 -26.72
CA ALA C 222 45.86 -13.39 -27.49
C ALA C 222 44.58 -14.02 -28.01
N VAL C 223 44.55 -15.33 -28.17
CA VAL C 223 43.37 -15.99 -28.73
C VAL C 223 42.30 -16.09 -27.65
N ASN C 224 41.09 -15.63 -27.98
CA ASN C 224 39.98 -15.66 -27.05
C ASN C 224 39.00 -16.80 -27.33
N PHE C 225 39.15 -17.48 -28.47
CA PHE C 225 38.17 -18.46 -28.90
C PHE C 225 38.82 -19.33 -29.98
N ILE C 226 38.64 -20.65 -29.88
CA ILE C 226 39.18 -21.59 -30.85
C ILE C 226 38.01 -22.33 -31.49
N ASN C 227 37.89 -22.23 -32.82
CA ASN C 227 36.83 -22.86 -33.60
C ASN C 227 37.49 -23.83 -34.57
N PHE C 228 37.38 -25.13 -34.28
CA PHE C 228 38.21 -26.14 -34.93
C PHE C 228 37.36 -27.25 -35.54
N THR C 229 37.77 -27.67 -36.74
CA THR C 229 37.22 -28.84 -37.39
C THR C 229 38.40 -29.75 -37.76
N GLY C 230 38.33 -31.01 -37.36
CA GLY C 230 39.41 -31.94 -37.64
C GLY C 230 39.21 -33.25 -36.92
N SER C 231 40.33 -33.93 -36.66
CA SER C 231 40.28 -35.25 -36.05
C SER C 231 40.00 -35.15 -34.55
N THR C 232 39.42 -36.22 -34.02
CA THR C 232 39.10 -36.24 -32.59
C THR C 232 40.34 -36.15 -31.72
N PRO C 233 41.41 -36.91 -31.98
CA PRO C 233 42.61 -36.75 -31.12
C PRO C 233 43.14 -35.33 -31.09
N ILE C 234 43.17 -34.67 -32.25
CA ILE C 234 43.66 -33.29 -32.28
C ILE C 234 42.70 -32.39 -31.51
N GLY C 235 41.39 -32.63 -31.65
CA GLY C 235 40.42 -31.88 -30.89
C GLY C 235 40.62 -32.02 -29.39
N GLU C 236 40.92 -33.24 -28.94
CA GLU C 236 41.20 -33.45 -27.52
C GLU C 236 42.31 -32.52 -27.04
N GLY C 237 43.42 -32.46 -27.79
CA GLY C 237 44.52 -31.63 -27.38
C GLY C 237 44.19 -30.15 -27.36
N ILE C 238 43.34 -29.71 -28.30
CA ILE C 238 42.95 -28.31 -28.34
C ILE C 238 42.15 -27.94 -27.09
N GLY C 239 41.26 -28.82 -26.67
CA GLY C 239 40.51 -28.56 -25.44
C GLY C 239 41.39 -28.34 -24.23
N LYS C 240 42.45 -29.13 -24.10
CA LYS C 240 43.37 -28.96 -22.99
C LYS C 240 44.11 -27.63 -23.09
N LEU C 241 44.67 -27.35 -24.27
CA LEU C 241 45.42 -26.11 -24.48
C LEU C 241 44.51 -24.89 -24.37
N ALA C 242 43.19 -25.06 -24.59
CA ALA C 242 42.27 -23.93 -24.50
C ALA C 242 42.11 -23.46 -23.06
N GLY C 243 42.33 -24.34 -22.09
CA GLY C 243 42.14 -23.99 -20.70
C GLY C 243 40.69 -23.69 -20.39
N MET C 244 40.41 -22.48 -19.91
CA MET C 244 39.05 -22.05 -19.64
C MET C 244 38.43 -21.25 -20.79
N ARG C 245 39.18 -21.05 -21.89
CA ARG C 245 38.66 -20.28 -23.00
C ARG C 245 37.62 -21.07 -23.79
N PRO C 246 36.63 -20.37 -24.36
CA PRO C 246 35.60 -21.08 -25.12
C PRO C 246 36.14 -21.67 -26.41
N ILE C 247 35.54 -22.79 -26.83
CA ILE C 247 35.95 -23.48 -28.04
C ILE C 247 34.72 -24.03 -28.75
N MET C 248 34.92 -24.37 -30.03
CA MET C 248 33.98 -25.16 -30.80
C MET C 248 34.78 -26.24 -31.52
N LEU C 249 34.32 -27.49 -31.41
CA LEU C 249 35.02 -28.62 -32.01
C LEU C 249 34.05 -29.42 -32.87
N GLU C 250 34.47 -29.69 -34.11
CA GLU C 250 33.76 -30.58 -35.02
C GLU C 250 34.73 -31.71 -35.36
N LEU C 251 34.48 -32.90 -34.80
CA LEU C 251 35.43 -34.01 -34.82
C LEU C 251 34.85 -35.15 -35.64
N GLY C 252 35.25 -36.39 -35.31
CA GLY C 252 34.89 -37.54 -36.12
C GLY C 252 33.47 -38.03 -35.90
N GLY C 253 33.04 -38.90 -36.79
CA GLY C 253 31.72 -39.47 -36.72
C GLY C 253 31.72 -40.93 -37.15
N LYS C 254 30.68 -41.64 -36.70
CA LYS C 254 30.42 -43.01 -37.11
C LYS C 254 28.91 -43.18 -37.21
N ASP C 255 28.29 -42.37 -38.07
CA ASP C 255 26.84 -42.29 -38.13
C ASP C 255 26.22 -43.65 -38.44
N SER C 256 25.22 -44.02 -37.66
CA SER C 256 24.46 -45.24 -37.90
C SER C 256 23.26 -44.94 -38.80
N ALA C 257 22.93 -45.91 -39.64
CA ALA C 257 21.71 -45.90 -40.44
C ALA C 257 20.89 -47.11 -40.01
N ILE C 258 19.84 -46.87 -39.24
CA ILE C 258 18.98 -47.93 -38.71
C ILE C 258 17.85 -48.18 -39.69
N VAL C 259 17.74 -49.41 -40.17
CA VAL C 259 16.75 -49.80 -41.16
C VAL C 259 15.79 -50.79 -40.51
N LEU C 260 14.53 -50.40 -40.37
CA LEU C 260 13.53 -51.25 -39.75
C LEU C 260 12.84 -52.10 -40.82
N GLU C 261 12.01 -53.03 -40.35
CA GLU C 261 11.41 -54.01 -41.26
C GLU C 261 10.46 -53.36 -42.25
N ASP C 262 9.83 -52.24 -41.89
CA ASP C 262 8.85 -51.59 -42.76
C ASP C 262 9.47 -50.49 -43.61
N ALA C 263 10.79 -50.47 -43.74
CA ALA C 263 11.45 -49.40 -44.47
C ALA C 263 11.37 -49.63 -45.98
N ASP C 264 11.38 -48.53 -46.72
CA ASP C 264 11.56 -48.55 -48.17
C ASP C 264 13.02 -48.87 -48.45
N LEU C 265 13.30 -50.14 -48.78
CA LEU C 265 14.69 -50.59 -48.87
C LEU C 265 15.43 -49.92 -50.03
N ALA C 266 14.76 -49.70 -51.16
CA ALA C 266 15.40 -49.02 -52.27
C ALA C 266 15.80 -47.60 -51.88
N LEU C 267 14.89 -46.86 -51.25
CA LEU C 267 15.22 -45.50 -50.80
C LEU C 267 16.32 -45.54 -49.76
N ALA C 268 16.25 -46.48 -48.82
CA ALA C 268 17.30 -46.59 -47.81
C ALA C 268 18.65 -46.89 -48.46
N ALA C 269 18.69 -47.83 -49.41
CA ALA C 269 19.94 -48.15 -50.08
C ALA C 269 20.50 -46.95 -50.84
N LYS C 270 19.63 -46.21 -51.55
CA LYS C 270 20.08 -45.03 -52.27
C LYS C 270 20.74 -44.03 -51.33
N ASN C 271 20.07 -43.71 -50.21
CA ASN C 271 20.60 -42.73 -49.28
C ASN C 271 21.85 -43.25 -48.58
N ILE C 272 21.85 -44.53 -48.20
CA ILE C 272 23.00 -45.08 -47.50
C ILE C 272 24.24 -45.00 -48.38
N VAL C 273 24.11 -45.35 -49.66
CA VAL C 273 25.27 -45.36 -50.55
C VAL C 273 25.74 -43.93 -50.82
N ALA C 274 24.81 -43.01 -51.09
CA ALA C 274 25.20 -41.63 -51.33
C ALA C 274 25.92 -41.03 -50.13
N GLY C 275 25.41 -41.29 -48.92
CA GLY C 275 26.00 -40.68 -47.75
C GLY C 275 27.32 -41.31 -47.36
N ALA C 276 27.45 -42.62 -47.56
CA ALA C 276 28.64 -43.32 -47.07
C ALA C 276 29.84 -43.11 -47.99
N PHE C 277 29.62 -43.07 -49.30
CA PHE C 277 30.72 -43.07 -50.26
C PHE C 277 30.95 -41.72 -50.91
N GLY C 278 30.16 -40.70 -50.57
CA GLY C 278 30.43 -39.36 -51.04
C GLY C 278 31.85 -38.95 -50.65
N TYR C 279 32.61 -38.41 -51.61
CA TYR C 279 34.00 -38.01 -51.38
C TYR C 279 34.79 -39.16 -50.77
N SER C 280 34.52 -40.38 -51.25
CA SER C 280 35.23 -41.59 -50.82
C SER C 280 35.10 -41.83 -49.32
N GLY C 281 34.03 -41.33 -48.71
CA GLY C 281 33.82 -41.50 -47.29
C GLY C 281 34.68 -40.61 -46.41
N GLN C 282 35.36 -39.63 -46.98
CA GLN C 282 36.23 -38.75 -46.21
C GLN C 282 35.43 -37.58 -45.63
N ARG C 283 34.41 -37.93 -44.85
CA ARG C 283 33.52 -36.96 -44.23
C ARG C 283 33.10 -37.46 -42.86
N SER C 284 33.07 -36.55 -41.88
CA SER C 284 32.67 -36.92 -40.53
CA SER C 284 32.67 -36.94 -40.53
C SER C 284 31.17 -37.20 -40.45
N THR C 285 30.38 -36.48 -41.25
CA THR C 285 28.92 -36.65 -41.30
C THR C 285 28.57 -37.54 -42.48
N ALA C 286 28.82 -38.85 -42.32
CA ALA C 286 28.50 -39.81 -43.36
C ALA C 286 27.97 -41.10 -42.74
N VAL C 287 27.05 -41.76 -43.42
CA VAL C 287 26.65 -43.10 -42.99
C VAL C 287 27.89 -43.99 -43.00
N LYS C 288 28.26 -44.49 -41.83
CA LYS C 288 29.46 -45.31 -41.70
C LYS C 288 29.19 -46.71 -41.16
N ARG C 289 27.93 -47.03 -40.85
CA ARG C 289 27.58 -48.39 -40.42
C ARG C 289 26.07 -48.54 -40.55
N VAL C 290 25.65 -49.65 -41.13
CA VAL C 290 24.23 -49.96 -41.33
C VAL C 290 23.82 -50.95 -40.25
N LEU C 291 22.78 -50.61 -39.49
CA LEU C 291 22.19 -51.48 -38.49
C LEU C 291 20.79 -51.85 -38.98
N VAL C 292 20.64 -53.07 -39.51
CA VAL C 292 19.43 -53.47 -40.21
C VAL C 292 18.80 -54.68 -39.55
N MET C 293 17.49 -54.66 -39.40
CA MET C 293 16.75 -55.81 -38.90
C MET C 293 16.97 -56.99 -39.85
N ASP C 294 17.25 -58.16 -39.28
CA ASP C 294 17.68 -59.29 -40.11
C ASP C 294 16.64 -59.68 -41.14
N LYS C 295 15.36 -59.50 -40.83
CA LYS C 295 14.31 -59.94 -41.74
C LYS C 295 14.45 -59.29 -43.12
N VAL C 296 14.95 -58.05 -43.18
CA VAL C 296 15.08 -57.35 -44.45
C VAL C 296 16.54 -57.16 -44.84
N ALA C 297 17.46 -57.80 -44.13
CA ALA C 297 18.88 -57.55 -44.37
C ALA C 297 19.32 -58.06 -45.73
N ASP C 298 18.90 -59.27 -46.11
CA ASP C 298 19.34 -59.83 -47.39
C ASP C 298 18.93 -58.90 -48.54
N GLN C 299 17.70 -58.42 -48.52
CA GLN C 299 17.22 -57.56 -49.60
C GLN C 299 17.91 -56.21 -49.57
N LEU C 300 18.12 -55.65 -48.37
CA LEU C 300 18.81 -54.37 -48.28
C LEU C 300 20.24 -54.47 -48.81
N ALA C 301 20.98 -55.48 -48.35
CA ALA C 301 22.37 -55.64 -48.78
C ALA C 301 22.45 -55.78 -50.29
N ALA C 302 21.51 -56.50 -50.89
CA ALA C 302 21.52 -56.65 -52.34
C ALA C 302 21.33 -55.30 -53.02
N GLU C 303 20.42 -54.48 -52.51
CA GLU C 303 20.18 -53.17 -53.11
C GLU C 303 21.40 -52.27 -52.97
N ILE C 304 22.05 -52.31 -51.81
CA ILE C 304 23.28 -51.52 -51.62
C ILE C 304 24.38 -52.05 -52.53
N LYS C 305 24.55 -53.37 -52.59
CA LYS C 305 25.60 -53.96 -53.41
C LYS C 305 25.52 -53.48 -54.86
N THR C 306 24.33 -53.56 -55.46
CA THR C 306 24.20 -53.18 -56.87
C THR C 306 24.62 -51.74 -57.08
N LEU C 307 24.28 -50.85 -56.13
CA LEU C 307 24.64 -49.45 -56.29
C LEU C 307 26.14 -49.23 -56.09
N VAL C 308 26.75 -49.91 -55.12
CA VAL C 308 28.17 -49.73 -54.86
C VAL C 308 28.97 -50.20 -56.06
N GLU C 309 28.54 -51.29 -56.70
CA GLU C 309 29.28 -51.83 -57.82
C GLU C 309 29.36 -50.86 -59.00
N LYS C 310 28.40 -49.95 -59.12
CA LYS C 310 28.34 -49.04 -60.24
C LYS C 310 28.98 -47.69 -59.98
N LEU C 311 29.46 -47.45 -58.75
CA LEU C 311 30.14 -46.19 -58.50
C LEU C 311 31.41 -46.11 -59.34
N SER C 312 31.66 -44.93 -59.89
CA SER C 312 32.86 -44.72 -60.68
C SER C 312 34.07 -44.52 -59.77
N VAL C 313 35.20 -45.08 -60.19
CA VAL C 313 36.44 -45.01 -59.44
C VAL C 313 37.47 -44.38 -60.37
N GLY C 314 37.95 -43.20 -60.02
CA GLY C 314 38.87 -42.49 -60.89
C GLY C 314 39.42 -41.20 -60.33
N MET C 315 39.66 -40.22 -61.22
CA MET C 315 40.39 -39.01 -60.88
CA MET C 315 40.40 -39.02 -60.87
C MET C 315 39.45 -37.86 -60.56
N PRO C 316 39.91 -36.92 -59.73
CA PRO C 316 39.09 -35.71 -59.50
C PRO C 316 38.71 -34.99 -60.78
N GLU C 317 39.61 -34.94 -61.74
CA GLU C 317 39.37 -34.20 -62.96
C GLU C 317 38.19 -34.77 -63.74
N ASP C 318 37.84 -36.05 -63.53
CA ASP C 318 36.73 -36.70 -64.22
C ASP C 318 35.46 -36.77 -63.38
N ASP C 319 35.44 -36.12 -62.20
CA ASP C 319 34.26 -36.12 -61.34
C ASP C 319 33.86 -37.54 -60.96
N ALA C 320 34.87 -38.38 -60.69
CA ALA C 320 34.60 -39.73 -60.25
C ALA C 320 33.91 -39.73 -58.89
N ASP C 321 33.03 -40.71 -58.70
CA ASP C 321 32.41 -40.90 -57.38
C ASP C 321 33.47 -41.16 -56.33
N ILE C 322 34.37 -42.10 -56.60
CA ILE C 322 35.44 -42.49 -55.68
C ILE C 322 36.75 -41.95 -56.21
N THR C 323 37.37 -41.04 -55.46
CA THR C 323 38.64 -40.43 -55.80
C THR C 323 39.73 -40.91 -54.86
N PRO C 324 41.00 -40.66 -55.21
CA PRO C 324 42.10 -41.10 -54.35
C PRO C 324 42.02 -40.45 -52.97
N LEU C 325 42.41 -41.22 -51.96
CA LEU C 325 42.36 -40.70 -50.60
C LEU C 325 43.45 -39.64 -50.40
N ILE C 326 43.35 -38.93 -49.26
CA ILE C 326 44.11 -37.70 -49.07
C ILE C 326 45.61 -37.97 -49.01
N ASP C 327 46.03 -39.11 -48.47
CA ASP C 327 47.45 -39.45 -48.45
C ASP C 327 47.60 -40.95 -48.26
N THR C 328 48.86 -41.40 -48.27
CA THR C 328 49.15 -42.83 -48.20
C THR C 328 48.77 -43.42 -46.85
N SER C 329 49.03 -42.68 -45.76
CA SER C 329 48.70 -43.19 -44.44
C SER C 329 47.21 -43.45 -44.31
N ALA C 330 46.37 -42.57 -44.85
CA ALA C 330 44.93 -42.77 -44.80
C ALA C 330 44.53 -44.04 -45.57
N ALA C 331 45.14 -44.26 -46.73
CA ALA C 331 44.82 -45.44 -47.52
C ALA C 331 45.29 -46.71 -46.81
N ASP C 332 46.48 -46.67 -46.21
CA ASP C 332 46.95 -47.83 -45.45
C ASP C 332 46.00 -48.15 -44.31
N PHE C 333 45.53 -47.12 -43.61
CA PHE C 333 44.62 -47.33 -42.49
C PHE C 333 43.32 -47.98 -42.95
N VAL C 334 42.78 -47.52 -44.08
CA VAL C 334 41.54 -48.10 -44.60
C VAL C 334 41.77 -49.55 -45.00
N GLU C 335 42.88 -49.84 -45.67
CA GLU C 335 43.17 -51.23 -46.04
C GLU C 335 43.24 -52.11 -44.80
N GLY C 336 43.80 -51.59 -43.71
CA GLY C 336 43.89 -52.37 -42.49
C GLY C 336 42.53 -52.75 -41.93
N LEU C 337 41.59 -51.80 -41.94
CA LEU C 337 40.24 -52.12 -41.48
C LEU C 337 39.59 -53.17 -42.36
N ILE C 338 39.85 -53.10 -43.67
CA ILE C 338 39.29 -54.08 -44.59
C ILE C 338 39.86 -55.46 -44.31
N LYS C 339 41.16 -55.55 -44.07
CA LYS C 339 41.77 -56.85 -43.82
C LYS C 339 41.25 -57.44 -42.51
N ASP C 340 41.09 -56.63 -41.47
CA ASP C 340 40.55 -57.13 -40.22
C ASP C 340 39.16 -57.70 -40.42
N ALA C 341 38.30 -56.98 -41.15
CA ALA C 341 36.94 -57.47 -41.37
C ALA C 341 36.94 -58.78 -42.14
N THR C 342 37.77 -58.87 -43.18
CA THR C 342 37.85 -60.09 -43.97
C THR C 342 38.34 -61.26 -43.12
N ASP C 343 39.41 -61.04 -42.35
CA ASP C 343 40.00 -62.10 -41.55
C ASP C 343 39.07 -62.60 -40.46
N LYS C 344 38.11 -61.80 -40.02
CA LYS C 344 37.17 -62.21 -38.98
C LYS C 344 35.86 -62.75 -39.55
N GLY C 345 35.77 -62.91 -40.86
CA GLY C 345 34.66 -63.62 -41.46
C GLY C 345 33.59 -62.79 -42.13
N ALA C 346 33.79 -61.49 -42.29
CA ALA C 346 32.80 -60.67 -42.96
C ALA C 346 32.71 -61.06 -44.44
N THR C 347 31.51 -60.89 -45.00
CA THR C 347 31.26 -61.18 -46.40
C THR C 347 31.52 -59.93 -47.21
N ALA C 348 32.51 -60.00 -48.11
CA ALA C 348 32.83 -58.87 -48.99
C ALA C 348 31.91 -58.91 -50.20
N LEU C 349 30.94 -57.99 -50.25
CA LEU C 349 30.00 -57.95 -51.36
C LEU C 349 30.54 -57.23 -52.58
N THR C 350 31.53 -56.35 -52.42
CA THR C 350 32.24 -55.74 -53.52
C THR C 350 33.73 -55.93 -53.28
N ALA C 351 34.50 -55.97 -54.37
CA ALA C 351 35.90 -56.37 -54.30
C ALA C 351 36.77 -55.19 -53.88
N PHE C 352 37.78 -55.48 -53.06
CA PHE C 352 38.77 -54.49 -52.69
C PHE C 352 39.86 -54.42 -53.75
N ASN C 353 40.18 -53.20 -54.19
CA ASN C 353 41.30 -52.98 -55.09
C ASN C 353 41.92 -51.64 -54.75
N ARG C 354 43.25 -51.58 -54.84
CA ARG C 354 43.99 -50.37 -54.51
C ARG C 354 45.09 -50.15 -55.53
N GLU C 355 45.03 -49.03 -56.24
CA GLU C 355 46.11 -48.57 -57.10
C GLU C 355 46.60 -47.24 -56.53
N GLY C 356 47.83 -47.24 -56.01
CA GLY C 356 48.32 -46.08 -55.28
C GLY C 356 47.49 -45.87 -54.03
N ASN C 357 46.84 -44.71 -53.93
CA ASN C 357 45.94 -44.43 -52.82
C ASN C 357 44.48 -44.39 -53.26
N LEU C 358 44.17 -44.88 -54.45
CA LEU C 358 42.80 -44.98 -54.94
C LEU C 358 42.27 -46.36 -54.57
N ILE C 359 41.41 -46.41 -53.56
CA ILE C 359 40.82 -47.64 -53.07
C ILE C 359 39.40 -47.76 -53.60
N SER C 360 39.06 -48.93 -54.13
CA SER C 360 37.72 -49.16 -54.64
CA SER C 360 37.73 -49.16 -54.65
C SER C 360 36.73 -49.34 -53.49
N PRO C 361 35.46 -49.00 -53.71
CA PRO C 361 34.47 -49.07 -52.61
C PRO C 361 34.18 -50.49 -52.18
N VAL C 362 34.36 -50.76 -50.89
CA VAL C 362 34.21 -52.10 -50.33
C VAL C 362 32.97 -52.14 -49.44
N LEU C 363 32.05 -53.04 -49.76
CA LEU C 363 30.83 -53.25 -48.98
C LEU C 363 30.94 -54.58 -48.25
N PHE C 364 30.79 -54.55 -46.93
CA PHE C 364 30.84 -55.75 -46.10
C PHE C 364 29.47 -56.05 -45.52
N ASP C 365 29.08 -57.32 -45.57
CA ASP C 365 27.88 -57.82 -44.91
C ASP C 365 28.28 -58.80 -43.81
N HIS C 366 27.35 -59.06 -42.89
CA HIS C 366 27.60 -59.98 -41.79
C HIS C 366 28.79 -59.51 -40.95
N VAL C 367 28.87 -58.19 -40.75
CA VAL C 367 29.88 -57.62 -39.88
C VAL C 367 29.45 -57.80 -38.43
N THR C 368 30.39 -58.18 -37.58
CA THR C 368 30.13 -58.36 -36.16
C THR C 368 30.94 -57.33 -35.38
N THR C 369 30.46 -57.02 -34.17
CA THR C 369 31.03 -55.91 -33.41
C THR C 369 32.39 -56.21 -32.80
N ASP C 370 32.96 -57.39 -33.03
CA ASP C 370 34.37 -57.61 -32.70
C ASP C 370 35.30 -57.13 -33.80
N MET C 371 34.76 -56.62 -34.90
CA MET C 371 35.56 -56.12 -36.01
C MET C 371 35.83 -54.63 -35.85
N ARG C 372 37.06 -54.22 -36.16
CA ARG C 372 37.43 -52.81 -36.04
C ARG C 372 36.52 -51.94 -36.90
N LEU C 373 36.12 -52.45 -38.07
CA LEU C 373 35.30 -51.67 -38.99
C LEU C 373 33.93 -51.35 -38.40
N ALA C 374 33.53 -52.04 -37.34
CA ALA C 374 32.24 -51.74 -36.72
C ALA C 374 32.28 -50.45 -35.92
N TRP C 375 33.47 -49.93 -35.58
CA TRP C 375 33.58 -48.80 -34.67
C TRP C 375 34.49 -47.68 -35.19
N GLU C 376 35.64 -48.02 -35.75
CA GLU C 376 36.64 -47.01 -36.10
C GLU C 376 36.24 -46.27 -37.37
N GLU C 377 36.43 -44.95 -37.36
CA GLU C 377 36.13 -44.11 -38.51
C GLU C 377 37.17 -44.33 -39.60
N PRO C 378 36.82 -44.90 -40.76
CA PRO C 378 37.86 -45.18 -41.76
C PRO C 378 38.36 -43.92 -42.47
N PHE C 379 37.47 -42.99 -42.80
CA PHE C 379 37.77 -41.91 -43.74
C PHE C 379 38.24 -42.51 -45.06
N GLY C 380 37.48 -43.50 -45.52
CA GLY C 380 37.72 -44.16 -46.78
C GLY C 380 36.47 -44.87 -47.24
N PRO C 381 36.48 -45.38 -48.47
CA PRO C 381 35.25 -45.97 -49.06
C PRO C 381 35.01 -47.42 -48.65
N VAL C 382 34.61 -47.61 -47.39
CA VAL C 382 34.31 -48.93 -46.87
C VAL C 382 33.10 -48.83 -45.93
N LEU C 383 32.12 -49.71 -46.13
CA LEU C 383 30.87 -49.65 -45.38
C LEU C 383 30.53 -51.01 -44.80
N PRO C 384 30.33 -51.11 -43.48
CA PRO C 384 29.86 -52.39 -42.90
C PRO C 384 28.36 -52.44 -42.72
N ILE C 385 27.76 -53.61 -42.90
CA ILE C 385 26.36 -53.86 -42.61
C ILE C 385 26.30 -54.81 -41.43
N ILE C 386 25.66 -54.37 -40.35
CA ILE C 386 25.53 -55.14 -39.11
C ILE C 386 24.07 -55.49 -38.94
N ARG C 387 23.79 -56.79 -38.84
CA ARG C 387 22.42 -57.29 -38.70
C ARG C 387 22.02 -57.40 -37.24
N VAL C 388 20.79 -56.95 -36.94
CA VAL C 388 20.24 -56.99 -35.60
C VAL C 388 18.85 -57.65 -35.68
N THR C 389 18.33 -58.02 -34.51
CA THR C 389 17.00 -58.64 -34.43
C THR C 389 15.98 -57.80 -33.67
N THR C 390 16.40 -56.77 -32.95
CA THR C 390 15.46 -55.89 -32.27
C THR C 390 15.92 -54.44 -32.41
N VAL C 391 14.97 -53.52 -32.25
CA VAL C 391 15.32 -52.11 -32.29
CA VAL C 391 15.32 -52.10 -32.28
C VAL C 391 16.20 -51.75 -31.09
N GLU C 392 15.94 -52.36 -29.94
CA GLU C 392 16.74 -52.12 -28.75
C GLU C 392 18.21 -52.49 -29.01
N GLU C 393 18.45 -53.58 -29.75
CA GLU C 393 19.82 -53.96 -30.07
C GLU C 393 20.48 -52.90 -30.95
N ALA C 394 19.73 -52.36 -31.92
CA ALA C 394 20.28 -51.30 -32.76
C ALA C 394 20.64 -50.06 -31.95
N ILE C 395 19.75 -49.64 -31.04
CA ILE C 395 20.04 -48.47 -30.22
C ILE C 395 21.28 -48.69 -29.37
N LYS C 396 21.38 -49.86 -28.74
CA LYS C 396 22.54 -50.14 -27.89
C LYS C 396 23.83 -50.12 -28.70
N ILE C 397 23.85 -50.83 -29.82
CA ILE C 397 25.06 -50.88 -30.65
C ILE C 397 25.40 -49.48 -31.15
N SER C 398 24.39 -48.71 -31.55
CA SER C 398 24.64 -47.36 -32.04
C SER C 398 25.27 -46.51 -30.94
N ASN C 399 24.70 -46.56 -29.73
CA ASN C 399 25.17 -45.73 -28.63
C ASN C 399 26.45 -46.24 -27.99
N GLU C 400 26.85 -47.48 -28.27
CA GLU C 400 28.13 -47.98 -27.77
C GLU C 400 29.31 -47.25 -28.40
N SER C 401 29.10 -46.60 -29.54
CA SER C 401 30.17 -45.87 -30.20
C SER C 401 30.56 -44.64 -29.38
N GLU C 402 31.85 -44.31 -29.42
CA GLU C 402 32.31 -43.06 -28.82
C GLU C 402 31.87 -41.85 -29.63
N TYR C 403 31.46 -42.05 -30.88
CA TYR C 403 30.98 -40.97 -31.73
C TYR C 403 29.48 -40.84 -31.64
N GLY C 404 29.00 -39.61 -31.84
CA GLY C 404 27.58 -39.32 -31.82
C GLY C 404 27.25 -38.06 -32.58
N LEU C 405 27.61 -38.03 -33.86
CA LEU C 405 27.35 -36.85 -34.69
C LEU C 405 25.92 -36.86 -35.20
N GLN C 406 25.59 -37.80 -36.08
CA GLN C 406 24.24 -37.89 -36.61
C GLN C 406 23.86 -39.36 -36.78
N ALA C 407 22.58 -39.57 -37.14
CA ALA C 407 22.07 -40.91 -37.41
C ALA C 407 20.90 -40.79 -38.38
N SER C 408 20.67 -41.85 -39.14
CA SER C 408 19.53 -41.96 -40.04
C SER C 408 18.66 -43.11 -39.56
N ILE C 409 17.34 -42.93 -39.67
CA ILE C 409 16.37 -43.97 -39.38
C ILE C 409 15.48 -44.12 -40.61
N PHE C 410 15.40 -45.33 -41.15
CA PHE C 410 14.57 -45.63 -42.30
C PHE C 410 13.41 -46.51 -41.84
N THR C 411 12.19 -45.97 -41.96
CA THR C 411 10.98 -46.62 -41.48
C THR C 411 9.79 -45.80 -41.94
N THR C 412 8.61 -46.43 -41.95
CA THR C 412 7.36 -45.75 -42.23
C THR C 412 6.60 -45.36 -40.97
N ASN C 413 7.12 -45.74 -39.80
CA ASN C 413 6.48 -45.44 -38.51
C ASN C 413 7.24 -44.27 -37.89
N PHE C 414 6.76 -43.06 -38.13
CA PHE C 414 7.49 -41.88 -37.69
C PHE C 414 7.37 -41.67 -36.18
N PRO C 415 6.19 -41.90 -35.59
CA PRO C 415 6.10 -41.84 -34.11
C PRO C 415 7.13 -42.74 -33.43
N LYS C 416 7.31 -43.95 -33.95
CA LYS C 416 8.36 -44.83 -33.42
C LYS C 416 9.73 -44.26 -33.70
N ALA C 417 9.94 -43.72 -34.90
CA ALA C 417 11.23 -43.13 -35.25
C ALA C 417 11.59 -42.01 -34.30
N PHE C 418 10.62 -41.15 -33.96
CA PHE C 418 10.89 -40.10 -32.99
C PHE C 418 11.28 -40.67 -31.63
N GLY C 419 10.61 -41.74 -31.20
CA GLY C 419 10.98 -42.35 -29.93
C GLY C 419 12.39 -42.89 -29.95
N ILE C 420 12.78 -43.51 -31.07
CA ILE C 420 14.15 -43.99 -31.21
C ILE C 420 15.12 -42.81 -31.22
N ALA C 421 14.77 -41.75 -31.95
CA ALA C 421 15.67 -40.60 -32.04
C ALA C 421 15.96 -40.02 -30.66
N GLU C 422 14.97 -40.01 -29.78
CA GLU C 422 15.20 -39.52 -28.42
C GLU C 422 16.27 -40.33 -27.69
N GLN C 423 16.37 -41.62 -28.00
CA GLN C 423 17.30 -42.50 -27.31
C GLN C 423 18.68 -42.53 -27.95
N LEU C 424 18.82 -42.02 -29.17
CA LEU C 424 20.10 -42.04 -29.86
C LEU C 424 20.97 -40.89 -29.37
N GLU C 425 22.21 -41.21 -28.97
CA GLU C 425 23.14 -40.23 -28.45
C GLU C 425 23.88 -39.56 -29.62
N VAL C 426 23.15 -38.71 -30.33
CA VAL C 426 23.66 -37.99 -31.48
C VAL C 426 23.10 -36.57 -31.46
N GLY C 427 23.65 -35.73 -32.33
CA GLY C 427 23.17 -34.37 -32.45
C GLY C 427 21.93 -34.24 -33.32
N THR C 428 21.91 -34.96 -34.44
CA THR C 428 20.82 -34.85 -35.40
C THR C 428 20.44 -36.23 -35.90
N VAL C 429 19.15 -36.46 -36.04
CA VAL C 429 18.59 -37.70 -36.56
C VAL C 429 17.80 -37.34 -37.81
N HIS C 430 18.17 -37.94 -38.95
CA HIS C 430 17.46 -37.76 -40.20
C HIS C 430 16.53 -38.93 -40.46
N LEU C 431 15.28 -38.64 -40.77
CA LEU C 431 14.28 -39.68 -41.01
C LEU C 431 14.16 -39.94 -42.50
N ASN C 432 14.37 -41.19 -42.90
CA ASN C 432 14.29 -41.61 -44.30
C ASN C 432 15.19 -40.75 -45.19
N ASN C 433 16.38 -40.44 -44.67
CA ASN C 433 17.34 -39.66 -45.43
C ASN C 433 18.73 -39.87 -44.86
N LYS C 434 19.73 -39.69 -45.71
CA LYS C 434 21.11 -39.77 -45.28
C LYS C 434 21.43 -38.68 -44.25
N THR C 435 22.44 -38.94 -43.43
CA THR C 435 22.94 -37.90 -42.55
C THR C 435 23.58 -36.80 -43.38
N GLN C 436 23.48 -35.56 -42.89
CA GLN C 436 23.99 -34.41 -43.63
C GLN C 436 24.02 -33.20 -42.71
N ARG C 437 24.94 -32.28 -43.00
CA ARG C 437 25.07 -31.07 -42.20
C ARG C 437 24.00 -30.03 -42.54
N GLY C 438 23.54 -29.99 -43.79
CA GLY C 438 22.61 -28.96 -44.21
C GLY C 438 21.18 -29.25 -43.76
N THR C 439 20.31 -28.26 -43.96
CA THR C 439 20.68 -26.94 -44.47
C THR C 439 21.45 -26.16 -43.40
N ASP C 440 22.30 -25.23 -43.83
CA ASP C 440 23.26 -24.61 -42.93
C ASP C 440 22.60 -23.72 -41.88
N ASN C 441 21.31 -23.46 -41.97
CA ASN C 441 20.61 -22.80 -40.88
C ASN C 441 20.22 -23.77 -39.78
N PHE C 442 20.18 -25.08 -40.09
CA PHE C 442 19.86 -26.07 -39.08
C PHE C 442 21.02 -26.22 -38.10
N PRO C 443 20.75 -26.64 -36.87
CA PRO C 443 21.85 -26.91 -35.93
C PRO C 443 22.70 -28.07 -36.43
N PHE C 444 24.01 -27.97 -36.18
CA PHE C 444 24.96 -29.03 -36.49
C PHE C 444 25.84 -29.21 -35.26
N LEU C 445 25.76 -30.39 -34.65
CA LEU C 445 26.50 -30.65 -33.42
C LEU C 445 26.73 -32.15 -33.29
N GLY C 446 27.72 -32.49 -32.48
CA GLY C 446 28.01 -33.89 -32.18
C GLY C 446 28.08 -34.10 -30.69
N ALA C 447 27.53 -35.24 -30.25
CA ALA C 447 27.60 -35.63 -28.85
C ALA C 447 28.85 -36.47 -28.61
N LYS C 448 29.18 -36.64 -27.32
CA LYS C 448 30.29 -37.50 -26.89
C LYS C 448 31.56 -37.00 -27.58
N LYS C 449 32.34 -37.86 -28.24
CA LYS C 449 33.62 -37.47 -28.80
C LYS C 449 33.50 -36.85 -30.19
N SER C 450 32.30 -36.56 -30.67
CA SER C 450 32.14 -36.04 -32.02
C SER C 450 32.25 -34.52 -32.09
N GLY C 451 32.31 -33.82 -30.97
CA GLY C 451 32.54 -32.39 -31.02
C GLY C 451 32.10 -31.71 -29.73
N ALA C 452 32.13 -30.38 -29.79
CA ALA C 452 31.72 -29.53 -28.69
C ALA C 452 31.13 -28.25 -29.27
N GLY C 453 30.02 -27.80 -28.71
CA GLY C 453 29.32 -26.63 -29.20
C GLY C 453 28.37 -26.97 -30.33
N VAL C 454 27.58 -25.97 -30.70
CA VAL C 454 26.53 -26.13 -31.70
C VAL C 454 26.81 -25.17 -32.85
N GLN C 455 26.90 -25.71 -34.06
CA GLN C 455 27.10 -24.91 -35.26
C GLN C 455 25.81 -24.90 -36.07
N GLY C 456 25.92 -24.60 -37.35
CA GLY C 456 24.82 -23.92 -38.00
C GLY C 456 24.85 -22.42 -37.75
N VAL C 457 24.38 -21.67 -38.72
CA VAL C 457 24.73 -20.25 -38.77
C VAL C 457 24.37 -19.55 -37.46
N LYS C 458 23.08 -19.48 -37.12
CA LYS C 458 22.69 -18.70 -35.96
C LYS C 458 23.30 -19.24 -34.68
N TYR C 459 23.51 -20.56 -34.60
CA TYR C 459 24.13 -21.14 -33.41
C TYR C 459 25.61 -20.77 -33.32
N SER C 460 26.29 -20.69 -34.47
N SER C 460 26.29 -20.67 -34.47
CA SER C 460 27.70 -20.29 -34.46
CA SER C 460 27.70 -20.31 -34.45
C SER C 460 27.85 -18.87 -33.96
C SER C 460 27.90 -18.86 -34.02
N ILE C 461 26.99 -17.96 -34.43
CA ILE C 461 27.08 -16.56 -34.01
C ILE C 461 26.91 -16.46 -32.50
N GLU C 462 25.91 -17.15 -31.95
CA GLU C 462 25.70 -17.12 -30.51
C GLU C 462 26.92 -17.65 -29.76
N ALA C 463 27.53 -18.73 -30.26
CA ALA C 463 28.67 -19.31 -29.57
C ALA C 463 29.83 -18.32 -29.50
N MET C 464 30.07 -17.58 -30.58
CA MET C 464 31.19 -16.64 -30.65
C MET C 464 30.80 -15.24 -30.24
N THR C 465 29.77 -15.10 -29.41
CA THR C 465 29.45 -13.84 -28.75
C THR C 465 29.27 -14.09 -27.26
N THR C 466 29.41 -13.03 -26.48
CA THR C 466 29.06 -12.99 -25.07
C THR C 466 28.02 -11.88 -24.90
N VAL C 467 27.64 -11.61 -23.65
CA VAL C 467 26.64 -10.59 -23.36
C VAL C 467 27.23 -9.56 -22.40
N LYS C 468 26.72 -8.34 -22.51
CA LYS C 468 27.04 -7.24 -21.61
C LYS C 468 25.73 -6.73 -21.03
N SER C 469 25.59 -6.82 -19.71
CA SER C 469 24.39 -6.42 -19.02
C SER C 469 24.60 -5.07 -18.33
N VAL C 470 23.67 -4.13 -18.56
CA VAL C 470 23.66 -2.84 -17.88
C VAL C 470 22.39 -2.77 -17.04
N VAL C 471 22.54 -2.58 -15.74
CA VAL C 471 21.43 -2.64 -14.79
C VAL C 471 21.29 -1.29 -14.10
N PHE C 472 20.06 -0.79 -14.05
CA PHE C 472 19.77 0.45 -13.35
C PHE C 472 18.35 0.42 -12.83
N ASP C 473 18.07 1.31 -11.89
CA ASP C 473 16.77 1.39 -11.22
C ASP C 473 15.96 2.54 -11.82
N ILE C 474 14.71 2.25 -12.21
CA ILE C 474 13.81 3.30 -12.66
C ILE C 474 13.34 4.09 -11.45
N GLN C 475 13.26 5.41 -11.61
CA GLN C 475 12.86 6.27 -10.50
C GLN C 475 11.72 7.20 -10.88
N ILE D 1 -26.17 -22.97 -47.27
CA ILE D 1 -26.28 -23.57 -45.91
C ILE D 1 -25.35 -22.83 -44.94
N GLU D 2 -25.86 -22.56 -43.73
CA GLU D 2 -25.04 -21.91 -42.72
C GLU D 2 -23.82 -22.75 -42.41
N GLY D 3 -22.68 -22.09 -42.27
CA GLY D 3 -21.42 -22.77 -42.03
C GLY D 3 -20.77 -23.36 -43.26
N ARG D 4 -21.33 -23.14 -44.45
CA ARG D 4 -20.80 -23.65 -45.70
C ARG D 4 -20.42 -22.47 -46.59
N ARG D 5 -19.18 -22.47 -47.06
CA ARG D 5 -18.75 -21.43 -47.99
C ARG D 5 -19.40 -21.64 -49.35
N ASP D 6 -19.83 -20.54 -49.97
CA ASP D 6 -20.45 -20.62 -51.28
C ASP D 6 -19.42 -20.33 -52.37
N ALA D 7 28.14 -31.40 18.07
CA ALA D 7 28.91 -31.80 16.91
C ALA D 7 28.44 -33.17 16.41
N LYS D 8 27.92 -33.19 15.19
CA LYS D 8 27.36 -34.39 14.59
C LYS D 8 28.31 -34.97 13.55
N GLN D 9 28.23 -36.29 13.38
CA GLN D 9 28.94 -36.97 12.30
C GLN D 9 28.03 -37.02 11.07
N TYR D 10 28.39 -36.30 10.02
CA TYR D 10 27.58 -36.21 8.82
C TYR D 10 28.01 -37.28 7.81
N LYS D 11 27.12 -37.53 6.84
CA LYS D 11 27.31 -38.58 5.86
C LYS D 11 27.02 -38.02 4.47
N ASN D 12 27.55 -38.70 3.46
CA ASN D 12 27.29 -38.33 2.07
C ASN D 12 26.05 -39.05 1.57
N LEU D 13 25.31 -38.37 0.69
CA LEU D 13 24.17 -38.97 -0.01
C LEU D 13 24.71 -39.69 -1.24
N VAL D 14 24.58 -41.02 -1.25
CA VAL D 14 25.10 -41.85 -2.32
C VAL D 14 24.01 -42.85 -2.72
N ASN D 15 23.46 -42.68 -3.91
CA ASN D 15 22.46 -43.61 -4.47
C ASN D 15 21.32 -43.83 -3.46
N GLY D 16 20.82 -42.74 -2.91
CA GLY D 16 19.70 -42.80 -1.99
C GLY D 16 20.01 -43.28 -0.60
N GLU D 17 21.27 -43.55 -0.29
CA GLU D 17 21.69 -44.00 1.02
CA GLU D 17 21.68 -43.99 1.03
C GLU D 17 22.69 -43.02 1.61
N TRP D 18 22.89 -43.10 2.92
CA TRP D 18 23.82 -42.24 3.65
C TRP D 18 25.03 -43.07 4.05
N LYS D 19 26.20 -42.65 3.59
CA LYS D 19 27.42 -43.45 3.71
C LYS D 19 28.50 -42.65 4.41
N LEU D 20 29.11 -43.25 5.42
CA LEU D 20 30.34 -42.77 6.03
C LEU D 20 31.54 -43.25 5.23
N SER D 21 32.70 -42.67 5.51
CA SER D 21 33.97 -43.12 4.98
C SER D 21 34.89 -43.52 6.13
N GLU D 22 35.96 -44.26 5.79
CA GLU D 22 36.88 -44.73 6.81
C GLU D 22 37.56 -43.56 7.52
N ASN D 23 37.88 -42.49 6.79
CA ASN D 23 38.40 -41.26 7.35
C ASN D 23 37.36 -40.16 7.21
N GLU D 24 37.48 -39.14 8.07
CA GLU D 24 36.57 -38.01 8.05
C GLU D 24 37.37 -36.73 8.29
N ILE D 25 36.70 -35.59 8.12
CA ILE D 25 37.31 -34.27 8.28
C ILE D 25 36.49 -33.49 9.29
N THR D 26 37.12 -33.08 10.38
CA THR D 26 36.45 -32.29 11.39
C THR D 26 36.39 -30.82 10.99
N ILE D 27 35.23 -30.21 11.15
CA ILE D 27 34.98 -28.83 10.75
C ILE D 27 34.90 -27.98 12.01
N TYR D 28 35.58 -26.83 11.99
CA TYR D 28 35.61 -25.91 13.11
C TYR D 28 35.08 -24.56 12.69
N ALA D 29 34.45 -23.86 13.64
CA ALA D 29 33.94 -22.52 13.40
C ALA D 29 35.11 -21.56 13.23
N PRO D 30 35.23 -20.85 12.09
CA PRO D 30 36.38 -19.95 11.91
C PRO D 30 36.44 -18.82 12.92
N ALA D 31 35.33 -18.43 13.51
CA ALA D 31 35.32 -17.30 14.43
C ALA D 31 35.70 -17.67 15.85
N THR D 32 35.50 -18.94 16.24
CA THR D 32 35.70 -19.37 17.62
C THR D 32 36.51 -20.64 17.78
N GLY D 33 36.74 -21.40 16.71
CA GLY D 33 37.39 -22.69 16.81
C GLY D 33 36.50 -23.80 17.34
N GLU D 34 35.22 -23.52 17.58
CA GLU D 34 34.31 -24.54 18.09
C GLU D 34 34.16 -25.68 17.08
N GLU D 35 34.21 -26.91 17.60
CA GLU D 35 34.02 -28.07 16.76
C GLU D 35 32.55 -28.17 16.35
N LEU D 36 32.29 -28.16 15.04
CA LEU D 36 30.93 -28.19 14.52
C LEU D 36 30.48 -29.58 14.09
N GLY D 37 31.40 -30.47 13.77
CA GLY D 37 31.06 -31.79 13.28
C GLY D 37 32.13 -32.29 12.33
N SER D 38 31.82 -33.42 11.69
CA SER D 38 32.75 -34.06 10.77
CA SER D 38 32.75 -34.06 10.77
C SER D 38 32.02 -34.53 9.53
N VAL D 39 32.72 -34.49 8.41
CA VAL D 39 32.19 -34.97 7.13
C VAL D 39 33.17 -36.02 6.60
N PRO D 40 32.70 -36.91 5.73
CA PRO D 40 33.58 -37.98 5.25
C PRO D 40 34.73 -37.47 4.38
N ALA D 41 35.83 -38.20 4.43
CA ALA D 41 36.99 -37.96 3.56
C ALA D 41 36.97 -39.09 2.52
N MET D 42 36.23 -38.88 1.44
CA MET D 42 36.01 -39.94 0.46
C MET D 42 37.30 -40.33 -0.23
N THR D 43 37.37 -41.61 -0.61
CA THR D 43 38.42 -42.13 -1.46
C THR D 43 37.99 -42.04 -2.92
N GLN D 44 38.95 -42.26 -3.83
CA GLN D 44 38.62 -42.29 -5.25
C GLN D 44 37.66 -43.42 -5.57
N ALA D 45 37.80 -44.57 -4.90
CA ALA D 45 36.88 -45.68 -5.14
C ALA D 45 35.46 -45.32 -4.73
N GLU D 46 35.30 -44.53 -3.67
CA GLU D 46 33.98 -44.08 -3.26
C GLU D 46 33.42 -43.06 -4.24
N VAL D 47 34.28 -42.22 -4.82
CA VAL D 47 33.84 -41.33 -5.89
C VAL D 47 33.32 -42.15 -7.06
N ASP D 48 34.03 -43.22 -7.43
CA ASP D 48 33.57 -44.06 -8.52
C ASP D 48 32.14 -44.54 -8.27
N ALA D 49 31.84 -44.90 -7.02
CA ALA D 49 30.50 -45.40 -6.70
C ALA D 49 29.44 -44.31 -6.87
N VAL D 50 29.76 -43.07 -6.46
CA VAL D 50 28.82 -41.97 -6.67
C VAL D 50 28.51 -41.81 -8.15
N TYR D 51 29.54 -41.75 -8.99
CA TYR D 51 29.35 -41.50 -10.41
C TYR D 51 28.64 -42.67 -11.08
N ALA D 52 28.99 -43.91 -10.71
CA ALA D 52 28.31 -45.07 -11.29
C ALA D 52 26.82 -45.02 -10.97
N SER D 53 26.47 -44.69 -9.72
CA SER D 53 25.06 -44.61 -9.34
CA SER D 53 25.07 -44.62 -9.34
C SER D 53 24.36 -43.49 -10.07
N ALA D 54 25.03 -42.36 -10.27
CA ALA D 54 24.41 -41.24 -10.97
C ALA D 54 24.10 -41.60 -12.41
N LYS D 55 25.07 -42.20 -13.12
CA LYS D 55 24.85 -42.52 -14.53
C LYS D 55 23.77 -43.58 -14.69
N LYS D 56 23.62 -44.47 -13.70
CA LYS D 56 22.55 -45.47 -13.78
C LYS D 56 21.17 -44.84 -13.60
N ALA D 57 21.07 -43.78 -12.80
CA ALA D 57 19.79 -43.13 -12.56
C ALA D 57 19.41 -42.17 -13.67
N LEU D 58 20.34 -41.84 -14.58
CA LEU D 58 20.09 -40.81 -15.58
C LEU D 58 18.93 -41.17 -16.50
N SER D 59 18.86 -42.42 -16.95
CA SER D 59 17.87 -42.80 -17.94
C SER D 59 16.45 -42.56 -17.43
N ASP D 60 16.12 -43.10 -16.26
CA ASP D 60 14.78 -42.94 -15.73
C ASP D 60 14.49 -41.49 -15.33
N TRP D 61 15.52 -40.75 -14.93
CA TRP D 61 15.30 -39.36 -14.51
C TRP D 61 14.98 -38.48 -15.71
N ARG D 62 15.75 -38.61 -16.79
CA ARG D 62 15.54 -37.76 -17.96
C ARG D 62 14.26 -38.10 -18.70
N THR D 63 13.72 -39.30 -18.53
CA THR D 63 12.47 -39.67 -19.18
C THR D 63 11.24 -39.25 -18.40
N LEU D 64 11.40 -38.79 -17.16
CA LEU D 64 10.27 -38.20 -16.45
C LEU D 64 9.83 -36.92 -17.15
N SER D 65 8.58 -36.53 -16.89
CA SER D 65 8.09 -35.27 -17.43
C SER D 65 8.73 -34.09 -16.69
N TYR D 66 8.71 -32.93 -17.33
CA TYR D 66 9.20 -31.72 -16.69
C TYR D 66 8.43 -31.42 -15.41
N VAL D 67 7.12 -31.61 -15.42
CA VAL D 67 6.31 -31.31 -14.24
CA VAL D 67 6.32 -31.30 -14.24
C VAL D 67 6.73 -32.19 -13.08
N GLU D 68 7.04 -33.46 -13.35
CA GLU D 68 7.43 -34.37 -12.27
C GLU D 68 8.76 -33.97 -11.66
N ARG D 69 9.75 -33.62 -12.49
CA ARG D 69 11.03 -33.17 -11.97
C ARG D 69 10.88 -31.86 -11.20
N ALA D 70 10.01 -30.97 -11.68
CA ALA D 70 9.76 -29.72 -10.96
C ALA D 70 9.13 -29.96 -9.60
N ALA D 71 8.27 -30.99 -9.49
CA ALA D 71 7.64 -31.25 -8.20
C ALA D 71 8.69 -31.58 -7.14
N TYR D 72 9.69 -32.39 -7.48
CA TYR D 72 10.73 -32.72 -6.51
C TYR D 72 11.46 -31.45 -6.07
N LEU D 73 11.80 -30.58 -7.02
CA LEU D 73 12.53 -29.37 -6.70
C LEU D 73 11.70 -28.45 -5.79
N HIS D 74 10.42 -28.28 -6.10
CA HIS D 74 9.56 -27.48 -5.24
C HIS D 74 9.50 -28.05 -3.84
N LYS D 75 9.40 -29.38 -3.73
CA LYS D 75 9.36 -30.01 -2.41
C LYS D 75 10.65 -29.74 -1.65
N ALA D 76 11.80 -29.84 -2.32
CA ALA D 76 13.07 -29.57 -1.67
C ALA D 76 13.16 -28.11 -1.22
N ALA D 77 12.67 -27.18 -2.06
CA ALA D 77 12.68 -25.78 -1.67
C ALA D 77 11.82 -25.54 -0.43
N ASP D 78 10.62 -26.14 -0.40
CA ASP D 78 9.75 -26.00 0.77
C ASP D 78 10.44 -26.48 2.04
N ILE D 79 11.20 -27.57 1.94
CA ILE D 79 11.88 -28.11 3.11
C ILE D 79 12.98 -27.16 3.58
N LEU D 80 13.67 -26.51 2.64
CA LEU D 80 14.71 -25.56 3.01
C LEU D 80 14.12 -24.36 3.75
N VAL D 81 12.98 -23.85 3.28
CA VAL D 81 12.33 -22.74 3.97
C VAL D 81 11.91 -23.17 5.37
N ARG D 82 11.41 -24.41 5.50
CA ARG D 82 11.02 -24.91 6.81
C ARG D 82 12.21 -24.94 7.76
N ASP D 83 13.36 -25.41 7.29
CA ASP D 83 14.54 -25.61 8.12
C ASP D 83 15.57 -24.49 7.98
N ALA D 84 15.15 -23.32 7.46
CA ALA D 84 16.11 -22.25 7.21
C ALA D 84 16.84 -21.84 8.48
N GLU D 85 16.12 -21.77 9.60
CA GLU D 85 16.77 -21.37 10.85
C GLU D 85 17.77 -22.43 11.30
N LYS D 86 17.39 -23.71 11.26
CA LYS D 86 18.31 -24.78 11.62
C LYS D 86 19.57 -24.72 10.76
N ILE D 87 19.40 -24.69 9.45
CA ILE D 87 20.55 -24.72 8.54
C ILE D 87 21.36 -23.43 8.66
N GLY D 88 20.68 -22.29 8.70
CA GLY D 88 21.39 -21.02 8.75
C GLY D 88 22.27 -20.89 9.98
N ALA D 89 21.80 -21.43 11.11
CA ALA D 89 22.59 -21.35 12.33
C ALA D 89 23.93 -22.08 12.19
N ILE D 90 23.92 -23.26 11.57
CA ILE D 90 25.15 -24.00 11.37
C ILE D 90 26.00 -23.34 10.30
N LEU D 91 25.37 -22.92 9.20
CA LEU D 91 26.10 -22.23 8.13
C LEU D 91 26.80 -20.99 8.66
N SER D 92 26.13 -20.19 9.48
CA SER D 92 26.75 -19.00 10.06
C SER D 92 28.03 -19.36 10.79
N LYS D 93 28.00 -20.44 11.58
CA LYS D 93 29.20 -20.87 12.30
C LYS D 93 30.24 -21.43 11.35
N GLU D 94 29.80 -22.19 10.34
CA GLU D 94 30.77 -22.95 9.54
C GLU D 94 31.68 -22.02 8.73
N VAL D 95 31.14 -20.92 8.23
CA VAL D 95 31.91 -20.00 7.40
C VAL D 95 31.97 -18.59 7.99
N ALA D 96 31.65 -18.46 9.28
CA ALA D 96 31.75 -17.18 9.97
C ALA D 96 30.97 -16.10 9.23
N LYS D 97 29.75 -16.45 8.81
CA LYS D 97 28.83 -15.51 8.18
C LYS D 97 27.80 -15.08 9.21
N GLY D 98 27.41 -13.81 9.15
CA GLY D 98 26.37 -13.30 10.03
C GLY D 98 25.16 -14.19 10.09
N HIS D 99 24.62 -14.39 11.30
CA HIS D 99 23.50 -15.31 11.49
C HIS D 99 22.35 -14.99 10.55
N LYS D 100 21.89 -13.73 10.56
CA LYS D 100 20.79 -13.35 9.69
C LYS D 100 21.15 -13.54 8.22
N ALA D 101 22.37 -13.17 7.83
CA ALA D 101 22.79 -13.37 6.45
C ALA D 101 22.81 -14.84 6.07
N ALA D 102 23.21 -15.70 7.01
CA ALA D 102 23.24 -17.14 6.72
C ALA D 102 21.84 -17.68 6.50
N VAL D 103 20.89 -17.30 7.36
CA VAL D 103 19.50 -17.71 7.16
C VAL D 103 18.99 -17.19 5.83
N SER D 104 19.34 -15.94 5.50
CA SER D 104 18.92 -15.38 4.22
C SER D 104 19.47 -16.18 3.05
N GLU D 105 20.71 -16.66 3.17
CA GLU D 105 21.28 -17.46 2.09
C GLU D 105 20.44 -18.70 1.82
N VAL D 106 19.99 -19.38 2.88
CA VAL D 106 19.17 -20.57 2.71
C VAL D 106 17.86 -20.20 2.03
N ILE D 107 17.23 -19.11 2.47
CA ILE D 107 15.96 -18.69 1.86
C ILE D 107 16.19 -18.35 0.39
N ARG D 108 17.25 -17.60 0.10
CA ARG D 108 17.56 -17.29 -1.29
C ARG D 108 17.78 -18.55 -2.10
N THR D 109 18.35 -19.60 -1.49
CA THR D 109 18.53 -20.85 -2.20
C THR D 109 17.18 -21.47 -2.58
N ALA D 110 16.24 -21.49 -1.64
CA ALA D 110 14.91 -22.01 -1.94
C ALA D 110 14.25 -21.22 -3.07
N GLU D 111 14.45 -19.90 -3.07
CA GLU D 111 13.88 -19.07 -4.13
C GLU D 111 14.48 -19.42 -5.48
N ILE D 112 15.80 -19.64 -5.53
CA ILE D 112 16.45 -19.99 -6.78
C ILE D 112 16.01 -21.38 -7.24
N ILE D 113 15.83 -22.31 -6.31
CA ILE D 113 15.37 -23.65 -6.67
C ILE D 113 13.96 -23.57 -7.25
N ASN D 114 13.08 -22.83 -6.59
CA ASN D 114 11.72 -22.68 -7.08
C ASN D 114 11.71 -22.03 -8.46
N TYR D 115 12.49 -20.96 -8.62
CA TYR D 115 12.50 -20.25 -9.90
C TYR D 115 13.05 -21.12 -11.02
N ALA D 116 14.12 -21.87 -10.74
CA ALA D 116 14.68 -22.76 -11.76
C ALA D 116 13.69 -23.83 -12.16
N ALA D 117 12.93 -24.36 -11.20
CA ALA D 117 11.97 -25.41 -11.53
C ALA D 117 10.93 -24.90 -12.53
N GLU D 118 10.40 -23.69 -12.32
CA GLU D 118 9.40 -23.16 -13.22
C GLU D 118 10.00 -22.62 -14.51
N GLU D 119 11.24 -22.12 -14.46
CA GLU D 119 11.91 -21.71 -15.68
C GLU D 119 12.17 -22.91 -16.59
N GLY D 120 12.67 -24.00 -16.01
CA GLY D 120 13.07 -25.15 -16.81
C GLY D 120 11.90 -25.92 -17.39
N LEU D 121 10.77 -25.95 -16.70
CA LEU D 121 9.64 -26.73 -17.20
C LEU D 121 9.02 -26.10 -18.44
N ARG D 122 9.28 -24.81 -18.68
CA ARG D 122 8.77 -24.11 -19.84
C ARG D 122 9.75 -24.10 -21.00
N MET D 123 10.82 -24.89 -20.91
N MET D 123 10.82 -24.90 -20.94
CA MET D 123 11.74 -25.11 -22.01
CA MET D 123 11.81 -24.83 -21.99
C MET D 123 10.97 -25.31 -23.31
C MET D 123 11.22 -25.38 -23.29
N GLU D 124 11.37 -24.60 -24.36
CA GLU D 124 10.77 -24.80 -25.66
C GLU D 124 11.85 -25.14 -26.69
N GLY D 125 11.41 -25.79 -27.77
CA GLY D 125 12.26 -26.06 -28.90
C GLY D 125 11.94 -25.17 -30.07
N GLU D 126 12.59 -25.47 -31.20
CA GLU D 126 12.47 -24.67 -32.41
C GLU D 126 12.11 -25.56 -33.59
N VAL D 127 11.39 -24.98 -34.55
CA VAL D 127 11.11 -25.61 -35.83
C VAL D 127 11.71 -24.73 -36.91
N LEU D 128 12.69 -25.25 -37.62
CA LEU D 128 13.42 -24.49 -38.63
C LEU D 128 13.03 -24.95 -40.03
N GLU D 129 13.02 -23.99 -40.96
CA GLU D 129 12.56 -24.21 -42.32
C GLU D 129 13.76 -24.35 -43.24
N GLY D 130 13.84 -25.47 -43.96
CA GLY D 130 14.88 -25.62 -44.96
C GLY D 130 14.77 -24.59 -46.06
N GLY D 131 13.56 -24.14 -46.36
CA GLY D 131 13.36 -23.12 -47.37
C GLY D 131 13.86 -21.75 -46.98
N SER D 132 14.29 -21.58 -45.73
CA SER D 132 14.96 -20.33 -45.35
C SER D 132 16.33 -20.21 -45.99
N PHE D 133 16.96 -21.33 -46.35
CA PHE D 133 18.32 -21.33 -46.87
C PHE D 133 18.41 -21.73 -48.33
N GLU D 134 17.66 -22.74 -48.78
CA GLU D 134 17.68 -23.12 -50.18
C GLU D 134 16.31 -23.61 -50.60
N ALA D 135 15.88 -23.20 -51.81
CA ALA D 135 14.55 -23.50 -52.28
C ALA D 135 14.33 -25.01 -52.41
N ALA D 136 15.37 -25.75 -52.80
CA ALA D 136 15.23 -27.18 -52.99
C ALA D 136 14.93 -27.92 -51.69
N SER D 137 15.19 -27.32 -50.54
CA SER D 137 14.93 -27.95 -49.25
C SER D 137 13.72 -27.36 -48.55
N LYS D 138 12.79 -26.76 -49.28
CA LYS D 138 11.68 -26.07 -48.66
C LYS D 138 10.73 -27.01 -47.93
N LYS D 139 10.68 -28.29 -48.31
CA LYS D 139 9.81 -29.24 -47.62
C LYS D 139 10.50 -29.92 -46.44
N LYS D 140 11.78 -29.61 -46.19
CA LYS D 140 12.55 -30.19 -45.09
C LYS D 140 12.49 -29.27 -43.89
N ILE D 141 12.10 -29.81 -42.73
CA ILE D 141 12.05 -29.04 -41.50
C ILE D 141 12.87 -29.75 -40.43
N ALA D 142 13.34 -28.96 -39.46
CA ALA D 142 14.13 -29.46 -38.34
C ALA D 142 13.35 -29.23 -37.04
N ILE D 143 13.10 -30.30 -36.31
CA ILE D 143 12.44 -30.25 -35.01
C ILE D 143 13.55 -30.27 -33.96
N VAL D 144 13.79 -29.14 -33.30
CA VAL D 144 14.92 -28.98 -32.39
C VAL D 144 14.40 -28.92 -30.96
N ARG D 145 14.75 -29.91 -30.16
CA ARG D 145 14.33 -29.98 -28.76
C ARG D 145 15.55 -30.07 -27.86
N ARG D 146 15.37 -29.66 -26.61
CA ARG D 146 16.47 -29.62 -25.65
C ARG D 146 16.57 -30.94 -24.89
N GLU D 147 17.80 -31.32 -24.58
CA GLU D 147 18.09 -32.53 -23.82
C GLU D 147 19.15 -32.20 -22.78
N PRO D 148 19.24 -33.01 -21.71
CA PRO D 148 20.32 -32.79 -20.73
C PRO D 148 21.67 -33.22 -21.28
N VAL D 149 22.72 -32.70 -20.65
CA VAL D 149 24.07 -33.07 -21.03
C VAL D 149 24.54 -34.36 -20.34
N GLY D 150 23.93 -34.72 -19.22
CA GLY D 150 24.27 -35.95 -18.53
C GLY D 150 24.51 -35.78 -17.05
N LEU D 151 25.75 -36.03 -16.60
CA LEU D 151 26.13 -35.87 -15.21
C LEU D 151 26.85 -34.55 -15.00
N VAL D 152 26.28 -33.71 -14.14
CA VAL D 152 26.86 -32.41 -13.82
C VAL D 152 27.60 -32.52 -12.48
N LEU D 153 28.87 -32.15 -12.47
CA LEU D 153 29.63 -32.01 -11.23
C LEU D 153 29.50 -30.56 -10.78
N ALA D 154 28.85 -30.35 -9.64
CA ALA D 154 28.68 -29.02 -9.07
C ALA D 154 29.62 -28.85 -7.88
N ILE D 155 30.39 -27.77 -7.89
CA ILE D 155 31.36 -27.47 -6.85
C ILE D 155 31.04 -26.09 -6.32
N SER D 156 30.64 -26.01 -5.05
CA SER D 156 30.22 -24.77 -4.44
C SER D 156 31.36 -24.12 -3.66
N PRO D 157 31.28 -22.81 -3.40
CA PRO D 157 32.39 -22.12 -2.71
C PRO D 157 32.14 -21.94 -1.22
N PHE D 158 33.19 -21.58 -0.48
CA PHE D 158 33.04 -21.46 0.97
C PHE D 158 32.14 -20.28 1.35
N ASN D 159 32.14 -19.22 0.55
CA ASN D 159 31.41 -18.01 0.92
C ASN D 159 29.92 -18.10 0.63
N TYR D 160 29.50 -19.02 -0.24
CA TYR D 160 28.08 -19.31 -0.48
C TYR D 160 27.91 -20.80 -0.69
N PRO D 161 28.16 -21.61 0.35
CA PRO D 161 28.18 -23.07 0.14
C PRO D 161 26.82 -23.67 -0.15
N VAL D 162 25.73 -22.99 0.19
CA VAL D 162 24.38 -23.47 -0.08
C VAL D 162 23.79 -22.77 -1.29
N ASN D 163 23.81 -21.44 -1.30
CA ASN D 163 23.20 -20.69 -2.40
C ASN D 163 23.84 -21.02 -3.74
N LEU D 164 25.17 -21.01 -3.80
CA LEU D 164 25.88 -21.32 -5.03
C LEU D 164 26.10 -22.81 -5.21
N ALA D 165 25.47 -23.64 -4.38
CA ALA D 165 25.25 -25.05 -4.69
C ALA D 165 23.88 -25.21 -5.36
N GLY D 166 22.85 -24.61 -4.76
CA GLY D 166 21.52 -24.67 -5.35
C GLY D 166 21.44 -24.00 -6.71
N SER D 167 22.25 -22.95 -6.92
CA SER D 167 22.26 -22.28 -8.22
C SER D 167 22.75 -23.20 -9.32
N LYS D 168 23.42 -24.30 -8.98
CA LYS D 168 23.88 -25.27 -9.95
C LYS D 168 23.01 -26.50 -10.01
N ILE D 169 22.58 -26.99 -8.84
CA ILE D 169 21.83 -28.24 -8.77
C ILE D 169 20.47 -28.09 -9.44
N ALA D 170 19.71 -27.07 -9.06
CA ALA D 170 18.34 -26.95 -9.54
C ALA D 170 18.25 -26.76 -11.04
N PRO D 171 19.00 -25.84 -11.65
CA PRO D 171 18.96 -25.74 -13.13
C PRO D 171 19.34 -27.05 -13.81
N ALA D 172 20.33 -27.76 -13.27
CA ALA D 172 20.75 -29.02 -13.88
C ALA D 172 19.65 -30.08 -13.77
N LEU D 173 19.03 -30.19 -12.60
CA LEU D 173 18.06 -31.27 -12.38
C LEU D 173 16.80 -31.07 -13.20
N ILE D 174 16.29 -29.85 -13.27
CA ILE D 174 15.03 -29.64 -14.01
C ILE D 174 15.19 -30.04 -15.47
N ALA D 175 16.38 -29.83 -16.03
CA ALA D 175 16.67 -30.16 -17.42
C ALA D 175 16.87 -31.65 -17.66
N GLY D 176 16.88 -32.47 -16.61
CA GLY D 176 17.06 -33.89 -16.76
C GLY D 176 18.46 -34.40 -16.50
N ASN D 177 19.37 -33.52 -16.08
CA ASN D 177 20.70 -33.97 -15.69
C ASN D 177 20.64 -34.65 -14.32
N VAL D 178 21.64 -35.49 -14.06
CA VAL D 178 21.92 -35.97 -12.71
C VAL D 178 23.11 -35.18 -12.18
N VAL D 179 23.21 -35.09 -10.86
CA VAL D 179 24.13 -34.16 -10.23
C VAL D 179 24.89 -34.84 -9.10
N ALA D 180 26.16 -34.48 -8.96
CA ALA D 180 26.97 -34.77 -7.78
C ALA D 180 27.48 -33.44 -7.25
N LEU D 181 27.18 -33.15 -5.99
CA LEU D 181 27.61 -31.90 -5.36
C LEU D 181 28.88 -32.15 -4.55
N LYS D 182 29.93 -31.40 -4.88
CA LYS D 182 31.15 -31.37 -4.08
C LYS D 182 31.19 -30.02 -3.36
N PRO D 183 30.78 -29.96 -2.09
CA PRO D 183 30.87 -28.70 -1.35
C PRO D 183 32.32 -28.38 -1.02
N PRO D 184 32.60 -27.16 -0.60
CA PRO D 184 33.92 -26.87 -0.02
C PRO D 184 34.03 -27.55 1.32
N THR D 185 35.26 -27.98 1.67
CA THR D 185 35.44 -28.61 2.98
C THR D 185 34.89 -27.72 4.08
N GLN D 186 35.33 -26.46 4.11
CA GLN D 186 34.75 -25.45 5.01
C GLN D 186 33.43 -25.04 4.39
N GLY D 187 32.36 -25.70 4.82
CA GLY D 187 31.05 -25.53 4.23
C GLY D 187 30.39 -26.85 3.87
N SER D 188 31.12 -27.95 4.07
CA SER D 188 30.58 -29.25 3.70
C SER D 188 29.38 -29.63 4.57
N ILE D 189 29.39 -29.24 5.84
CA ILE D 189 28.24 -29.54 6.69
C ILE D 189 26.99 -28.90 6.10
N SER D 190 27.06 -27.60 5.80
CA SER D 190 25.92 -26.91 5.19
C SER D 190 25.52 -27.57 3.89
N GLY D 191 26.50 -27.90 3.03
CA GLY D 191 26.18 -28.58 1.79
C GLY D 191 25.44 -29.88 2.02
N LEU D 192 25.88 -30.66 3.01
CA LEU D 192 25.21 -31.92 3.30
C LEU D 192 23.84 -31.69 3.93
N LEU D 193 23.66 -30.58 4.65
CA LEU D 193 22.33 -30.22 5.13
C LEU D 193 21.40 -29.90 3.96
N LEU D 194 21.93 -29.24 2.93
CA LEU D 194 21.16 -29.04 1.70
C LEU D 194 20.76 -30.36 1.08
N ALA D 195 21.69 -31.33 1.06
CA ALA D 195 21.39 -32.62 0.46
C ALA D 195 20.28 -33.34 1.21
N GLU D 196 20.25 -33.21 2.55
CA GLU D 196 19.17 -33.83 3.31
C GLU D 196 17.81 -33.33 2.85
N ALA D 197 17.71 -32.04 2.54
CA ALA D 197 16.45 -31.49 2.07
C ALA D 197 16.01 -32.16 0.77
N PHE D 198 16.96 -32.38 -0.15
CA PHE D 198 16.62 -33.06 -1.41
C PHE D 198 16.27 -34.52 -1.16
N ALA D 199 16.98 -35.17 -0.23
CA ALA D 199 16.67 -36.56 0.10
C ALA D 199 15.27 -36.68 0.70
N GLU D 200 14.93 -35.81 1.65
CA GLU D 200 13.61 -35.85 2.25
C GLU D 200 12.52 -35.58 1.22
N ALA D 201 12.81 -34.74 0.22
CA ALA D 201 11.85 -34.46 -0.83
C ALA D 201 11.61 -35.66 -1.73
N GLY D 202 12.35 -36.76 -1.55
CA GLY D 202 12.14 -37.95 -2.34
C GLY D 202 12.90 -38.02 -3.64
N ILE D 203 13.96 -37.24 -3.81
CA ILE D 203 14.75 -37.24 -5.03
C ILE D 203 15.18 -38.69 -5.31
N PRO D 204 14.95 -39.22 -6.50
CA PRO D 204 15.24 -40.64 -6.73
C PRO D 204 16.71 -40.96 -6.47
N ALA D 205 16.94 -42.20 -6.05
CA ALA D 205 18.29 -42.63 -5.70
C ALA D 205 19.24 -42.43 -6.88
N GLY D 206 20.35 -41.75 -6.64
CA GLY D 206 21.36 -41.52 -7.63
C GLY D 206 21.17 -40.26 -8.46
N VAL D 207 19.96 -39.70 -8.50
CA VAL D 207 19.73 -38.50 -9.27
C VAL D 207 20.52 -37.32 -8.70
N PHE D 208 20.63 -37.26 -7.37
CA PHE D 208 21.43 -36.25 -6.69
C PHE D 208 22.27 -36.95 -5.63
N ASN D 209 23.57 -36.66 -5.63
CA ASN D 209 24.52 -37.27 -4.71
C ASN D 209 25.49 -36.19 -4.23
N THR D 210 26.21 -36.50 -3.15
CA THR D 210 27.21 -35.58 -2.61
C THR D 210 28.56 -36.27 -2.53
N ILE D 211 29.61 -35.46 -2.63
CA ILE D 211 31.00 -35.89 -2.49
C ILE D 211 31.69 -34.91 -1.55
N THR D 212 32.36 -35.43 -0.53
CA THR D 212 33.19 -34.64 0.35
C THR D 212 34.54 -35.34 0.49
N GLY D 213 35.58 -34.55 0.72
CA GLY D 213 36.91 -35.13 0.85
C GLY D 213 37.99 -34.10 0.64
N ARG D 214 39.22 -34.59 0.69
CA ARG D 214 40.41 -33.75 0.60
CA ARG D 214 40.41 -33.75 0.60
C ARG D 214 40.87 -33.62 -0.84
N GLY D 215 41.26 -32.40 -1.24
CA GLY D 215 41.77 -32.21 -2.57
C GLY D 215 42.99 -33.06 -2.87
N SER D 216 43.80 -33.33 -1.84
CA SER D 216 44.99 -34.14 -2.01
C SER D 216 44.67 -35.59 -2.34
N VAL D 217 43.41 -36.01 -2.22
CA VAL D 217 43.03 -37.38 -2.51
C VAL D 217 42.13 -37.47 -3.74
N ILE D 218 41.14 -36.58 -3.85
CA ILE D 218 40.16 -36.64 -4.93
C ILE D 218 40.02 -35.34 -5.69
N GLY D 219 40.79 -34.31 -5.37
CA GLY D 219 40.59 -33.01 -5.99
C GLY D 219 40.55 -33.05 -7.50
N ASP D 220 41.65 -33.50 -8.12
CA ASP D 220 41.67 -33.62 -9.57
C ASP D 220 40.81 -34.79 -10.05
N TYR D 221 40.70 -35.84 -9.23
CA TYR D 221 40.03 -37.06 -9.68
C TYR D 221 38.56 -36.81 -10.01
N ILE D 222 37.87 -36.04 -9.18
CA ILE D 222 36.44 -35.82 -9.43
C ILE D 222 36.22 -35.07 -10.73
N VAL D 223 37.20 -34.26 -11.15
CA VAL D 223 37.06 -33.50 -12.39
C VAL D 223 37.49 -34.33 -13.59
N GLU D 224 38.59 -35.09 -13.45
CA GLU D 224 39.10 -35.88 -14.56
C GLU D 224 38.20 -37.05 -14.94
N HIS D 225 37.36 -37.51 -14.02
CA HIS D 225 36.59 -38.72 -14.23
C HIS D 225 35.78 -38.64 -15.52
N GLU D 226 35.82 -39.71 -16.31
CA GLU D 226 35.18 -39.71 -17.61
C GLU D 226 33.66 -39.78 -17.52
N ALA D 227 33.12 -40.20 -16.37
CA ALA D 227 31.68 -40.20 -16.20
C ALA D 227 31.10 -38.79 -16.16
N VAL D 228 31.90 -37.80 -15.79
CA VAL D 228 31.42 -36.42 -15.66
C VAL D 228 31.29 -35.81 -17.05
N ASN D 229 30.12 -35.26 -17.35
CA ASN D 229 29.84 -34.64 -18.63
C ASN D 229 29.88 -33.12 -18.60
N PHE D 230 29.94 -32.52 -17.41
CA PHE D 230 29.80 -31.08 -17.26
C PHE D 230 30.33 -30.72 -15.88
N ILE D 231 31.15 -29.67 -15.79
CA ILE D 231 31.68 -29.20 -14.52
C ILE D 231 31.23 -27.76 -14.31
N ASN D 232 30.54 -27.52 -13.19
CA ASN D 232 29.99 -26.21 -12.83
C ASN D 232 30.65 -25.80 -11.50
N PHE D 233 31.58 -24.86 -11.56
CA PHE D 233 32.49 -24.57 -10.46
C PHE D 233 32.49 -23.10 -10.10
N THR D 234 32.51 -22.82 -8.80
CA THR D 234 32.72 -21.48 -8.27
C THR D 234 33.88 -21.55 -7.29
N GLY D 235 34.87 -20.67 -7.47
CA GLY D 235 36.02 -20.69 -6.58
C GLY D 235 37.12 -19.79 -7.08
N SER D 236 38.36 -20.14 -6.73
CA SER D 236 39.51 -19.32 -7.04
C SER D 236 39.89 -19.46 -8.51
N THR D 237 40.52 -18.41 -9.04
CA THR D 237 40.96 -18.43 -10.44
C THR D 237 41.97 -19.53 -10.70
N PRO D 238 43.01 -19.71 -9.87
CA PRO D 238 43.96 -20.80 -10.15
C PRO D 238 43.30 -22.16 -10.24
N ILE D 239 42.34 -22.45 -9.33
CA ILE D 239 41.65 -23.73 -9.41
C ILE D 239 40.80 -23.79 -10.66
N GLY D 240 40.16 -22.69 -11.03
CA GLY D 240 39.38 -22.65 -12.25
C GLY D 240 40.23 -22.94 -13.49
N GLU D 241 41.44 -22.37 -13.53
CA GLU D 241 42.35 -22.64 -14.64
C GLU D 241 42.64 -24.13 -14.75
N GLY D 242 42.91 -24.78 -13.62
CA GLY D 242 43.18 -26.21 -13.65
C GLY D 242 41.96 -27.02 -14.07
N ILE D 243 40.77 -26.59 -13.66
CA ILE D 243 39.56 -27.30 -14.06
C ILE D 243 39.36 -27.21 -15.57
N GLY D 244 39.65 -26.05 -16.15
CA GLY D 244 39.53 -25.92 -17.59
C GLY D 244 40.42 -26.91 -18.32
N LYS D 245 41.63 -27.12 -17.82
CA LYS D 245 42.54 -28.09 -18.44
C LYS D 245 42.02 -29.51 -18.26
N LEU D 246 41.65 -29.86 -17.03
CA LEU D 246 41.19 -31.22 -16.78
C LEU D 246 39.87 -31.54 -17.50
N ALA D 247 39.09 -30.52 -17.85
CA ALA D 247 37.84 -30.76 -18.54
C ALA D 247 38.07 -31.29 -19.96
N GLY D 248 39.20 -30.96 -20.57
CA GLY D 248 39.44 -31.35 -21.94
C GLY D 248 38.45 -30.67 -22.87
N MET D 249 37.68 -31.47 -23.61
CA MET D 249 36.67 -30.95 -24.51
C MET D 249 35.33 -30.69 -23.83
N ARG D 250 35.15 -31.15 -22.60
CA ARG D 250 33.85 -31.13 -21.97
C ARG D 250 33.46 -29.72 -21.57
N PRO D 251 32.16 -29.40 -21.63
CA PRO D 251 31.72 -28.04 -21.27
C PRO D 251 31.88 -27.78 -19.78
N ILE D 252 32.09 -26.51 -19.45
CA ILE D 252 32.29 -26.09 -18.07
C ILE D 252 31.60 -24.75 -17.84
N MET D 253 31.40 -24.45 -16.56
CA MET D 253 31.02 -23.11 -16.11
C MET D 253 31.94 -22.77 -14.95
N LEU D 254 32.57 -21.60 -15.01
CA LEU D 254 33.52 -21.16 -13.99
C LEU D 254 33.11 -19.78 -13.50
N GLU D 255 33.02 -19.64 -12.18
CA GLU D 255 32.81 -18.36 -11.51
C GLU D 255 34.01 -18.14 -10.63
N LEU D 256 34.88 -17.22 -11.03
CA LEU D 256 36.20 -17.06 -10.42
C LEU D 256 36.31 -15.70 -9.74
N GLY D 257 37.51 -15.14 -9.66
CA GLY D 257 37.74 -13.94 -8.88
C GLY D 257 37.28 -12.67 -9.57
N GLY D 258 37.25 -11.59 -8.77
CA GLY D 258 36.85 -10.29 -9.26
C GLY D 258 37.67 -9.20 -8.63
N LYS D 259 37.70 -8.05 -9.32
CA LYS D 259 38.30 -6.82 -8.81
C LYS D 259 37.44 -5.66 -9.34
N ASP D 260 36.15 -5.70 -9.01
CA ASP D 260 35.19 -4.78 -9.59
C ASP D 260 35.55 -3.33 -9.27
N SER D 261 35.49 -2.49 -10.29
CA SER D 261 35.75 -1.07 -10.14
C SER D 261 34.44 -0.29 -9.97
N ALA D 262 34.51 0.79 -9.19
CA ALA D 262 33.41 1.73 -9.04
C ALA D 262 33.90 3.08 -9.57
N ILE D 263 33.43 3.45 -10.76
CA ILE D 263 33.84 4.69 -11.41
C ILE D 263 32.88 5.79 -10.98
N VAL D 264 33.43 6.85 -10.38
CA VAL D 264 32.65 7.95 -9.85
C VAL D 264 33.01 9.20 -10.64
N LEU D 265 32.04 9.75 -11.35
CA LEU D 265 32.28 10.93 -12.18
C LEU D 265 32.00 12.20 -11.37
N GLU D 266 32.30 13.34 -12.00
CA GLU D 266 32.21 14.62 -11.30
C GLU D 266 30.78 14.99 -10.95
N ASP D 267 29.80 14.53 -11.72
CA ASP D 267 28.40 14.88 -11.48
C ASP D 267 27.66 13.84 -10.64
N ALA D 268 28.38 12.96 -9.96
CA ALA D 268 27.74 11.90 -9.21
C ALA D 268 27.21 12.40 -7.88
N ASP D 269 26.16 11.73 -7.39
CA ASP D 269 25.67 11.91 -6.03
C ASP D 269 26.67 11.22 -5.10
N LEU D 270 27.55 12.01 -4.49
CA LEU D 270 28.67 11.43 -3.73
C LEU D 270 28.19 10.69 -2.49
N ALA D 271 27.15 11.20 -1.83
CA ALA D 271 26.65 10.54 -0.63
C ALA D 271 26.06 9.18 -0.96
N LEU D 272 25.22 9.12 -2.00
CA LEU D 272 24.66 7.83 -2.43
C LEU D 272 25.75 6.88 -2.90
N ALA D 273 26.72 7.39 -3.66
CA ALA D 273 27.79 6.54 -4.13
C ALA D 273 28.55 5.91 -2.98
N ALA D 274 28.85 6.71 -1.96
CA ALA D 274 29.55 6.18 -0.80
C ALA D 274 28.72 5.08 -0.14
N LYS D 275 27.41 5.29 -0.02
CA LYS D 275 26.53 4.27 0.54
C LYS D 275 26.65 2.97 -0.24
N ASN D 276 26.52 3.03 -1.56
CA ASN D 276 26.57 1.81 -2.36
C ASN D 276 27.96 1.20 -2.34
N ILE D 277 29.01 2.02 -2.41
CA ILE D 277 30.37 1.51 -2.42
C ILE D 277 30.68 0.74 -1.14
N VAL D 278 30.27 1.27 0.01
CA VAL D 278 30.59 0.62 1.28
C VAL D 278 29.82 -0.67 1.43
N ALA D 279 28.52 -0.66 1.09
CA ALA D 279 27.73 -1.88 1.21
C ALA D 279 28.30 -2.99 0.32
N GLY D 280 28.69 -2.64 -0.90
CA GLY D 280 29.19 -3.66 -1.81
C GLY D 280 30.58 -4.13 -1.49
N ALA D 281 31.43 -3.22 -0.99
CA ALA D 281 32.83 -3.57 -0.76
C ALA D 281 33.03 -4.39 0.50
N PHE D 282 32.27 -4.10 1.56
CA PHE D 282 32.52 -4.70 2.86
C PHE D 282 31.51 -5.76 3.27
N GLY D 283 30.52 -6.05 2.42
CA GLY D 283 29.62 -7.15 2.70
C GLY D 283 30.38 -8.45 2.92
N TYR D 284 30.02 -9.18 3.98
CA TYR D 284 30.71 -10.43 4.32
C TYR D 284 32.22 -10.22 4.39
N SER D 285 32.62 -9.07 4.92
CA SER D 285 34.02 -8.70 5.11
C SER D 285 34.79 -8.67 3.79
N GLY D 286 34.09 -8.43 2.69
CA GLY D 286 34.73 -8.39 1.40
C GLY D 286 35.07 -9.74 0.81
N GLN D 287 34.56 -10.83 1.40
CA GLN D 287 34.82 -12.18 0.91
C GLN D 287 33.79 -12.55 -0.16
N ARG D 288 33.78 -11.74 -1.22
CA ARG D 288 32.84 -11.92 -2.32
C ARG D 288 33.51 -11.55 -3.63
N SER D 289 33.33 -12.39 -4.66
CA SER D 289 33.89 -12.06 -5.96
CA SER D 289 33.88 -12.07 -5.97
C SER D 289 33.20 -10.86 -6.59
N THR D 290 31.90 -10.71 -6.35
CA THR D 290 31.11 -9.60 -6.90
C THR D 290 30.99 -8.50 -5.84
N ALA D 291 32.11 -7.79 -5.62
CA ALA D 291 32.14 -6.71 -4.65
C ALA D 291 32.94 -5.53 -5.20
N VAL D 292 32.53 -4.32 -4.84
CA VAL D 292 33.36 -3.15 -5.14
C VAL D 292 34.71 -3.35 -4.46
N LYS D 293 35.77 -3.45 -5.27
CA LYS D 293 37.10 -3.69 -4.74
C LYS D 293 38.11 -2.60 -5.09
N ARG D 294 37.71 -1.57 -5.82
CA ARG D 294 38.58 -0.43 -6.11
C ARG D 294 37.71 0.71 -6.60
N VAL D 295 37.93 1.90 -6.06
CA VAL D 295 37.21 3.11 -6.44
C VAL D 295 38.10 3.90 -7.38
N LEU D 296 37.58 4.21 -8.57
CA LEU D 296 38.25 5.07 -9.54
C LEU D 296 37.45 6.36 -9.63
N VAL D 297 37.94 7.42 -8.98
CA VAL D 297 37.17 8.64 -8.79
C VAL D 297 37.89 9.82 -9.43
N MET D 298 37.11 10.67 -10.10
CA MET D 298 37.67 11.90 -10.68
C MET D 298 38.24 12.78 -9.58
N ASP D 299 39.40 13.36 -9.86
CA ASP D 299 40.11 14.11 -8.83
CA ASP D 299 40.12 14.13 -8.83
C ASP D 299 39.22 15.18 -8.20
N LYS D 300 38.40 15.86 -9.00
CA LYS D 300 37.63 16.99 -8.50
C LYS D 300 36.74 16.62 -7.32
N VAL D 301 36.23 15.40 -7.27
CA VAL D 301 35.31 14.98 -6.21
C VAL D 301 35.92 13.94 -5.29
N ALA D 302 37.23 13.69 -5.41
CA ALA D 302 37.82 12.61 -4.64
C ALA D 302 37.85 12.93 -3.15
N ASP D 303 38.21 14.16 -2.78
CA ASP D 303 38.28 14.53 -1.36
C ASP D 303 36.92 14.35 -0.69
N GLN D 304 35.87 14.85 -1.34
CA GLN D 304 34.53 14.78 -0.74
C GLN D 304 34.02 13.33 -0.70
N LEU D 305 34.28 12.56 -1.76
CA LEU D 305 33.87 11.16 -1.77
C LEU D 305 34.56 10.37 -0.68
N ALA D 306 35.88 10.53 -0.54
CA ALA D 306 36.62 9.79 0.49
C ALA D 306 36.05 10.07 1.87
N ALA D 307 35.68 11.34 2.13
CA ALA D 307 35.09 11.68 3.42
C ALA D 307 33.76 10.95 3.62
N GLU D 308 32.95 10.89 2.57
CA GLU D 308 31.65 10.22 2.68
C GLU D 308 31.83 8.72 2.93
N ILE D 309 32.77 8.09 2.23
CA ILE D 309 33.04 6.68 2.45
C ILE D 309 33.60 6.47 3.86
N LYS D 310 34.54 7.33 4.26
CA LYS D 310 35.16 7.22 5.57
C LYS D 310 34.12 7.18 6.68
N THR D 311 33.17 8.09 6.64
CA THR D 311 32.15 8.16 7.71
C THR D 311 31.39 6.85 7.82
N LEU D 312 31.06 6.23 6.68
CA LEU D 312 30.30 4.99 6.71
C LEU D 312 31.14 3.82 7.20
N VAL D 313 32.40 3.75 6.76
CA VAL D 313 33.25 2.63 7.18
C VAL D 313 33.43 2.64 8.69
N GLU D 314 33.58 3.84 9.27
CA GLU D 314 33.76 3.94 10.72
C GLU D 314 32.55 3.43 11.49
N LYS D 315 31.39 3.40 10.85
CA LYS D 315 30.15 2.98 11.50
C LYS D 315 29.83 1.51 11.31
N LEU D 316 30.63 0.79 10.52
CA LEU D 316 30.44 -0.64 10.37
C LEU D 316 30.75 -1.37 11.68
N SER D 317 29.91 -2.34 12.02
CA SER D 317 30.15 -3.16 13.19
C SER D 317 31.18 -4.24 12.87
N VAL D 318 32.05 -4.51 13.85
CA VAL D 318 33.11 -5.50 13.72
C VAL D 318 32.99 -6.45 14.90
N GLY D 319 32.69 -7.71 14.61
CA GLY D 319 32.49 -8.67 15.68
C GLY D 319 32.22 -10.09 15.24
N MET D 320 31.37 -10.81 16.01
CA MET D 320 31.14 -12.23 15.84
C MET D 320 29.93 -12.47 14.93
N PRO D 321 29.90 -13.63 14.27
CA PRO D 321 28.74 -13.95 13.42
C PRO D 321 27.43 -13.99 14.18
N GLU D 322 27.42 -14.54 15.39
CA GLU D 322 26.19 -14.64 16.16
C GLU D 322 25.60 -13.27 16.51
N ASP D 323 26.41 -12.21 16.45
CA ASP D 323 25.94 -10.85 16.72
C ASP D 323 25.57 -10.09 15.46
N ASP D 324 25.57 -10.74 14.30
CA ASP D 324 25.21 -10.11 13.03
C ASP D 324 26.09 -8.89 12.75
N ALA D 325 27.37 -8.99 13.07
CA ALA D 325 28.31 -7.92 12.77
C ALA D 325 28.49 -7.78 11.26
N ASP D 326 28.68 -6.53 10.82
CA ASP D 326 29.00 -6.29 9.42
C ASP D 326 30.29 -7.00 9.04
N ILE D 327 31.34 -6.79 9.81
CA ILE D 327 32.66 -7.35 9.56
C ILE D 327 32.86 -8.50 10.53
N THR D 328 32.97 -9.71 10.01
CA THR D 328 33.20 -10.92 10.78
C THR D 328 34.59 -11.47 10.50
N PRO D 329 35.07 -12.40 11.33
CA PRO D 329 36.42 -12.95 11.11
C PRO D 329 36.53 -13.64 9.76
N LEU D 330 37.70 -13.51 9.15
CA LEU D 330 37.94 -14.10 7.84
C LEU D 330 37.99 -15.63 7.94
N ILE D 331 37.95 -16.27 6.77
CA ILE D 331 37.68 -17.70 6.70
C ILE D 331 38.79 -18.52 7.33
N ASP D 332 40.04 -18.06 7.25
CA ASP D 332 41.14 -18.76 7.92
C ASP D 332 42.31 -17.80 8.08
N THR D 333 43.36 -18.30 8.74
CA THR D 333 44.52 -17.45 9.06
C THR D 333 45.26 -17.04 7.79
N SER D 334 45.43 -17.97 6.86
CA SER D 334 46.11 -17.64 5.60
C SER D 334 45.42 -16.47 4.92
N ALA D 335 44.09 -16.46 4.90
CA ALA D 335 43.35 -15.37 4.26
C ALA D 335 43.63 -14.04 4.94
N ALA D 336 43.66 -14.04 6.27
CA ALA D 336 43.94 -12.80 7.00
C ALA D 336 45.37 -12.33 6.78
N ASP D 337 46.33 -13.27 6.78
CA ASP D 337 47.72 -12.90 6.51
C ASP D 337 47.86 -12.27 5.13
N PHE D 338 47.17 -12.84 4.13
CA PHE D 338 47.24 -12.29 2.78
C PHE D 338 46.71 -10.86 2.75
N VAL D 339 45.58 -10.62 3.43
CA VAL D 339 45.00 -9.28 3.46
C VAL D 339 45.92 -8.32 4.19
N GLU D 340 46.48 -8.74 5.32
CA GLU D 340 47.41 -7.87 6.06
C GLU D 340 48.60 -7.49 5.20
N GLY D 341 49.09 -8.42 4.37
CA GLY D 341 50.19 -8.11 3.48
C GLY D 341 49.86 -7.05 2.46
N LEU D 342 48.65 -7.12 1.89
CA LEU D 342 48.21 -6.09 0.96
C LEU D 342 48.14 -4.73 1.65
N ILE D 343 47.69 -4.72 2.91
CA ILE D 343 47.60 -3.48 3.66
C ILE D 343 48.99 -2.90 3.90
N LYS D 344 49.95 -3.74 4.27
CA LYS D 344 51.30 -3.26 4.53
C LYS D 344 51.95 -2.71 3.27
N ASP D 345 51.75 -3.37 2.13
CA ASP D 345 52.33 -2.89 0.88
C ASP D 345 51.82 -1.48 0.56
N ALA D 346 50.52 -1.26 0.72
CA ALA D 346 49.95 0.06 0.44
C ALA D 346 50.50 1.11 1.39
N THR D 347 50.58 0.78 2.68
CA THR D 347 51.09 1.74 3.65
C THR D 347 52.55 2.08 3.36
N ASP D 348 53.38 1.07 3.11
CA ASP D 348 54.79 1.31 2.87
C ASP D 348 55.03 2.12 1.60
N LYS D 349 54.10 2.10 0.65
CA LYS D 349 54.25 2.83 -0.60
C LYS D 349 53.57 4.19 -0.57
N GLY D 350 53.05 4.61 0.58
CA GLY D 350 52.60 5.98 0.74
C GLY D 350 51.10 6.20 0.70
N ALA D 351 50.30 5.14 0.67
CA ALA D 351 48.86 5.32 0.68
C ALA D 351 48.41 5.89 2.02
N THR D 352 47.35 6.69 1.97
CA THR D 352 46.78 7.31 3.16
C THR D 352 45.71 6.39 3.75
N ALA D 353 45.95 5.90 4.97
CA ALA D 353 44.97 5.05 5.65
C ALA D 353 43.94 5.94 6.33
N LEU D 354 42.72 5.97 5.79
CA LEU D 354 41.66 6.79 6.36
C LEU D 354 40.97 6.12 7.54
N THR D 355 41.06 4.79 7.66
CA THR D 355 40.57 4.06 8.81
C THR D 355 41.67 3.14 9.31
N ALA D 356 41.64 2.83 10.60
CA ALA D 356 42.75 2.17 11.25
C ALA D 356 42.72 0.66 11.01
N PHE D 357 43.92 0.08 10.84
CA PHE D 357 44.06 -1.36 10.71
C PHE D 357 44.17 -2.01 12.09
N ASN D 358 43.36 -3.04 12.31
CA ASN D 358 43.49 -3.87 13.50
C ASN D 358 43.13 -5.31 13.15
N ARG D 359 43.80 -6.24 13.81
CA ARG D 359 43.56 -7.66 13.58
C ARG D 359 43.45 -8.33 14.94
N GLU D 360 42.29 -8.92 15.21
CA GLU D 360 42.02 -9.72 16.40
C GLU D 360 41.83 -11.14 15.92
N GLY D 361 42.81 -11.99 16.16
CA GLY D 361 42.78 -13.30 15.55
C GLY D 361 42.80 -13.13 14.04
N ASN D 362 41.72 -13.54 13.38
CA ASN D 362 41.52 -13.33 11.96
C ASN D 362 40.43 -12.30 11.69
N LEU D 363 40.05 -11.54 12.70
CA LEU D 363 39.07 -10.46 12.57
C LEU D 363 39.81 -9.17 12.26
N ILE D 364 39.76 -8.75 10.99
CA ILE D 364 40.43 -7.54 10.54
C ILE D 364 39.41 -6.42 10.43
N SER D 365 39.75 -5.26 11.00
CA SER D 365 38.88 -4.10 10.91
CA SER D 365 38.89 -4.10 10.91
C SER D 365 38.87 -3.57 9.47
N PRO D 366 37.78 -2.91 9.06
CA PRO D 366 37.71 -2.41 7.68
C PRO D 366 38.66 -1.24 7.46
N VAL D 367 39.55 -1.39 6.48
CA VAL D 367 40.61 -0.43 6.22
C VAL D 367 40.31 0.27 4.89
N LEU D 368 40.21 1.59 4.95
CA LEU D 368 39.99 2.42 3.77
C LEU D 368 41.27 3.17 3.45
N PHE D 369 41.76 2.99 2.22
CA PHE D 369 42.95 3.68 1.74
C PHE D 369 42.59 4.69 0.65
N ASP D 370 43.19 5.88 0.73
CA ASP D 370 43.09 6.90 -0.29
C ASP D 370 44.49 7.10 -0.88
N HIS D 371 44.52 7.74 -2.05
CA HIS D 371 45.77 7.99 -2.77
C HIS D 371 46.51 6.69 -3.10
N VAL D 372 45.75 5.67 -3.49
CA VAL D 372 46.34 4.42 -3.94
C VAL D 372 46.82 4.58 -5.38
N THR D 373 48.00 4.05 -5.67
CA THR D 373 48.62 4.14 -6.98
C THR D 373 48.74 2.75 -7.60
N THR D 374 48.94 2.73 -8.92
CA THR D 374 48.93 1.48 -9.67
C THR D 374 50.15 0.60 -9.38
N ASP D 375 51.17 1.12 -8.70
CA ASP D 375 52.29 0.29 -8.29
C ASP D 375 52.03 -0.46 -6.99
N MET D 376 50.87 -0.23 -6.35
CA MET D 376 50.52 -0.92 -5.12
C MET D 376 49.75 -2.19 -5.44
N ARG D 377 50.09 -3.27 -4.71
CA ARG D 377 49.40 -4.54 -4.93
C ARG D 377 47.90 -4.40 -4.71
N LEU D 378 47.49 -3.55 -3.77
CA LEU D 378 46.07 -3.39 -3.46
C LEU D 378 45.28 -2.84 -4.63
N ALA D 379 45.94 -2.25 -5.62
CA ALA D 379 45.22 -1.74 -6.78
C ALA D 379 44.74 -2.85 -7.70
N TRP D 380 45.29 -4.05 -7.58
CA TRP D 380 45.01 -5.09 -8.56
C TRP D 380 44.60 -6.43 -7.95
N GLU D 381 45.26 -6.88 -6.90
CA GLU D 381 45.03 -8.22 -6.37
C GLU D 381 43.73 -8.28 -5.58
N GLU D 382 42.98 -9.37 -5.76
CA GLU D 382 41.73 -9.57 -5.04
C GLU D 382 42.04 -9.89 -3.58
N PRO D 383 41.68 -9.03 -2.62
CA PRO D 383 42.05 -9.33 -1.23
C PRO D 383 41.20 -10.42 -0.60
N PHE D 384 39.90 -10.43 -0.87
CA PHE D 384 38.96 -11.24 -0.09
C PHE D 384 39.10 -10.89 1.40
N GLY D 385 39.08 -9.58 1.67
CA GLY D 385 39.14 -9.06 3.01
C GLY D 385 38.62 -7.64 3.04
N PRO D 386 38.42 -7.10 4.23
CA PRO D 386 37.77 -5.76 4.36
C PRO D 386 38.74 -4.61 4.19
N VAL D 387 39.20 -4.43 2.95
CA VAL D 387 40.12 -3.34 2.60
C VAL D 387 39.73 -2.81 1.23
N LEU D 388 39.62 -1.49 1.11
CA LEU D 388 39.14 -0.85 -0.11
C LEU D 388 40.10 0.27 -0.51
N PRO D 389 40.64 0.25 -1.72
CA PRO D 389 41.46 1.37 -2.19
C PRO D 389 40.68 2.39 -2.99
N ILE D 390 41.09 3.65 -2.85
CA ILE D 390 40.59 4.76 -3.65
C ILE D 390 41.71 5.22 -4.56
N ILE D 391 41.48 5.16 -5.87
CA ILE D 391 42.46 5.54 -6.89
C ILE D 391 41.92 6.78 -7.60
N ARG D 392 42.71 7.86 -7.57
CA ARG D 392 42.29 9.11 -8.19
C ARG D 392 42.74 9.15 -9.64
N VAL D 393 41.83 9.59 -10.51
CA VAL D 393 42.09 9.69 -11.94
C VAL D 393 41.73 11.10 -12.39
N THR D 394 42.29 11.49 -13.53
CA THR D 394 42.09 12.82 -14.08
CA THR D 394 42.09 12.82 -14.08
C THR D 394 41.10 12.86 -15.24
N THR D 395 40.89 11.73 -15.92
CA THR D 395 39.95 11.67 -17.03
C THR D 395 39.18 10.36 -16.96
N VAL D 396 38.01 10.34 -17.58
CA VAL D 396 37.24 9.11 -17.67
C VAL D 396 37.98 8.08 -18.52
N GLU D 397 38.74 8.54 -19.51
CA GLU D 397 39.54 7.62 -20.31
C GLU D 397 40.55 6.88 -19.45
N GLU D 398 41.16 7.58 -18.48
CA GLU D 398 42.09 6.93 -17.57
C GLU D 398 41.38 5.90 -16.70
N ALA D 399 40.17 6.22 -16.23
CA ALA D 399 39.41 5.27 -15.44
C ALA D 399 39.13 3.99 -16.23
N ILE D 400 38.73 4.14 -17.50
CA ILE D 400 38.48 2.97 -18.33
C ILE D 400 39.76 2.15 -18.51
N LYS D 401 40.87 2.83 -18.80
CA LYS D 401 42.13 2.12 -19.02
C LYS D 401 42.56 1.36 -17.76
N ILE D 402 42.57 2.04 -16.62
CA ILE D 402 42.96 1.37 -15.38
C ILE D 402 42.01 0.22 -15.08
N SER D 403 40.72 0.42 -15.30
CA SER D 403 39.75 -0.63 -15.04
C SER D 403 40.05 -1.86 -15.91
N ASN D 404 40.31 -1.63 -17.21
CA ASN D 404 40.51 -2.73 -18.14
C ASN D 404 41.90 -3.36 -18.03
N GLU D 405 42.87 -2.70 -17.39
CA GLU D 405 44.17 -3.30 -17.20
C GLU D 405 44.12 -4.50 -16.26
N SER D 406 43.08 -4.64 -15.46
CA SER D 406 42.95 -5.77 -14.56
C SER D 406 42.76 -7.07 -15.35
N GLU D 407 43.32 -8.15 -14.81
CA GLU D 407 43.03 -9.46 -15.38
C GLU D 407 41.60 -9.90 -15.10
N TYR D 408 40.94 -9.29 -14.11
CA TYR D 408 39.56 -9.62 -13.78
C TYR D 408 38.58 -8.72 -14.51
N GLY D 409 37.38 -9.25 -14.76
CA GLY D 409 36.35 -8.50 -15.43
C GLY D 409 34.96 -9.02 -15.12
N LEU D 410 34.61 -9.03 -13.84
CA LEU D 410 33.31 -9.56 -13.43
C LEU D 410 32.23 -8.49 -13.60
N GLN D 411 32.28 -7.44 -12.78
CA GLN D 411 31.30 -6.37 -12.87
C GLN D 411 31.98 -5.03 -12.62
N ALA D 412 31.21 -3.96 -12.80
CA ALA D 412 31.67 -2.61 -12.54
C ALA D 412 30.45 -1.75 -12.20
N SER D 413 30.70 -0.69 -11.44
CA SER D 413 29.69 0.31 -11.11
C SER D 413 30.09 1.65 -11.71
N ILE D 414 29.11 2.40 -12.19
CA ILE D 414 29.32 3.76 -12.66
C ILE D 414 28.34 4.66 -11.91
N PHE D 415 28.88 5.66 -11.21
CA PHE D 415 28.08 6.63 -10.47
C PHE D 415 28.18 7.97 -11.18
N THR D 416 27.05 8.44 -11.70
CA THR D 416 26.97 9.64 -12.52
C THR D 416 25.50 9.93 -12.75
N THR D 417 25.21 11.17 -13.14
CA THR D 417 23.87 11.57 -13.54
C THR D 417 23.70 11.58 -15.06
N ASN D 418 24.77 11.34 -15.82
CA ASN D 418 24.72 11.35 -17.28
C ASN D 418 24.70 9.89 -17.74
N PHE D 419 23.50 9.37 -17.97
CA PHE D 419 23.33 7.96 -18.30
C PHE D 419 23.76 7.65 -19.72
N PRO D 420 23.42 8.49 -20.71
CA PRO D 420 23.96 8.25 -22.06
C PRO D 420 25.48 8.09 -22.04
N LYS D 421 26.18 8.94 -21.28
CA LYS D 421 27.62 8.77 -21.13
C LYS D 421 27.95 7.48 -20.38
N ALA D 422 27.16 7.14 -19.36
CA ALA D 422 27.40 5.91 -18.61
C ALA D 422 27.31 4.69 -19.52
N PHE D 423 26.32 4.67 -20.42
CA PHE D 423 26.19 3.57 -21.37
C PHE D 423 27.41 3.48 -22.27
N GLY D 424 27.90 4.63 -22.73
CA GLY D 424 29.09 4.63 -23.56
C GLY D 424 30.29 4.07 -22.83
N ILE D 425 30.42 4.42 -21.54
CA ILE D 425 31.50 3.88 -20.73
C ILE D 425 31.32 2.37 -20.56
N ALA D 426 30.10 1.92 -20.28
CA ALA D 426 29.85 0.49 -20.06
C ALA D 426 30.26 -0.33 -21.27
N GLU D 427 30.03 0.18 -22.48
CA GLU D 427 30.41 -0.54 -23.68
C GLU D 427 31.92 -0.79 -23.71
N GLN D 428 32.71 0.13 -23.15
CA GLN D 428 34.16 0.03 -23.18
C GLN D 428 34.72 -0.79 -22.02
N LEU D 429 33.94 -1.04 -20.98
CA LEU D 429 34.43 -1.78 -19.83
C LEU D 429 34.40 -3.28 -20.12
N GLU D 430 35.53 -3.95 -19.87
CA GLU D 430 35.67 -5.38 -20.12
C GLU D 430 35.16 -6.17 -18.91
N VAL D 431 33.83 -6.18 -18.78
CA VAL D 431 33.16 -6.86 -17.67
C VAL D 431 31.88 -7.51 -18.20
N GLY D 432 31.28 -8.35 -17.35
CA GLY D 432 30.03 -8.99 -17.68
C GLY D 432 28.82 -8.09 -17.44
N THR D 433 28.82 -7.36 -16.34
CA THR D 433 27.67 -6.55 -15.94
C THR D 433 28.14 -5.20 -15.38
N VAL D 434 27.42 -4.14 -15.76
CA VAL D 434 27.68 -2.80 -15.25
C VAL D 434 26.43 -2.30 -14.56
N HIS D 435 26.57 -1.94 -13.28
CA HIS D 435 25.46 -1.38 -12.51
C HIS D 435 25.62 0.13 -12.47
N LEU D 436 24.53 0.84 -12.79
CA LEU D 436 24.53 2.30 -12.83
C LEU D 436 23.98 2.84 -11.52
N ASN D 437 24.78 3.66 -10.84
CA ASN D 437 24.40 4.28 -9.56
C ASN D 437 23.97 3.22 -8.55
N ASN D 438 24.68 2.10 -8.54
CA ASN D 438 24.36 1.01 -7.61
C ASN D 438 25.60 0.13 -7.47
N LYS D 439 25.66 -0.58 -6.35
CA LYS D 439 26.76 -1.53 -6.13
C LYS D 439 26.68 -2.68 -7.13
N THR D 440 27.83 -3.29 -7.39
CA THR D 440 27.84 -4.53 -8.15
C THR D 440 27.17 -5.63 -7.34
N GLN D 441 26.50 -6.55 -8.04
CA GLN D 441 25.77 -7.59 -7.36
C GLN D 441 25.38 -8.67 -8.37
N ARG D 442 25.22 -9.89 -7.87
CA ARG D 442 24.82 -11.00 -8.74
C ARG D 442 23.34 -10.93 -9.10
N GLY D 443 22.51 -10.42 -8.19
CA GLY D 443 21.07 -10.45 -8.39
C GLY D 443 20.57 -9.37 -9.33
N THR D 444 19.28 -9.45 -9.65
CA THR D 444 18.41 -10.55 -9.24
C THR D 444 18.79 -11.82 -10.01
N ASP D 445 18.49 -12.98 -9.42
CA ASP D 445 19.02 -14.23 -9.93
C ASP D 445 18.47 -14.61 -11.30
N ASN D 446 17.46 -13.88 -11.80
CA ASN D 446 17.05 -14.08 -13.19
C ASN D 446 17.94 -13.33 -14.17
N PHE D 447 18.66 -12.31 -13.71
CA PHE D 447 19.55 -11.57 -14.57
C PHE D 447 20.77 -12.42 -14.94
N PRO D 448 21.41 -12.15 -16.08
CA PRO D 448 22.65 -12.86 -16.41
C PRO D 448 23.77 -12.52 -15.43
N PHE D 449 24.58 -13.52 -15.13
CA PHE D 449 25.76 -13.35 -14.28
C PHE D 449 26.93 -14.02 -14.99
N LEU D 450 27.93 -13.23 -15.36
CA LEU D 450 29.08 -13.73 -16.08
C LEU D 450 30.27 -12.82 -15.83
N GLY D 451 31.46 -13.37 -16.05
CA GLY D 451 32.69 -12.60 -15.92
C GLY D 451 33.53 -12.73 -17.16
N ALA D 452 34.15 -11.62 -17.56
CA ALA D 452 35.05 -11.60 -18.69
C ALA D 452 36.48 -11.89 -18.22
N LYS D 453 37.34 -12.20 -19.19
CA LYS D 453 38.77 -12.42 -18.94
C LYS D 453 38.91 -13.51 -17.89
N LYS D 454 39.68 -13.31 -16.82
CA LYS D 454 39.94 -14.36 -15.85
C LYS D 454 38.85 -14.51 -14.80
N SER D 455 37.73 -13.81 -14.95
CA SER D 455 36.68 -13.82 -13.93
C SER D 455 35.70 -14.98 -14.08
N GLY D 456 35.76 -15.74 -15.16
CA GLY D 456 34.93 -16.92 -15.29
C GLY D 456 34.76 -17.35 -16.73
N ALA D 457 33.85 -18.32 -16.90
CA ALA D 457 33.51 -18.86 -18.21
C ALA D 457 32.05 -19.28 -18.17
N GLY D 458 31.32 -18.96 -19.23
CA GLY D 458 29.90 -19.24 -19.29
C GLY D 458 29.08 -18.15 -18.62
N VAL D 459 27.77 -18.23 -18.83
CA VAL D 459 26.82 -17.23 -18.35
C VAL D 459 25.83 -17.91 -17.42
N GLN D 460 25.71 -17.38 -16.20
CA GLN D 460 24.76 -17.89 -15.22
C GLN D 460 23.61 -16.90 -15.06
N GLY D 461 22.91 -17.00 -13.95
CA GLY D 461 21.51 -16.62 -13.94
C GLY D 461 20.63 -17.77 -14.39
N VAL D 462 19.43 -17.83 -13.82
CA VAL D 462 18.67 -19.08 -13.84
C VAL D 462 18.53 -19.60 -15.27
N LYS D 463 17.85 -18.85 -16.13
CA LYS D 463 17.58 -19.36 -17.46
C LYS D 463 18.88 -19.62 -18.23
N TYR D 464 19.91 -18.82 -17.99
CA TYR D 464 21.18 -19.03 -18.68
C TYR D 464 21.86 -20.30 -18.18
N SER D 465 21.76 -20.57 -16.88
CA SER D 465 22.31 -21.81 -16.33
C SER D 465 21.64 -23.02 -16.96
N ILE D 466 20.32 -22.99 -17.11
CA ILE D 466 19.59 -24.10 -17.71
C ILE D 466 20.06 -24.31 -19.15
N GLU D 467 20.18 -23.21 -19.91
CA GLU D 467 20.65 -23.31 -21.28
C GLU D 467 22.05 -23.90 -21.35
N ALA D 468 22.95 -23.48 -20.45
CA ALA D 468 24.32 -23.95 -20.50
C ALA D 468 24.39 -25.46 -20.27
N MET D 469 23.58 -25.97 -19.35
CA MET D 469 23.60 -27.39 -18.99
C MET D 469 22.59 -28.21 -19.78
N THR D 470 22.23 -27.75 -20.97
CA THR D 470 21.46 -28.56 -21.91
C THR D 470 22.16 -28.52 -23.26
N THR D 471 21.84 -29.52 -24.09
CA THR D 471 22.19 -29.55 -25.50
C THR D 471 20.89 -29.67 -26.29
N VAL D 472 21.00 -29.79 -27.61
CA VAL D 472 19.82 -29.91 -28.45
C VAL D 472 19.90 -31.21 -29.25
N LYS D 473 18.72 -31.73 -29.59
CA LYS D 473 18.57 -32.91 -30.44
C LYS D 473 17.67 -32.50 -31.59
N SER D 474 18.20 -32.57 -32.81
CA SER D 474 17.48 -32.16 -34.01
C SER D 474 16.98 -33.40 -34.73
N VAL D 475 15.70 -33.40 -35.08
CA VAL D 475 15.08 -34.45 -35.89
C VAL D 475 14.62 -33.77 -37.18
N VAL D 476 15.10 -34.27 -38.31
CA VAL D 476 14.88 -33.64 -39.61
C VAL D 476 14.13 -34.61 -40.51
N PHE D 477 13.08 -34.11 -41.17
CA PHE D 477 12.33 -34.94 -42.12
C PHE D 477 11.72 -34.06 -43.20
N ASP D 478 11.32 -34.70 -44.29
CA ASP D 478 10.73 -34.03 -45.44
C ASP D 478 9.22 -34.21 -45.43
N ILE D 479 8.49 -33.10 -45.56
CA ILE D 479 7.04 -33.16 -45.68
C ILE D 479 6.67 -33.65 -47.08
N GLN D 480 5.64 -34.48 -47.15
CA GLN D 480 5.23 -35.06 -48.42
C GLN D 480 3.75 -34.81 -48.72
N ALA E 2 2.03 -31.84 20.94
CA ALA E 2 3.39 -31.43 21.24
C ALA E 2 4.05 -30.78 20.01
N LYS E 3 3.81 -29.49 19.85
CA LYS E 3 4.28 -28.72 18.72
C LYS E 3 5.53 -27.91 19.04
N GLN E 4 6.32 -27.67 18.01
CA GLN E 4 7.45 -26.75 18.07
C GLN E 4 6.90 -25.39 17.64
N TYR E 5 6.76 -24.47 18.58
CA TYR E 5 6.13 -23.20 18.27
C TYR E 5 7.18 -22.20 17.80
N LYS E 6 6.70 -21.14 17.15
CA LYS E 6 7.59 -20.18 16.51
C LYS E 6 7.19 -18.77 16.92
N ASN E 7 8.14 -17.86 16.80
CA ASN E 7 7.89 -16.45 17.07
C ASN E 7 7.42 -15.75 15.80
N LEU E 8 6.52 -14.78 15.98
CA LEU E 8 6.08 -13.91 14.89
C LEU E 8 7.09 -12.77 14.78
N VAL E 9 7.81 -12.71 13.67
CA VAL E 9 8.84 -11.70 13.45
C VAL E 9 8.70 -11.17 12.03
N ASN E 10 8.31 -9.91 11.90
CA ASN E 10 8.22 -9.23 10.62
C ASN E 10 7.36 -10.03 9.63
N GLY E 11 6.21 -10.49 10.10
CA GLY E 11 5.26 -11.17 9.26
C GLY E 11 5.59 -12.61 8.92
N GLU E 12 6.63 -13.19 9.52
CA GLU E 12 7.01 -14.57 9.25
CA GLU E 12 7.00 -14.57 9.25
C GLU E 12 7.21 -15.30 10.57
N TRP E 13 6.89 -16.59 10.58
CA TRP E 13 7.06 -17.43 11.76
C TRP E 13 8.46 -18.03 11.75
N LYS E 14 9.22 -17.76 12.81
CA LYS E 14 10.64 -18.07 12.85
C LYS E 14 10.97 -18.93 14.06
N LEU E 15 11.70 -20.02 13.81
CA LEU E 15 12.31 -20.79 14.87
C LEU E 15 13.68 -20.20 15.24
N SER E 16 14.24 -20.68 16.34
CA SER E 16 15.59 -20.34 16.75
C SER E 16 16.43 -21.61 16.82
N GLU E 17 17.74 -21.42 16.91
CA GLU E 17 18.64 -22.56 16.97
C GLU E 17 18.35 -23.43 18.19
N ASN E 18 18.11 -22.79 19.33
CA ASN E 18 17.76 -23.46 20.58
C ASN E 18 16.31 -23.19 20.92
N GLU E 19 15.74 -24.09 21.72
CA GLU E 19 14.35 -23.97 22.12
C GLU E 19 14.21 -24.38 23.58
N ILE E 20 13.02 -24.13 24.13
CA ILE E 20 12.70 -24.41 25.52
C ILE E 20 11.46 -25.29 25.53
N THR E 21 11.57 -26.49 26.10
CA THR E 21 10.42 -27.38 26.20
C THR E 21 9.56 -26.97 27.39
N ILE E 22 8.24 -26.96 27.17
CA ILE E 22 7.28 -26.52 28.16
CA ILE E 22 7.27 -26.51 28.16
C ILE E 22 6.46 -27.72 28.60
N TYR E 23 6.29 -27.88 29.92
CA TYR E 23 5.55 -28.98 30.50
C TYR E 23 4.38 -28.46 31.32
N ALA E 24 3.31 -29.25 31.35
CA ALA E 24 2.13 -28.92 32.14
C ALA E 24 2.43 -29.01 33.64
N PRO E 25 2.25 -27.93 34.41
CA PRO E 25 2.62 -28.00 35.83
C PRO E 25 1.81 -29.02 36.64
N ALA E 26 0.60 -29.35 36.21
CA ALA E 26 -0.26 -30.24 36.98
C ALA E 26 0.00 -31.72 36.70
N THR E 27 0.54 -32.05 35.52
CA THR E 27 0.70 -33.45 35.13
C THR E 27 2.09 -33.77 34.59
N GLY E 28 2.91 -32.78 34.27
CA GLY E 28 4.19 -33.03 33.63
C GLY E 28 4.10 -33.33 32.16
N GLU E 29 2.91 -33.26 31.56
CA GLU E 29 2.75 -33.53 30.14
C GLU E 29 3.56 -32.54 29.32
N GLU E 30 4.27 -33.06 28.31
CA GLU E 30 5.01 -32.21 27.39
C GLU E 30 4.02 -31.53 26.46
N LEU E 31 4.02 -30.19 26.45
CA LEU E 31 3.08 -29.42 25.65
C LEU E 31 3.68 -28.92 24.34
N GLY E 32 4.99 -28.81 24.26
CA GLY E 32 5.64 -28.28 23.07
C GLY E 32 6.91 -27.57 23.46
N SER E 33 7.39 -26.73 22.55
CA SER E 33 8.62 -25.98 22.76
C SER E 33 8.47 -24.59 22.16
N VAL E 34 9.26 -23.66 22.68
CA VAL E 34 9.30 -22.29 22.14
C VAL E 34 10.75 -21.92 21.91
N PRO E 35 11.01 -20.97 21.02
CA PRO E 35 12.40 -20.61 20.72
C PRO E 35 13.10 -19.94 21.90
N ALA E 36 14.42 -20.15 21.96
CA ALA E 36 15.29 -19.48 22.92
C ALA E 36 16.07 -18.42 22.14
N MET E 37 15.50 -17.24 22.01
CA MET E 37 16.09 -16.23 21.13
C MET E 37 17.44 -15.76 21.63
N THR E 38 18.29 -15.37 20.68
CA THR E 38 19.56 -14.74 20.97
C THR E 38 19.38 -13.22 21.01
N GLN E 39 20.41 -12.52 21.49
CA GLN E 39 20.37 -11.06 21.49
C GLN E 39 20.29 -10.51 20.08
N ALA E 40 20.96 -11.17 19.13
CA ALA E 40 20.89 -10.70 17.74
C ALA E 40 19.48 -10.86 17.18
N GLU E 41 18.77 -11.91 17.56
CA GLU E 41 17.41 -12.10 17.08
C GLU E 41 16.46 -11.07 17.70
N VAL E 42 16.70 -10.68 18.95
CA VAL E 42 15.93 -9.60 19.54
C VAL E 42 16.15 -8.31 18.75
N ASP E 43 17.41 -8.04 18.38
CA ASP E 43 17.71 -6.86 17.57
C ASP E 43 16.90 -6.86 16.28
N ALA E 44 16.78 -8.03 15.65
CA ALA E 44 16.05 -8.12 14.39
C ALA E 44 14.57 -7.82 14.60
N VAL E 45 13.99 -8.32 15.69
CA VAL E 45 12.59 -8.01 15.99
C VAL E 45 12.41 -6.51 16.11
N TYR E 46 13.27 -5.85 16.90
CA TYR E 46 13.12 -4.42 17.13
C TYR E 46 13.37 -3.64 15.84
N ALA E 47 14.36 -4.06 15.05
CA ALA E 47 14.61 -3.40 13.78
C ALA E 47 13.40 -3.50 12.86
N SER E 48 12.81 -4.71 12.77
CA SER E 48 11.62 -4.88 11.94
C SER E 48 10.48 -4.01 12.44
N ALA E 49 10.30 -3.92 13.75
CA ALA E 49 9.19 -3.14 14.30
C ALA E 49 9.35 -1.66 13.98
N LYS E 50 10.54 -1.10 14.22
CA LYS E 50 10.75 0.32 13.97
C LYS E 50 10.63 0.63 12.49
N LYS E 51 10.94 -0.33 11.61
CA LYS E 51 10.78 -0.07 10.18
C LYS E 51 9.30 -0.02 9.81
N ALA E 52 8.47 -0.82 10.48
CA ALA E 52 7.05 -0.84 10.18
C ALA E 52 6.28 0.30 10.82
N LEU E 53 6.89 1.03 11.76
CA LEU E 53 6.17 2.03 12.53
C LEU E 53 5.60 3.12 11.63
N SER E 54 6.39 3.57 10.65
CA SER E 54 5.96 4.72 9.82
C SER E 54 4.66 4.42 9.09
N ASP E 55 4.61 3.32 8.34
CA ASP E 55 3.40 2.98 7.60
C ASP E 55 2.25 2.63 8.52
N TRP E 56 2.54 2.09 9.70
CA TRP E 56 1.46 1.73 10.63
C TRP E 56 0.83 2.97 11.25
N ARG E 57 1.64 3.93 11.68
CA ARG E 57 1.11 5.12 12.33
CA ARG E 57 1.09 5.11 12.33
C ARG E 57 0.43 6.06 11.34
N THR E 58 0.77 5.99 10.06
CA THR E 58 0.13 6.82 9.05
C THR E 58 -1.20 6.25 8.57
N LEU E 59 -1.52 5.01 8.93
CA LEU E 59 -2.84 4.48 8.66
C LEU E 59 -3.90 5.24 9.45
N SER E 60 -5.15 5.14 9.00
CA SER E 60 -6.25 5.73 9.74
C SER E 60 -6.56 4.92 10.99
N TYR E 61 -7.21 5.58 11.95
CA TYR E 61 -7.63 4.87 13.15
C TYR E 61 -8.55 3.71 12.82
N VAL E 62 -9.48 3.90 11.87
CA VAL E 62 -10.44 2.85 11.59
C VAL E 62 -9.77 1.64 10.98
N GLU E 63 -8.69 1.85 10.21
CA GLU E 63 -7.96 0.72 9.65
C GLU E 63 -7.25 -0.07 10.73
N ARG E 64 -6.61 0.61 11.67
CA ARG E 64 -5.96 -0.10 12.78
C ARG E 64 -7.00 -0.78 13.65
N ALA E 65 -8.16 -0.14 13.84
CA ALA E 65 -9.23 -0.75 14.61
C ALA E 65 -9.76 -2.01 13.92
N ALA E 66 -9.80 -2.00 12.58
CA ALA E 66 -10.31 -3.16 11.85
C ALA E 66 -9.46 -4.40 12.12
N TYR E 67 -8.14 -4.24 12.15
CA TYR E 67 -7.27 -5.38 12.43
C TYR E 67 -7.54 -5.95 13.83
N LEU E 68 -7.70 -5.08 14.82
CA LEU E 68 -7.92 -5.53 16.18
C LEU E 68 -9.23 -6.30 16.31
N HIS E 69 -10.30 -5.80 15.68
CA HIS E 69 -11.59 -6.49 15.75
C HIS E 69 -11.48 -7.87 15.13
N LYS E 70 -10.77 -7.99 14.01
CA LYS E 70 -10.60 -9.30 13.38
C LYS E 70 -9.85 -10.26 14.28
N ALA E 71 -8.76 -9.80 14.92
CA ALA E 71 -8.03 -10.68 15.83
C ALA E 71 -8.92 -11.11 16.98
N ALA E 72 -9.75 -10.20 17.49
CA ALA E 72 -10.68 -10.55 18.55
C ALA E 72 -11.69 -11.59 18.09
N ASP E 73 -12.24 -11.42 16.88
CA ASP E 73 -13.17 -12.40 16.34
C ASP E 73 -12.52 -13.78 16.26
N ILE E 74 -11.26 -13.83 15.84
CA ILE E 74 -10.57 -15.11 15.70
C ILE E 74 -10.34 -15.73 17.07
N LEU E 75 -10.04 -14.90 18.08
CA LEU E 75 -9.85 -15.42 19.43
C LEU E 75 -11.14 -16.04 19.96
N VAL E 76 -12.28 -15.41 19.72
CA VAL E 76 -13.55 -15.99 20.15
C VAL E 76 -13.80 -17.30 19.42
N ARG E 77 -13.45 -17.35 18.14
CA ARG E 77 -13.64 -18.58 17.37
C ARG E 77 -12.85 -19.74 17.96
N ASP E 78 -11.60 -19.49 18.33
CA ASP E 78 -10.70 -20.53 18.81
C ASP E 78 -10.61 -20.57 20.33
N ALA E 79 -11.60 -20.02 21.04
CA ALA E 79 -11.52 -19.92 22.50
C ALA E 79 -11.33 -21.29 23.14
N GLU E 80 -12.04 -22.31 22.66
CA GLU E 80 -11.90 -23.64 23.22
C GLU E 80 -10.50 -24.20 22.95
N LYS E 81 -10.04 -24.08 21.69
CA LYS E 81 -8.71 -24.58 21.35
C LYS E 81 -7.64 -23.93 22.22
N ILE E 82 -7.64 -22.59 22.29
CA ILE E 82 -6.60 -21.89 23.03
C ILE E 82 -6.73 -22.16 24.52
N GLY E 83 -7.96 -22.10 25.04
CA GLY E 83 -8.15 -22.29 26.46
C GLY E 83 -7.70 -23.66 26.94
N ALA E 84 -7.89 -24.68 26.10
CA ALA E 84 -7.48 -26.03 26.48
C ALA E 84 -5.98 -26.11 26.71
N ILE E 85 -5.20 -25.48 25.83
CA ILE E 85 -3.75 -25.48 25.99
C ILE E 85 -3.36 -24.55 27.13
N LEU E 86 -3.97 -23.37 27.21
CA LEU E 86 -3.70 -22.46 28.31
C LEU E 86 -3.95 -23.12 29.66
N SER E 87 -5.05 -23.86 29.78
CA SER E 87 -5.35 -24.56 31.03
C SER E 87 -4.19 -25.47 31.42
N LYS E 88 -3.64 -26.21 30.47
CA LYS E 88 -2.52 -27.09 30.77
C LYS E 88 -1.26 -26.32 31.12
N GLU E 89 -0.99 -25.23 30.39
CA GLU E 89 0.31 -24.58 30.48
C GLU E 89 0.53 -23.95 31.85
N VAL E 90 -0.52 -23.38 32.44
CA VAL E 90 -0.39 -22.69 33.72
C VAL E 90 -1.28 -23.30 34.80
N ALA E 91 -1.74 -24.52 34.59
CA ALA E 91 -2.53 -25.24 35.59
C ALA E 91 -3.73 -24.42 36.04
N LYS E 92 -4.40 -23.80 35.07
CA LYS E 92 -5.62 -23.05 35.32
C LYS E 92 -6.83 -23.90 34.94
N GLY E 93 -7.90 -23.76 35.72
CA GLY E 93 -9.13 -24.48 35.44
C GLY E 93 -9.52 -24.35 33.98
N HIS E 94 -9.97 -25.46 33.39
CA HIS E 94 -10.27 -25.47 31.95
C HIS E 94 -11.24 -24.35 31.59
N LYS E 95 -12.39 -24.29 32.28
CA LYS E 95 -13.37 -23.26 31.98
C LYS E 95 -12.81 -21.86 32.23
N ALA E 96 -12.07 -21.69 33.32
CA ALA E 96 -11.49 -20.38 33.60
C ALA E 96 -10.53 -19.95 32.50
N ALA E 97 -9.80 -20.92 31.92
CA ALA E 97 -8.88 -20.61 30.84
C ALA E 97 -9.62 -20.14 29.59
N VAL E 98 -10.71 -20.84 29.24
CA VAL E 98 -11.53 -20.40 28.12
C VAL E 98 -12.10 -19.01 28.37
N SER E 99 -12.55 -18.76 29.60
CA SER E 99 -13.08 -17.43 29.93
C SER E 99 -12.02 -16.35 29.76
N GLU E 100 -10.76 -16.68 30.10
CA GLU E 100 -9.69 -15.71 29.91
C GLU E 100 -9.56 -15.32 28.44
N VAL E 101 -9.67 -16.31 27.55
CA VAL E 101 -9.57 -16.01 26.12
C VAL E 101 -10.72 -15.10 25.69
N ILE E 102 -11.93 -15.41 26.15
CA ILE E 102 -13.09 -14.59 25.78
C ILE E 102 -12.93 -13.16 26.32
N ARG E 103 -12.51 -13.04 27.58
CA ARG E 103 -12.28 -11.71 28.15
C ARG E 103 -11.23 -10.95 27.38
N THR E 104 -10.20 -11.66 26.88
CA THR E 104 -9.16 -11.00 26.10
C THR E 104 -9.74 -10.39 24.83
N ALA E 105 -10.61 -11.14 24.14
CA ALA E 105 -11.25 -10.60 22.95
C ALA E 105 -12.09 -9.38 23.28
N GLU E 106 -12.81 -9.42 24.41
CA GLU E 106 -13.63 -8.27 24.79
C GLU E 106 -12.78 -7.04 25.04
N ILE E 107 -11.59 -7.23 25.62
CA ILE E 107 -10.70 -6.10 25.87
C ILE E 107 -10.13 -5.57 24.55
N ILE E 108 -9.83 -6.46 23.62
CA ILE E 108 -9.28 -6.02 22.34
C ILE E 108 -10.31 -5.19 21.57
N ASN E 109 -11.55 -5.68 21.52
CA ASN E 109 -12.61 -4.94 20.84
C ASN E 109 -12.82 -3.58 21.51
N TYR E 110 -12.90 -3.57 22.85
CA TYR E 110 -13.15 -2.32 23.56
C TYR E 110 -12.02 -1.32 23.34
N ALA E 111 -10.77 -1.80 23.37
CA ALA E 111 -9.64 -0.91 23.13
C ALA E 111 -9.70 -0.34 21.72
N ALA E 112 -10.10 -1.16 20.74
CA ALA E 112 -10.15 -0.70 19.36
C ALA E 112 -11.11 0.47 19.20
N GLU E 113 -12.30 0.37 19.78
CA GLU E 113 -13.29 1.44 19.67
C GLU E 113 -12.97 2.61 20.57
N GLU E 114 -12.34 2.35 21.72
CA GLU E 114 -11.89 3.44 22.58
C GLU E 114 -10.81 4.26 21.89
N GLY E 115 -9.82 3.59 21.30
CA GLY E 115 -8.69 4.29 20.73
C GLY E 115 -9.01 5.04 19.46
N LEU E 116 -9.94 4.53 18.65
CA LEU E 116 -10.21 5.19 17.39
C LEU E 116 -10.96 6.51 17.57
N ARG E 117 -11.44 6.79 18.78
CA ARG E 117 -12.04 8.08 19.11
C ARG E 117 -11.05 9.06 19.73
N MET E 118 -9.75 8.79 19.55
CA MET E 118 -8.72 9.70 20.04
C MET E 118 -9.01 11.12 19.58
N GLU E 119 -9.06 12.05 20.54
CA GLU E 119 -9.24 13.45 20.22
C GLU E 119 -8.09 14.28 20.74
N GLY E 120 -7.88 15.43 20.10
CA GLY E 120 -6.94 16.42 20.57
C GLY E 120 -7.65 17.63 21.16
N GLU E 121 -6.85 18.65 21.48
CA GLU E 121 -7.35 19.87 22.09
C GLU E 121 -6.80 21.08 21.37
N VAL E 122 -7.58 22.16 21.40
CA VAL E 122 -7.16 23.46 20.88
C VAL E 122 -7.11 24.43 22.04
N LEU E 123 -5.93 24.98 22.33
CA LEU E 123 -5.70 25.86 23.45
C LEU E 123 -5.49 27.30 22.96
N GLU E 124 -5.97 28.24 23.77
CA GLU E 124 -5.97 29.65 23.41
C GLU E 124 -4.83 30.38 24.11
N GLY E 125 -3.98 31.05 23.33
CA GLY E 125 -2.96 31.88 23.94
C GLY E 125 -3.54 33.02 24.74
N GLY E 126 -4.71 33.51 24.35
CA GLY E 126 -5.38 34.57 25.08
C GLY E 126 -5.92 34.15 26.42
N SER E 127 -5.87 32.86 26.76
CA SER E 127 -6.18 32.42 28.10
C SER E 127 -5.13 32.84 29.11
N PHE E 128 -3.90 33.09 28.66
CA PHE E 128 -2.78 33.40 29.55
C PHE E 128 -2.25 34.82 29.41
N GLU E 129 -2.15 35.35 28.19
CA GLU E 129 -1.71 36.72 28.01
C GLU E 129 -2.42 37.32 26.79
N ALA E 130 -2.85 38.58 26.94
CA ALA E 130 -3.62 39.23 25.89
C ALA E 130 -2.82 39.35 24.60
N ALA E 131 -1.51 39.56 24.70
CA ALA E 131 -0.68 39.75 23.52
C ALA E 131 -0.63 38.50 22.64
N SER E 132 -0.99 37.33 23.17
CA SER E 132 -0.94 36.10 22.41
C SER E 132 -2.34 35.61 22.04
N LYS E 133 -3.32 36.50 22.00
CA LYS E 133 -4.70 36.05 21.81
C LYS E 133 -4.93 35.45 20.43
N LYS E 134 -4.13 35.80 19.43
CA LYS E 134 -4.24 35.24 18.10
C LYS E 134 -3.42 33.96 17.94
N LYS E 135 -2.69 33.54 18.97
CA LYS E 135 -1.87 32.33 18.94
C LYS E 135 -2.66 31.18 19.54
N ILE E 136 -2.76 30.08 18.80
CA ILE E 136 -3.45 28.88 19.27
C ILE E 136 -2.51 27.68 19.14
N ALA E 137 -2.78 26.68 19.97
CA ALA E 137 -2.01 25.44 19.99
C ALA E 137 -2.93 24.28 19.59
N ILE E 138 -2.58 23.59 18.51
CA ILE E 138 -3.30 22.41 18.04
C ILE E 138 -2.56 21.20 18.57
N VAL E 139 -3.15 20.53 19.56
CA VAL E 139 -2.50 19.45 20.29
C VAL E 139 -3.16 18.13 19.90
N ARG E 140 -2.40 17.26 19.25
CA ARG E 140 -2.89 15.97 18.80
C ARG E 140 -2.05 14.84 19.39
N ARG E 141 -2.66 13.65 19.43
CA ARG E 141 -2.03 12.49 20.03
C ARG E 141 -1.20 11.72 19.00
N GLU E 142 -0.07 11.19 19.45
CA GLU E 142 0.82 10.37 18.65
C GLU E 142 1.24 9.17 19.47
N PRO E 143 1.66 8.08 18.82
CA PRO E 143 2.20 6.95 19.57
C PRO E 143 3.57 7.28 20.13
N VAL E 144 3.99 6.51 21.13
CA VAL E 144 5.32 6.69 21.69
C VAL E 144 6.37 5.96 20.86
N GLY E 145 5.97 4.97 20.07
CA GLY E 145 6.89 4.27 19.21
C GLY E 145 6.80 2.77 19.33
N LEU E 146 7.86 2.15 19.83
CA LEU E 146 7.91 0.71 20.03
C LEU E 146 7.58 0.41 21.49
N VAL E 147 6.53 -0.38 21.71
CA VAL E 147 6.12 -0.80 23.04
C VAL E 147 6.59 -2.22 23.27
N LEU E 148 7.32 -2.44 24.36
CA LEU E 148 7.68 -3.78 24.82
C LEU E 148 6.64 -4.24 25.83
N ALA E 149 5.87 -5.27 25.49
CA ALA E 149 4.86 -5.82 26.36
C ALA E 149 5.35 -7.13 26.96
N ILE E 150 5.27 -7.24 28.29
CA ILE E 150 5.70 -8.43 29.03
C ILE E 150 4.54 -8.89 29.88
N SER E 151 4.03 -10.08 29.60
CA SER E 151 2.86 -10.62 30.28
C SER E 151 3.27 -11.58 31.39
N PRO E 152 2.36 -11.85 32.34
CA PRO E 152 2.68 -12.73 33.47
C PRO E 152 2.19 -14.17 33.25
N PHE E 153 2.65 -15.09 34.11
CA PHE E 153 2.28 -16.49 33.92
C PHE E 153 0.80 -16.75 34.22
N ASN E 154 0.21 -16.00 35.15
CA ASN E 154 -1.13 -16.33 35.61
C ASN E 154 -2.22 -15.85 34.68
N TYR E 155 -1.94 -14.89 33.81
CA TYR E 155 -2.87 -14.46 32.77
C TYR E 155 -2.07 -14.16 31.51
N PRO E 156 -1.48 -15.20 30.90
CA PRO E 156 -0.55 -14.97 29.79
C PRO E 156 -1.21 -14.45 28.52
N VAL E 157 -2.52 -14.62 28.36
CA VAL E 157 -3.24 -14.11 27.22
C VAL E 157 -3.97 -12.82 27.54
N ASN E 158 -4.73 -12.81 28.64
CA ASN E 158 -5.49 -11.61 29.00
C ASN E 158 -4.57 -10.42 29.23
N LEU E 159 -3.50 -10.61 30.01
CA LEU E 159 -2.58 -9.52 30.31
C LEU E 159 -1.50 -9.35 29.24
N ALA E 160 -1.64 -10.04 28.11
CA ALA E 160 -0.93 -9.65 26.89
C ALA E 160 -1.82 -8.74 26.03
N GLY E 161 -3.07 -9.14 25.81
CA GLY E 161 -3.97 -8.32 25.03
C GLY E 161 -4.26 -6.97 25.65
N SER E 162 -4.31 -6.91 26.99
CA SER E 162 -4.56 -5.65 27.68
C SER E 162 -3.45 -4.63 27.42
N LYS E 163 -2.30 -5.08 26.91
CA LYS E 163 -1.20 -4.21 26.53
C LYS E 163 -1.11 -4.01 25.03
N ILE E 164 -1.30 -5.09 24.26
CA ILE E 164 -1.11 -5.04 22.82
C ILE E 164 -2.17 -4.15 22.17
N ALA E 165 -3.44 -4.39 22.49
CA ALA E 165 -4.51 -3.68 21.78
C ALA E 165 -4.48 -2.18 22.04
N PRO E 166 -4.40 -1.71 23.29
CA PRO E 166 -4.29 -0.26 23.50
C PRO E 166 -3.09 0.35 22.77
N ALA E 167 -1.97 -0.37 22.74
CA ALA E 167 -0.79 0.15 22.08
C ALA E 167 -1.00 0.22 20.57
N LEU E 168 -1.56 -0.83 19.97
CA LEU E 168 -1.66 -0.89 18.51
C LEU E 168 -2.65 0.13 17.96
N ILE E 169 -3.81 0.28 18.62
CA ILE E 169 -4.82 1.21 18.12
C ILE E 169 -4.26 2.62 18.07
N ALA E 170 -3.37 2.97 19.00
CA ALA E 170 -2.79 4.29 19.06
C ALA E 170 -1.69 4.50 18.01
N GLY E 171 -1.33 3.47 17.26
CA GLY E 171 -0.31 3.58 16.24
C GLY E 171 1.07 3.11 16.64
N ASN E 172 1.22 2.57 17.85
CA ASN E 172 2.48 1.98 18.25
C ASN E 172 2.68 0.62 17.57
N VAL E 173 3.94 0.21 17.48
CA VAL E 173 4.30 -1.16 17.14
C VAL E 173 4.65 -1.86 18.44
N VAL E 174 4.54 -3.19 18.45
CA VAL E 174 4.59 -3.93 19.70
C VAL E 174 5.48 -5.17 19.55
N ALA E 175 6.22 -5.48 20.62
CA ALA E 175 6.90 -6.75 20.78
C ALA E 175 6.41 -7.37 22.08
N LEU E 176 5.86 -8.58 22.00
CA LEU E 176 5.35 -9.29 23.17
C LEU E 176 6.41 -10.27 23.66
N LYS E 177 6.82 -10.12 24.91
CA LYS E 177 7.66 -11.09 25.61
C LYS E 177 6.78 -11.83 26.60
N PRO E 178 6.23 -12.99 26.25
CA PRO E 178 5.44 -13.76 27.21
C PRO E 178 6.34 -14.37 28.26
N PRO E 179 5.77 -14.86 29.36
CA PRO E 179 6.55 -15.68 30.29
C PRO E 179 6.87 -17.01 29.64
N THR E 180 8.04 -17.55 29.99
CA THR E 180 8.42 -18.86 29.46
C THR E 180 7.31 -19.87 29.73
N GLN E 181 6.88 -19.96 30.99
CA GLN E 181 5.69 -20.75 31.34
C GLN E 181 4.47 -19.90 30.97
N GLY E 182 3.97 -20.11 29.76
CA GLY E 182 2.91 -19.29 29.22
C GLY E 182 3.23 -18.79 27.82
N SER E 183 4.43 -19.10 27.33
CA SER E 183 4.83 -18.62 26.01
C SER E 183 4.00 -19.27 24.92
N ILE E 184 3.61 -20.54 25.08
CA ILE E 184 2.76 -21.18 24.09
C ILE E 184 1.45 -20.43 23.97
N SER E 185 0.81 -20.13 25.12
CA SER E 185 -0.42 -19.35 25.09
C SER E 185 -0.19 -17.98 24.46
N GLY E 186 0.98 -17.38 24.74
CA GLY E 186 1.28 -16.10 24.12
C GLY E 186 1.43 -16.19 22.62
N LEU E 187 2.09 -17.25 22.14
CA LEU E 187 2.24 -17.43 20.70
C LEU E 187 0.93 -17.83 20.03
N LEU E 188 0.05 -18.52 20.76
CA LEU E 188 -1.28 -18.79 20.22
C LEU E 188 -2.07 -17.49 20.04
N LEU E 189 -1.93 -16.56 21.00
CA LEU E 189 -2.53 -15.24 20.82
C LEU E 189 -1.95 -14.55 19.61
N ALA E 190 -0.64 -14.67 19.40
CA ALA E 190 -0.01 -14.03 18.25
C ALA E 190 -0.53 -14.61 16.94
N GLU E 191 -0.82 -15.91 16.93
CA GLU E 191 -1.37 -16.55 15.73
C GLU E 191 -2.68 -15.88 15.32
N ALA E 192 -3.50 -15.48 16.29
CA ALA E 192 -4.74 -14.79 15.98
C ALA E 192 -4.48 -13.46 15.29
N PHE E 193 -3.49 -12.70 15.78
CA PHE E 193 -3.17 -11.43 15.15
C PHE E 193 -2.57 -11.63 13.76
N ALA E 194 -1.76 -12.67 13.59
CA ALA E 194 -1.20 -12.96 12.28
C ALA E 194 -2.30 -13.28 11.27
N GLU E 195 -3.25 -14.14 11.65
CA GLU E 195 -4.33 -14.48 10.74
C GLU E 195 -5.19 -13.27 10.41
N ALA E 196 -5.30 -12.32 11.36
CA ALA E 196 -6.05 -11.10 11.09
C ALA E 196 -5.37 -10.20 10.08
N GLY E 197 -4.14 -10.52 9.68
CA GLY E 197 -3.44 -9.75 8.68
C GLY E 197 -2.62 -8.59 9.18
N ILE E 198 -2.27 -8.56 10.47
CA ILE E 198 -1.50 -7.46 11.06
C ILE E 198 -0.23 -7.28 10.23
N PRO E 199 0.05 -6.06 9.76
CA PRO E 199 1.20 -5.88 8.85
C PRO E 199 2.51 -6.33 9.47
N ALA E 200 3.41 -6.78 8.60
CA ALA E 200 4.69 -7.32 9.04
C ALA E 200 5.44 -6.30 9.90
N GLY E 201 5.86 -6.75 11.09
CA GLY E 201 6.62 -5.93 12.00
C GLY E 201 5.80 -5.11 12.95
N VAL E 202 4.52 -4.90 12.67
CA VAL E 202 3.69 -4.10 13.57
C VAL E 202 3.54 -4.80 14.92
N PHE E 203 3.42 -6.14 14.90
CA PHE E 203 3.34 -6.94 16.11
C PHE E 203 4.28 -8.13 15.98
N ASN E 204 5.11 -8.34 17.00
CA ASN E 204 6.09 -9.42 17.00
C ASN E 204 6.14 -10.03 18.40
N THR E 205 6.76 -11.21 18.49
CA THR E 205 6.92 -11.91 19.75
C THR E 205 8.41 -12.21 20.00
N ILE E 206 8.76 -12.28 21.29
CA ILE E 206 10.09 -12.66 21.74
C ILE E 206 9.92 -13.71 22.82
N THR E 207 10.64 -14.82 22.70
CA THR E 207 10.63 -15.85 23.72
C THR E 207 12.04 -16.22 24.15
N GLY E 208 12.16 -16.58 25.40
CA GLY E 208 13.42 -16.94 26.03
C GLY E 208 13.30 -16.76 27.52
N ARG E 209 14.20 -17.44 28.25
CA ARG E 209 14.18 -17.31 29.70
C ARG E 209 14.51 -15.88 30.10
N GLY E 210 13.59 -15.24 30.82
CA GLY E 210 13.82 -13.88 31.27
C GLY E 210 15.16 -13.70 31.95
N SER E 211 15.66 -14.74 32.60
CA SER E 211 16.96 -14.70 33.26
C SER E 211 18.12 -14.62 32.28
N VAL E 212 17.89 -14.78 30.98
CA VAL E 212 18.96 -14.79 29.99
C VAL E 212 18.91 -13.55 29.09
N ILE E 213 17.72 -13.13 28.67
CA ILE E 213 17.56 -11.99 27.78
C ILE E 213 16.69 -10.91 28.40
N GLY E 214 16.20 -11.13 29.62
CA GLY E 214 15.32 -10.17 30.26
C GLY E 214 15.86 -8.77 30.26
N ASP E 215 17.09 -8.60 30.79
CA ASP E 215 17.66 -7.26 30.87
C ASP E 215 17.93 -6.70 29.48
N TYR E 216 18.34 -7.56 28.54
CA TYR E 216 18.69 -7.07 27.22
C TYR E 216 17.48 -6.49 26.49
N ILE E 217 16.35 -7.19 26.55
CA ILE E 217 15.17 -6.72 25.82
C ILE E 217 14.66 -5.41 26.41
N VAL E 218 14.92 -5.19 27.70
CA VAL E 218 14.41 -3.98 28.36
C VAL E 218 15.35 -2.81 28.13
N GLU E 219 16.66 -3.04 28.27
CA GLU E 219 17.63 -1.96 28.13
C GLU E 219 17.76 -1.47 26.70
N HIS E 220 17.35 -2.28 25.72
CA HIS E 220 17.57 -1.95 24.31
C HIS E 220 17.03 -0.56 24.00
N GLU E 221 17.83 0.24 23.30
CA GLU E 221 17.46 1.62 23.04
C GLU E 221 16.34 1.74 22.01
N ALA E 222 16.06 0.69 21.23
CA ALA E 222 14.97 0.77 20.28
C ALA E 222 13.62 0.85 20.98
N VAL E 223 13.53 0.35 22.20
CA VAL E 223 12.27 0.32 22.94
C VAL E 223 11.98 1.71 23.49
N ASN E 224 10.77 2.19 23.24
CA ASN E 224 10.34 3.51 23.71
C ASN E 224 9.43 3.43 24.93
N PHE E 225 8.95 2.24 25.27
CA PHE E 225 7.94 2.09 26.32
C PHE E 225 7.93 0.63 26.74
N ILE E 226 7.93 0.39 28.05
CA ILE E 226 7.91 -0.95 28.61
C ILE E 226 6.64 -1.09 29.44
N ASN E 227 5.82 -2.08 29.09
CA ASN E 227 4.54 -2.35 29.74
C ASN E 227 4.63 -3.74 30.34
N PHE E 228 4.79 -3.82 31.67
CA PHE E 228 5.19 -5.05 32.34
C PHE E 228 4.24 -5.40 33.47
N THR E 229 3.93 -6.69 33.56
CA THR E 229 3.20 -7.24 34.70
C THR E 229 3.98 -8.43 35.24
N GLY E 230 4.26 -8.42 36.54
CA GLY E 230 5.02 -9.51 37.14
C GLY E 230 5.40 -9.20 38.57
N SER E 231 6.51 -9.78 39.00
CA SER E 231 6.92 -9.66 40.39
C SER E 231 7.48 -8.27 40.66
N THR E 232 7.39 -7.85 41.92
CA THR E 232 7.90 -6.53 42.30
C THR E 232 9.40 -6.42 42.11
N PRO E 233 10.23 -7.39 42.50
CA PRO E 233 11.69 -7.22 42.30
C PRO E 233 12.09 -6.99 40.85
N ILE E 234 11.54 -7.75 39.89
CA ILE E 234 11.89 -7.53 38.49
C ILE E 234 11.34 -6.20 38.01
N GLY E 235 10.13 -5.83 38.46
CA GLY E 235 9.60 -4.52 38.09
C GLY E 235 10.51 -3.41 38.57
N GLU E 236 11.03 -3.53 39.80
CA GLU E 236 12.03 -2.59 40.29
C GLU E 236 13.21 -2.51 39.33
N GLY E 237 13.70 -3.68 38.89
CA GLY E 237 14.81 -3.67 37.94
C GLY E 237 14.45 -3.08 36.61
N ILE E 238 13.21 -3.32 36.15
CA ILE E 238 12.77 -2.74 34.89
C ILE E 238 12.71 -1.22 35.00
N GLY E 239 12.24 -0.71 36.14
CA GLY E 239 12.23 0.73 36.35
C GLY E 239 13.60 1.34 36.23
N LYS E 240 14.61 0.66 36.76
CA LYS E 240 15.98 1.17 36.69
C LYS E 240 16.49 1.13 35.26
N LEU E 241 16.34 -0.03 34.60
CA LEU E 241 16.82 -0.18 33.23
C LEU E 241 16.07 0.71 32.25
N ALA E 242 14.84 1.13 32.59
CA ALA E 242 14.09 2.00 31.69
C ALA E 242 14.72 3.38 31.61
N GLY E 243 15.42 3.80 32.66
CA GLY E 243 16.00 5.13 32.71
C GLY E 243 14.96 6.22 32.70
N MET E 244 14.99 7.06 31.66
CA MET E 244 14.00 8.12 31.50
C MET E 244 12.78 7.68 30.72
N ARG E 245 12.82 6.52 30.09
CA ARG E 245 11.74 6.09 29.22
C ARG E 245 10.49 5.78 30.04
N PRO E 246 9.31 6.04 29.48
CA PRO E 246 8.07 5.76 30.22
C PRO E 246 7.84 4.27 30.38
N ILE E 247 7.19 3.91 31.49
CA ILE E 247 6.91 2.52 31.81
C ILE E 247 5.52 2.42 32.44
N MET E 248 4.99 1.21 32.44
CA MET E 248 3.81 0.85 33.21
C MET E 248 4.12 -0.46 33.91
N LEU E 249 3.89 -0.51 35.22
CA LEU E 249 4.21 -1.68 36.02
C LEU E 249 2.98 -2.11 36.81
N GLU E 250 2.65 -3.38 36.73
CA GLU E 250 1.61 -4.01 37.54
C GLU E 250 2.29 -5.11 38.33
N LEU E 251 2.52 -4.88 39.62
CA LEU E 251 3.39 -5.71 40.42
C LEU E 251 2.57 -6.44 41.48
N GLY E 252 3.18 -6.73 42.63
CA GLY E 252 2.53 -7.57 43.61
C GLY E 252 1.44 -6.82 44.37
N GLY E 253 0.63 -7.61 45.08
CA GLY E 253 -0.42 -7.06 45.89
C GLY E 253 -0.57 -7.85 47.18
N LYS E 254 -1.13 -7.17 48.17
CA LYS E 254 -1.48 -7.77 49.45
C LYS E 254 -2.79 -7.11 49.90
N ASP E 255 -3.80 -7.21 49.05
CA ASP E 255 -5.04 -6.46 49.28
C ASP E 255 -5.65 -6.83 50.62
N SER E 256 -6.03 -5.82 51.38
CA SER E 256 -6.67 -6.02 52.67
C SER E 256 -8.18 -5.92 52.52
N ALA E 257 -8.89 -6.75 53.27
CA ALA E 257 -10.35 -6.71 53.35
C ALA E 257 -10.70 -6.27 54.77
N ILE E 258 -11.13 -5.01 54.91
CA ILE E 258 -11.46 -4.44 56.20
C ILE E 258 -12.95 -4.69 56.46
N VAL E 259 -13.25 -5.39 57.56
CA VAL E 259 -14.61 -5.76 57.92
C VAL E 259 -14.96 -5.05 59.23
N LEU E 260 -15.93 -4.15 59.17
CA LEU E 260 -16.32 -3.37 60.32
C LEU E 260 -17.44 -4.06 61.10
N GLU E 261 -17.80 -3.48 62.25
CA GLU E 261 -18.75 -4.14 63.14
C GLU E 261 -20.14 -4.21 62.53
N ASP E 262 -20.49 -3.25 61.67
CA ASP E 262 -21.82 -3.21 61.06
C ASP E 262 -21.85 -3.90 59.70
N ALA E 263 -20.84 -4.71 59.40
CA ALA E 263 -20.74 -5.35 58.10
C ALA E 263 -21.67 -6.56 58.00
N ASP E 264 -22.10 -6.85 56.79
CA ASP E 264 -22.77 -8.11 56.49
C ASP E 264 -21.72 -9.21 56.48
N LEU E 265 -21.61 -9.96 57.58
CA LEU E 265 -20.51 -10.90 57.70
C LEU E 265 -20.63 -12.02 56.66
N ALA E 266 -21.87 -12.46 56.38
CA ALA E 266 -22.06 -13.48 55.36
C ALA E 266 -21.59 -12.98 54.00
N LEU E 267 -21.99 -11.76 53.62
CA LEU E 267 -21.54 -11.18 52.36
C LEU E 267 -20.02 -11.03 52.36
N ALA E 268 -19.45 -10.58 53.47
CA ALA E 268 -17.99 -10.42 53.55
C ALA E 268 -17.30 -11.77 53.36
N ALA E 269 -17.77 -12.81 54.05
CA ALA E 269 -17.15 -14.12 53.93
C ALA E 269 -17.25 -14.65 52.50
N LYS E 270 -18.41 -14.45 51.86
CA LYS E 270 -18.56 -14.89 50.48
C LYS E 270 -17.53 -14.25 49.57
N ASN E 271 -17.41 -12.92 49.62
CA ASN E 271 -16.50 -12.22 48.73
C ASN E 271 -15.04 -12.50 49.10
N ILE E 272 -14.75 -12.56 50.41
CA ILE E 272 -13.37 -12.78 50.84
C ILE E 272 -12.86 -14.12 50.33
N VAL E 273 -13.68 -15.17 50.42
CA VAL E 273 -13.22 -16.50 50.00
C VAL E 273 -13.06 -16.54 48.48
N ALA E 274 -14.02 -15.99 47.75
CA ALA E 274 -13.92 -16.00 46.29
C ALA E 274 -12.68 -15.24 45.83
N GLY E 275 -12.42 -14.08 46.41
CA GLY E 275 -11.28 -13.28 45.97
C GLY E 275 -9.94 -13.84 46.42
N ALA E 276 -9.88 -14.43 47.61
CA ALA E 276 -8.60 -14.87 48.15
C ALA E 276 -8.10 -16.15 47.49
N PHE E 277 -9.00 -17.08 47.17
CA PHE E 277 -8.62 -18.40 46.72
C PHE E 277 -8.84 -18.62 45.23
N GLY E 278 -9.36 -17.62 44.51
CA GLY E 278 -9.45 -17.73 43.08
C GLY E 278 -8.12 -18.04 42.44
N TYR E 279 -8.09 -19.04 41.55
CA TYR E 279 -6.86 -19.49 40.91
C TYR E 279 -5.78 -19.80 41.97
N SER E 280 -6.23 -20.43 43.07
CA SER E 280 -5.33 -20.84 44.14
C SER E 280 -4.60 -19.65 44.76
N GLY E 281 -5.19 -18.47 44.66
CA GLY E 281 -4.59 -17.26 45.20
C GLY E 281 -3.45 -16.70 44.38
N GLN E 282 -3.25 -17.19 43.16
CA GLN E 282 -2.16 -16.72 42.30
C GLN E 282 -2.61 -15.51 41.48
N ARG E 283 -3.03 -14.47 42.19
CA ARG E 283 -3.50 -13.25 41.56
C ARG E 283 -3.08 -12.04 42.38
N SER E 284 -2.64 -11.00 41.69
CA SER E 284 -2.22 -9.78 42.38
C SER E 284 -3.39 -9.06 43.02
N THR E 285 -4.55 -9.09 42.36
CA THR E 285 -5.77 -8.45 42.85
C THR E 285 -6.63 -9.50 43.56
N ALA E 286 -6.17 -9.91 44.74
CA ALA E 286 -6.88 -10.89 45.54
C ALA E 286 -6.89 -10.48 47.01
N VAL E 287 -7.99 -10.80 47.71
CA VAL E 287 -8.00 -10.64 49.16
C VAL E 287 -6.88 -11.49 49.74
N LYS E 288 -5.89 -10.85 50.36
CA LYS E 288 -4.73 -11.57 50.90
C LYS E 288 -4.54 -11.37 52.39
N ARG E 289 -5.39 -10.58 53.05
CA ARG E 289 -5.34 -10.43 54.50
C ARG E 289 -6.64 -9.80 54.95
N VAL E 290 -7.24 -10.36 56.00
CA VAL E 290 -8.48 -9.85 56.55
C VAL E 290 -8.15 -9.03 57.79
N LEU E 291 -8.62 -7.79 57.81
CA LEU E 291 -8.50 -6.91 58.97
C LEU E 291 -9.91 -6.72 59.50
N VAL E 292 -10.24 -7.42 60.57
CA VAL E 292 -11.61 -7.50 61.08
C VAL E 292 -11.64 -6.99 62.51
N MET E 293 -12.69 -6.24 62.84
CA MET E 293 -12.88 -5.77 64.21
CA MET E 293 -12.87 -5.77 64.21
C MET E 293 -13.07 -6.95 65.15
N ASP E 294 -12.44 -6.87 66.32
CA ASP E 294 -12.46 -7.98 67.26
C ASP E 294 -13.87 -8.47 67.56
N LYS E 295 -14.85 -7.56 67.60
CA LYS E 295 -16.18 -7.94 68.07
C LYS E 295 -16.87 -8.90 67.12
N VAL E 296 -16.58 -8.81 65.82
CA VAL E 296 -17.21 -9.67 64.82
C VAL E 296 -16.23 -10.68 64.25
N ALA E 297 -15.05 -10.81 64.84
CA ALA E 297 -14.03 -11.69 64.28
C ALA E 297 -14.42 -13.15 64.42
N ASP E 298 -14.92 -13.54 65.58
CA ASP E 298 -15.28 -14.94 65.80
C ASP E 298 -16.31 -15.42 64.77
N GLN E 299 -17.35 -14.62 64.55
CA GLN E 299 -18.39 -15.04 63.61
C GLN E 299 -17.88 -15.01 62.17
N LEU E 300 -17.09 -14.00 61.81
CA LEU E 300 -16.56 -13.93 60.45
C LEU E 300 -15.67 -15.13 60.16
N ALA E 301 -14.78 -15.47 61.09
CA ALA E 301 -13.90 -16.61 60.88
C ALA E 301 -14.70 -17.88 60.66
N ALA E 302 -15.80 -18.06 61.40
CA ALA E 302 -16.62 -19.26 61.21
C ALA E 302 -17.23 -19.28 59.81
N GLU E 303 -17.73 -18.14 59.35
CA GLU E 303 -18.32 -18.09 58.01
C GLU E 303 -17.29 -18.34 56.93
N ILE E 304 -16.09 -17.78 57.09
CA ILE E 304 -15.02 -18.02 56.12
C ILE E 304 -14.60 -19.48 56.15
N LYS E 305 -14.42 -20.04 57.36
CA LYS E 305 -13.98 -21.42 57.47
C LYS E 305 -14.90 -22.37 56.72
N THR E 306 -16.21 -22.26 56.96
CA THR E 306 -17.16 -23.17 56.32
C THR E 306 -17.06 -23.09 54.80
N LEU E 307 -16.86 -21.89 54.26
CA LEU E 307 -16.79 -21.75 52.81
C LEU E 307 -15.49 -22.31 52.26
N VAL E 308 -14.37 -22.10 52.96
CA VAL E 308 -13.10 -22.63 52.49
C VAL E 308 -13.15 -24.15 52.44
N GLU E 309 -13.82 -24.78 53.42
CA GLU E 309 -13.91 -26.22 53.44
C GLU E 309 -14.67 -26.77 52.24
N LYS E 310 -15.48 -25.95 51.58
CA LYS E 310 -16.28 -26.38 50.43
C LYS E 310 -15.56 -26.18 49.10
N LEU E 311 -14.39 -25.54 49.11
CA LEU E 311 -13.62 -25.39 47.88
C LEU E 311 -13.13 -26.75 47.40
N SER E 312 -13.21 -26.97 46.09
CA SER E 312 -12.70 -28.21 45.49
C SER E 312 -11.20 -28.11 45.29
N VAL E 313 -10.51 -29.24 45.49
CA VAL E 313 -9.06 -29.34 45.36
C VAL E 313 -8.78 -30.47 44.38
N GLY E 314 -8.20 -30.13 43.23
CA GLY E 314 -7.94 -31.12 42.21
C GLY E 314 -7.20 -30.61 40.98
N MET E 315 -7.52 -31.17 39.83
CA MET E 315 -6.78 -30.91 38.61
C MET E 315 -7.46 -29.83 37.79
N PRO E 316 -6.71 -29.19 36.88
CA PRO E 316 -7.34 -28.16 36.03
C PRO E 316 -8.46 -28.70 35.16
N GLU E 317 -8.27 -29.90 34.59
CA GLU E 317 -9.29 -30.47 33.72
C GLU E 317 -10.61 -30.72 34.45
N ASP E 318 -10.59 -30.80 35.77
CA ASP E 318 -11.81 -30.99 36.55
C ASP E 318 -12.40 -29.68 37.06
N ASP E 319 -11.83 -28.54 36.64
CA ASP E 319 -12.35 -27.23 37.02
C ASP E 319 -12.40 -27.09 38.54
N ALA E 320 -11.38 -27.61 39.22
CA ALA E 320 -11.29 -27.47 40.66
C ALA E 320 -11.04 -26.02 41.04
N ASP E 321 -11.62 -25.60 42.18
CA ASP E 321 -11.35 -24.27 42.69
C ASP E 321 -9.86 -24.09 42.95
N ILE E 322 -9.24 -25.04 43.65
CA ILE E 322 -7.83 -25.00 44.01
C ILE E 322 -7.09 -26.01 43.14
N THR E 323 -6.20 -25.51 42.30
CA THR E 323 -5.38 -26.31 41.41
C THR E 323 -3.91 -26.27 41.83
N PRO E 324 -3.08 -27.16 41.28
CA PRO E 324 -1.65 -27.14 41.64
C PRO E 324 -1.01 -25.81 41.26
N LEU E 325 -0.07 -25.37 42.10
CA LEU E 325 0.60 -24.10 41.86
C LEU E 325 1.54 -24.19 40.67
N ILE E 326 2.05 -23.03 40.25
CA ILE E 326 2.71 -22.93 38.95
C ILE E 326 3.99 -23.75 38.90
N ASP E 327 4.71 -23.87 40.00
CA ASP E 327 5.92 -24.68 40.02
C ASP E 327 6.26 -25.05 41.45
N THR E 328 7.33 -25.84 41.61
CA THR E 328 7.69 -26.35 42.93
C THR E 328 8.18 -25.22 43.84
N SER E 329 8.89 -24.25 43.28
CA SER E 329 9.37 -23.13 44.09
C SER E 329 8.22 -22.35 44.70
N ALA E 330 7.13 -22.17 43.94
CA ALA E 330 5.98 -21.44 44.46
C ALA E 330 5.33 -22.18 45.61
N ALA E 331 5.20 -23.50 45.49
CA ALA E 331 4.60 -24.28 46.57
C ALA E 331 5.49 -24.29 47.80
N ASP E 332 6.80 -24.43 47.60
CA ASP E 332 7.73 -24.38 48.73
C ASP E 332 7.64 -23.04 49.46
N PHE E 333 7.54 -21.94 48.70
CA PHE E 333 7.44 -20.63 49.32
C PHE E 333 6.17 -20.51 50.18
N VAL E 334 5.05 -21.00 49.67
CA VAL E 334 3.80 -20.94 50.42
C VAL E 334 3.89 -21.79 51.67
N GLU E 335 4.45 -23.00 51.55
CA GLU E 335 4.60 -23.86 52.72
C GLU E 335 5.43 -23.19 53.80
N GLY E 336 6.46 -22.44 53.40
CA GLY E 336 7.28 -21.76 54.39
C GLY E 336 6.48 -20.73 55.17
N LEU E 337 5.63 -19.97 54.49
CA LEU E 337 4.77 -19.01 55.16
C LEU E 337 3.78 -19.70 56.08
N ILE E 338 3.28 -20.87 55.67
CA ILE E 338 2.27 -21.57 56.49
C ILE E 338 2.86 -22.00 57.83
N LYS E 339 4.07 -22.59 57.81
CA LYS E 339 4.67 -23.00 59.07
C LYS E 339 5.00 -21.79 59.94
N ASP E 340 5.49 -20.72 59.32
CA ASP E 340 5.83 -19.52 60.08
C ASP E 340 4.63 -19.09 60.91
N ALA E 341 3.45 -19.11 60.30
CA ALA E 341 2.23 -18.77 61.05
C ALA E 341 1.97 -19.79 62.14
N THR E 342 2.09 -21.07 61.82
CA THR E 342 1.83 -22.12 62.81
C THR E 342 2.82 -22.03 63.96
N ASP E 343 4.11 -21.89 63.64
CA ASP E 343 5.13 -21.88 64.70
C ASP E 343 4.97 -20.67 65.63
N LYS E 344 4.38 -19.59 65.13
CA LYS E 344 4.23 -18.36 65.90
C LYS E 344 2.88 -18.27 66.59
N GLY E 345 2.09 -19.33 66.54
CA GLY E 345 0.89 -19.41 67.35
C GLY E 345 -0.41 -19.16 66.62
N ALA E 346 -0.39 -19.04 65.30
CA ALA E 346 -1.62 -18.84 64.55
C ALA E 346 -2.50 -20.08 64.64
N THR E 347 -3.81 -19.85 64.62
CA THR E 347 -4.79 -20.93 64.68
C THR E 347 -5.14 -21.36 63.26
N ALA E 348 -4.84 -22.61 62.93
CA ALA E 348 -5.15 -23.15 61.62
C ALA E 348 -6.60 -23.63 61.61
N LEU E 349 -7.48 -22.88 60.94
CA LEU E 349 -8.89 -23.25 60.89
C LEU E 349 -9.17 -24.30 59.82
N THR E 350 -8.30 -24.44 58.82
CA THR E 350 -8.40 -25.50 57.84
C THR E 350 -7.06 -26.19 57.74
N ALA E 351 -7.09 -27.47 57.38
CA ALA E 351 -5.92 -28.32 57.47
C ALA E 351 -5.00 -28.13 56.26
N PHE E 352 -3.69 -28.17 56.52
CA PHE E 352 -2.69 -28.10 55.47
C PHE E 352 -2.46 -29.50 54.88
N ASN E 353 -2.51 -29.59 53.56
CA ASN E 353 -2.16 -30.82 52.86
C ASN E 353 -1.49 -30.45 51.55
N ARG E 354 -0.47 -31.20 51.17
CA ARG E 354 0.27 -30.96 49.93
C ARG E 354 0.58 -32.27 49.24
N GLU E 355 0.09 -32.41 48.01
CA GLU E 355 0.44 -33.52 47.12
C GLU E 355 1.16 -32.93 45.91
N GLY E 356 2.46 -33.19 45.81
CA GLY E 356 3.24 -32.51 44.79
C GLY E 356 3.24 -31.01 45.05
N ASN E 357 2.69 -30.25 44.10
CA ASN E 357 2.53 -28.80 44.26
C ASN E 357 1.07 -28.41 44.45
N LEU E 358 0.20 -29.36 44.74
CA LEU E 358 -1.20 -29.09 45.02
C LEU E 358 -1.35 -28.90 46.52
N ILE E 359 -1.50 -27.65 46.95
CA ILE E 359 -1.64 -27.30 48.36
C ILE E 359 -3.12 -27.03 48.65
N SER E 360 -3.62 -27.62 49.73
CA SER E 360 -5.00 -27.39 50.15
CA SER E 360 -5.00 -27.39 50.15
C SER E 360 -5.15 -25.98 50.72
N PRO E 361 -6.36 -25.43 50.66
CA PRO E 361 -6.55 -24.05 51.14
C PRO E 361 -6.46 -23.98 52.67
N VAL E 362 -5.55 -23.13 53.16
CA VAL E 362 -5.26 -23.00 54.58
C VAL E 362 -5.76 -21.64 55.06
N LEU E 363 -6.64 -21.65 56.05
CA LEU E 363 -7.18 -20.44 56.65
C LEU E 363 -6.59 -20.29 58.05
N PHE E 364 -5.94 -19.15 58.29
CA PHE E 364 -5.34 -18.86 59.58
C PHE E 364 -6.11 -17.75 60.29
N ASP E 365 -6.33 -17.93 61.59
CA ASP E 365 -6.90 -16.91 62.45
C ASP E 365 -5.86 -16.51 63.50
N HIS E 366 -6.09 -15.37 64.14
CA HIS E 366 -5.19 -14.85 65.17
C HIS E 366 -3.79 -14.63 64.61
N VAL E 367 -3.71 -14.11 63.39
CA VAL E 367 -2.44 -13.74 62.80
C VAL E 367 -2.00 -12.39 63.36
N THR E 368 -0.71 -12.28 63.65
CA THR E 368 -0.12 -11.06 64.21
C THR E 368 0.88 -10.48 63.22
N THR E 369 1.22 -9.21 63.44
CA THR E 369 2.11 -8.50 62.52
C THR E 369 3.53 -9.04 62.58
N ASP E 370 3.83 -9.92 63.53
CA ASP E 370 5.15 -10.55 63.62
C ASP E 370 5.31 -11.73 62.66
N MET E 371 4.25 -12.13 61.98
CA MET E 371 4.27 -13.30 61.10
C MET E 371 4.49 -12.87 59.65
N ARG E 372 5.30 -13.65 58.95
CA ARG E 372 5.55 -13.34 57.54
C ARG E 372 4.27 -13.31 56.73
N LEU E 373 3.31 -14.16 57.08
CA LEU E 373 2.06 -14.24 56.32
C LEU E 373 1.25 -12.95 56.40
N ALA E 374 1.56 -12.08 57.36
CA ALA E 374 0.83 -10.82 57.48
C ALA E 374 1.22 -9.82 56.41
N TRP E 375 2.34 -10.02 55.73
CA TRP E 375 2.87 -9.02 54.81
C TRP E 375 3.24 -9.57 53.45
N GLU E 376 3.89 -10.72 53.38
CA GLU E 376 4.43 -11.22 52.13
C GLU E 376 3.33 -11.79 51.24
N GLU E 377 3.42 -11.50 49.96
CA GLU E 377 2.48 -12.01 48.97
C GLU E 377 2.74 -13.50 48.76
N PRO E 378 1.84 -14.39 49.17
CA PRO E 378 2.15 -15.82 49.04
C PRO E 378 2.05 -16.33 47.61
N PHE E 379 1.05 -15.87 46.86
CA PHE E 379 0.68 -16.49 45.59
C PHE E 379 0.41 -17.97 45.79
N GLY E 380 -0.42 -18.26 46.80
CA GLY E 380 -0.85 -19.60 47.11
C GLY E 380 -2.12 -19.57 47.93
N PRO E 381 -2.75 -20.73 48.12
CA PRO E 381 -4.07 -20.74 48.81
C PRO E 381 -3.94 -20.71 50.33
N VAL E 382 -3.54 -19.56 50.85
CA VAL E 382 -3.41 -19.34 52.28
C VAL E 382 -3.89 -17.93 52.59
N LEU E 383 -4.76 -17.81 53.59
CA LEU E 383 -5.39 -16.53 53.92
C LEU E 383 -5.26 -16.26 55.41
N PRO E 384 -4.66 -15.14 55.81
CA PRO E 384 -4.63 -14.79 57.24
C PRO E 384 -5.77 -13.87 57.63
N ILE E 385 -6.23 -14.07 58.87
CA ILE E 385 -7.22 -13.19 59.50
C ILE E 385 -6.51 -12.45 60.63
N ILE E 386 -6.49 -11.13 60.55
CA ILE E 386 -5.82 -10.28 61.53
C ILE E 386 -6.89 -9.46 62.25
N ARG E 387 -6.94 -9.60 63.57
CA ARG E 387 -7.94 -8.92 64.39
C ARG E 387 -7.43 -7.57 64.84
N VAL E 388 -8.30 -6.56 64.75
CA VAL E 388 -7.99 -5.20 65.15
C VAL E 388 -9.07 -4.71 66.10
N THR E 389 -8.74 -3.65 66.84
CA THR E 389 -9.66 -3.07 67.81
C THR E 389 -10.27 -1.75 67.37
N THR E 390 -9.66 -1.06 66.40
CA THR E 390 -10.19 0.19 65.89
C THR E 390 -9.97 0.24 64.38
N VAL E 391 -10.83 0.99 63.69
CA VAL E 391 -10.64 1.14 62.25
C VAL E 391 -9.33 1.86 61.96
N GLU E 392 -8.92 2.76 62.85
CA GLU E 392 -7.63 3.44 62.68
C GLU E 392 -6.49 2.44 62.66
N GLU E 393 -6.55 1.41 63.50
CA GLU E 393 -5.53 0.36 63.46
C GLU E 393 -5.59 -0.40 62.14
N ALA E 394 -6.80 -0.68 61.65
CA ALA E 394 -6.93 -1.36 60.37
C ALA E 394 -6.30 -0.54 59.25
N ILE E 395 -6.53 0.77 59.26
CA ILE E 395 -5.90 1.64 58.26
C ILE E 395 -4.39 1.61 58.40
N LYS E 396 -3.90 1.68 59.64
CA LYS E 396 -2.46 1.67 59.88
C LYS E 396 -1.83 0.39 59.36
N ILE E 397 -2.40 -0.76 59.76
CA ILE E 397 -1.85 -2.04 59.32
C ILE E 397 -1.93 -2.16 57.81
N SER E 398 -3.05 -1.73 57.23
CA SER E 398 -3.19 -1.79 55.77
C SER E 398 -2.10 -0.98 55.08
N ASN E 399 -1.88 0.25 55.55
CA ASN E 399 -0.91 1.13 54.92
C ASN E 399 0.54 0.79 55.26
N GLU E 400 0.77 0.01 56.32
CA GLU E 400 2.14 -0.40 56.62
C GLU E 400 2.70 -1.34 55.56
N SER E 401 1.83 -1.97 54.77
CA SER E 401 2.30 -2.82 53.69
C SER E 401 3.02 -2.00 52.62
N GLU E 402 4.05 -2.61 52.03
CA GLU E 402 4.71 -2.00 50.88
C GLU E 402 3.83 -2.06 49.64
N TYR E 403 2.83 -2.93 49.63
CA TYR E 403 1.92 -3.05 48.51
C TYR E 403 0.73 -2.13 48.71
N GLY E 404 0.16 -1.70 47.59
CA GLY E 404 -0.99 -0.82 47.62
C GLY E 404 -1.77 -0.92 46.33
N LEU E 405 -2.22 -2.13 46.00
CA LEU E 405 -2.96 -2.34 44.76
C LEU E 405 -4.43 -1.97 44.96
N GLN E 406 -5.14 -2.75 45.78
CA GLN E 406 -6.55 -2.50 46.05
C GLN E 406 -6.86 -2.83 47.50
N ALA E 407 -8.09 -2.52 47.90
CA ALA E 407 -8.59 -2.85 49.23
C ALA E 407 -10.10 -2.97 49.15
N SER E 408 -10.66 -3.75 50.07
CA SER E 408 -12.10 -3.91 50.21
C SER E 408 -12.53 -3.38 51.58
N ILE E 409 -13.70 -2.76 51.62
CA ILE E 409 -14.30 -2.31 52.88
C ILE E 409 -15.71 -2.87 52.95
N PHE E 410 -15.99 -3.61 54.01
CA PHE E 410 -17.32 -4.18 54.24
C PHE E 410 -17.97 -3.45 55.41
N THR E 411 -19.06 -2.74 55.13
CA THR E 411 -19.72 -1.92 56.12
C THR E 411 -21.02 -1.40 55.50
N THR E 412 -21.94 -0.97 56.35
CA THR E 412 -23.17 -0.34 55.92
C THR E 412 -23.13 1.18 55.95
N ASN E 413 -22.04 1.76 56.45
CA ASN E 413 -21.88 3.21 56.55
C ASN E 413 -20.97 3.67 55.41
N PHE E 414 -21.59 4.10 54.31
CA PHE E 414 -20.84 4.43 53.11
C PHE E 414 -20.09 5.75 53.21
N PRO E 415 -20.69 6.81 53.77
CA PRO E 415 -19.93 8.06 53.91
C PRO E 415 -18.61 7.89 54.63
N LYS E 416 -18.61 7.16 55.75
CA LYS E 416 -17.34 6.89 56.44
C LYS E 416 -16.46 5.97 55.61
N ALA E 417 -17.05 4.99 54.91
CA ALA E 417 -16.27 4.12 54.04
C ALA E 417 -15.51 4.94 53.02
N PHE E 418 -16.16 5.97 52.45
CA PHE E 418 -15.46 6.86 51.54
C PHE E 418 -14.31 7.57 52.24
N GLY E 419 -14.53 7.99 53.50
CA GLY E 419 -13.46 8.62 54.25
C GLY E 419 -12.30 7.67 54.50
N ILE E 420 -12.61 6.41 54.80
CA ILE E 420 -11.56 5.40 54.95
C ILE E 420 -10.83 5.22 53.62
N ALA E 421 -11.59 5.12 52.52
CA ALA E 421 -10.99 4.91 51.22
C ALA E 421 -9.98 6.01 50.89
N GLU E 422 -10.29 7.26 51.27
CA GLU E 422 -9.35 8.35 51.05
C GLU E 422 -8.02 8.12 51.75
N GLN E 423 -8.04 7.42 52.90
CA GLN E 423 -6.83 7.22 53.68
C GLN E 423 -6.05 5.97 53.28
N LEU E 424 -6.66 5.04 52.53
CA LEU E 424 -5.98 3.82 52.16
C LEU E 424 -5.05 4.08 50.97
N GLU E 425 -3.79 3.66 51.11
CA GLU E 425 -2.79 3.86 50.06
C GLU E 425 -2.90 2.73 49.04
N VAL E 426 -3.97 2.80 48.25
CA VAL E 426 -4.25 1.80 47.22
C VAL E 426 -4.79 2.52 45.99
N GLY E 427 -4.87 1.78 44.89
CA GLY E 427 -5.41 2.35 43.67
C GLY E 427 -6.92 2.35 43.65
N THR E 428 -7.53 1.25 44.10
CA THR E 428 -8.98 1.09 44.01
C THR E 428 -9.50 0.49 45.31
N VAL E 429 -10.65 0.99 45.76
CA VAL E 429 -11.32 0.51 46.95
C VAL E 429 -12.71 0.03 46.54
N HIS E 430 -12.99 -1.25 46.82
CA HIS E 430 -14.29 -1.83 46.55
C HIS E 430 -15.11 -1.89 47.83
N LEU E 431 -16.34 -1.40 47.77
CA LEU E 431 -17.24 -1.38 48.91
C LEU E 431 -18.15 -2.60 48.85
N ASN E 432 -18.11 -3.41 49.91
CA ASN E 432 -18.97 -4.59 50.03
C ASN E 432 -18.80 -5.52 48.83
N ASN E 433 -17.56 -5.61 48.33
CA ASN E 433 -17.23 -6.49 47.22
C ASN E 433 -15.76 -6.86 47.32
N LYS E 434 -15.41 -8.02 46.77
CA LYS E 434 -14.02 -8.42 46.68
C LYS E 434 -13.26 -7.45 45.79
N THR E 435 -11.95 -7.38 45.99
CA THR E 435 -11.10 -6.66 45.07
C THR E 435 -11.05 -7.37 43.72
N GLN E 436 -10.94 -6.58 42.66
CA GLN E 436 -10.97 -7.11 41.29
C GLN E 436 -10.47 -6.04 40.34
N ARG E 437 -9.91 -6.47 39.21
CA ARG E 437 -9.45 -5.53 38.21
C ARG E 437 -10.61 -4.95 37.40
N GLY E 438 -11.67 -5.72 37.17
CA GLY E 438 -12.74 -5.27 36.30
C GLY E 438 -13.67 -4.27 36.98
N THR E 439 -14.56 -3.69 36.18
CA THR E 439 -14.61 -3.89 34.73
C THR E 439 -13.44 -3.22 34.03
N ASP E 440 -13.06 -3.76 32.88
CA ASP E 440 -11.81 -3.39 32.23
C ASP E 440 -11.79 -1.95 31.73
N ASN E 441 -12.93 -1.26 31.73
CA ASN E 441 -12.94 0.16 31.45
C ASN E 441 -12.60 1.00 32.68
N PHE E 442 -12.70 0.42 33.88
CA PHE E 442 -12.35 1.14 35.09
C PHE E 442 -10.83 1.30 35.19
N PRO E 443 -10.36 2.33 35.89
CA PRO E 443 -8.91 2.45 36.13
C PRO E 443 -8.41 1.29 36.98
N PHE E 444 -7.19 0.87 36.68
CA PHE E 444 -6.50 -0.17 37.45
C PHE E 444 -5.07 0.28 37.71
N LEU E 445 -4.73 0.48 38.98
CA LEU E 445 -3.41 0.97 39.33
C LEU E 445 -3.07 0.54 40.76
N GLY E 446 -1.78 0.55 41.05
CA GLY E 446 -1.30 0.25 42.39
C GLY E 446 -0.36 1.33 42.88
N ALA E 447 -0.49 1.67 44.16
CA ALA E 447 0.40 2.62 44.80
C ALA E 447 1.61 1.92 45.40
N LYS E 448 2.63 2.72 45.74
CA LYS E 448 3.83 2.22 46.41
C LYS E 448 4.47 1.15 45.53
N LYS E 449 4.80 -0.03 46.06
CA LYS E 449 5.53 -1.03 45.31
C LYS E 449 4.63 -1.89 44.41
N SER E 450 3.35 -1.56 44.29
CA SER E 450 2.43 -2.39 43.53
C SER E 450 2.39 -2.05 42.05
N GLY E 451 3.04 -0.97 41.62
CA GLY E 451 3.13 -0.69 40.20
C GLY E 451 3.41 0.77 39.93
N ALA E 452 3.32 1.11 38.65
CA ALA E 452 3.53 2.47 38.16
C ALA E 452 2.64 2.66 36.95
N GLY E 453 1.99 3.82 36.87
CA GLY E 453 1.07 4.09 35.79
C GLY E 453 -0.32 3.55 36.07
N VAL E 454 -1.25 3.94 35.22
CA VAL E 454 -2.67 3.61 35.37
C VAL E 454 -3.11 2.81 34.16
N GLN E 455 -3.68 1.63 34.41
CA GLN E 455 -4.21 0.80 33.33
C GLN E 455 -5.74 0.85 33.39
N GLY E 456 -6.36 -0.14 32.78
CA GLY E 456 -7.70 0.10 32.25
C GLY E 456 -7.63 0.70 30.86
N VAL E 457 -8.62 0.35 30.04
CA VAL E 457 -8.47 0.52 28.59
C VAL E 457 -8.09 1.96 28.25
N LYS E 458 -8.98 2.91 28.56
CA LYS E 458 -8.71 4.28 28.13
C LYS E 458 -7.43 4.82 28.77
N TYR E 459 -7.12 4.38 29.99
CA TYR E 459 -5.90 4.83 30.65
C TYR E 459 -4.67 4.22 30.01
N SER E 460 -4.75 2.96 29.55
CA SER E 460 -3.64 2.36 28.83
C SER E 460 -3.34 3.11 27.55
N ILE E 461 -4.38 3.43 26.77
CA ILE E 461 -4.17 4.15 25.52
C ILE E 461 -3.51 5.50 25.79
N GLU E 462 -3.99 6.22 26.81
CA GLU E 462 -3.38 7.51 27.15
C GLU E 462 -1.93 7.33 27.56
N ALA E 463 -1.63 6.30 28.35
CA ALA E 463 -0.27 6.11 28.83
C ALA E 463 0.70 5.85 27.68
N MET E 464 0.27 5.07 26.68
CA MET E 464 1.14 4.70 25.56
C MET E 464 0.97 5.64 24.37
N THR E 465 0.57 6.89 24.62
CA THR E 465 0.61 7.95 23.63
C THR E 465 1.29 9.16 24.22
N THR E 466 1.80 10.02 23.35
CA THR E 466 2.30 11.35 23.69
C THR E 466 1.52 12.37 22.87
N VAL E 467 1.91 13.64 22.97
CA VAL E 467 1.23 14.70 22.25
C VAL E 467 2.22 15.43 21.36
N LYS E 468 1.70 15.97 20.25
CA LYS E 468 2.43 16.81 19.32
C LYS E 468 1.65 18.11 19.20
N SER E 469 2.27 19.21 19.60
CA SER E 469 1.64 20.52 19.59
C SER E 469 2.14 21.33 18.39
N VAL E 470 1.20 21.88 17.62
CA VAL E 470 1.52 22.77 16.51
C VAL E 470 0.92 24.13 16.83
N VAL E 471 1.76 25.16 16.86
CA VAL E 471 1.38 26.49 17.31
C VAL E 471 1.58 27.47 16.16
N PHE E 472 0.58 28.30 15.90
CA PHE E 472 0.68 29.32 14.87
C PHE E 472 -0.21 30.50 15.24
N ASP E 473 0.05 31.63 14.59
CA ASP E 473 -0.69 32.86 14.85
C ASP E 473 -1.73 33.06 13.76
N ILE E 474 -2.97 33.31 14.18
CA ILE E 474 -4.03 33.65 13.24
C ILE E 474 -3.83 35.08 12.75
N GLN E 475 -4.07 35.29 11.45
CA GLN E 475 -3.84 36.60 10.85
C GLN E 475 -5.13 37.11 10.19
N ALA F 2 24.88 41.78 50.67
CA ALA F 2 25.56 40.53 50.99
C ALA F 2 25.01 39.94 52.30
N LYS F 3 24.03 39.06 52.17
CA LYS F 3 23.36 38.44 53.30
C LYS F 3 23.74 36.96 53.39
N GLN F 4 23.70 36.44 54.62
CA GLN F 4 23.88 35.01 54.86
C GLN F 4 22.49 34.37 54.79
N TYR F 5 22.22 33.68 53.69
CA TYR F 5 20.90 33.13 53.45
C TYR F 5 20.70 31.78 54.15
N LYS F 6 19.44 31.44 54.36
CA LYS F 6 19.06 30.25 55.12
C LYS F 6 18.02 29.46 54.33
N ASN F 7 17.94 28.17 54.61
CA ASN F 7 16.93 27.31 54.01
C ASN F 7 15.65 27.35 54.83
N LEU F 8 14.52 27.22 54.14
CA LEU F 8 13.22 27.12 54.79
C LEU F 8 12.97 25.66 55.11
N VAL F 9 12.90 25.34 56.40
CA VAL F 9 12.72 23.96 56.86
C VAL F 9 11.65 23.96 57.93
N ASN F 10 10.50 23.35 57.61
CA ASN F 10 9.40 23.20 58.57
C ASN F 10 9.06 24.53 59.23
N GLY F 11 8.93 25.56 58.41
CA GLY F 11 8.55 26.87 58.88
C GLY F 11 9.64 27.67 59.55
N GLU F 12 10.85 27.13 59.63
CA GLU F 12 11.97 27.80 60.27
C GLU F 12 13.04 28.10 59.22
N TRP F 13 13.84 29.14 59.48
CA TRP F 13 14.97 29.49 58.62
C TRP F 13 16.25 29.02 59.30
N LYS F 14 16.95 28.07 58.67
CA LYS F 14 18.05 27.35 59.30
C LYS F 14 19.33 27.49 58.49
N LEU F 15 20.41 27.85 59.17
CA LEU F 15 21.75 27.78 58.61
C LEU F 15 22.29 26.35 58.71
N SER F 16 23.39 26.11 57.99
CA SER F 16 24.14 24.88 58.09
C SER F 16 25.55 25.18 58.58
N GLU F 17 26.25 24.15 59.05
CA GLU F 17 27.61 24.35 59.54
C GLU F 17 28.48 24.96 58.45
N ASN F 18 28.37 24.44 57.23
CA ASN F 18 29.14 24.93 56.09
C ASN F 18 28.23 25.66 55.11
N GLU F 19 28.83 26.55 54.34
CA GLU F 19 28.08 27.38 53.41
C GLU F 19 28.86 27.53 52.11
N ILE F 20 28.18 28.09 51.10
CA ILE F 20 28.74 28.28 49.77
C ILE F 20 28.57 29.75 49.41
N THR F 21 29.69 30.41 49.10
CA THR F 21 29.65 31.81 48.68
C THR F 21 29.28 31.91 47.20
N ILE F 22 28.39 32.83 46.88
CA ILE F 22 27.88 33.03 45.53
C ILE F 22 28.45 34.32 44.98
N TYR F 23 28.95 34.28 43.74
CA TYR F 23 29.53 35.44 43.08
C TYR F 23 28.83 35.71 41.75
N ALA F 24 28.69 36.99 41.42
CA ALA F 24 28.08 37.38 40.16
C ALA F 24 28.99 36.98 39.00
N PRO F 25 28.54 36.12 38.07
CA PRO F 25 29.44 35.66 37.00
C PRO F 25 29.97 36.76 36.10
N ALA F 26 29.25 37.88 35.96
CA ALA F 26 29.67 38.92 35.04
C ALA F 26 30.67 39.89 35.66
N THR F 27 30.67 40.03 36.98
CA THR F 27 31.49 41.02 37.65
C THR F 27 32.33 40.45 38.80
N GLY F 28 32.04 39.25 39.26
CA GLY F 28 32.73 38.71 40.42
C GLY F 28 32.25 39.24 41.75
N GLU F 29 31.26 40.13 41.75
CA GLU F 29 30.75 40.68 42.99
C GLU F 29 30.23 39.57 43.90
N GLU F 30 30.56 39.68 45.18
CA GLU F 30 30.07 38.74 46.19
C GLU F 30 28.60 39.07 46.48
N LEU F 31 27.72 38.09 46.26
CA LEU F 31 26.29 38.30 46.44
C LEU F 31 25.76 37.79 47.77
N GLY F 32 26.45 36.86 48.41
CA GLY F 32 26.00 36.27 49.65
C GLY F 32 26.43 34.82 49.72
N SER F 33 25.84 34.10 50.66
CA SER F 33 26.15 32.68 50.84
C SER F 33 24.88 31.91 51.13
N VAL F 34 24.89 30.63 50.77
CA VAL F 34 23.77 29.73 51.02
C VAL F 34 24.30 28.50 51.74
N PRO F 35 23.43 27.81 52.49
CA PRO F 35 23.90 26.65 53.25
C PRO F 35 24.33 25.50 52.35
N ALA F 36 25.28 24.71 52.86
CA ALA F 36 25.73 23.46 52.24
C ALA F 36 25.18 22.34 53.12
N MET F 37 23.97 21.89 52.82
CA MET F 37 23.27 20.97 53.71
C MET F 37 23.98 19.62 53.79
N THR F 38 23.86 19.00 54.97
CA THR F 38 24.31 17.63 55.18
C THR F 38 23.16 16.67 54.85
N GLN F 39 23.50 15.39 54.77
CA GLN F 39 22.49 14.37 54.51
C GLN F 39 21.46 14.31 55.63
N ALA F 40 21.90 14.49 56.87
CA ALA F 40 20.97 14.49 58.00
C ALA F 40 19.99 15.65 57.91
N GLU F 41 20.45 16.82 57.46
CA GLU F 41 19.56 17.96 57.31
C GLU F 41 18.57 17.76 56.18
N VAL F 42 18.97 17.06 55.12
CA VAL F 42 18.01 16.69 54.08
C VAL F 42 16.94 15.76 54.66
N ASP F 43 17.37 14.81 55.50
CA ASP F 43 16.41 13.93 56.16
C ASP F 43 15.39 14.73 56.96
N ALA F 44 15.86 15.78 57.66
CA ALA F 44 14.93 16.60 58.45
C ALA F 44 13.93 17.31 57.56
N VAL F 45 14.38 17.81 56.41
CA VAL F 45 13.46 18.44 55.46
C VAL F 45 12.38 17.47 55.04
N TYR F 46 12.79 16.27 54.59
CA TYR F 46 11.82 15.31 54.10
C TYR F 46 10.89 14.81 55.22
N ALA F 47 11.43 14.60 56.42
CA ALA F 47 10.60 14.19 57.53
C ALA F 47 9.52 15.23 57.82
N SER F 48 9.91 16.51 57.85
CA SER F 48 8.94 17.57 58.07
C SER F 48 7.85 17.57 56.98
N ALA F 49 8.26 17.37 55.73
CA ALA F 49 7.30 17.42 54.63
C ALA F 49 6.26 16.32 54.73
N LYS F 50 6.71 15.07 54.93
CA LYS F 50 5.77 13.96 55.00
C LYS F 50 4.84 14.09 56.20
N LYS F 51 5.31 14.69 57.30
CA LYS F 51 4.42 14.88 58.43
C LYS F 51 3.39 15.96 58.16
N ALA F 52 3.73 16.98 57.36
CA ALA F 52 2.80 18.04 57.02
C ALA F 52 1.81 17.64 55.94
N LEU F 53 2.08 16.55 55.22
CA LEU F 53 1.25 16.18 54.07
C LEU F 53 -0.21 15.96 54.45
N SER F 54 -0.45 15.28 55.57
CA SER F 54 -1.82 14.91 55.91
C SER F 54 -2.71 16.13 56.06
N ASP F 55 -2.30 17.10 56.88
CA ASP F 55 -3.11 18.28 57.07
C ASP F 55 -3.20 19.12 55.81
N TRP F 56 -2.15 19.12 54.98
CA TRP F 56 -2.15 19.92 53.76
C TRP F 56 -3.14 19.38 52.73
N ARG F 57 -3.15 18.06 52.53
CA ARG F 57 -4.04 17.48 51.52
C ARG F 57 -5.49 17.49 51.97
N THR F 58 -5.76 17.60 53.27
CA THR F 58 -7.14 17.65 53.74
C THR F 58 -7.74 19.05 53.65
N LEU F 59 -6.92 20.07 53.38
CA LEU F 59 -7.47 21.40 53.14
C LEU F 59 -8.27 21.41 51.84
N SER F 60 -9.11 22.42 51.70
CA SER F 60 -9.86 22.60 50.47
C SER F 60 -8.96 23.11 49.36
N TYR F 61 -9.40 22.92 48.11
CA TYR F 61 -8.67 23.47 46.98
C TYR F 61 -8.57 24.99 47.08
N VAL F 62 -9.68 25.65 47.47
CA VAL F 62 -9.66 27.11 47.53
C VAL F 62 -8.68 27.59 48.59
N GLU F 63 -8.59 26.87 49.71
CA GLU F 63 -7.64 27.25 50.74
C GLU F 63 -6.20 27.14 50.25
N ARG F 64 -5.87 26.04 49.59
CA ARG F 64 -4.52 25.90 49.04
C ARG F 64 -4.27 26.95 47.95
N ALA F 65 -5.29 27.22 47.13
CA ALA F 65 -5.14 28.25 46.10
C ALA F 65 -4.88 29.61 46.73
N ALA F 66 -5.52 29.90 47.87
CA ALA F 66 -5.34 31.19 48.50
C ALA F 66 -3.88 31.44 48.88
N TYR F 67 -3.20 30.40 49.39
CA TYR F 67 -1.78 30.54 49.70
C TYR F 67 -0.98 30.88 48.44
N LEU F 68 -1.28 30.21 47.33
CA LEU F 68 -0.53 30.45 46.10
C LEU F 68 -0.76 31.86 45.59
N HIS F 69 -2.00 32.34 45.62
CA HIS F 69 -2.27 33.70 45.16
C HIS F 69 -1.51 34.72 46.01
N LYS F 70 -1.50 34.54 47.33
CA LYS F 70 -0.78 35.46 48.20
C LYS F 70 0.70 35.45 47.89
N ALA F 71 1.29 34.26 47.69
CA ALA F 71 2.70 34.18 47.33
C ALA F 71 2.97 34.90 46.01
N ALA F 72 2.10 34.71 45.02
CA ALA F 72 2.27 35.40 43.75
C ALA F 72 2.18 36.91 43.93
N ASP F 73 1.22 37.38 44.74
CA ASP F 73 1.10 38.81 45.00
C ASP F 73 2.40 39.37 45.58
N ILE F 74 3.04 38.63 46.48
CA ILE F 74 4.26 39.09 47.12
C ILE F 74 5.41 39.12 46.13
N LEU F 75 5.45 38.16 45.20
CA LEU F 75 6.48 38.18 44.18
C LEU F 75 6.36 39.42 43.29
N VAL F 76 5.15 39.78 42.89
CA VAL F 76 4.95 40.97 42.09
C VAL F 76 5.41 42.20 42.87
N ARG F 77 5.09 42.25 44.17
CA ARG F 77 5.49 43.39 44.99
C ARG F 77 7.01 43.53 45.03
N ASP F 78 7.73 42.41 45.14
CA ASP F 78 9.18 42.41 45.28
C ASP F 78 9.89 42.09 43.97
N ALA F 79 9.21 42.30 42.83
CA ALA F 79 9.80 41.92 41.55
C ALA F 79 11.13 42.63 41.31
N GLU F 80 11.17 43.94 41.56
CA GLU F 80 12.41 44.68 41.35
C GLU F 80 13.50 44.17 42.29
N LYS F 81 13.19 44.07 43.58
CA LYS F 81 14.17 43.59 44.55
C LYS F 81 14.72 42.23 44.15
N ILE F 82 13.84 41.28 43.86
CA ILE F 82 14.30 39.94 43.52
C ILE F 82 15.01 39.94 42.17
N GLY F 83 14.44 40.63 41.19
CA GLY F 83 15.04 40.64 39.86
C GLY F 83 16.43 41.23 39.85
N ALA F 84 16.70 42.21 40.70
CA ALA F 84 18.03 42.80 40.74
C ALA F 84 19.08 41.78 41.19
N ILE F 85 18.74 40.96 42.20
CA ILE F 85 19.68 39.96 42.67
C ILE F 85 19.79 38.82 41.67
N LEU F 86 18.67 38.39 41.10
CA LEU F 86 18.69 37.35 40.09
C LEU F 86 19.53 37.76 38.89
N SER F 87 19.40 39.01 38.46
CA SER F 87 20.18 39.49 37.32
C SER F 87 21.68 39.32 37.56
N LYS F 88 22.13 39.63 38.78
CA LYS F 88 23.55 39.47 39.10
C LYS F 88 23.93 38.00 39.22
N GLU F 89 23.05 37.18 39.80
CA GLU F 89 23.45 35.83 40.17
C GLU F 89 23.68 34.94 38.96
N VAL F 90 22.88 35.10 37.91
CA VAL F 90 22.99 34.26 36.72
C VAL F 90 23.35 35.08 35.48
N ALA F 91 23.84 36.31 35.69
CA ALA F 91 24.30 37.16 34.59
C ALA F 91 23.22 37.32 33.53
N LYS F 92 21.99 37.53 33.98
CA LYS F 92 20.85 37.77 33.11
C LYS F 92 20.53 39.26 33.09
N GLY F 93 20.14 39.75 31.92
CA GLY F 93 19.75 41.15 31.80
C GLY F 93 18.80 41.58 32.88
N HIS F 94 19.02 42.77 33.43
CA HIS F 94 18.20 43.23 34.56
C HIS F 94 16.72 43.15 34.24
N LYS F 95 16.31 43.73 33.11
CA LYS F 95 14.90 43.72 32.75
C LYS F 95 14.38 42.29 32.55
N ALA F 96 15.17 41.44 31.90
CA ALA F 96 14.74 40.05 31.72
C ALA F 96 14.61 39.33 33.05
N ALA F 97 15.48 39.65 34.02
CA ALA F 97 15.38 39.02 35.33
C ALA F 97 14.12 39.45 36.06
N VAL F 98 13.77 40.73 35.98
CA VAL F 98 12.51 41.20 36.57
C VAL F 98 11.34 40.52 35.89
N SER F 99 11.39 40.43 34.55
CA SER F 99 10.31 39.75 33.83
C SER F 99 10.17 38.30 34.27
N GLU F 100 11.29 37.62 34.53
CA GLU F 100 11.21 36.25 35.00
C GLU F 100 10.40 36.15 36.29
N VAL F 101 10.61 37.09 37.21
CA VAL F 101 9.88 37.07 38.47
C VAL F 101 8.39 37.30 38.21
N ILE F 102 8.07 38.26 37.35
CA ILE F 102 6.67 38.54 37.05
C ILE F 102 6.01 37.34 36.40
N ARG F 103 6.70 36.72 35.43
CA ARG F 103 6.16 35.53 34.79
C ARG F 103 5.93 34.41 35.79
N THR F 104 6.82 34.30 36.79
CA THR F 104 6.65 33.27 37.82
C THR F 104 5.35 33.49 38.60
N ALA F 105 5.08 34.74 38.98
CA ALA F 105 3.82 35.03 39.67
C ALA F 105 2.62 34.67 38.80
N GLU F 106 2.70 34.98 37.51
CA GLU F 106 1.61 34.65 36.60
C GLU F 106 1.37 33.14 36.54
N ILE F 107 2.44 32.35 36.54
CA ILE F 107 2.28 30.89 36.50
C ILE F 107 1.70 30.39 37.82
N ILE F 108 2.12 30.96 38.94
CA ILE F 108 1.59 30.54 40.24
C ILE F 108 0.09 30.81 40.30
N ASN F 109 -0.32 32.03 39.91
CA ASN F 109 -1.73 32.37 39.92
C ASN F 109 -2.52 31.45 38.99
N TYR F 110 -2.01 31.21 37.79
CA TYR F 110 -2.72 30.37 36.83
C TYR F 110 -2.80 28.94 37.33
N ALA F 111 -1.72 28.42 37.92
CA ALA F 111 -1.75 27.07 38.45
C ALA F 111 -2.76 26.94 39.57
N ALA F 112 -2.86 27.95 40.42
CA ALA F 112 -3.81 27.89 41.54
C ALA F 112 -5.24 27.76 41.02
N GLU F 113 -5.60 28.57 40.01
CA GLU F 113 -6.96 28.53 39.49
C GLU F 113 -7.19 27.31 38.61
N GLU F 114 -6.16 26.84 37.90
CA GLU F 114 -6.30 25.63 37.11
C GLU F 114 -6.52 24.43 38.03
N GLY F 115 -5.70 24.31 39.08
CA GLY F 115 -5.74 23.13 39.91
C GLY F 115 -6.99 23.04 40.78
N LEU F 116 -7.54 24.18 41.20
CA LEU F 116 -8.69 24.14 42.08
C LEU F 116 -9.95 23.63 41.37
N ARG F 117 -9.96 23.65 40.03
CA ARG F 117 -11.06 23.10 39.25
C ARG F 117 -10.87 21.63 38.94
N MET F 118 -9.97 20.96 39.65
CA MET F 118 -9.75 19.54 39.50
C MET F 118 -11.07 18.79 39.56
N GLU F 119 -11.29 17.91 38.60
CA GLU F 119 -12.48 17.08 38.54
C GLU F 119 -12.10 15.61 38.49
N GLY F 120 -13.02 14.76 38.96
CA GLY F 120 -12.94 13.33 38.75
C GLY F 120 -13.92 12.87 37.70
N GLU F 121 -14.05 11.55 37.61
CA GLU F 121 -14.92 10.95 36.61
C GLU F 121 -15.70 9.79 37.23
N VAL F 122 -16.86 9.52 36.64
CA VAL F 122 -17.73 8.41 37.04
C VAL F 122 -17.83 7.47 35.85
N LEU F 123 -17.42 6.22 36.05
CA LEU F 123 -17.43 5.22 34.98
C LEU F 123 -18.52 4.18 35.24
N GLU F 124 -19.08 3.67 34.15
CA GLU F 124 -20.22 2.77 34.18
C GLU F 124 -19.77 1.34 33.90
N GLY F 125 -20.07 0.43 34.82
CA GLY F 125 -19.78 -0.97 34.58
C GLY F 125 -20.54 -1.54 33.39
N GLY F 126 -21.71 -0.96 33.10
CA GLY F 126 -22.49 -1.38 31.95
C GLY F 126 -21.94 -0.94 30.62
N SER F 127 -20.88 -0.12 30.61
CA SER F 127 -20.20 0.18 29.37
C SER F 127 -19.44 -1.03 28.84
N PHE F 128 -19.09 -1.97 29.71
CA PHE F 128 -18.25 -3.12 29.35
C PHE F 128 -18.98 -4.45 29.41
N GLU F 129 -19.81 -4.69 30.43
CA GLU F 129 -20.56 -5.94 30.52
C GLU F 129 -21.90 -5.70 31.18
N ALA F 130 -22.93 -6.34 30.64
CA ALA F 130 -24.28 -6.12 31.15
C ALA F 130 -24.40 -6.50 32.62
N ALA F 131 -23.72 -7.58 33.02
CA ALA F 131 -23.85 -8.06 34.39
C ALA F 131 -23.37 -7.04 35.42
N SER F 132 -22.53 -6.10 35.03
CA SER F 132 -22.00 -5.09 35.94
C SER F 132 -22.65 -3.72 35.75
N LYS F 133 -23.88 -3.69 35.24
CA LYS F 133 -24.51 -2.41 34.92
C LYS F 133 -24.82 -1.58 36.16
N LYS F 134 -24.98 -2.20 37.32
CA LYS F 134 -25.24 -1.46 38.55
C LYS F 134 -23.94 -1.03 39.25
N LYS F 135 -22.79 -1.42 38.72
CA LYS F 135 -21.51 -1.08 39.32
C LYS F 135 -20.97 0.19 38.68
N ILE F 136 -20.59 1.15 39.51
CA ILE F 136 -19.99 2.39 39.04
C ILE F 136 -18.68 2.64 39.78
N ALA F 137 -17.79 3.38 39.15
CA ALA F 137 -16.48 3.72 39.70
C ALA F 137 -16.42 5.23 39.90
N ILE F 138 -16.26 5.66 41.14
CA ILE F 138 -16.09 7.07 41.48
C ILE F 138 -14.58 7.34 41.53
N VAL F 139 -14.06 8.01 40.51
CA VAL F 139 -12.62 8.18 40.32
C VAL F 139 -12.27 9.64 40.64
N ARG F 140 -11.50 9.84 41.70
CA ARG F 140 -11.12 11.17 42.16
C ARG F 140 -9.60 11.31 42.18
N ARG F 141 -9.14 12.55 42.14
CA ARG F 141 -7.72 12.88 42.10
C ARG F 141 -7.16 13.02 43.50
N GLU F 142 -5.92 12.56 43.66
CA GLU F 142 -5.19 12.67 44.91
C GLU F 142 -3.77 13.10 44.60
N PRO F 143 -3.09 13.73 45.55
CA PRO F 143 -1.67 14.06 45.35
C PRO F 143 -0.81 12.80 45.34
N VAL F 144 0.41 12.95 44.80
CA VAL F 144 1.37 11.86 44.84
C VAL F 144 2.17 11.84 46.13
N GLY F 145 2.20 12.96 46.86
CA GLY F 145 2.91 13.01 48.13
C GLY F 145 3.96 14.09 48.19
N LEU F 146 5.22 13.68 48.32
CA LEU F 146 6.34 14.58 48.38
C LEU F 146 6.95 14.72 46.99
N VAL F 147 6.94 15.94 46.46
CA VAL F 147 7.56 16.26 45.18
C VAL F 147 8.90 16.94 45.45
N LEU F 148 9.96 16.42 44.83
CA LEU F 148 11.26 17.07 44.82
C LEU F 148 11.40 17.86 43.53
N ALA F 149 11.45 19.18 43.63
CA ALA F 149 11.61 20.07 42.50
C ALA F 149 13.06 20.56 42.41
N ILE F 150 13.64 20.44 41.22
CA ILE F 150 15.03 20.83 40.97
C ILE F 150 15.04 21.76 39.77
N SER F 151 15.47 23.01 39.98
CA SER F 151 15.47 24.01 38.92
C SER F 151 16.87 24.24 38.38
N PRO F 152 16.98 24.85 37.18
CA PRO F 152 18.31 25.10 36.59
C PRO F 152 18.79 26.54 36.77
N PHE F 153 20.05 26.80 36.40
CA PHE F 153 20.61 28.12 36.65
C PHE F 153 19.97 29.20 35.77
N ASN F 154 19.54 28.85 34.56
CA ASN F 154 19.16 29.89 33.59
C ASN F 154 17.79 30.48 33.89
N TYR F 155 16.91 29.72 34.54
CA TYR F 155 15.60 30.23 34.98
C TYR F 155 15.34 29.67 36.38
N PRO F 156 16.09 30.14 37.38
CA PRO F 156 16.02 29.52 38.71
C PRO F 156 14.73 29.80 39.45
N VAL F 157 14.05 30.88 39.13
CA VAL F 157 12.78 31.23 39.76
C VAL F 157 11.60 30.76 38.95
N ASN F 158 11.59 31.04 37.64
CA ASN F 158 10.49 30.63 36.79
C ASN F 158 10.32 29.11 36.81
N LEU F 159 11.41 28.37 36.64
CA LEU F 159 11.38 26.92 36.61
C LEU F 159 11.43 26.29 37.99
N ALA F 160 11.32 27.09 39.05
CA ALA F 160 10.95 26.60 40.37
C ALA F 160 9.44 26.75 40.59
N GLY F 161 8.92 27.94 40.32
CA GLY F 161 7.48 28.17 40.46
C GLY F 161 6.65 27.30 39.53
N SER F 162 7.17 27.04 38.33
CA SER F 162 6.44 26.17 37.40
C SER F 162 6.29 24.76 37.93
N LYS F 163 7.08 24.39 38.95
CA LYS F 163 6.98 23.09 39.61
C LYS F 163 6.26 23.19 40.95
N ILE F 164 6.56 24.23 41.74
CA ILE F 164 6.03 24.33 43.09
C ILE F 164 4.52 24.51 43.06
N ALA F 165 4.04 25.48 42.28
CA ALA F 165 2.61 25.82 42.34
C ALA F 165 1.73 24.68 41.85
N PRO F 166 1.99 24.06 40.70
CA PRO F 166 1.16 22.91 40.30
C PRO F 166 1.16 21.78 41.32
N ALA F 167 2.31 21.54 41.97
CA ALA F 167 2.38 20.48 42.97
C ALA F 167 1.57 20.84 44.21
N LEU F 168 1.67 22.09 44.66
CA LEU F 168 1.03 22.47 45.92
C LEU F 168 -0.48 22.50 45.79
N ILE F 169 -1.01 23.04 44.68
CA ILE F 169 -2.46 23.16 44.56
C ILE F 169 -3.10 21.78 44.58
N ALA F 170 -2.40 20.77 44.06
CA ALA F 170 -2.94 19.41 44.00
C ALA F 170 -2.88 18.70 45.34
N GLY F 171 -2.24 19.29 46.35
CA GLY F 171 -2.14 18.68 47.66
C GLY F 171 -0.81 18.02 47.96
N ASN F 172 0.16 18.12 47.05
CA ASN F 172 1.50 17.63 47.35
C ASN F 172 2.23 18.61 48.26
N VAL F 173 3.21 18.08 48.99
CA VAL F 173 4.21 18.89 49.68
C VAL F 173 5.47 18.87 48.82
N VAL F 174 6.30 19.91 48.98
CA VAL F 174 7.38 20.16 48.03
C VAL F 174 8.68 20.45 48.76
N ALA F 175 9.79 19.97 48.19
CA ALA F 175 11.13 20.37 48.56
C ALA F 175 11.80 20.92 47.31
N LEU F 176 12.31 22.14 47.38
CA LEU F 176 12.93 22.80 46.25
C LEU F 176 14.44 22.75 46.40
N LYS F 177 15.11 22.18 45.40
CA LYS F 177 16.57 22.20 45.29
C LYS F 177 16.93 23.16 44.17
N PRO F 178 17.20 24.43 44.47
CA PRO F 178 17.60 25.37 43.43
C PRO F 178 19.00 25.03 42.93
N PRO F 179 19.42 25.62 41.82
CA PRO F 179 20.84 25.50 41.43
C PRO F 179 21.70 26.28 42.41
N THR F 180 22.91 25.78 42.64
CA THR F 180 23.85 26.52 43.48
C THR F 180 24.04 27.93 42.94
N GLN F 181 24.38 28.07 41.67
CA GLN F 181 24.39 29.37 41.01
C GLN F 181 22.95 29.72 40.68
N GLY F 182 22.28 30.38 41.63
CA GLY F 182 20.86 30.64 41.53
C GLY F 182 20.14 30.32 42.82
N SER F 183 20.87 29.78 43.80
CA SER F 183 20.24 29.38 45.06
C SER F 183 19.71 30.59 45.82
N ILE F 184 20.44 31.71 45.77
CA ILE F 184 19.95 32.93 46.42
C ILE F 184 18.58 33.32 45.86
N SER F 185 18.47 33.36 44.52
CA SER F 185 17.20 33.70 43.91
C SER F 185 16.12 32.70 44.29
N GLY F 186 16.48 31.42 44.37
CA GLY F 186 15.50 30.42 44.78
C GLY F 186 15.04 30.60 46.22
N LEU F 187 15.97 30.97 47.11
CA LEU F 187 15.59 31.21 48.49
C LEU F 187 14.79 32.50 48.64
N LEU F 188 15.04 33.48 47.77
CA LEU F 188 14.20 34.67 47.76
C LEU F 188 12.78 34.32 47.36
N LEU F 189 12.62 33.38 46.40
CA LEU F 189 11.30 32.88 46.08
C LEU F 189 10.66 32.19 47.29
N ALA F 190 11.45 31.42 48.04
CA ALA F 190 10.91 30.74 49.21
C ALA F 190 10.43 31.74 50.25
N GLU F 191 11.12 32.88 50.39
CA GLU F 191 10.69 33.89 51.34
C GLU F 191 9.27 34.34 51.03
N ALA F 192 8.94 34.51 49.75
CA ALA F 192 7.59 34.91 49.38
C ALA F 192 6.57 33.88 49.83
N PHE F 193 6.87 32.59 49.66
CA PHE F 193 5.95 31.56 50.12
C PHE F 193 5.88 31.54 51.64
N ALA F 194 6.99 31.78 52.31
CA ALA F 194 6.98 31.84 53.77
C ALA F 194 6.14 33.01 54.26
N GLU F 195 6.33 34.20 53.65
CA GLU F 195 5.54 35.35 54.04
C GLU F 195 4.06 35.15 53.74
N ALA F 196 3.75 34.36 52.70
CA ALA F 196 2.36 34.08 52.36
C ALA F 196 1.68 33.18 53.40
N GLY F 197 2.43 32.63 54.34
CA GLY F 197 1.85 31.81 55.38
C GLY F 197 1.77 30.34 55.06
N ILE F 198 2.52 29.85 54.08
CA ILE F 198 2.49 28.45 53.69
C ILE F 198 2.77 27.61 54.93
N PRO F 199 1.93 26.63 55.27
CA PRO F 199 2.12 25.91 56.53
C PRO F 199 3.48 25.24 56.62
N ALA F 200 3.97 25.14 57.86
CA ALA F 200 5.29 24.58 58.11
C ALA F 200 5.42 23.18 57.51
N GLY F 201 6.48 22.98 56.72
CA GLY F 201 6.75 21.70 56.12
C GLY F 201 6.09 21.47 54.78
N VAL F 202 5.05 22.25 54.44
CA VAL F 202 4.40 22.07 53.15
C VAL F 202 5.35 22.43 52.02
N PHE F 203 6.18 23.45 52.22
CA PHE F 203 7.18 23.86 51.26
C PHE F 203 8.50 24.09 51.99
N ASN F 204 9.57 23.52 51.48
CA ASN F 204 10.90 23.60 52.09
C ASN F 204 11.91 23.79 50.97
N THR F 205 13.13 24.18 51.35
CA THR F 205 14.23 24.34 50.41
C THR F 205 15.41 23.48 50.83
N ILE F 206 16.18 23.05 49.83
CA ILE F 206 17.42 22.31 50.02
C ILE F 206 18.49 23.02 49.19
N THR F 207 19.63 23.31 49.81
CA THR F 207 20.74 23.93 49.11
C THR F 207 22.01 23.13 49.35
N GLY F 208 22.88 23.15 48.36
CA GLY F 208 24.10 22.36 48.35
C GLY F 208 24.45 21.98 46.93
N ARG F 209 25.72 21.69 46.70
CA ARG F 209 26.17 21.37 45.35
C ARG F 209 25.60 20.03 44.92
N GLY F 210 24.88 20.02 43.80
CA GLY F 210 24.31 18.79 43.28
C GLY F 210 25.31 17.68 43.07
N SER F 211 26.59 18.01 42.95
CA SER F 211 27.64 17.02 42.76
C SER F 211 27.98 16.27 44.04
N VAL F 212 27.45 16.68 45.20
CA VAL F 212 27.76 16.02 46.46
C VAL F 212 26.50 15.46 47.13
N ILE F 213 25.38 16.19 47.07
CA ILE F 213 24.13 15.73 47.67
C ILE F 213 23.07 15.43 46.63
N GLY F 214 23.34 15.70 45.35
CA GLY F 214 22.31 15.54 44.34
C GLY F 214 21.74 14.14 44.31
N ASP F 215 22.61 13.13 44.28
CA ASP F 215 22.14 11.75 44.26
C ASP F 215 21.35 11.42 45.52
N TYR F 216 21.80 11.93 46.67
CA TYR F 216 21.16 11.57 47.93
C TYR F 216 19.73 12.09 48.00
N ILE F 217 19.52 13.35 47.61
CA ILE F 217 18.18 13.91 47.69
C ILE F 217 17.23 13.20 46.73
N VAL F 218 17.76 12.66 45.63
CA VAL F 218 16.91 11.99 44.66
C VAL F 218 16.59 10.57 45.11
N GLU F 219 17.60 9.84 45.58
CA GLU F 219 17.40 8.44 45.94
C GLU F 219 16.55 8.27 47.20
N HIS F 220 16.43 9.31 48.02
CA HIS F 220 15.75 9.20 49.29
C HIS F 220 14.36 8.62 49.11
N GLU F 221 14.03 7.61 49.94
CA GLU F 221 12.75 6.93 49.79
C GLU F 221 11.57 7.80 50.18
N ALA F 222 11.81 8.89 50.91
CA ALA F 222 10.70 9.78 51.27
C ALA F 222 10.11 10.47 50.06
N VAL F 223 10.89 10.65 49.00
CA VAL F 223 10.43 11.35 47.82
C VAL F 223 9.54 10.42 47.00
N ASN F 224 8.37 10.92 46.61
CA ASN F 224 7.43 10.16 45.80
C ASN F 224 7.47 10.57 44.33
N PHE F 225 8.14 11.68 44.01
CA PHE F 225 8.06 12.27 42.68
C PHE F 225 9.24 13.22 42.52
N ILE F 226 9.92 13.13 41.37
CA ILE F 226 11.04 14.01 41.05
C ILE F 226 10.67 14.83 39.82
N ASN F 227 10.68 16.16 39.97
CA ASN F 227 10.35 17.10 38.90
C ASN F 227 11.61 17.90 38.62
N PHE F 228 12.29 17.60 37.51
CA PHE F 228 13.65 18.08 37.28
C PHE F 228 13.79 18.76 35.93
N THR F 229 14.54 19.86 35.92
CA THR F 229 14.91 20.55 34.69
C THR F 229 16.41 20.82 34.74
N GLY F 230 17.12 20.37 33.71
CA GLY F 230 18.57 20.54 33.69
C GLY F 230 19.19 19.81 32.51
N SER F 231 20.43 19.40 32.69
CA SER F 231 21.18 18.75 31.62
C SER F 231 20.71 17.32 31.42
N THR F 232 20.89 16.82 30.21
CA THR F 232 20.48 15.45 29.90
C THR F 232 21.24 14.41 30.71
N PRO F 233 22.57 14.47 30.85
CA PRO F 233 23.25 13.45 31.66
C PRO F 233 22.76 13.39 33.10
N ILE F 234 22.48 14.53 33.73
CA ILE F 234 21.94 14.51 35.08
C ILE F 234 20.53 13.95 35.08
N GLY F 235 19.73 14.35 34.08
CA GLY F 235 18.41 13.76 33.93
C GLY F 235 18.46 12.26 33.74
N GLU F 236 19.45 11.78 32.97
CA GLU F 236 19.63 10.36 32.79
C GLU F 236 19.82 9.65 34.14
N GLY F 237 20.72 10.18 34.96
CA GLY F 237 20.97 9.57 36.26
C GLY F 237 19.74 9.62 37.16
N ILE F 238 18.98 10.70 37.09
CA ILE F 238 17.77 10.81 37.91
C ILE F 238 16.75 9.75 37.48
N GLY F 239 16.67 9.47 36.18
CA GLY F 239 15.79 8.41 35.72
C GLY F 239 16.18 7.06 36.30
N LYS F 240 17.48 6.82 36.42
CA LYS F 240 17.94 5.57 37.02
C LYS F 240 17.61 5.52 38.50
N LEU F 241 18.00 6.55 39.25
CA LEU F 241 17.79 6.58 40.69
C LEU F 241 16.32 6.66 41.07
N ALA F 242 15.46 7.16 40.18
CA ALA F 242 14.04 7.20 40.50
C ALA F 242 13.46 5.80 40.64
N GLY F 243 14.02 4.83 39.93
CA GLY F 243 13.48 3.48 39.94
C GLY F 243 12.11 3.42 39.31
N MET F 244 11.10 3.05 40.10
CA MET F 244 9.73 3.00 39.62
C MET F 244 8.96 4.29 39.88
N ARG F 245 9.53 5.23 40.63
CA ARG F 245 8.79 6.41 41.03
C ARG F 245 8.57 7.33 39.83
N PRO F 246 7.44 8.04 39.80
CA PRO F 246 7.16 8.95 38.68
C PRO F 246 8.11 10.15 38.69
N ILE F 247 8.41 10.63 37.49
CA ILE F 247 9.32 11.76 37.32
C ILE F 247 8.81 12.66 36.20
N MET F 248 9.35 13.87 36.17
CA MET F 248 9.24 14.78 35.04
C MET F 248 10.62 15.34 34.75
N LEU F 249 11.04 15.26 33.48
CA LEU F 249 12.36 15.70 33.07
C LEU F 249 12.24 16.68 31.93
N GLU F 250 12.94 17.81 32.03
CA GLU F 250 13.03 18.82 30.97
C GLU F 250 14.52 19.04 30.74
N LEU F 251 15.06 18.44 29.68
CA LEU F 251 16.50 18.32 29.52
C LEU F 251 16.98 19.19 28.35
N GLY F 252 18.08 18.79 27.70
CA GLY F 252 18.69 19.63 26.71
C GLY F 252 17.88 19.76 25.44
N GLY F 253 18.22 20.76 24.64
CA GLY F 253 17.55 20.97 23.37
C GLY F 253 18.55 21.36 22.30
N LYS F 254 18.21 21.01 21.06
CA LYS F 254 18.95 21.41 19.87
C LYS F 254 17.93 21.74 18.79
N ASP F 255 17.04 22.67 19.11
CA ASP F 255 15.89 22.95 18.26
C ASP F 255 16.34 23.36 16.86
N SER F 256 15.67 22.80 15.87
CA SER F 256 15.94 23.12 14.47
C SER F 256 14.93 24.16 13.97
N ALA F 257 15.40 25.02 13.08
CA ALA F 257 14.56 26.01 12.39
C ALA F 257 14.63 25.66 10.90
N ILE F 258 13.57 25.04 10.39
CA ILE F 258 13.52 24.61 8.99
C ILE F 258 12.95 25.75 8.16
N VAL F 259 13.72 26.21 7.19
CA VAL F 259 13.35 27.33 6.33
C VAL F 259 13.21 26.80 4.91
N LEU F 260 12.01 26.87 4.36
CA LEU F 260 11.72 26.36 3.03
C LEU F 260 11.88 27.46 1.99
N GLU F 261 11.75 27.06 0.72
CA GLU F 261 12.01 27.99 -0.37
C GLU F 261 10.99 29.12 -0.42
N ASP F 262 9.76 28.88 0.04
CA ASP F 262 8.71 29.88 -0.01
C ASP F 262 8.60 30.69 1.28
N ALA F 263 9.62 30.66 2.12
CA ALA F 263 9.54 31.31 3.42
C ALA F 263 9.69 32.82 3.32
N ASP F 264 9.10 33.52 4.29
CA ASP F 264 9.34 34.94 4.51
C ASP F 264 10.69 35.06 5.20
N LEU F 265 11.74 35.31 4.42
CA LEU F 265 13.10 35.26 4.96
C LEU F 265 13.31 36.32 6.03
N ALA F 266 12.74 37.52 5.84
CA ALA F 266 12.88 38.57 6.84
C ALA F 266 12.26 38.15 8.17
N LEU F 267 11.04 37.60 8.12
CA LEU F 267 10.42 37.10 9.34
C LEU F 267 11.24 35.95 9.92
N ALA F 268 11.73 35.05 9.06
CA ALA F 268 12.55 33.94 9.53
C ALA F 268 13.82 34.44 10.20
N ALA F 269 14.51 35.39 9.55
CA ALA F 269 15.75 35.90 10.12
C ALA F 269 15.52 36.54 11.48
N LYS F 270 14.45 37.32 11.62
CA LYS F 270 14.17 37.98 12.90
C LYS F 270 13.91 36.96 13.99
N ASN F 271 13.06 35.97 13.72
CA ASN F 271 12.73 34.98 14.75
C ASN F 271 13.95 34.13 15.07
N ILE F 272 14.73 33.76 14.06
CA ILE F 272 15.88 32.89 14.28
C ILE F 272 16.91 33.59 15.15
N VAL F 273 17.15 34.87 14.90
CA VAL F 273 18.15 35.59 15.69
C VAL F 273 17.64 35.79 17.12
N ALA F 274 16.39 36.20 17.27
CA ALA F 274 15.83 36.38 18.60
C ALA F 274 15.85 35.05 19.37
N GLY F 275 15.48 33.96 18.69
CA GLY F 275 15.43 32.67 19.36
C GLY F 275 16.78 32.07 19.63
N ALA F 276 17.76 32.31 18.75
CA ALA F 276 19.05 31.67 18.95
C ALA F 276 19.88 32.37 20.02
N PHE F 277 19.84 33.70 20.07
CA PHE F 277 20.79 34.45 20.88
C PHE F 277 20.20 35.08 22.14
N GLY F 278 18.91 34.92 22.39
CA GLY F 278 18.35 35.39 23.63
C GLY F 278 19.05 34.77 24.84
N TYR F 279 19.40 35.60 25.83
CA TYR F 279 20.16 35.14 26.99
C TYR F 279 21.43 34.41 26.57
N SER F 280 22.06 34.92 25.50
CA SER F 280 23.32 34.39 25.01
C SER F 280 23.21 32.91 24.62
N GLY F 281 22.03 32.49 24.20
CA GLY F 281 21.80 31.12 23.82
C GLY F 281 21.66 30.14 24.97
N GLN F 282 21.52 30.64 26.20
CA GLN F 282 21.42 29.78 27.38
C GLN F 282 19.95 29.44 27.66
N ARG F 283 19.32 28.88 26.64
CA ARG F 283 17.92 28.48 26.69
C ARG F 283 17.75 27.13 26.01
N SER F 284 16.91 26.29 26.61
CA SER F 284 16.67 24.95 26.06
C SER F 284 15.88 25.03 24.78
N THR F 285 14.93 25.96 24.69
CA THR F 285 14.08 26.13 23.52
C THR F 285 14.68 27.09 22.49
N ALA F 286 15.98 27.33 22.54
CA ALA F 286 16.58 28.27 21.61
C ALA F 286 16.71 27.62 20.24
N VAL F 287 16.56 28.43 19.19
CA VAL F 287 16.91 28.00 17.85
C VAL F 287 18.40 27.70 17.87
N LYS F 288 18.78 26.42 17.70
CA LYS F 288 20.17 26.03 17.82
C LYS F 288 20.76 25.47 16.52
N ARG F 289 19.96 25.34 15.47
CA ARG F 289 20.48 24.95 14.17
C ARG F 289 19.45 25.33 13.11
N VAL F 290 19.92 25.95 12.03
CA VAL F 290 19.07 26.33 10.91
C VAL F 290 19.26 25.30 9.81
N LEU F 291 18.16 24.71 9.36
CA LEU F 291 18.12 23.78 8.24
C LEU F 291 17.39 24.49 7.11
N VAL F 292 18.14 25.02 6.14
CA VAL F 292 17.59 25.90 5.11
C VAL F 292 17.84 25.29 3.74
N MET F 293 16.80 25.31 2.90
CA MET F 293 16.94 24.92 1.50
C MET F 293 17.97 25.80 0.83
N ASP F 294 18.90 25.18 0.09
CA ASP F 294 20.05 25.91 -0.42
CA ASP F 294 20.04 25.91 -0.43
C ASP F 294 19.63 27.05 -1.35
N LYS F 295 18.45 26.96 -1.97
CA LYS F 295 18.04 28.02 -2.88
C LYS F 295 17.95 29.37 -2.19
N VAL F 296 17.53 29.40 -0.93
CA VAL F 296 17.34 30.65 -0.21
C VAL F 296 18.38 30.85 0.89
N ALA F 297 19.40 29.99 0.94
CA ALA F 297 20.34 30.01 2.05
C ALA F 297 21.22 31.25 2.04
N ASP F 298 21.72 31.64 0.86
CA ASP F 298 22.61 32.79 0.79
C ASP F 298 21.91 34.04 1.34
N GLN F 299 20.67 34.28 0.93
CA GLN F 299 19.98 35.50 1.35
C GLN F 299 19.53 35.41 2.80
N LEU F 300 19.09 34.22 3.25
CA LEU F 300 18.76 34.05 4.66
C LEU F 300 19.98 34.30 5.53
N ALA F 301 21.13 33.72 5.15
CA ALA F 301 22.34 33.90 5.94
C ALA F 301 22.71 35.38 6.03
N ALA F 302 22.60 36.11 4.93
CA ALA F 302 22.92 37.53 4.95
C ALA F 302 21.98 38.30 5.87
N GLU F 303 20.68 38.01 5.80
CA GLU F 303 19.73 38.73 6.64
C GLU F 303 19.89 38.36 8.10
N ILE F 304 20.22 37.10 8.39
CA ILE F 304 20.54 36.73 9.77
C ILE F 304 21.81 37.45 10.21
N LYS F 305 22.83 37.45 9.35
CA LYS F 305 24.09 38.12 9.68
C LYS F 305 23.86 39.57 10.09
N THR F 306 23.07 40.29 9.28
CA THR F 306 22.85 41.70 9.56
C THR F 306 22.27 41.92 10.96
N LEU F 307 21.34 41.06 11.37
CA LEU F 307 20.71 41.23 12.68
C LEU F 307 21.65 40.84 13.80
N VAL F 308 22.45 39.79 13.62
CA VAL F 308 23.39 39.39 14.65
C VAL F 308 24.38 40.51 14.94
N GLU F 309 24.83 41.20 13.89
CA GLU F 309 25.81 42.27 14.05
C GLU F 309 25.27 43.44 14.86
N LYS F 310 23.95 43.55 15.01
CA LYS F 310 23.35 44.65 15.75
C LYS F 310 23.06 44.31 17.20
N LEU F 311 23.23 43.04 17.60
CA LEU F 311 23.04 42.66 18.99
C LEU F 311 24.08 43.38 19.86
N SER F 312 23.62 43.88 21.00
CA SER F 312 24.52 44.50 21.96
C SER F 312 25.24 43.41 22.76
N VAL F 313 26.51 43.66 23.06
CA VAL F 313 27.35 42.72 23.80
C VAL F 313 27.89 43.48 25.00
N GLY F 314 27.48 43.06 26.20
CA GLY F 314 27.88 43.77 27.39
C GLY F 314 27.42 43.13 28.69
N MET F 315 27.12 43.99 29.71
CA MET F 315 26.86 43.55 31.07
C MET F 315 25.36 43.38 31.31
N PRO F 316 25.00 42.52 32.27
CA PRO F 316 23.56 42.35 32.57
C PRO F 316 22.89 43.64 33.02
N GLU F 317 23.57 44.44 33.85
CA GLU F 317 22.99 45.68 34.35
CA GLU F 317 22.96 45.66 34.35
C GLU F 317 22.66 46.65 33.24
N ASP F 318 23.25 46.48 32.06
CA ASP F 318 23.01 47.35 30.91
C ASP F 318 22.02 46.74 29.91
N ASP F 319 21.39 45.63 30.27
CA ASP F 319 20.38 44.99 29.43
C ASP F 319 20.94 44.64 28.05
N ALA F 320 22.19 44.20 28.02
CA ALA F 320 22.80 43.78 26.77
C ALA F 320 22.11 42.52 26.25
N ASP F 321 22.03 42.43 24.93
CA ASP F 321 21.52 41.21 24.31
C ASP F 321 22.37 40.01 24.70
N ILE F 322 23.68 40.14 24.55
CA ILE F 322 24.63 39.07 24.82
C ILE F 322 25.37 39.44 26.11
N THR F 323 25.22 38.61 27.12
CA THR F 323 25.85 38.79 28.42
C THR F 323 26.89 37.70 28.67
N PRO F 324 27.75 37.88 29.67
CA PRO F 324 28.74 36.84 29.96
C PRO F 324 28.06 35.53 30.33
N LEU F 325 28.68 34.43 29.91
CA LEU F 325 28.10 33.12 30.18
C LEU F 325 28.23 32.78 31.66
N ILE F 326 27.56 31.70 32.04
CA ILE F 326 27.33 31.42 33.46
C ILE F 326 28.64 31.19 34.20
N ASP F 327 29.62 30.56 33.54
CA ASP F 327 30.92 30.34 34.15
C ASP F 327 31.95 30.08 33.07
N THR F 328 33.21 29.94 33.50
CA THR F 328 34.31 29.77 32.55
C THR F 328 34.22 28.43 31.83
N SER F 329 33.84 27.38 32.56
CA SER F 329 33.69 26.07 31.93
C SER F 329 32.74 26.12 30.74
N ALA F 330 31.60 26.80 30.89
CA ALA F 330 30.66 26.94 29.79
C ALA F 330 31.29 27.68 28.62
N ALA F 331 32.00 28.77 28.89
CA ALA F 331 32.61 29.55 27.82
C ALA F 331 33.69 28.74 27.10
N ASP F 332 34.48 27.97 27.86
CA ASP F 332 35.48 27.12 27.23
C ASP F 332 34.83 26.08 26.32
N PHE F 333 33.71 25.50 26.77
CA PHE F 333 33.00 24.51 25.95
C PHE F 333 32.52 25.14 24.65
N VAL F 334 31.97 26.36 24.72
CA VAL F 334 31.49 27.02 23.51
C VAL F 334 32.65 27.30 22.57
N GLU F 335 33.77 27.80 23.10
CA GLU F 335 34.93 28.07 22.25
C GLU F 335 35.42 26.80 21.57
N GLY F 336 35.40 25.67 22.29
CA GLY F 336 35.81 24.42 21.69
C GLY F 336 34.95 24.03 20.49
N LEU F 337 33.63 24.20 20.63
CA LEU F 337 32.74 23.92 19.50
C LEU F 337 33.04 24.86 18.33
N ILE F 338 33.33 26.13 18.64
CA ILE F 338 33.65 27.09 17.59
C ILE F 338 34.92 26.69 16.86
N LYS F 339 35.96 26.32 17.61
CA LYS F 339 37.21 25.91 16.99
C LYS F 339 37.00 24.68 16.10
N ASP F 340 36.21 23.72 16.57
CA ASP F 340 35.96 22.52 15.78
C ASP F 340 35.32 22.88 14.44
N ALA F 341 34.30 23.74 14.47
CA ALA F 341 33.64 24.14 13.23
C ALA F 341 34.62 24.84 12.30
N THR F 342 35.42 25.77 12.83
CA THR F 342 36.38 26.47 12.00
C THR F 342 37.38 25.50 11.38
N ASP F 343 37.91 24.59 12.20
CA ASP F 343 38.92 23.65 11.70
C ASP F 343 38.38 22.79 10.57
N LYS F 344 37.08 22.53 10.55
CA LYS F 344 36.46 21.65 9.57
C LYS F 344 35.90 22.40 8.37
N GLY F 345 36.14 23.71 8.28
CA GLY F 345 35.84 24.46 7.09
C GLY F 345 34.60 25.32 7.12
N ALA F 346 33.96 25.48 8.28
CA ALA F 346 32.78 26.32 8.36
C ALA F 346 33.12 27.78 8.10
N THR F 347 32.16 28.51 7.55
CA THR F 347 32.32 29.93 7.25
C THR F 347 31.83 30.74 8.43
N ALA F 348 32.72 31.55 9.02
CA ALA F 348 32.36 32.39 10.17
C ALA F 348 31.84 33.72 9.65
N LEU F 349 30.50 33.86 9.62
CA LEU F 349 29.91 35.10 9.12
C LEU F 349 30.07 36.25 10.09
N THR F 350 30.19 35.96 11.40
CA THR F 350 30.53 36.96 12.40
C THR F 350 31.73 36.44 13.19
N ALA F 351 32.60 37.36 13.58
CA ALA F 351 33.90 36.99 14.11
C ALA F 351 33.81 36.55 15.57
N PHE F 352 34.60 35.55 15.94
CA PHE F 352 34.67 35.11 17.32
C PHE F 352 35.56 36.05 18.12
N ASN F 353 35.03 36.55 19.24
CA ASN F 353 35.80 37.35 20.18
C ASN F 353 35.33 37.03 21.58
N ARG F 354 36.27 36.98 22.52
CA ARG F 354 35.98 36.59 23.89
C ARG F 354 36.77 37.49 24.84
N GLU F 355 36.05 38.17 25.72
CA GLU F 355 36.65 38.96 26.79
C GLU F 355 36.16 38.36 28.10
N GLY F 356 37.06 37.71 28.84
CA GLY F 356 36.65 36.93 29.98
C GLY F 356 35.77 35.78 29.51
N ASN F 357 34.53 35.72 30.03
CA ASN F 357 33.55 34.75 29.58
C ASN F 357 32.45 35.39 28.74
N LEU F 358 32.67 36.61 28.28
CA LEU F 358 31.75 37.29 27.37
C LEU F 358 32.18 36.95 25.95
N ILE F 359 31.41 36.09 25.29
CA ILE F 359 31.69 35.65 23.93
C ILE F 359 30.77 36.43 22.99
N SER F 360 31.34 37.02 21.95
CA SER F 360 30.55 37.72 20.96
C SER F 360 29.74 36.71 20.14
N PRO F 361 28.58 37.12 19.63
CA PRO F 361 27.73 36.17 18.89
C PRO F 361 28.39 35.72 17.59
N VAL F 362 28.49 34.41 17.41
CA VAL F 362 29.17 33.80 16.27
C VAL F 362 28.13 33.12 15.38
N LEU F 363 28.11 33.48 14.10
CA LEU F 363 27.22 32.89 13.12
C LEU F 363 28.04 32.11 12.11
N PHE F 364 27.78 30.80 12.00
CA PHE F 364 28.47 29.92 11.07
C PHE F 364 27.54 29.50 9.95
N ASP F 365 28.06 29.52 8.72
CA ASP F 365 27.37 28.99 7.55
C ASP F 365 28.17 27.80 7.01
N HIS F 366 27.51 27.01 6.17
CA HIS F 366 28.11 25.83 5.57
C HIS F 366 28.60 24.85 6.65
N VAL F 367 27.81 24.72 7.71
CA VAL F 367 28.10 23.73 8.74
C VAL F 367 27.65 22.36 8.22
N THR F 368 28.45 21.34 8.51
CA THR F 368 28.20 19.98 8.06
C THR F 368 27.94 19.07 9.25
N THR F 369 27.36 17.91 8.98
CA THR F 369 27.03 16.98 10.04
C THR F 369 28.27 16.34 10.68
N ASP F 370 29.45 16.55 10.10
CA ASP F 370 30.68 16.07 10.71
C ASP F 370 31.19 17.01 11.80
N MET F 371 30.57 18.17 11.98
CA MET F 371 31.00 19.13 12.98
C MET F 371 30.19 18.95 14.27
N ARG F 372 30.88 19.10 15.40
CA ARG F 372 30.20 18.99 16.68
C ARG F 372 29.10 20.02 16.83
N LEU F 373 29.28 21.22 16.25
CA LEU F 373 28.28 22.27 16.39
C LEU F 373 26.96 21.90 15.75
N ALA F 374 26.94 20.88 14.89
CA ALA F 374 25.70 20.44 14.29
C ALA F 374 24.79 19.68 15.25
N TRP F 375 25.34 19.20 16.37
CA TRP F 375 24.59 18.31 17.24
C TRP F 375 24.60 18.71 18.71
N GLU F 376 25.75 19.08 19.23
CA GLU F 376 25.88 19.32 20.67
C GLU F 376 25.22 20.65 21.06
N GLU F 377 24.57 20.65 22.21
CA GLU F 377 23.95 21.85 22.75
C GLU F 377 25.03 22.76 23.29
N PRO F 378 25.27 23.94 22.71
CA PRO F 378 26.37 24.79 23.21
C PRO F 378 26.05 25.51 24.50
N PHE F 379 24.83 26.02 24.62
CA PHE F 379 24.48 26.96 25.69
C PHE F 379 25.43 28.17 25.64
N GLY F 380 25.56 28.73 24.44
CA GLY F 380 26.33 29.92 24.21
C GLY F 380 25.89 30.57 22.91
N PRO F 381 26.36 31.78 22.65
CA PRO F 381 25.86 32.54 21.49
C PRO F 381 26.53 32.14 20.18
N VAL F 382 26.21 30.93 19.71
CA VAL F 382 26.75 30.42 18.44
C VAL F 382 25.66 29.65 17.73
N LEU F 383 25.46 29.97 16.45
CA LEU F 383 24.35 29.40 15.67
C LEU F 383 24.90 28.82 14.37
N PRO F 384 24.66 27.53 14.11
CA PRO F 384 25.05 26.97 12.80
C PRO F 384 23.93 27.00 11.78
N ILE F 385 24.30 27.27 10.54
CA ILE F 385 23.40 27.16 9.39
C ILE F 385 23.82 25.95 8.58
N ILE F 386 22.89 25.01 8.39
CA ILE F 386 23.13 23.77 7.66
C ILE F 386 22.24 23.77 6.43
N ARG F 387 22.86 23.72 5.25
CA ARG F 387 22.12 23.76 3.99
C ARG F 387 21.66 22.37 3.59
N VAL F 388 20.43 22.29 3.08
CA VAL F 388 19.85 21.04 2.62
C VAL F 388 19.30 21.25 1.22
N THR F 389 19.13 20.14 0.50
CA THR F 389 18.62 20.19 -0.87
C THR F 389 17.16 19.81 -0.97
N THR F 390 16.62 19.12 0.02
CA THR F 390 15.23 18.68 0.01
C THR F 390 14.65 18.79 1.41
N VAL F 391 13.32 18.85 1.48
CA VAL F 391 12.67 18.84 2.78
C VAL F 391 12.91 17.49 3.47
N GLU F 392 12.96 16.42 2.69
CA GLU F 392 13.24 15.11 3.27
CA GLU F 392 13.24 15.10 3.26
C GLU F 392 14.56 15.10 4.01
N GLU F 393 15.58 15.77 3.46
CA GLU F 393 16.87 15.86 4.13
C GLU F 393 16.77 16.68 5.41
N ALA F 394 16.04 17.80 5.36
CA ALA F 394 15.86 18.61 6.56
C ALA F 394 15.21 17.78 7.67
N ILE F 395 14.17 17.01 7.32
CA ILE F 395 13.51 16.16 8.31
C ILE F 395 14.48 15.13 8.86
N LYS F 396 15.25 14.49 7.97
CA LYS F 396 16.18 13.46 8.40
C LYS F 396 17.22 14.03 9.36
N ILE F 397 17.85 15.16 8.98
CA ILE F 397 18.88 15.74 9.82
C ILE F 397 18.30 16.20 11.14
N SER F 398 17.09 16.78 11.11
CA SER F 398 16.46 17.21 12.34
C SER F 398 16.23 16.02 13.28
N ASN F 399 15.69 14.93 12.75
CA ASN F 399 15.38 13.76 13.56
C ASN F 399 16.62 12.95 13.94
N GLU F 400 17.74 13.12 13.24
CA GLU F 400 18.96 12.42 13.62
C GLU F 400 19.49 12.85 14.99
N SER F 401 19.10 14.03 15.45
CA SER F 401 19.54 14.51 16.76
C SER F 401 18.95 13.65 17.87
N GLU F 402 19.75 13.48 18.93
CA GLU F 402 19.24 12.83 20.13
C GLU F 402 18.25 13.71 20.88
N TYR F 403 18.22 15.00 20.58
CA TYR F 403 17.30 15.92 21.20
C TYR F 403 16.04 16.09 20.35
N GLY F 404 14.94 16.40 21.02
CA GLY F 404 13.67 16.58 20.34
C GLY F 404 12.72 17.43 21.16
N LEU F 405 13.14 18.64 21.51
CA LEU F 405 12.29 19.51 22.33
C LEU F 405 11.27 20.23 21.46
N GLN F 406 11.72 21.12 20.58
CA GLN F 406 10.84 21.84 19.68
C GLN F 406 11.52 22.03 18.34
N ALA F 407 10.74 22.57 17.40
CA ALA F 407 11.23 22.93 16.07
C ALA F 407 10.37 24.08 15.56
N SER F 408 10.94 24.84 14.63
CA SER F 408 10.23 25.88 13.93
CA SER F 408 10.23 25.89 13.92
C SER F 408 10.28 25.59 12.43
N ILE F 409 9.19 25.90 11.73
CA ILE F 409 9.11 25.73 10.29
C ILE F 409 8.68 27.06 9.70
N PHE F 410 9.44 27.57 8.74
CA PHE F 410 9.16 28.84 8.09
CA PHE F 410 9.15 28.84 8.09
C PHE F 410 8.78 28.55 6.64
N THR F 411 7.50 28.73 6.32
CA THR F 411 6.96 28.43 5.00
C THR F 411 5.59 29.08 4.89
N THR F 412 5.17 29.33 3.66
CA THR F 412 3.83 29.84 3.39
C THR F 412 2.85 28.72 3.07
N ASN F 413 3.31 27.46 3.06
CA ASN F 413 2.48 26.29 2.78
C ASN F 413 2.17 25.63 4.12
N PHE F 414 1.02 26.02 4.68
CA PHE F 414 0.68 25.52 6.00
CA PHE F 414 0.62 25.54 6.01
C PHE F 414 0.21 24.08 5.97
N PRO F 415 -0.59 23.60 5.01
CA PRO F 415 -0.86 22.16 4.94
C PRO F 415 0.41 21.32 4.88
N LYS F 416 1.41 21.76 4.10
CA LYS F 416 2.67 21.05 4.06
C LYS F 416 3.40 21.15 5.40
N ALA F 417 3.33 22.31 6.05
CA ALA F 417 3.99 22.48 7.34
C ALA F 417 3.45 21.49 8.37
N PHE F 418 2.14 21.25 8.38
CA PHE F 418 1.59 20.27 9.30
C PHE F 418 2.09 18.87 8.97
N GLY F 419 2.20 18.54 7.69
CA GLY F 419 2.73 17.23 7.32
C GLY F 419 4.16 17.05 7.77
N ILE F 420 4.98 18.10 7.64
CA ILE F 420 6.34 18.06 8.18
C ILE F 420 6.30 17.91 9.70
N ALA F 421 5.42 18.67 10.36
CA ALA F 421 5.36 18.63 11.81
C ALA F 421 5.05 17.22 12.31
N GLU F 422 4.20 16.48 11.59
CA GLU F 422 3.89 15.12 12.00
C GLU F 422 5.16 14.26 12.03
N GLN F 423 6.10 14.53 11.14
CA GLN F 423 7.30 13.71 11.03
C GLN F 423 8.43 14.13 11.96
N LEU F 424 8.38 15.34 12.51
CA LEU F 424 9.45 15.81 13.39
C LEU F 424 9.30 15.21 14.78
N GLU F 425 10.39 14.63 15.28
CA GLU F 425 10.40 14.00 16.60
C GLU F 425 10.67 15.04 17.67
N VAL F 426 9.66 15.89 17.89
CA VAL F 426 9.74 16.95 18.88
C VAL F 426 8.39 17.04 19.59
N GLY F 427 8.37 17.78 20.69
CA GLY F 427 7.14 17.99 21.42
C GLY F 427 6.26 19.04 20.78
N THR F 428 6.86 20.14 20.34
CA THR F 428 6.13 21.28 19.82
C THR F 428 6.78 21.80 18.55
N VAL F 429 5.95 22.17 17.58
CA VAL F 429 6.40 22.77 16.32
C VAL F 429 5.73 24.14 16.19
N HIS F 430 6.54 25.19 16.08
CA HIS F 430 6.04 26.54 15.87
C HIS F 430 6.14 26.90 14.39
N LEU F 431 5.04 27.41 13.84
CA LEU F 431 4.99 27.78 12.43
C LEU F 431 5.23 29.28 12.31
N ASN F 432 6.23 29.65 11.50
CA ASN F 432 6.59 31.05 11.27
C ASN F 432 6.81 31.79 12.59
N ASN F 433 7.38 31.09 13.55
CA ASN F 433 7.74 31.66 14.83
C ASN F 433 8.95 30.94 15.38
N LYS F 434 9.69 31.62 16.26
CA LYS F 434 10.76 30.96 16.99
C LYS F 434 10.18 29.93 17.95
N THR F 435 11.01 28.97 18.35
CA THR F 435 10.62 28.05 19.39
C THR F 435 10.53 28.76 20.73
N GLN F 436 9.60 28.31 21.57
CA GLN F 436 9.36 28.94 22.86
C GLN F 436 8.49 28.02 23.70
N ARG F 437 8.62 28.16 25.02
CA ARG F 437 7.80 27.35 25.92
C ARG F 437 6.38 27.88 26.03
N GLY F 438 6.20 29.20 25.90
CA GLY F 438 4.90 29.79 26.13
C GLY F 438 3.95 29.64 24.96
N THR F 439 2.68 30.00 25.20
CA THR F 439 2.20 30.45 26.50
C THR F 439 2.13 29.29 27.49
N ASP F 440 2.28 29.60 28.79
CA ASP F 440 2.49 28.57 29.80
C ASP F 440 1.29 27.66 30.00
N ASN F 441 0.14 27.98 29.41
CA ASN F 441 -0.97 27.04 29.39
C ASN F 441 -0.82 25.99 28.30
N PHE F 442 0.01 26.26 27.28
CA PHE F 442 0.24 25.30 26.23
C PHE F 442 1.08 24.12 26.75
N PRO F 443 0.97 22.96 26.13
CA PRO F 443 1.83 21.83 26.52
C PRO F 443 3.30 22.14 26.23
N PHE F 444 4.17 21.64 27.09
CA PHE F 444 5.60 21.77 26.91
C PHE F 444 6.24 20.43 27.24
N LEU F 445 6.88 19.81 26.25
CA LEU F 445 7.46 18.49 26.42
C LEU F 445 8.56 18.30 25.40
N GLY F 446 9.42 17.34 25.67
CA GLY F 446 10.50 17.00 24.77
C GLY F 446 10.53 15.51 24.50
N ALA F 447 10.77 15.17 23.24
CA ALA F 447 10.90 13.78 22.83
C ALA F 447 12.35 13.32 22.97
N LYS F 448 12.55 12.00 22.91
CA LYS F 448 13.88 11.39 22.93
C LYS F 448 14.61 11.87 24.18
N LYS F 449 15.82 12.38 24.07
CA LYS F 449 16.61 12.75 25.24
C LYS F 449 16.28 14.12 25.79
N SER F 450 15.21 14.76 25.32
CA SER F 450 14.90 16.11 25.75
C SER F 450 14.02 16.17 26.98
N GLY F 451 13.49 15.05 27.46
CA GLY F 451 12.77 15.06 28.71
C GLY F 451 11.84 13.87 28.84
N ALA F 452 10.98 13.95 29.86
CA ALA F 452 9.98 12.93 30.15
C ALA F 452 8.80 13.62 30.80
N GLY F 453 7.59 13.25 30.37
CA GLY F 453 6.38 13.88 30.85
C GLY F 453 6.04 15.14 30.08
N VAL F 454 4.84 15.66 30.36
CA VAL F 454 4.31 16.82 29.66
C VAL F 454 4.06 17.92 30.68
N GLN F 455 4.68 19.08 30.48
CA GLN F 455 4.48 20.23 31.34
C GLN F 455 3.59 21.25 30.60
N GLY F 456 3.64 22.50 31.04
CA GLY F 456 2.47 23.34 30.88
C GLY F 456 1.52 23.14 32.05
N VAL F 457 0.84 24.23 32.42
CA VAL F 457 0.24 24.30 33.76
C VAL F 457 -0.67 23.11 34.01
N LYS F 458 -1.75 22.99 33.23
CA LYS F 458 -2.72 21.93 33.51
C LYS F 458 -2.09 20.55 33.36
N TYR F 459 -1.11 20.40 32.46
CA TYR F 459 -0.46 19.11 32.29
C TYR F 459 0.44 18.79 33.48
N SER F 460 1.14 19.79 34.01
CA SER F 460 1.97 19.57 35.20
CA SER F 460 1.97 19.56 35.18
C SER F 460 1.13 19.14 36.39
N ILE F 461 -0.04 19.76 36.57
CA ILE F 461 -0.91 19.39 37.68
C ILE F 461 -1.34 17.94 37.54
N GLU F 462 -1.73 17.53 36.32
CA GLU F 462 -2.13 16.15 36.10
C GLU F 462 -0.97 15.19 36.36
N ALA F 463 0.25 15.57 35.97
CA ALA F 463 1.38 14.67 36.13
C ALA F 463 1.66 14.37 37.60
N MET F 464 1.53 15.37 38.47
CA MET F 464 1.83 15.21 39.89
C MET F 464 0.60 14.87 40.72
N THR F 465 -0.38 14.20 40.12
CA THR F 465 -1.49 13.60 40.85
C THR F 465 -1.67 12.16 40.41
N THR F 466 -2.32 11.37 41.25
CA THR F 466 -2.76 10.03 40.92
C THR F 466 -4.28 9.99 41.08
N VAL F 467 -4.86 8.81 40.90
CA VAL F 467 -6.30 8.64 41.00
C VAL F 467 -6.61 7.61 42.08
N LYS F 468 -7.75 7.79 42.73
CA LYS F 468 -8.29 6.86 43.71
C LYS F 468 -9.69 6.50 43.26
N SER F 469 -9.90 5.22 42.97
CA SER F 469 -11.19 4.73 42.46
C SER F 469 -11.94 4.04 43.58
N VAL F 470 -13.20 4.42 43.77
CA VAL F 470 -14.09 3.78 44.73
C VAL F 470 -15.24 3.16 43.94
N VAL F 471 -15.39 1.85 44.06
CA VAL F 471 -16.35 1.08 43.26
C VAL F 471 -17.39 0.47 44.18
N PHE F 472 -18.66 0.63 43.83
CA PHE F 472 -19.74 0.02 44.59
C PHE F 472 -20.90 -0.26 43.66
N ASP F 473 -21.81 -1.12 44.11
CA ASP F 473 -22.98 -1.53 43.33
C ASP F 473 -24.20 -0.75 43.80
N ILE F 474 -24.93 -0.18 42.85
CA ILE F 474 -26.18 0.49 43.14
C ILE F 474 -27.27 -0.56 43.39
N GLN F 475 -28.10 -0.32 44.40
CA GLN F 475 -29.16 -1.25 44.75
C GLN F 475 -30.53 -0.57 44.70
N ALA G 2 -45.65 -2.73 -6.32
CA ALA G 2 -46.01 -1.73 -5.33
C ALA G 2 -46.69 -2.38 -4.12
N LYS G 3 -46.07 -2.19 -2.96
CA LYS G 3 -46.49 -2.78 -1.70
C LYS G 3 -47.22 -1.79 -0.81
N GLN G 4 -48.12 -2.31 0.02
CA GLN G 4 -48.78 -1.53 1.06
C GLN G 4 -47.97 -1.66 2.34
N TYR G 5 -47.35 -0.57 2.78
CA TYR G 5 -46.46 -0.57 3.93
C TYR G 5 -47.21 -0.24 5.22
N LYS G 6 -46.57 -0.56 6.34
CA LYS G 6 -47.17 -0.43 7.66
C LYS G 6 -46.23 0.30 8.61
N ASN G 7 -46.81 0.89 9.66
CA ASN G 7 -46.05 1.54 10.70
C ASN G 7 -45.67 0.54 11.80
N LEU G 8 -44.49 0.74 12.38
CA LEU G 8 -44.05 -0.03 13.53
C LEU G 8 -44.59 0.66 14.79
N VAL G 9 -45.49 -0.02 15.50
CA VAL G 9 -46.12 0.54 16.69
C VAL G 9 -46.10 -0.53 17.77
N ASN G 10 -45.30 -0.30 18.81
CA ASN G 10 -45.23 -1.20 19.97
C ASN G 10 -45.00 -2.64 19.53
N GLY G 11 -44.04 -2.82 18.62
CA GLY G 11 -43.68 -4.13 18.14
C GLY G 11 -44.67 -4.74 17.16
N GLU G 12 -45.70 -3.99 16.76
CA GLU G 12 -46.70 -4.46 15.82
C GLU G 12 -46.63 -3.63 14.55
N TRP G 13 -47.00 -4.25 13.43
CA TRP G 13 -47.10 -3.57 12.15
C TRP G 13 -48.56 -3.23 11.88
N LYS G 14 -48.84 -1.94 11.72
CA LYS G 14 -50.21 -1.46 11.69
C LYS G 14 -50.50 -0.69 10.41
N LEU G 15 -51.59 -1.05 9.75
CA LEU G 15 -52.16 -0.24 8.69
C LEU G 15 -53.09 0.81 9.33
N SER G 16 -53.47 1.80 8.53
CA SER G 16 -54.49 2.76 8.92
C SER G 16 -55.63 2.71 7.91
N GLU G 17 -56.78 3.28 8.31
CA GLU G 17 -57.94 3.25 7.43
C GLU G 17 -57.66 4.00 6.14
N ASN G 18 -56.93 5.11 6.20
CA ASN G 18 -56.49 5.82 5.02
C ASN G 18 -54.98 5.60 4.83
N GLU G 19 -54.53 5.77 3.59
CA GLU G 19 -53.13 5.59 3.25
C GLU G 19 -52.74 6.69 2.26
N ILE G 20 -51.44 6.78 1.99
CA ILE G 20 -50.88 7.75 1.07
C ILE G 20 -50.07 7.00 0.03
N THR G 21 -50.46 7.12 -1.24
CA THR G 21 -49.73 6.49 -2.32
C THR G 21 -48.53 7.34 -2.72
N ILE G 22 -47.38 6.70 -2.89
CA ILE G 22 -46.11 7.38 -3.17
C ILE G 22 -45.69 7.06 -4.59
N TYR G 23 -45.33 8.10 -5.35
CA TYR G 23 -44.93 7.98 -6.74
C TYR G 23 -43.50 8.45 -6.94
N ALA G 24 -42.81 7.83 -7.89
CA ALA G 24 -41.46 8.22 -8.24
C ALA G 24 -41.44 9.59 -8.90
N PRO G 25 -40.74 10.58 -8.36
CA PRO G 25 -40.77 11.91 -8.98
C PRO G 25 -40.23 11.94 -10.40
N ALA G 26 -39.36 10.99 -10.76
CA ALA G 26 -38.74 11.02 -12.08
C ALA G 26 -39.60 10.37 -13.15
N THR G 27 -40.51 9.46 -12.78
CA THR G 27 -41.27 8.70 -13.76
C THR G 27 -42.76 8.66 -13.50
N GLY G 28 -43.23 9.03 -12.31
CA GLY G 28 -44.63 8.86 -11.97
C GLY G 28 -45.01 7.44 -11.59
N GLU G 29 -44.05 6.53 -11.55
CA GLU G 29 -44.33 5.14 -11.19
C GLU G 29 -44.86 5.04 -9.76
N GLU G 30 -45.89 4.22 -9.58
CA GLU G 30 -46.43 3.95 -8.26
C GLU G 30 -45.48 3.03 -7.51
N LEU G 31 -45.01 3.49 -6.34
CA LEU G 31 -44.03 2.74 -5.56
C LEU G 31 -44.65 1.97 -4.40
N GLY G 32 -45.80 2.37 -3.92
CA GLY G 32 -46.43 1.75 -2.77
C GLY G 32 -47.19 2.79 -1.99
N SER G 33 -47.71 2.36 -0.83
CA SER G 33 -48.50 3.22 0.02
C SER G 33 -48.04 3.12 1.47
N VAL G 34 -48.22 4.21 2.20
CA VAL G 34 -47.94 4.24 3.63
C VAL G 34 -49.19 4.72 4.36
N PRO G 35 -49.34 4.37 5.63
CA PRO G 35 -50.57 4.74 6.35
C PRO G 35 -50.70 6.24 6.55
N ALA G 36 -51.95 6.70 6.62
CA ALA G 36 -52.29 8.08 6.96
C ALA G 36 -52.86 8.06 8.37
N MET G 37 -51.97 8.17 9.36
CA MET G 37 -52.35 8.00 10.74
C MET G 37 -53.30 9.09 11.22
N THR G 38 -54.15 8.72 12.17
CA THR G 38 -55.00 9.66 12.87
C THR G 38 -54.29 10.16 14.12
N GLN G 39 -54.84 11.21 14.73
CA GLN G 39 -54.27 11.71 15.98
C GLN G 39 -54.36 10.66 17.08
N ALA G 40 -55.44 9.87 17.08
CA ALA G 40 -55.60 8.82 18.07
C ALA G 40 -54.54 7.73 17.89
N GLU G 41 -54.17 7.44 16.64
CA GLU G 41 -53.12 6.45 16.39
C GLU G 41 -51.76 6.99 16.79
N VAL G 42 -51.55 8.30 16.64
CA VAL G 42 -50.33 8.92 17.17
C VAL G 42 -50.28 8.77 18.68
N ASP G 43 -51.42 8.96 19.35
CA ASP G 43 -51.47 8.76 20.80
C ASP G 43 -50.98 7.37 21.20
N ALA G 44 -51.36 6.35 20.43
CA ALA G 44 -50.95 4.98 20.76
C ALA G 44 -49.44 4.81 20.60
N VAL G 45 -48.85 5.41 19.56
CA VAL G 45 -47.41 5.36 19.38
C VAL G 45 -46.70 5.96 20.58
N TYR G 46 -47.12 7.16 21.00
CA TYR G 46 -46.45 7.83 22.11
C TYR G 46 -46.70 7.11 23.42
N ALA G 47 -47.93 6.63 23.65
CA ALA G 47 -48.21 5.89 24.87
C ALA G 47 -47.38 4.62 24.93
N SER G 48 -47.18 3.96 23.80
CA SER G 48 -46.35 2.75 23.76
C SER G 48 -44.89 3.09 24.05
N ALA G 49 -44.42 4.24 23.58
CA ALA G 49 -43.03 4.62 23.77
C ALA G 49 -42.74 4.91 25.24
N LYS G 50 -43.58 5.72 25.88
CA LYS G 50 -43.33 6.08 27.27
C LYS G 50 -43.46 4.87 28.19
N LYS G 51 -44.31 3.90 27.83
CA LYS G 51 -44.41 2.69 28.64
C LYS G 51 -43.16 1.83 28.52
N ALA G 52 -42.53 1.81 27.34
CA ALA G 52 -41.32 1.02 27.15
C ALA G 52 -40.06 1.70 27.68
N LEU G 53 -40.15 2.99 28.02
CA LEU G 53 -38.96 3.74 28.39
C LEU G 53 -38.28 3.18 29.63
N SER G 54 -39.07 2.83 30.64
CA SER G 54 -38.49 2.41 31.92
C SER G 54 -37.60 1.18 31.74
N ASP G 55 -38.11 0.14 31.08
CA ASP G 55 -37.31 -1.06 30.90
C ASP G 55 -36.14 -0.82 29.96
N TRP G 56 -36.29 0.09 28.99
CA TRP G 56 -35.21 0.36 28.05
C TRP G 56 -34.05 1.10 28.70
N ARG G 57 -34.36 2.15 29.47
CA ARG G 57 -33.31 2.94 30.09
C ARG G 57 -32.58 2.19 31.19
N THR G 58 -33.19 1.14 31.74
CA THR G 58 -32.54 0.35 32.79
C THR G 58 -31.64 -0.74 32.22
N LEU G 59 -31.72 -1.02 30.92
CA LEU G 59 -30.75 -1.91 30.30
C LEU G 59 -29.36 -1.29 30.38
N SER G 60 -28.35 -2.14 30.24
CA SER G 60 -26.98 -1.66 30.18
C SER G 60 -26.71 -0.99 28.84
N TYR G 61 -25.68 -0.14 28.82
CA TYR G 61 -25.24 0.46 27.57
C TYR G 61 -24.85 -0.61 26.55
N VAL G 62 -24.24 -1.69 27.03
CA VAL G 62 -23.78 -2.75 26.13
C VAL G 62 -24.97 -3.42 25.45
N GLU G 63 -26.04 -3.66 26.18
CA GLU G 63 -27.23 -4.29 25.60
C GLU G 63 -27.86 -3.39 24.55
N ARG G 64 -27.97 -2.09 24.84
CA ARG G 64 -28.55 -1.18 23.85
C ARG G 64 -27.66 -1.09 22.62
N ALA G 65 -26.35 -1.08 22.79
CA ALA G 65 -25.46 -1.03 21.64
C ALA G 65 -25.60 -2.27 20.77
N ALA G 66 -25.86 -3.42 21.39
CA ALA G 66 -26.00 -4.65 20.61
C ALA G 66 -27.16 -4.56 19.63
N TYR G 67 -28.29 -3.98 20.06
CA TYR G 67 -29.42 -3.81 19.16
C TYR G 67 -29.04 -2.94 17.96
N LEU G 68 -28.36 -1.83 18.21
CA LEU G 68 -27.98 -0.93 17.12
C LEU G 68 -27.01 -1.60 16.16
N HIS G 69 -26.00 -2.31 16.69
CA HIS G 69 -25.08 -3.00 15.81
C HIS G 69 -25.81 -4.01 14.93
N LYS G 70 -26.78 -4.71 15.50
CA LYS G 70 -27.56 -5.67 14.71
C LYS G 70 -28.36 -4.96 13.63
N ALA G 71 -28.99 -3.83 13.96
CA ALA G 71 -29.75 -3.09 12.97
C ALA G 71 -28.86 -2.58 11.84
N ALA G 72 -27.65 -2.10 12.19
CA ALA G 72 -26.72 -1.65 11.16
C ALA G 72 -26.33 -2.80 10.24
N ASP G 73 -26.05 -3.97 10.83
CA ASP G 73 -25.70 -5.13 10.02
C ASP G 73 -26.80 -5.46 9.01
N ILE G 74 -28.06 -5.36 9.43
CA ILE G 74 -29.17 -5.69 8.55
C ILE G 74 -29.27 -4.68 7.41
N LEU G 75 -29.02 -3.40 7.71
CA LEU G 75 -29.07 -2.39 6.67
C LEU G 75 -28.00 -2.62 5.61
N VAL G 76 -26.79 -2.97 6.05
CA VAL G 76 -25.73 -3.29 5.09
C VAL G 76 -26.14 -4.49 4.25
N ARG G 77 -26.77 -5.49 4.87
CA ARG G 77 -27.23 -6.65 4.12
C ARG G 77 -28.24 -6.23 3.06
N ASP G 78 -29.19 -5.37 3.42
CA ASP G 78 -30.27 -4.97 2.54
C ASP G 78 -30.03 -3.61 1.87
N ALA G 79 -28.78 -3.15 1.84
CA ALA G 79 -28.50 -1.82 1.30
C ALA G 79 -28.96 -1.70 -0.15
N GLU G 80 -28.73 -2.74 -0.95
CA GLU G 80 -29.13 -2.70 -2.35
C GLU G 80 -30.65 -2.65 -2.48
N LYS G 81 -31.36 -3.50 -1.72
CA LYS G 81 -32.81 -3.50 -1.76
C LYS G 81 -33.37 -2.13 -1.37
N ILE G 82 -32.93 -1.60 -0.23
CA ILE G 82 -33.47 -0.33 0.25
C ILE G 82 -33.06 0.81 -0.66
N GLY G 83 -31.78 0.85 -1.05
CA GLY G 83 -31.31 1.94 -1.89
C GLY G 83 -32.04 2.02 -3.21
N ALA G 84 -32.40 0.87 -3.78
CA ALA G 84 -33.10 0.87 -5.06
C ALA G 84 -34.46 1.56 -4.92
N ILE G 85 -35.19 1.30 -3.83
CA ILE G 85 -36.48 1.95 -3.64
C ILE G 85 -36.27 3.43 -3.29
N LEU G 86 -35.31 3.72 -2.42
CA LEU G 86 -35.02 5.11 -2.08
C LEU G 86 -34.69 5.94 -3.32
N SER G 87 -33.88 5.38 -4.22
CA SER G 87 -33.55 6.08 -5.45
C SER G 87 -34.81 6.50 -6.20
N LYS G 88 -35.78 5.59 -6.29
CA LYS G 88 -37.02 5.93 -6.98
C LYS G 88 -37.83 6.96 -6.20
N GLU G 89 -37.85 6.82 -4.87
CA GLU G 89 -38.79 7.59 -4.05
C GLU G 89 -38.45 9.08 -4.05
N VAL G 90 -37.16 9.43 -4.06
CA VAL G 90 -36.74 10.82 -4.01
C VAL G 90 -35.90 11.19 -5.23
N ALA G 91 -35.95 10.37 -6.28
CA ALA G 91 -35.26 10.66 -7.53
C ALA G 91 -33.77 10.94 -7.29
N LYS G 92 -33.16 10.12 -6.45
CA LYS G 92 -31.74 10.19 -6.17
C LYS G 92 -31.04 9.11 -6.99
N GLY G 93 -29.83 9.43 -7.46
CA GLY G 93 -29.04 8.47 -8.20
C GLY G 93 -28.96 7.13 -7.50
N HIS G 94 -29.07 6.05 -8.27
CA HIS G 94 -29.10 4.71 -7.69
C HIS G 94 -27.90 4.47 -6.79
N LYS G 95 -26.69 4.71 -7.31
CA LYS G 95 -25.49 4.48 -6.50
C LYS G 95 -25.48 5.36 -5.26
N ALA G 96 -25.88 6.63 -5.41
CA ALA G 96 -25.91 7.53 -4.26
C ALA G 96 -26.91 7.04 -3.21
N ALA G 97 -28.04 6.48 -3.67
CA ALA G 97 -29.04 5.99 -2.73
C ALA G 97 -28.52 4.80 -1.93
N VAL G 98 -27.85 3.86 -2.59
CA VAL G 98 -27.23 2.76 -1.87
C VAL G 98 -26.19 3.27 -0.90
N SER G 99 -25.39 4.26 -1.32
CA SER G 99 -24.38 4.83 -0.44
C SER G 99 -25.01 5.46 0.79
N GLU G 100 -26.18 6.08 0.64
CA GLU G 100 -26.85 6.67 1.80
C GLU G 100 -27.17 5.59 2.84
N VAL G 101 -27.66 4.44 2.38
CA VAL G 101 -27.99 3.36 3.32
C VAL G 101 -26.74 2.88 4.04
N ILE G 102 -25.64 2.69 3.29
CA ILE G 102 -24.39 2.25 3.90
C ILE G 102 -23.90 3.28 4.90
N ARG G 103 -23.93 4.56 4.52
CA ARG G 103 -23.51 5.61 5.45
C ARG G 103 -24.38 5.60 6.71
N THR G 104 -25.67 5.28 6.56
CA THR G 104 -26.53 5.22 7.73
C THR G 104 -26.06 4.15 8.70
N ALA G 105 -25.71 2.97 8.18
CA ALA G 105 -25.18 1.91 9.04
C ALA G 105 -23.89 2.36 9.73
N GLU G 106 -23.01 3.07 8.99
CA GLU G 106 -21.79 3.56 9.60
C GLU G 106 -22.10 4.50 10.77
N ILE G 107 -23.10 5.37 10.59
CA ILE G 107 -23.46 6.30 11.65
C ILE G 107 -24.09 5.56 12.83
N ILE G 108 -24.91 4.54 12.55
CA ILE G 108 -25.54 3.80 13.63
C ILE G 108 -24.49 3.06 14.45
N ASN G 109 -23.54 2.40 13.78
CA ASN G 109 -22.48 1.70 14.49
C ASN G 109 -21.64 2.68 15.32
N TYR G 110 -21.26 3.81 14.72
CA TYR G 110 -20.41 4.76 15.43
C TYR G 110 -21.13 5.32 16.66
N ALA G 111 -22.42 5.65 16.51
CA ALA G 111 -23.17 6.16 17.65
C ALA G 111 -23.25 5.13 18.77
N ALA G 112 -23.39 3.85 18.41
CA ALA G 112 -23.49 2.81 19.43
C ALA G 112 -22.23 2.77 20.29
N GLU G 113 -21.06 2.79 19.65
CA GLU G 113 -19.81 2.72 20.39
C GLU G 113 -19.46 4.04 21.06
N GLU G 114 -19.87 5.16 20.48
CA GLU G 114 -19.67 6.45 21.13
C GLU G 114 -20.51 6.54 22.40
N GLY G 115 -21.78 6.15 22.31
CA GLY G 115 -22.68 6.34 23.43
C GLY G 115 -22.42 5.41 24.59
N LEU G 116 -21.95 4.19 24.33
CA LEU G 116 -21.72 3.25 25.41
C LEU G 116 -20.57 3.67 26.30
N ARG G 117 -19.69 4.56 25.82
CA ARG G 117 -18.60 5.11 26.59
C ARG G 117 -18.99 6.38 27.33
N MET G 118 -20.28 6.63 27.46
CA MET G 118 -20.77 7.75 28.25
C MET G 118 -20.08 7.75 29.61
N GLU G 119 -19.50 8.89 29.97
CA GLU G 119 -18.88 9.05 31.27
C GLU G 119 -19.53 10.19 32.03
N GLY G 120 -19.46 10.10 33.36
CA GLY G 120 -19.89 11.15 34.24
C GLY G 120 -18.73 11.90 34.86
N GLU G 121 -19.08 12.80 35.76
CA GLU G 121 -18.11 13.68 36.40
C GLU G 121 -18.28 13.61 37.92
N VAL G 122 -17.18 13.82 38.63
CA VAL G 122 -17.19 13.98 40.07
C VAL G 122 -16.62 15.35 40.38
N LEU G 123 -17.45 16.22 40.96
CA LEU G 123 -17.07 17.59 41.25
C LEU G 123 -16.86 17.76 42.75
N GLU G 124 -15.90 18.63 43.09
CA GLU G 124 -15.47 18.83 44.47
C GLU G 124 -16.08 20.13 45.00
N GLY G 125 -16.81 20.01 46.11
CA GLY G 125 -17.33 21.21 46.76
C GLY G 125 -16.22 22.13 47.22
N GLY G 126 -15.06 21.58 47.56
CA GLY G 126 -13.92 22.37 47.97
C GLY G 126 -13.29 23.18 46.86
N SER G 127 -13.72 22.98 45.61
CA SER G 127 -13.30 23.87 44.54
C SER G 127 -13.93 25.25 44.65
N PHE G 128 -15.06 25.36 45.35
CA PHE G 128 -15.78 26.62 45.46
C PHE G 128 -15.77 27.21 46.86
N GLU G 129 -15.95 26.39 47.91
CA GLU G 129 -15.91 26.91 49.26
C GLU G 129 -15.31 25.88 50.21
N ALA G 130 -14.47 26.37 51.13
CA ALA G 130 -13.76 25.46 52.04
C ALA G 130 -14.74 24.67 52.90
N ALA G 131 -15.84 25.29 53.32
CA ALA G 131 -16.79 24.62 54.19
C ALA G 131 -17.45 23.41 53.54
N SER G 132 -17.41 23.32 52.22
CA SER G 132 -18.02 22.20 51.50
C SER G 132 -16.98 21.22 50.94
N LYS G 133 -15.78 21.18 51.53
CA LYS G 133 -14.70 20.38 50.96
C LYS G 133 -14.98 18.88 51.00
N LYS G 134 -15.84 18.43 51.92
CA LYS G 134 -16.20 17.03 52.01
C LYS G 134 -17.40 16.67 51.13
N LYS G 135 -18.00 17.66 50.46
CA LYS G 135 -19.18 17.44 49.63
C LYS G 135 -18.75 17.23 48.18
N ILE G 136 -19.20 16.14 47.58
CA ILE G 136 -18.91 15.84 46.19
C ILE G 136 -20.20 15.61 45.42
N ALA G 137 -20.15 15.86 44.12
CA ALA G 137 -21.30 15.68 43.24
C ALA G 137 -20.96 14.58 42.25
N ILE G 138 -21.79 13.53 42.23
CA ILE G 138 -21.67 12.44 41.29
C ILE G 138 -22.64 12.72 40.15
N VAL G 139 -22.12 13.12 39.00
CA VAL G 139 -22.92 13.59 37.87
C VAL G 139 -22.88 12.53 36.79
N ARG G 140 -24.04 11.94 36.50
CA ARG G 140 -24.18 10.91 35.50
C ARG G 140 -25.23 11.34 34.47
N ARG G 141 -25.11 10.77 33.27
CA ARG G 141 -25.99 11.12 32.16
C ARG G 141 -27.23 10.24 32.16
N GLU G 142 -28.34 10.83 31.75
CA GLU G 142 -29.61 10.13 31.63
C GLU G 142 -30.28 10.57 30.34
N PRO G 143 -31.20 9.76 29.81
CA PRO G 143 -31.97 10.19 28.63
C PRO G 143 -32.99 11.26 28.97
N VAL G 144 -33.42 11.98 27.93
CA VAL G 144 -34.46 12.97 28.11
C VAL G 144 -35.86 12.36 28.04
N GLY G 145 -36.01 11.20 27.41
CA GLY G 145 -37.29 10.54 27.36
C GLY G 145 -37.70 10.06 25.97
N LEU G 146 -38.78 10.64 25.44
CA LEU G 146 -39.27 10.32 24.11
C LEU G 146 -38.76 11.36 23.13
N VAL G 147 -38.01 10.90 22.13
CA VAL G 147 -37.48 11.75 21.09
C VAL G 147 -38.31 11.58 19.83
N LEU G 148 -38.82 12.69 19.30
CA LEU G 148 -39.48 12.70 18.00
C LEU G 148 -38.43 13.04 16.95
N ALA G 149 -38.16 12.09 16.06
CA ALA G 149 -37.20 12.28 14.98
C ALA G 149 -37.95 12.50 13.68
N ILE G 150 -37.62 13.58 12.98
CA ILE G 150 -38.27 13.94 11.72
C ILE G 150 -37.17 14.06 10.68
N SER G 151 -37.19 13.16 9.70
CA SER G 151 -36.15 13.11 8.67
C SER G 151 -36.61 13.84 7.42
N PRO G 152 -35.67 14.25 6.56
CA PRO G 152 -36.03 15.03 5.36
C PRO G 152 -36.12 14.18 4.11
N PHE G 153 -36.71 14.74 3.05
CA PHE G 153 -36.91 13.97 1.82
C PHE G 153 -35.58 13.68 1.14
N ASN G 154 -34.59 14.56 1.27
CA ASN G 154 -33.34 14.40 0.53
C ASN G 154 -32.40 13.38 1.17
N TYR G 155 -32.59 13.06 2.45
CA TYR G 155 -31.84 12.00 3.12
C TYR G 155 -32.77 11.29 4.08
N PRO G 156 -33.79 10.60 3.57
CA PRO G 156 -34.82 10.05 4.46
C PRO G 156 -34.34 8.90 5.33
N VAL G 157 -33.24 8.25 4.97
CA VAL G 157 -32.67 7.18 5.78
C VAL G 157 -31.48 7.68 6.59
N ASN G 158 -30.51 8.32 5.94
CA ASN G 158 -29.32 8.79 6.63
C ASN G 158 -29.66 9.77 7.74
N LEU G 159 -30.49 10.76 7.45
CA LEU G 159 -30.87 11.74 8.46
C LEU G 159 -32.07 11.29 9.29
N ALA G 160 -32.46 10.02 9.17
CA ALA G 160 -33.24 9.34 10.20
C ALA G 160 -32.33 8.60 11.16
N GLY G 161 -31.37 7.84 10.61
CA GLY G 161 -30.44 7.12 11.45
C GLY G 161 -29.55 8.03 12.28
N SER G 162 -29.23 9.21 11.75
CA SER G 162 -28.41 10.15 12.52
C SER G 162 -29.11 10.64 13.77
N LYS G 163 -30.42 10.47 13.87
CA LYS G 163 -31.18 10.87 15.05
C LYS G 163 -31.55 9.67 15.93
N ILE G 164 -31.95 8.56 15.32
CA ILE G 164 -32.43 7.40 16.08
C ILE G 164 -31.30 6.80 16.90
N ALA G 165 -30.16 6.55 16.27
CA ALA G 165 -29.09 5.83 16.97
C ALA G 165 -28.53 6.63 18.13
N PRO G 166 -28.17 7.90 17.98
CA PRO G 166 -27.73 8.67 19.16
C PRO G 166 -28.77 8.70 20.27
N ALA G 167 -30.05 8.80 19.90
CA ALA G 167 -31.09 8.85 20.93
C ALA G 167 -31.20 7.52 21.64
N LEU G 168 -31.18 6.41 20.90
CA LEU G 168 -31.44 5.10 21.50
C LEU G 168 -30.32 4.66 22.42
N ILE G 169 -29.07 4.86 22.00
CA ILE G 169 -27.94 4.39 22.82
C ILE G 169 -27.95 5.04 24.18
N ALA G 170 -28.42 6.29 24.28
CA ALA G 170 -28.47 7.00 25.54
C ALA G 170 -29.64 6.59 26.42
N GLY G 171 -30.52 5.71 25.93
CA GLY G 171 -31.65 5.28 26.72
C GLY G 171 -32.96 5.97 26.40
N ASN G 172 -32.98 6.83 25.38
CA ASN G 172 -34.24 7.42 24.95
C ASN G 172 -35.04 6.39 24.14
N VAL G 173 -36.35 6.61 24.12
CA VAL G 173 -37.23 5.94 23.17
C VAL G 173 -37.53 6.93 22.05
N VAL G 174 -37.89 6.41 20.87
CA VAL G 174 -37.92 7.22 19.66
C VAL G 174 -39.19 6.93 18.86
N ALA G 175 -39.73 7.99 18.26
CA ALA G 175 -40.73 7.90 17.21
C ALA G 175 -40.18 8.62 15.98
N LEU G 176 -40.10 7.91 14.86
CA LEU G 176 -39.60 8.47 13.62
C LEU G 176 -40.78 8.90 12.76
N LYS G 177 -40.81 10.19 12.39
CA LYS G 177 -41.75 10.70 11.41
C LYS G 177 -40.96 10.99 10.14
N PRO G 178 -40.93 10.07 9.17
CA PRO G 178 -40.26 10.37 7.90
C PRO G 178 -41.07 11.36 7.10
N PRO G 179 -40.48 11.97 6.08
CA PRO G 179 -41.28 12.79 5.15
C PRO G 179 -42.19 11.89 4.34
N THR G 180 -43.36 12.42 3.96
CA THR G 180 -44.27 11.66 3.13
C THR G 180 -43.55 11.14 1.89
N GLN G 181 -42.90 12.04 1.15
CA GLN G 181 -42.04 11.64 0.04
C GLN G 181 -40.73 11.15 0.67
N GLY G 182 -40.65 9.85 0.90
CA GLY G 182 -39.53 9.27 1.61
C GLY G 182 -40.00 8.35 2.73
N SER G 183 -41.31 8.27 2.92
CA SER G 183 -41.85 7.45 3.99
C SER G 183 -41.61 5.97 3.77
N ILE G 184 -41.63 5.51 2.51
CA ILE G 184 -41.33 4.10 2.24
C ILE G 184 -39.92 3.76 2.71
N SER G 185 -38.94 4.58 2.32
CA SER G 185 -37.57 4.33 2.76
CA SER G 185 -37.57 4.33 2.76
C SER G 185 -37.46 4.37 4.28
N GLY G 186 -38.18 5.29 4.93
CA GLY G 186 -38.15 5.36 6.37
C GLY G 186 -38.71 4.09 7.01
N LEU G 187 -39.82 3.57 6.49
CA LEU G 187 -40.37 2.35 7.03
C LEU G 187 -39.48 1.15 6.71
N LEU G 188 -38.76 1.19 5.59
CA LEU G 188 -37.78 0.14 5.31
C LEU G 188 -36.66 0.17 6.35
N LEU G 189 -36.23 1.36 6.76
CA LEU G 189 -35.28 1.45 7.87
C LEU G 189 -35.85 0.86 9.14
N ALA G 190 -37.14 1.12 9.41
CA ALA G 190 -37.77 0.60 10.62
C ALA G 190 -37.82 -0.93 10.59
N GLU G 191 -38.00 -1.52 9.41
CA GLU G 191 -37.99 -2.97 9.31
C GLU G 191 -36.66 -3.54 9.81
N ALA G 192 -35.56 -2.85 9.50
CA ALA G 192 -34.25 -3.30 9.96
C ALA G 192 -34.17 -3.32 11.47
N PHE G 193 -34.68 -2.27 12.13
CA PHE G 193 -34.66 -2.23 13.59
C PHE G 193 -35.59 -3.28 14.18
N ALA G 194 -36.74 -3.53 13.54
CA ALA G 194 -37.64 -4.57 14.02
C ALA G 194 -36.97 -5.93 13.96
N GLU G 195 -36.32 -6.25 12.83
CA GLU G 195 -35.64 -7.53 12.70
C GLU G 195 -34.50 -7.66 13.71
N ALA G 196 -33.85 -6.55 14.07
CA ALA G 196 -32.79 -6.60 15.06
C ALA G 196 -33.30 -6.92 16.46
N GLY G 197 -34.61 -6.95 16.65
CA GLY G 197 -35.19 -7.29 17.94
C GLY G 197 -35.40 -6.12 18.88
N ILE G 198 -35.42 -4.90 18.38
CA ILE G 198 -35.61 -3.71 19.22
C ILE G 198 -36.88 -3.93 20.02
N PRO G 199 -36.85 -3.77 21.35
CA PRO G 199 -38.04 -4.12 22.15
C PRO G 199 -39.25 -3.29 21.77
N ALA G 200 -40.42 -3.91 21.92
CA ALA G 200 -41.66 -3.26 21.55
C ALA G 200 -41.80 -1.90 22.22
N GLY G 201 -42.07 -0.88 21.41
CA GLY G 201 -42.26 0.47 21.90
C GLY G 201 -41.01 1.30 21.99
N VAL G 202 -39.82 0.70 22.00
CA VAL G 202 -38.60 1.48 22.10
C VAL G 202 -38.41 2.35 20.85
N PHE G 203 -38.75 1.80 19.69
CA PHE G 203 -38.68 2.54 18.43
C PHE G 203 -39.98 2.33 17.66
N ASN G 204 -40.57 3.43 17.19
CA ASN G 204 -41.83 3.39 16.46
C ASN G 204 -41.74 4.36 15.30
N THR G 205 -42.68 4.23 14.37
CA THR G 205 -42.77 5.11 13.22
C THR G 205 -44.15 5.76 13.17
N ILE G 206 -44.21 6.94 12.58
CA ILE G 206 -45.45 7.67 12.36
C ILE G 206 -45.44 8.16 10.91
N THR G 207 -46.51 7.87 10.18
CA THR G 207 -46.70 8.41 8.84
C THR G 207 -48.10 8.99 8.75
N GLY G 208 -48.27 10.01 7.93
CA GLY G 208 -49.58 10.61 7.78
C GLY G 208 -49.52 12.01 7.21
N ARG G 209 -50.71 12.55 7.00
CA ARG G 209 -50.87 13.84 6.35
C ARG G 209 -50.64 14.97 7.35
N GLY G 210 -49.85 15.96 6.94
CA GLY G 210 -49.65 17.12 7.79
C GLY G 210 -50.94 17.80 8.17
N SER G 211 -51.94 17.75 7.29
CA SER G 211 -53.23 18.36 7.57
C SER G 211 -53.98 17.67 8.69
N VAL G 212 -53.53 16.49 9.13
CA VAL G 212 -54.20 15.72 10.17
C VAL G 212 -53.35 15.64 11.44
N ILE G 213 -52.05 15.40 11.30
CA ILE G 213 -51.19 15.19 12.45
C ILE G 213 -49.96 16.10 12.46
N GLY G 214 -49.80 16.98 11.48
CA GLY G 214 -48.58 17.76 11.38
C GLY G 214 -48.19 18.50 12.65
N ASP G 215 -49.05 19.39 13.13
CA ASP G 215 -48.78 20.07 14.40
C ASP G 215 -48.96 19.14 15.58
N TYR G 216 -49.87 18.17 15.48
CA TYR G 216 -50.22 17.33 16.62
C TYR G 216 -49.03 16.53 17.12
N ILE G 217 -48.22 15.98 16.21
CA ILE G 217 -47.10 15.15 16.65
C ILE G 217 -46.08 15.98 17.42
N VAL G 218 -45.99 17.28 17.13
CA VAL G 218 -45.03 18.13 17.83
C VAL G 218 -45.61 18.63 19.15
N GLU G 219 -46.88 19.04 19.14
CA GLU G 219 -47.49 19.60 20.35
C GLU G 219 -47.70 18.58 21.46
N HIS G 220 -47.75 17.29 21.13
CA HIS G 220 -48.11 16.28 22.11
C HIS G 220 -47.24 16.38 23.35
N GLU G 221 -47.88 16.35 24.52
CA GLU G 221 -47.16 16.52 25.77
CA GLU G 221 -47.15 16.51 25.77
C GLU G 221 -46.22 15.35 26.07
N ALA G 222 -46.45 14.18 25.45
CA ALA G 222 -45.59 13.03 25.68
C ALA G 222 -44.20 13.22 25.13
N VAL G 223 -44.04 14.06 24.11
CA VAL G 223 -42.75 14.26 23.46
C VAL G 223 -41.87 15.15 24.32
N ASN G 224 -40.65 14.68 24.59
CA ASN G 224 -39.69 15.41 25.41
C ASN G 224 -38.59 16.09 24.60
N PHE G 225 -38.50 15.79 23.30
CA PHE G 225 -37.39 16.28 22.47
C PHE G 225 -37.81 16.13 21.01
N ILE G 226 -37.59 17.17 20.22
CA ILE G 226 -37.89 17.16 18.79
C ILE G 226 -36.60 17.34 18.02
N ASN G 227 -36.27 16.39 17.15
CA ASN G 227 -35.05 16.39 16.35
C ASN G 227 -35.48 16.41 14.88
N PHE G 228 -35.35 17.56 14.22
CA PHE G 228 -35.97 17.82 12.93
C PHE G 228 -34.96 18.30 11.91
N THR G 229 -35.10 17.79 10.69
CA THR G 229 -34.37 18.30 9.53
C THR G 229 -35.38 18.64 8.45
N GLY G 230 -35.30 19.86 7.92
CA GLY G 230 -36.24 20.28 6.89
C GLY G 230 -36.09 21.75 6.56
N SER G 231 -37.18 22.35 6.10
CA SER G 231 -37.17 23.73 5.66
C SER G 231 -37.15 24.68 6.85
N THR G 232 -36.61 25.87 6.62
CA THR G 232 -36.54 26.86 7.69
C THR G 232 -37.93 27.28 8.15
N PRO G 233 -38.90 27.59 7.28
CA PRO G 233 -40.23 27.96 7.79
C PRO G 233 -40.85 26.90 8.68
N ILE G 234 -40.73 25.62 8.32
CA ILE G 234 -41.27 24.57 9.17
C ILE G 234 -40.52 24.50 10.48
N GLY G 235 -39.19 24.66 10.43
CA GLY G 235 -38.40 24.67 11.65
C GLY G 235 -38.82 25.78 12.60
N GLU G 236 -39.12 26.96 12.07
CA GLU G 236 -39.59 28.06 12.91
CA GLU G 236 -39.57 28.06 12.92
C GLU G 236 -40.85 27.68 13.65
N GLY G 237 -41.79 27.03 12.96
CA GLY G 237 -43.02 26.61 13.61
C GLY G 237 -42.79 25.56 14.67
N ILE G 238 -41.84 24.66 14.43
CA ILE G 238 -41.53 23.61 15.42
C ILE G 238 -40.97 24.25 16.69
N GLY G 239 -40.11 25.24 16.54
CA GLY G 239 -39.60 25.94 17.71
C GLY G 239 -40.71 26.51 18.58
N LYS G 240 -41.74 27.05 17.94
CA LYS G 240 -42.85 27.60 18.69
C LYS G 240 -43.63 26.51 19.41
N LEU G 241 -43.96 25.43 18.70
CA LEU G 241 -44.74 24.35 19.29
C LEU G 241 -43.97 23.59 20.36
N ALA G 242 -42.64 23.62 20.34
CA ALA G 242 -41.87 22.89 21.35
C ALA G 242 -42.02 23.51 22.73
N GLY G 243 -42.32 24.80 22.80
CA GLY G 243 -42.42 25.49 24.07
C GLY G 243 -41.07 25.58 24.77
N MET G 244 -40.99 24.98 25.95
CA MET G 244 -39.74 24.92 26.70
C MET G 244 -38.92 23.68 26.37
N ARG G 245 -39.46 22.74 25.61
CA ARG G 245 -38.80 21.47 25.39
C ARG G 245 -37.59 21.64 24.47
N PRO G 246 -36.53 20.87 24.70
CA PRO G 246 -35.34 20.99 23.85
C PRO G 246 -35.58 20.51 22.45
N ILE G 247 -34.84 21.11 21.50
CA ILE G 247 -34.97 20.76 20.10
C ILE G 247 -33.60 20.80 19.44
N MET G 248 -33.50 20.15 18.29
CA MET G 248 -32.41 20.35 17.34
C MET G 248 -33.02 20.52 15.96
N LEU G 249 -32.58 21.55 15.24
CA LEU G 249 -33.10 21.88 13.93
C LEU G 249 -31.95 21.96 12.94
N GLU G 250 -32.12 21.30 11.79
CA GLU G 250 -31.21 21.38 10.65
C GLU G 250 -32.03 21.93 9.50
N LEU G 251 -31.77 23.19 9.16
CA LEU G 251 -32.62 23.94 8.23
C LEU G 251 -31.87 24.29 6.96
N GLY G 252 -32.24 25.40 6.31
CA GLY G 252 -31.69 25.73 5.01
C GLY G 252 -30.28 26.26 5.05
N GLY G 253 -29.67 26.34 3.86
CA GLY G 253 -28.33 26.83 3.73
C GLY G 253 -28.16 27.64 2.45
N LYS G 254 -27.15 28.50 2.46
CA LYS G 254 -26.72 29.24 1.28
C LYS G 254 -25.20 29.38 1.36
N ASP G 255 -24.50 28.25 1.44
CA ASP G 255 -23.07 28.25 1.71
C ASP G 255 -22.29 29.03 0.67
N SER G 256 -21.39 29.89 1.14
CA SER G 256 -20.54 30.68 0.25
CA SER G 256 -20.53 30.69 0.27
C SER G 256 -19.19 30.00 0.05
N ALA G 257 -18.66 30.13 -1.16
CA ALA G 257 -17.32 29.67 -1.50
C ALA G 257 -16.49 30.91 -1.82
N ILE G 258 -15.61 31.31 -0.91
CA ILE G 258 -14.78 32.49 -1.08
C ILE G 258 -13.47 32.06 -1.73
N VAL G 259 -13.17 32.63 -2.90
CA VAL G 259 -11.99 32.27 -3.68
C VAL G 259 -11.09 33.50 -3.73
N LEU G 260 -9.92 33.41 -3.12
CA LEU G 260 -8.98 34.52 -3.09
C LEU G 260 -8.05 34.46 -4.31
N GLU G 261 -7.23 35.49 -4.46
CA GLU G 261 -6.41 35.61 -5.66
C GLU G 261 -5.33 34.55 -5.74
N ASP G 262 -4.87 34.03 -4.60
CA ASP G 262 -3.81 33.04 -4.59
C ASP G 262 -4.32 31.62 -4.57
N ALA G 263 -5.61 31.41 -4.86
CA ALA G 263 -6.19 30.08 -4.79
C ALA G 263 -5.80 29.24 -6.00
N ASP G 264 -5.76 27.93 -5.80
CA ASP G 264 -5.67 26.97 -6.89
C ASP G 264 -7.03 26.92 -7.58
N LEU G 265 -7.14 27.62 -8.72
CA LEU G 265 -8.45 27.80 -9.35
C LEU G 265 -9.02 26.48 -9.86
N ALA G 266 -8.16 25.60 -10.40
CA ALA G 266 -8.63 24.30 -10.86
C ALA G 266 -9.19 23.49 -9.69
N LEU G 267 -8.45 23.45 -8.57
CA LEU G 267 -8.94 22.75 -7.39
C LEU G 267 -10.23 23.38 -6.88
N ALA G 268 -10.28 24.71 -6.87
CA ALA G 268 -11.49 25.40 -6.41
C ALA G 268 -12.69 25.03 -7.28
N ALA G 269 -12.50 25.05 -8.60
CA ALA G 269 -13.59 24.71 -9.51
C ALA G 269 -14.05 23.27 -9.30
N LYS G 270 -13.11 22.34 -9.13
CA LYS G 270 -13.46 20.95 -8.89
C LYS G 270 -14.36 20.82 -7.66
N ASN G 271 -13.95 21.45 -6.55
CA ASN G 271 -14.73 21.34 -5.32
C ASN G 271 -16.06 22.09 -5.42
N ILE G 272 -16.05 23.26 -6.05
CA ILE G 272 -17.28 24.05 -6.13
C ILE G 272 -18.35 23.29 -6.90
N VAL G 273 -17.98 22.69 -8.04
CA VAL G 273 -18.98 22.04 -8.88
C VAL G 273 -19.52 20.78 -8.20
N ALA G 274 -18.64 19.99 -7.60
CA ALA G 274 -19.09 18.79 -6.90
C ALA G 274 -20.03 19.15 -5.75
N GLY G 275 -19.70 20.21 -5.00
CA GLY G 275 -20.51 20.57 -3.87
C GLY G 275 -21.82 21.23 -4.24
N ALA G 276 -21.82 22.02 -5.32
CA ALA G 276 -23.02 22.77 -5.68
C ALA G 276 -24.07 21.91 -6.37
N PHE G 277 -23.65 20.96 -7.20
CA PHE G 277 -24.57 20.23 -8.05
C PHE G 277 -24.83 18.80 -7.60
N GLY G 278 -24.21 18.36 -6.52
CA GLY G 278 -24.53 17.05 -5.96
C GLY G 278 -26.02 16.92 -5.66
N TYR G 279 -26.63 15.81 -6.09
CA TYR G 279 -28.07 15.60 -5.92
C TYR G 279 -28.84 16.78 -6.49
N SER G 280 -28.35 17.31 -7.60
CA SER G 280 -29.00 18.42 -8.30
C SER G 280 -29.13 19.66 -7.43
N GLY G 281 -28.25 19.80 -6.44
CA GLY G 281 -28.30 20.93 -5.55
C GLY G 281 -29.36 20.87 -4.48
N GLN G 282 -30.01 19.72 -4.29
CA GLN G 282 -31.04 19.57 -3.28
C GLN G 282 -30.42 19.15 -1.93
N ARG G 283 -29.52 20.01 -1.45
CA ARG G 283 -28.81 19.80 -0.20
C ARG G 283 -28.61 21.13 0.50
N SER G 284 -28.83 21.15 1.81
CA SER G 284 -28.64 22.38 2.57
CA SER G 284 -28.64 22.37 2.58
C SER G 284 -27.16 22.70 2.76
N THR G 285 -26.32 21.68 2.87
CA THR G 285 -24.87 21.84 2.99
C THR G 285 -24.23 21.72 1.60
N ALA G 286 -24.43 22.75 0.79
CA ALA G 286 -23.88 22.77 -0.55
C ALA G 286 -23.36 24.16 -0.90
N VAL G 287 -22.28 24.24 -1.67
CA VAL G 287 -21.87 25.53 -2.22
C VAL G 287 -23.01 26.09 -3.05
N LYS G 288 -23.55 27.23 -2.64
CA LYS G 288 -24.68 27.83 -3.33
C LYS G 288 -24.40 29.24 -3.86
N ARG G 289 -23.19 29.77 -3.65
CA ARG G 289 -22.83 31.06 -4.22
C ARG G 289 -21.31 31.19 -4.15
N VAL G 290 -20.70 31.62 -5.24
CA VAL G 290 -19.26 31.82 -5.31
C VAL G 290 -18.97 33.30 -5.16
N LEU G 291 -18.12 33.64 -4.20
CA LEU G 291 -17.64 35.01 -3.98
C LEU G 291 -16.16 35.03 -4.33
N VAL G 292 -15.83 35.57 -5.51
CA VAL G 292 -14.49 35.45 -6.08
C VAL G 292 -13.90 36.83 -6.32
N MET G 293 -12.64 36.99 -5.92
CA MET G 293 -11.90 38.21 -6.25
C MET G 293 -11.85 38.41 -7.75
N ASP G 294 -12.16 39.63 -8.18
CA ASP G 294 -12.39 39.88 -9.61
C ASP G 294 -11.18 39.52 -10.46
N LYS G 295 -9.98 39.57 -9.88
CA LYS G 295 -8.76 39.35 -10.66
C LYS G 295 -8.69 37.93 -11.20
N VAL G 296 -9.25 36.96 -10.49
CA VAL G 296 -9.21 35.57 -10.89
C VAL G 296 -10.59 35.06 -11.31
N ALA G 297 -11.57 35.97 -11.44
CA ALA G 297 -12.95 35.54 -11.70
C ALA G 297 -13.10 34.97 -13.10
N ASP G 298 -12.52 35.62 -14.11
CA ASP G 298 -12.65 35.11 -15.48
C ASP G 298 -12.11 33.68 -15.58
N GLN G 299 -10.93 33.44 -15.00
CA GLN G 299 -10.33 32.11 -15.10
C GLN G 299 -11.13 31.09 -14.29
N LEU G 300 -11.58 31.47 -13.09
CA LEU G 300 -12.37 30.56 -12.28
C LEU G 300 -13.68 30.19 -12.97
N ALA G 301 -14.38 31.20 -13.51
CA ALA G 301 -15.65 30.94 -14.18
C ALA G 301 -15.45 29.96 -15.34
N ALA G 302 -14.37 30.11 -16.10
CA ALA G 302 -14.09 29.18 -17.18
C ALA G 302 -13.84 27.78 -16.64
N GLU G 303 -13.11 27.68 -15.54
CA GLU G 303 -12.82 26.37 -14.96
C GLU G 303 -14.11 25.70 -14.46
N ILE G 304 -14.99 26.47 -13.84
CA ILE G 304 -16.27 25.92 -13.39
C ILE G 304 -17.14 25.54 -14.58
N LYS G 305 -17.21 26.42 -15.58
CA LYS G 305 -18.04 26.14 -16.74
C LYS G 305 -17.68 24.80 -17.37
N THR G 306 -16.38 24.57 -17.58
CA THR G 306 -15.96 23.33 -18.23
C THR G 306 -16.46 22.11 -17.47
N LEU G 307 -16.41 22.16 -16.14
CA LEU G 307 -16.85 21.01 -15.36
C LEU G 307 -18.37 20.85 -15.39
N VAL G 308 -19.10 21.97 -15.32
CA VAL G 308 -20.56 21.91 -15.35
C VAL G 308 -21.04 21.30 -16.66
N GLU G 309 -20.37 21.64 -17.76
CA GLU G 309 -20.76 21.10 -19.06
C GLU G 309 -20.60 19.60 -19.13
N LYS G 310 -19.77 19.01 -18.28
CA LYS G 310 -19.52 17.58 -18.30
C LYS G 310 -20.44 16.79 -17.38
N LEU G 311 -21.26 17.46 -16.58
CA LEU G 311 -22.21 16.76 -15.72
C LEU G 311 -23.26 16.04 -16.57
N SER G 312 -23.58 14.82 -16.18
CA SER G 312 -24.62 14.06 -16.86
C SER G 312 -25.99 14.51 -16.35
N VAL G 313 -26.96 14.58 -17.27
CA VAL G 313 -28.32 15.02 -16.97
C VAL G 313 -29.26 13.92 -17.42
N GLY G 314 -29.95 13.29 -16.47
CA GLY G 314 -30.82 12.19 -16.80
C GLY G 314 -31.60 11.60 -15.63
N MET G 315 -31.76 10.25 -15.64
CA MET G 315 -32.64 9.56 -14.72
C MET G 315 -31.86 8.95 -13.55
N PRO G 316 -32.54 8.75 -12.42
CA PRO G 316 -31.84 8.14 -11.26
C PRO G 316 -31.25 6.78 -11.55
N GLU G 317 -31.94 5.92 -12.31
CA GLU G 317 -31.39 4.58 -12.53
C GLU G 317 -30.09 4.62 -13.32
N ASP G 318 -29.82 5.70 -14.05
CA ASP G 318 -28.60 5.83 -14.83
C ASP G 318 -27.49 6.54 -14.08
N ASP G 319 -27.68 6.81 -12.79
CA ASP G 319 -26.67 7.48 -11.97
C ASP G 319 -26.26 8.82 -12.58
N ALA G 320 -27.23 9.54 -13.13
CA ALA G 320 -26.94 10.87 -13.67
C ALA G 320 -26.56 11.81 -12.53
N ASP G 321 -25.63 12.71 -12.81
CA ASP G 321 -25.29 13.75 -11.83
C ASP G 321 -26.53 14.57 -11.49
N ILE G 322 -27.22 15.05 -12.51
CA ILE G 322 -28.40 15.91 -12.36
C ILE G 322 -29.63 15.07 -12.68
N THR G 323 -30.47 14.86 -11.67
CA THR G 323 -31.72 14.13 -11.77
C THR G 323 -32.89 15.08 -11.63
N PRO G 324 -34.10 14.62 -11.95
CA PRO G 324 -35.29 15.49 -11.82
C PRO G 324 -35.51 15.91 -10.36
N LEU G 325 -35.98 17.14 -10.19
CA LEU G 325 -36.21 17.68 -8.86
C LEU G 325 -37.41 16.99 -8.21
N ILE G 326 -37.55 17.23 -6.90
CA ILE G 326 -38.44 16.41 -6.09
C ILE G 326 -39.90 16.55 -6.50
N ASP G 327 -40.31 17.73 -6.97
CA ASP G 327 -41.67 17.90 -7.47
C ASP G 327 -41.73 19.11 -8.37
N THR G 328 -42.91 19.34 -8.95
CA THR G 328 -43.08 20.41 -9.93
C THR G 328 -42.91 21.78 -9.28
N SER G 329 -43.47 21.97 -8.08
CA SER G 329 -43.34 23.23 -7.39
C SER G 329 -41.87 23.60 -7.20
N ALA G 330 -41.04 22.62 -6.86
CA ALA G 330 -39.61 22.90 -6.68
C ALA G 330 -38.97 23.34 -8.00
N ALA G 331 -39.33 22.67 -9.10
CA ALA G 331 -38.75 23.03 -10.39
C ALA G 331 -39.21 24.42 -10.82
N ASP G 332 -40.50 24.73 -10.63
CA ASP G 332 -40.98 26.06 -10.97
C ASP G 332 -40.23 27.12 -10.18
N PHE G 333 -39.98 26.86 -8.89
CA PHE G 333 -39.27 27.83 -8.07
C PHE G 333 -37.86 28.08 -8.61
N VAL G 334 -37.16 27.02 -8.99
CA VAL G 334 -35.81 27.17 -9.51
C VAL G 334 -35.84 27.92 -10.84
N GLU G 335 -36.79 27.57 -11.72
CA GLU G 335 -36.89 28.28 -12.99
C GLU G 335 -37.14 29.76 -12.78
N GLY G 336 -37.92 30.11 -11.74
CA GLY G 336 -38.15 31.51 -11.43
C GLY G 336 -36.90 32.23 -11.00
N LEU G 337 -36.06 31.57 -10.19
CA LEU G 337 -34.79 32.18 -9.81
C LEU G 337 -33.90 32.37 -11.03
N ILE G 338 -33.90 31.41 -11.96
CA ILE G 338 -33.09 31.53 -13.16
C ILE G 338 -33.58 32.70 -14.00
N LYS G 339 -34.90 32.85 -14.13
CA LYS G 339 -35.44 33.95 -14.92
C LYS G 339 -35.12 35.30 -14.30
N ASP G 340 -35.18 35.40 -12.97
CA ASP G 340 -34.85 36.66 -12.32
C ASP G 340 -33.41 37.08 -12.60
N ALA G 341 -32.48 36.12 -12.50
CA ALA G 341 -31.07 36.44 -12.74
C ALA G 341 -30.86 36.86 -14.19
N THR G 342 -31.48 36.13 -15.13
CA THR G 342 -31.34 36.47 -16.54
C THR G 342 -31.92 37.86 -16.83
N ASP G 343 -33.11 38.14 -16.30
CA ASP G 343 -33.76 39.42 -16.54
C ASP G 343 -32.98 40.58 -15.94
N LYS G 344 -32.17 40.35 -14.91
CA LYS G 344 -31.41 41.41 -14.27
C LYS G 344 -29.99 41.51 -14.81
N GLY G 345 -29.66 40.74 -15.85
CA GLY G 345 -28.41 40.94 -16.56
C GLY G 345 -27.30 39.95 -16.30
N ALA G 346 -27.57 38.86 -15.58
CA ALA G 346 -26.54 37.86 -15.34
C ALA G 346 -26.19 37.13 -16.63
N THR G 347 -24.93 36.70 -16.73
CA THR G 347 -24.44 35.97 -17.88
C THR G 347 -24.58 34.47 -17.63
N ALA G 348 -25.40 33.80 -18.46
CA ALA G 348 -25.60 32.37 -18.36
C ALA G 348 -24.46 31.67 -19.10
N LEU G 349 -23.55 31.04 -18.35
CA LEU G 349 -22.42 30.35 -18.96
C LEU G 349 -22.76 28.94 -19.43
N THR G 350 -23.82 28.33 -18.89
CA THR G 350 -24.34 27.06 -19.37
C THR G 350 -25.83 27.22 -19.64
N ALA G 351 -26.35 26.39 -20.54
CA ALA G 351 -27.69 26.61 -21.06
C ALA G 351 -28.76 26.07 -20.11
N PHE G 352 -29.86 26.81 -20.00
CA PHE G 352 -31.02 26.39 -19.25
C PHE G 352 -31.91 25.51 -20.14
N ASN G 353 -32.29 24.34 -19.63
CA ASN G 353 -33.24 23.49 -20.31
C ASN G 353 -34.08 22.78 -19.26
N ARG G 354 -35.36 22.57 -19.56
CA ARG G 354 -36.25 21.90 -18.63
C ARG G 354 -37.13 20.92 -19.38
N GLU G 355 -37.03 19.64 -19.03
CA GLU G 355 -37.91 18.59 -19.53
C GLU G 355 -38.66 18.03 -18.32
N GLY G 356 -39.94 18.32 -18.23
CA GLY G 356 -40.68 18.00 -17.02
C GLY G 356 -40.11 18.77 -15.85
N ASN G 357 -39.61 18.05 -14.85
CA ASN G 357 -38.93 18.68 -13.71
C ASN G 357 -37.43 18.43 -13.73
N LEU G 358 -36.89 17.99 -14.86
CA LEU G 358 -35.46 17.80 -15.04
C LEU G 358 -34.88 19.10 -15.57
N ILE G 359 -34.20 19.84 -14.71
CA ILE G 359 -33.57 21.11 -15.07
C ILE G 359 -32.08 20.85 -15.24
N SER G 360 -31.52 21.36 -16.33
CA SER G 360 -30.10 21.24 -16.60
C SER G 360 -29.32 22.21 -15.71
N PRO G 361 -28.04 21.89 -15.42
CA PRO G 361 -27.26 22.74 -14.51
C PRO G 361 -26.94 24.08 -15.15
N VAL G 362 -27.35 25.16 -14.49
CA VAL G 362 -27.19 26.52 -15.01
C VAL G 362 -26.15 27.24 -14.15
N LEU G 363 -25.09 27.73 -14.80
CA LEU G 363 -24.04 28.49 -14.16
C LEU G 363 -24.17 29.94 -14.60
N PHE G 364 -24.30 30.84 -13.64
CA PHE G 364 -24.41 32.27 -13.89
C PHE G 364 -23.15 32.98 -13.41
N ASP G 365 -22.67 33.92 -14.22
CA ASP G 365 -21.57 34.80 -13.87
C ASP G 365 -22.10 36.23 -13.81
N HIS G 366 -21.32 37.11 -13.19
CA HIS G 366 -21.69 38.53 -13.05
C HIS G 366 -23.04 38.68 -12.35
N VAL G 367 -23.25 37.87 -11.32
CA VAL G 367 -24.45 37.97 -10.51
C VAL G 367 -24.28 39.12 -9.53
N THR G 368 -25.33 39.92 -9.37
CA THR G 368 -25.32 41.03 -8.42
C THR G 368 -26.32 40.75 -7.31
N THR G 369 -26.10 41.40 -6.17
CA THR G 369 -26.88 41.07 -4.97
C THR G 369 -28.31 41.61 -4.99
N ASP G 370 -28.75 42.26 -6.06
CA ASP G 370 -30.16 42.56 -6.22
C ASP G 370 -30.92 41.40 -6.85
N MET G 371 -30.23 40.31 -7.21
CA MET G 371 -30.88 39.16 -7.81
C MET G 371 -31.27 38.17 -6.72
N ARG G 372 -32.48 37.60 -6.87
CA ARG G 372 -32.96 36.64 -5.88
C ARG G 372 -32.01 35.46 -5.75
N LEU G 373 -31.37 35.04 -6.85
CA LEU G 373 -30.48 33.89 -6.82
C LEU G 373 -29.26 34.11 -5.92
N ALA G 374 -28.96 35.36 -5.57
CA ALA G 374 -27.83 35.62 -4.70
C ALA G 374 -28.09 35.25 -3.26
N TRP G 375 -29.35 35.06 -2.88
CA TRP G 375 -29.73 34.86 -1.48
C TRP G 375 -30.63 33.67 -1.24
N GLU G 376 -31.63 33.46 -2.08
CA GLU G 376 -32.64 32.43 -1.80
C GLU G 376 -32.08 31.04 -2.11
N GLU G 377 -32.39 30.09 -1.22
CA GLU G 377 -31.94 28.72 -1.41
C GLU G 377 -32.72 28.09 -2.55
N PRO G 378 -32.09 27.74 -3.67
CA PRO G 378 -32.89 27.21 -4.79
C PRO G 378 -33.36 25.78 -4.57
N PHE G 379 -32.51 24.93 -4.02
CA PHE G 379 -32.74 23.49 -4.04
C PHE G 379 -32.94 23.02 -5.48
N GLY G 380 -32.02 23.45 -6.33
CA GLY G 380 -32.00 23.09 -7.73
C GLY G 380 -30.60 23.32 -8.29
N PRO G 381 -30.37 22.86 -9.52
CA PRO G 381 -29.00 22.93 -10.10
C PRO G 381 -28.69 24.28 -10.75
N VAL G 382 -28.53 25.30 -9.92
CA VAL G 382 -28.20 26.65 -10.38
C VAL G 382 -27.21 27.27 -9.41
N LEU G 383 -26.13 27.82 -9.95
CA LEU G 383 -25.04 28.34 -9.13
C LEU G 383 -24.66 29.75 -9.60
N PRO G 384 -24.69 30.75 -8.72
CA PRO G 384 -24.22 32.08 -9.10
C PRO G 384 -22.76 32.35 -8.72
N ILE G 385 -22.11 33.13 -9.59
CA ILE G 385 -20.77 33.64 -9.34
C ILE G 385 -20.90 35.15 -9.12
N ILE G 386 -20.48 35.60 -7.94
CA ILE G 386 -20.56 37.01 -7.55
C ILE G 386 -19.13 37.52 -7.40
N ARG G 387 -18.80 38.57 -8.14
CA ARG G 387 -17.45 39.13 -8.12
C ARG G 387 -17.31 40.22 -7.05
N VAL G 388 -16.19 40.16 -6.34
CA VAL G 388 -15.84 41.13 -5.31
C VAL G 388 -14.42 41.61 -5.56
N THR G 389 -14.04 42.68 -4.89
CA THR G 389 -12.68 43.22 -4.99
C THR G 389 -11.91 43.18 -3.69
N THR G 390 -12.55 42.92 -2.55
CA THR G 390 -11.85 42.84 -1.28
C THR G 390 -12.38 41.68 -0.47
N VAL G 391 -11.53 41.15 0.43
CA VAL G 391 -11.97 40.10 1.33
CA VAL G 391 -11.97 40.10 1.34
C VAL G 391 -13.05 40.63 2.27
N GLU G 392 -12.96 41.90 2.65
CA GLU G 392 -13.98 42.51 3.49
C GLU G 392 -15.35 42.48 2.82
N GLU G 393 -15.38 42.72 1.50
CA GLU G 393 -16.64 42.66 0.77
C GLU G 393 -17.20 41.24 0.75
N ALA G 394 -16.35 40.24 0.54
CA ALA G 394 -16.79 38.86 0.57
C ALA G 394 -17.36 38.49 1.94
N ILE G 395 -16.67 38.89 3.01
CA ILE G 395 -17.17 38.58 4.35
C ILE G 395 -18.53 39.21 4.59
N LYS G 396 -18.68 40.48 4.22
CA LYS G 396 -19.95 41.18 4.43
C LYS G 396 -21.08 40.53 3.63
N ILE G 397 -20.85 40.29 2.34
CA ILE G 397 -21.90 39.68 1.52
C ILE G 397 -22.25 38.29 2.06
N SER G 398 -21.24 37.52 2.47
CA SER G 398 -21.51 36.19 3.03
C SER G 398 -22.38 36.30 4.28
N ASN G 399 -22.01 37.20 5.19
CA ASN G 399 -22.71 37.32 6.45
C ASN G 399 -24.06 38.02 6.34
N GLU G 400 -24.33 38.70 5.22
CA GLU G 400 -25.64 39.32 5.02
C GLU G 400 -26.75 38.30 4.86
N SER G 401 -26.40 37.07 4.49
CA SER G 401 -27.41 36.02 4.40
C SER G 401 -27.95 35.68 5.79
N GLU G 402 -29.25 35.38 5.85
CA GLU G 402 -29.82 34.87 7.08
C GLU G 402 -29.37 33.45 7.37
N TYR G 403 -28.83 32.75 6.37
CA TYR G 403 -28.33 31.40 6.57
C TYR G 403 -26.86 31.46 6.98
N GLY G 404 -26.44 30.45 7.72
CA GLY G 404 -25.06 30.37 8.18
C GLY G 404 -24.70 28.94 8.50
N LEU G 405 -24.83 28.05 7.51
CA LEU G 405 -24.54 26.64 7.75
C LEU G 405 -23.03 26.37 7.64
N GLN G 406 -22.47 26.52 6.44
CA GLN G 406 -21.05 26.32 6.25
C GLN G 406 -20.52 27.31 5.21
N ALA G 407 -19.20 27.32 5.05
CA ALA G 407 -18.55 28.15 4.04
C ALA G 407 -17.22 27.50 3.66
N SER G 408 -16.77 27.78 2.44
CA SER G 408 -15.48 27.32 1.96
C SER G 408 -14.60 28.52 1.67
N ILE G 409 -13.31 28.40 2.00
CA ILE G 409 -12.31 29.40 1.66
C ILE G 409 -11.22 28.71 0.86
N PHE G 410 -10.96 29.23 -0.34
CA PHE G 410 -9.93 28.70 -1.23
C PHE G 410 -8.80 29.70 -1.30
N THR G 411 -7.63 29.30 -0.81
CA THR G 411 -6.49 30.20 -0.70
C THR G 411 -5.28 29.37 -0.28
N THR G 412 -4.10 29.96 -0.48
CA THR G 412 -2.85 29.37 -0.02
C THR G 412 -2.35 30.02 1.28
N ASN G 413 -3.04 31.05 1.78
CA ASN G 413 -2.65 31.73 3.01
C ASN G 413 -3.60 31.27 4.11
N PHE G 414 -3.18 30.23 4.85
CA PHE G 414 -4.05 29.62 5.83
C PHE G 414 -4.20 30.46 7.09
N PRO G 415 -3.14 31.09 7.60
CA PRO G 415 -3.32 32.00 8.74
C PRO G 415 -4.38 33.06 8.47
N LYS G 416 -4.36 33.65 7.28
CA LYS G 416 -5.39 34.61 6.91
C LYS G 416 -6.74 33.92 6.79
N ALA G 417 -6.76 32.70 6.23
CA ALA G 417 -8.02 31.96 6.11
C ALA G 417 -8.65 31.73 7.48
N PHE G 418 -7.83 31.40 8.48
CA PHE G 418 -8.37 31.25 9.84
C PHE G 418 -8.94 32.55 10.35
N GLY G 419 -8.29 33.68 10.05
CA GLY G 419 -8.84 34.97 10.43
C GLY G 419 -10.17 35.25 9.77
N ILE G 420 -10.30 34.90 8.49
CA ILE G 420 -11.57 35.05 7.81
C ILE G 420 -12.62 34.13 8.43
N ALA G 421 -12.25 32.88 8.70
CA ALA G 421 -13.21 31.93 9.26
C ALA G 421 -13.77 32.44 10.58
N GLU G 422 -12.95 33.10 11.39
CA GLU G 422 -13.44 33.63 12.66
C GLU G 422 -14.57 34.63 12.45
N GLN G 423 -14.55 35.36 11.33
CA GLN G 423 -15.53 36.40 11.06
C GLN G 423 -16.77 35.89 10.34
N LEU G 424 -16.73 34.69 9.77
CA LEU G 424 -17.87 34.15 9.03
C LEU G 424 -18.91 33.58 10.00
N GLU G 425 -20.16 34.00 9.83
CA GLU G 425 -21.25 33.57 10.70
C GLU G 425 -21.80 32.24 10.20
N VAL G 426 -21.01 31.19 10.41
CA VAL G 426 -21.35 29.83 10.00
C VAL G 426 -20.92 28.87 11.10
N GLY G 427 -21.36 27.62 10.97
CA GLY G 427 -20.97 26.58 11.90
C GLY G 427 -19.62 25.99 11.57
N THR G 428 -19.36 25.75 10.29
CA THR G 428 -18.13 25.10 9.85
C THR G 428 -17.59 25.78 8.61
N VAL G 429 -16.28 25.95 8.57
CA VAL G 429 -15.56 26.52 7.44
C VAL G 429 -14.56 25.49 6.94
N HIS G 430 -14.66 25.12 5.67
CA HIS G 430 -13.73 24.19 5.03
C HIS G 430 -12.69 24.97 4.23
N LEU G 431 -11.41 24.64 4.44
CA LEU G 431 -10.31 25.31 3.75
C LEU G 431 -9.92 24.49 2.52
N ASN G 432 -9.97 25.13 1.35
CA ASN G 432 -9.59 24.49 0.09
C ASN G 432 -10.35 23.18 -0.11
N ASN G 433 -11.65 23.21 0.20
CA ASN G 433 -12.48 22.03 0.06
CA ASN G 433 -12.48 22.03 0.06
C ASN G 433 -13.94 22.46 0.07
N LYS G 434 -14.77 21.64 -0.54
CA LYS G 434 -16.20 21.90 -0.56
C LYS G 434 -16.78 21.79 0.84
N THR G 435 -17.90 22.49 1.06
CA THR G 435 -18.64 22.31 2.30
C THR G 435 -19.23 20.91 2.32
N GLN G 436 -19.35 20.36 3.53
CA GLN G 436 -19.82 18.99 3.69
C GLN G 436 -20.16 18.74 5.15
N ARG G 437 -21.10 17.81 5.38
CA ARG G 437 -21.48 17.45 6.73
C ARG G 437 -20.43 16.56 7.39
N GLY G 438 -19.74 15.73 6.60
CA GLY G 438 -18.80 14.77 7.16
C GLY G 438 -17.46 15.37 7.51
N THR G 439 -16.62 14.57 8.18
CA THR G 439 -16.99 13.22 8.63
C THR G 439 -17.96 13.31 9.80
N ASP G 440 -18.79 12.28 9.95
CA ASP G 440 -19.93 12.35 10.86
C ASP G 440 -19.53 12.45 12.32
N ASN G 441 -18.25 12.29 12.65
CA ASN G 441 -17.81 12.56 14.01
C ASN G 441 -17.55 14.05 14.25
N PHE G 442 -17.37 14.84 13.18
CA PHE G 442 -17.18 16.27 13.31
C PHE G 442 -18.50 16.94 13.72
N PRO G 443 -18.42 18.11 14.37
CA PRO G 443 -19.64 18.85 14.67
C PRO G 443 -20.32 19.33 13.39
N PHE G 444 -21.65 19.32 13.41
CA PHE G 444 -22.44 19.85 12.30
C PHE G 444 -23.52 20.74 12.90
N LEU G 445 -23.46 22.04 12.57
CA LEU G 445 -24.37 23.01 13.13
C LEU G 445 -24.51 24.18 12.18
N GLY G 446 -25.59 24.92 12.34
CA GLY G 446 -25.83 26.12 11.56
C GLY G 446 -26.13 27.30 12.45
N ALA G 447 -25.60 28.46 12.07
CA ALA G 447 -25.89 29.69 12.77
C ALA G 447 -27.09 30.39 12.13
N LYS G 448 -27.64 31.35 12.86
CA LYS G 448 -28.76 32.18 12.37
C LYS G 448 -29.91 31.24 11.98
N LYS G 449 -30.50 31.37 10.79
CA LYS G 449 -31.68 30.60 10.44
C LYS G 449 -31.36 29.19 9.92
N SER G 450 -30.11 28.76 9.98
CA SER G 450 -29.73 27.47 9.43
C SER G 450 -29.91 26.31 10.41
N GLY G 451 -30.24 26.57 11.66
CA GLY G 451 -30.54 25.48 12.58
C GLY G 451 -30.40 25.88 14.03
N ALA G 452 -30.49 24.87 14.88
CA ALA G 452 -30.35 25.01 16.33
C ALA G 452 -29.76 23.71 16.88
N GLY G 453 -28.81 23.83 17.79
CA GLY G 453 -28.15 22.68 18.36
C GLY G 453 -26.99 22.20 17.51
N VAL G 454 -26.20 21.30 18.07
CA VAL G 454 -24.98 20.83 17.42
C VAL G 454 -25.11 19.33 17.20
N GLN G 455 -24.97 18.91 15.94
CA GLN G 455 -25.03 17.50 15.60
C GLN G 455 -23.62 17.02 15.24
N GLY G 456 -23.55 15.91 14.53
CA GLY G 456 -22.38 15.06 14.68
C GLY G 456 -22.54 14.13 15.85
N VAL G 457 -21.98 12.92 15.73
CA VAL G 457 -22.42 11.80 16.56
C VAL G 457 -22.36 12.17 18.05
N LYS G 458 -21.16 12.41 18.56
CA LYS G 458 -21.03 12.63 20.00
C LYS G 458 -21.81 13.87 20.44
N TYR G 459 -21.92 14.86 19.57
CA TYR G 459 -22.70 16.06 19.92
C TYR G 459 -24.19 15.77 19.93
N SER G 460 -24.66 14.89 19.06
CA SER G 460 -26.07 14.53 19.05
CA SER G 460 -26.08 14.54 19.06
C SER G 460 -26.44 13.72 20.29
N ILE G 461 -25.53 12.86 20.76
CA ILE G 461 -25.78 12.09 21.97
C ILE G 461 -25.87 13.02 23.17
N GLU G 462 -24.93 13.96 23.27
CA GLU G 462 -24.96 14.93 24.37
C GLU G 462 -26.23 15.76 24.35
N ALA G 463 -26.67 16.17 23.17
CA ALA G 463 -27.86 17.01 23.08
C ALA G 463 -29.10 16.29 23.61
N MET G 464 -29.22 15.00 23.30
CA MET G 464 -30.38 14.21 23.69
C MET G 464 -30.17 13.47 25.00
N THR G 465 -29.31 13.98 25.87
CA THR G 465 -29.20 13.51 27.24
C THR G 465 -29.25 14.71 28.18
N THR G 466 -29.61 14.44 29.43
CA THR G 466 -29.51 15.37 30.53
C THR G 466 -28.61 14.74 31.59
N VAL G 467 -28.47 15.41 32.73
CA VAL G 467 -27.60 14.90 33.79
C VAL G 467 -28.43 14.73 35.05
N LYS G 468 -27.98 13.79 35.89
CA LYS G 468 -28.55 13.54 37.21
C LYS G 468 -27.40 13.65 38.21
N SER G 469 -27.51 14.62 39.13
CA SER G 469 -26.48 14.88 40.11
C SER G 469 -26.90 14.29 41.45
N VAL G 470 -26.01 13.51 42.06
CA VAL G 470 -26.19 12.97 43.41
C VAL G 470 -25.08 13.55 44.27
N VAL G 471 -25.47 14.25 45.34
CA VAL G 471 -24.54 15.01 46.17
C VAL G 471 -24.57 14.46 47.58
N PHE G 472 -23.39 14.21 48.15
CA PHE G 472 -23.32 13.73 49.53
C PHE G 472 -22.00 14.15 50.15
N ASP G 473 -21.95 14.11 51.48
CA ASP G 473 -20.78 14.50 52.25
C ASP G 473 -20.02 13.27 52.69
N ILE G 474 -18.70 13.27 52.44
CA ILE G 474 -17.84 12.21 52.92
C ILE G 474 -17.61 12.38 54.43
N GLN G 475 -17.58 11.26 55.15
CA GLN G 475 -17.43 11.30 56.59
C GLN G 475 -16.24 10.47 57.06
N ALA H 2 -34.65 57.89 49.34
CA ALA H 2 -35.24 57.40 48.10
C ALA H 2 -34.60 58.07 46.90
N LYS H 3 -33.93 57.28 46.07
CA LYS H 3 -33.20 57.78 44.91
C LYS H 3 -33.98 57.49 43.62
N GLN H 4 -33.78 58.35 42.63
CA GLN H 4 -34.27 58.11 41.28
C GLN H 4 -33.19 57.40 40.49
N TYR H 5 -33.43 56.13 40.17
CA TYR H 5 -32.43 55.31 39.50
C TYR H 5 -32.58 55.37 37.98
N LYS H 6 -31.51 54.97 37.29
CA LYS H 6 -31.42 55.04 35.84
C LYS H 6 -30.91 53.72 35.29
N ASN H 7 -31.21 53.48 34.02
CA ASN H 7 -30.72 52.31 33.33
C ASN H 7 -29.35 52.59 32.70
N LEU H 8 -28.51 51.56 32.67
CA LEU H 8 -27.23 51.62 31.96
C LEU H 8 -27.50 51.25 30.51
N VAL H 9 -27.30 52.20 29.60
CA VAL H 9 -27.57 52.03 28.19
C VAL H 9 -26.36 52.58 27.43
N ASN H 10 -25.60 51.69 26.81
CA ASN H 10 -24.45 52.07 25.99
C ASN H 10 -23.51 53.00 26.74
N GLY H 11 -23.19 52.63 27.97
CA GLY H 11 -22.25 53.40 28.76
C GLY H 11 -22.79 54.70 29.31
N GLU H 12 -24.07 55.00 29.11
CA GLU H 12 -24.71 56.18 29.65
C GLU H 12 -25.81 55.75 30.61
N TRP H 13 -26.20 56.67 31.48
CA TRP H 13 -27.28 56.45 32.43
C TRP H 13 -28.49 57.25 31.98
N LYS H 14 -29.60 56.56 31.71
CA LYS H 14 -30.76 57.16 31.07
C LYS H 14 -32.02 56.95 31.89
N LEU H 15 -32.77 58.04 32.08
CA LEU H 15 -34.12 57.99 32.60
C LEU H 15 -35.12 57.73 31.48
N SER H 16 -36.36 57.43 31.87
CA SER H 16 -37.47 57.32 30.95
C SER H 16 -38.54 58.33 31.33
N GLU H 17 -39.46 58.59 30.39
CA GLU H 17 -40.52 59.56 30.67
C GLU H 17 -41.38 59.12 31.84
N ASN H 18 -41.63 57.82 31.97
CA ASN H 18 -42.34 57.24 33.10
C ASN H 18 -41.36 56.45 33.95
N GLU H 19 -41.72 56.27 35.22
CA GLU H 19 -40.91 55.53 36.16
C GLU H 19 -41.82 54.67 37.02
N ILE H 20 -41.21 53.78 37.82
CA ILE H 20 -41.94 52.89 38.70
C ILE H 20 -41.37 53.06 40.10
N THR H 21 -42.22 53.46 41.05
CA THR H 21 -41.80 53.60 42.43
C THR H 21 -41.80 52.24 43.11
N ILE H 22 -40.77 51.98 43.90
CA ILE H 22 -40.55 50.68 44.55
C ILE H 22 -40.70 50.87 46.05
N TYR H 23 -41.49 50.00 46.68
CA TYR H 23 -41.76 50.08 48.11
C TYR H 23 -41.28 48.83 48.82
N ALA H 24 -40.86 49.00 50.06
CA ALA H 24 -40.43 47.88 50.89
C ALA H 24 -41.61 47.00 51.23
N PRO H 25 -41.60 45.71 50.86
CA PRO H 25 -42.78 44.87 51.12
C PRO H 25 -43.13 44.72 52.59
N ALA H 26 -42.14 44.87 53.48
CA ALA H 26 -42.39 44.66 54.89
C ALA H 26 -42.95 45.90 55.59
N THR H 27 -42.70 47.09 55.06
CA THR H 27 -43.07 48.32 55.75
C THR H 27 -43.79 49.35 54.88
N GLY H 28 -43.79 49.20 53.56
CA GLY H 28 -44.33 50.22 52.70
C GLY H 28 -43.43 51.41 52.48
N GLU H 29 -42.22 51.39 53.03
CA GLU H 29 -41.28 52.50 52.86
C GLU H 29 -40.93 52.67 51.38
N GLU H 30 -40.95 53.92 50.92
CA GLU H 30 -40.55 54.23 49.55
C GLU H 30 -39.04 54.14 49.43
N LEU H 31 -38.56 53.28 48.52
CA LEU H 31 -37.13 53.05 48.35
C LEU H 31 -36.54 53.82 47.18
N GLY H 32 -37.35 54.20 46.21
CA GLY H 32 -36.86 54.88 45.02
C GLY H 32 -37.72 54.52 43.84
N SER H 33 -37.24 54.88 42.66
CA SER H 33 -37.95 54.63 41.41
C SER H 33 -36.99 54.16 40.35
N VAL H 34 -37.50 53.35 39.44
CA VAL H 34 -36.73 52.85 38.30
C VAL H 34 -37.48 53.26 37.03
N PRO H 35 -36.77 53.35 35.91
CA PRO H 35 -37.44 53.80 34.67
C PRO H 35 -38.44 52.76 34.18
N ALA H 36 -39.49 53.26 33.53
CA ALA H 36 -40.49 52.42 32.87
C ALA H 36 -40.21 52.53 31.37
N MET H 37 -39.32 51.68 30.89
CA MET H 37 -38.85 51.80 29.51
C MET H 37 -39.96 51.51 28.51
N THR H 38 -39.84 52.16 27.36
CA THR H 38 -40.69 51.90 26.21
C THR H 38 -40.04 50.86 25.29
N GLN H 39 -40.82 50.36 24.35
CA GLN H 39 -40.26 49.43 23.37
C GLN H 39 -39.20 50.12 22.52
N ALA H 40 -39.39 51.41 22.23
CA ALA H 40 -38.38 52.14 21.47
C ALA H 40 -37.08 52.26 22.26
N GLU H 41 -37.18 52.40 23.59
CA GLU H 41 -35.98 52.43 24.42
C GLU H 41 -35.34 51.05 24.51
N VAL H 42 -36.14 49.99 24.49
CA VAL H 42 -35.59 48.64 24.41
C VAL H 42 -34.78 48.49 23.12
N ASP H 43 -35.32 48.98 22.00
CA ASP H 43 -34.60 48.92 20.74
C ASP H 43 -33.21 49.56 20.87
N ALA H 44 -33.12 50.68 21.58
CA ALA H 44 -31.83 51.34 21.74
C ALA H 44 -30.84 50.50 22.53
N VAL H 45 -31.31 49.85 23.60
CA VAL H 45 -30.43 48.98 24.37
C VAL H 45 -29.86 47.88 23.48
N TYR H 46 -30.75 47.21 22.74
CA TYR H 46 -30.32 46.08 21.90
C TYR H 46 -29.43 46.54 20.76
N ALA H 47 -29.75 47.68 20.15
CA ALA H 47 -28.89 48.19 19.08
C ALA H 47 -27.48 48.46 19.59
N SER H 48 -27.37 49.05 20.79
CA SER H 48 -26.06 49.35 21.35
CA SER H 48 -26.05 49.34 21.34
C SER H 48 -25.30 48.07 21.69
N ALA H 49 -26.01 47.03 22.13
CA ALA H 49 -25.33 45.78 22.48
C ALA H 49 -24.74 45.11 21.25
N LYS H 50 -25.52 45.01 20.17
CA LYS H 50 -25.02 44.34 18.97
C LYS H 50 -23.85 45.09 18.36
N LYS H 51 -23.82 46.42 18.51
CA LYS H 51 -22.68 47.19 17.99
C LYS H 51 -21.43 46.94 18.81
N ALA H 52 -21.56 46.73 20.12
CA ALA H 52 -20.40 46.50 20.96
C ALA H 52 -19.90 45.07 20.89
N LEU H 53 -20.66 44.15 20.30
CA LEU H 53 -20.30 42.73 20.34
C LEU H 53 -18.97 42.47 19.63
N SER H 54 -18.77 43.10 18.47
CA SER H 54 -17.60 42.77 17.66
C SER H 54 -16.29 43.04 18.42
N ASP H 55 -16.14 44.26 18.96
CA ASP H 55 -14.92 44.58 19.68
C ASP H 55 -14.82 43.81 20.99
N TRP H 56 -15.96 43.47 21.61
CA TRP H 56 -15.93 42.74 22.87
C TRP H 56 -15.49 41.30 22.67
N ARG H 57 -16.01 40.62 21.66
CA ARG H 57 -15.66 39.22 21.44
C ARG H 57 -14.24 39.06 20.93
N THR H 58 -13.68 40.08 20.29
CA THR H 58 -12.30 40.01 19.81
C THR H 58 -11.28 40.28 20.90
N LEU H 59 -11.71 40.75 22.07
CA LEU H 59 -10.78 40.87 23.19
C LEU H 59 -10.30 39.48 23.62
N SER H 60 -9.16 39.46 24.30
CA SER H 60 -8.66 38.21 24.85
C SER H 60 -9.50 37.81 26.06
N TYR H 61 -9.44 36.52 26.39
CA TYR H 61 -10.12 36.03 27.59
C TYR H 61 -9.57 36.73 28.83
N VAL H 62 -8.25 36.94 28.88
CA VAL H 62 -7.64 37.60 30.03
CA VAL H 62 -7.67 37.58 30.06
C VAL H 62 -8.24 38.98 30.23
N GLU H 63 -8.43 39.72 29.14
CA GLU H 63 -8.97 41.07 29.24
C GLU H 63 -10.41 41.06 29.73
N ARG H 64 -11.24 40.16 29.20
CA ARG H 64 -12.61 40.06 29.66
C ARG H 64 -12.67 39.60 31.12
N ALA H 65 -11.78 38.68 31.50
CA ALA H 65 -11.76 38.22 32.89
C ALA H 65 -11.42 39.36 33.84
N ALA H 66 -10.54 40.27 33.40
CA ALA H 66 -10.14 41.38 34.27
C ALA H 66 -11.34 42.24 34.66
N TYR H 67 -12.22 42.51 33.70
CA TYR H 67 -13.41 43.31 34.00
C TYR H 67 -14.27 42.62 35.04
N LEU H 68 -14.47 41.30 34.90
CA LEU H 68 -15.33 40.58 35.84
C LEU H 68 -14.75 40.60 37.24
N HIS H 69 -13.43 40.38 37.36
CA HIS H 69 -12.78 40.43 38.67
C HIS H 69 -12.95 41.81 39.32
N LYS H 70 -12.81 42.87 38.51
CA LYS H 70 -12.96 44.21 39.06
C LYS H 70 -14.38 44.45 39.57
N ALA H 71 -15.38 44.00 38.81
CA ALA H 71 -16.76 44.19 39.24
C ALA H 71 -17.04 43.44 40.54
N ALA H 72 -16.50 42.22 40.67
CA ALA H 72 -16.68 41.47 41.91
C ALA H 72 -16.03 42.20 43.09
N ASP H 73 -14.83 42.73 42.90
CA ASP H 73 -14.16 43.48 43.96
C ASP H 73 -15.03 44.64 44.43
N ILE H 74 -15.67 45.35 43.49
CA ILE H 74 -16.50 46.49 43.85
C ILE H 74 -17.73 46.02 44.62
N LEU H 75 -18.28 44.87 44.25
CA LEU H 75 -19.44 44.35 44.96
C LEU H 75 -19.10 44.00 46.40
N VAL H 76 -17.94 43.38 46.63
CA VAL H 76 -17.52 43.07 48.00
C VAL H 76 -17.32 44.36 48.78
N ARG H 77 -16.76 45.38 48.13
CA ARG H 77 -16.57 46.66 48.80
C ARG H 77 -17.90 47.25 49.25
N ASP H 78 -18.91 47.21 48.39
CA ASP H 78 -20.20 47.83 48.65
C ASP H 78 -21.25 46.84 49.14
N ALA H 79 -20.82 45.68 49.65
CA ALA H 79 -21.79 44.64 50.04
C ALA H 79 -22.78 45.16 51.08
N GLU H 80 -22.30 45.91 52.07
CA GLU H 80 -23.20 46.45 53.08
C GLU H 80 -24.16 47.47 52.48
N LYS H 81 -23.65 48.40 51.66
CA LYS H 81 -24.50 49.39 51.02
C LYS H 81 -25.59 48.71 50.20
N ILE H 82 -25.20 47.78 49.32
CA ILE H 82 -26.15 47.13 48.43
C ILE H 82 -27.08 46.22 49.22
N GLY H 83 -26.53 45.45 50.16
CA GLY H 83 -27.34 44.52 50.92
C GLY H 83 -28.42 45.22 51.74
N ALA H 84 -28.11 46.40 52.25
CA ALA H 84 -29.10 47.13 53.04
C ALA H 84 -30.34 47.47 52.22
N ILE H 85 -30.14 47.91 50.98
CA ILE H 85 -31.27 48.23 50.11
C ILE H 85 -31.95 46.96 49.62
N LEU H 86 -31.15 45.96 49.24
CA LEU H 86 -31.72 44.69 48.80
C LEU H 86 -32.62 44.08 49.88
N SER H 87 -32.17 44.12 51.14
CA SER H 87 -32.99 43.61 52.23
C SER H 87 -34.36 44.27 52.25
N LYS H 88 -34.38 45.60 52.09
CA LYS H 88 -35.65 46.32 52.09
C LYS H 88 -36.46 45.99 50.84
N GLU H 89 -35.79 45.87 49.69
CA GLU H 89 -36.53 45.81 48.43
C GLU H 89 -37.37 44.54 48.31
N VAL H 90 -36.86 43.41 48.80
CA VAL H 90 -37.55 42.14 48.67
C VAL H 90 -37.81 41.49 50.04
N ALA H 91 -37.75 42.28 51.11
CA ALA H 91 -38.05 41.80 52.45
C ALA H 91 -37.21 40.58 52.81
N LYS H 92 -35.92 40.64 52.49
CA LYS H 92 -34.96 39.61 52.87
C LYS H 92 -34.20 40.09 54.10
N GLY H 93 -33.92 39.16 55.01
CA GLY H 93 -33.13 39.48 56.19
C GLY H 93 -31.87 40.24 55.84
N HIS H 94 -31.53 41.26 56.65
CA HIS H 94 -30.39 42.11 56.32
C HIS H 94 -29.13 41.29 56.10
N LYS H 95 -28.78 40.43 57.06
CA LYS H 95 -27.58 39.63 56.93
C LYS H 95 -27.64 38.74 55.69
N ALA H 96 -28.81 38.12 55.45
CA ALA H 96 -28.97 37.28 54.27
C ALA H 96 -28.79 38.08 52.99
N ALA H 97 -29.27 39.34 52.98
CA ALA H 97 -29.13 40.17 51.79
C ALA H 97 -27.67 40.51 51.52
N VAL H 98 -26.92 40.87 52.57
CA VAL H 98 -25.49 41.12 52.40
C VAL H 98 -24.80 39.85 51.91
N SER H 99 -25.19 38.70 52.46
CA SER H 99 -24.59 37.44 52.02
C SER H 99 -24.84 37.17 50.54
N GLU H 100 -26.03 37.54 50.05
CA GLU H 100 -26.32 37.35 48.64
C GLU H 100 -25.35 38.13 47.76
N VAL H 101 -25.05 39.38 48.13
CA VAL H 101 -24.12 40.18 47.36
C VAL H 101 -22.74 39.55 47.35
N ILE H 102 -22.28 39.10 48.51
CA ILE H 102 -20.95 38.48 48.59
C ILE H 102 -20.91 37.23 47.72
N ARG H 103 -21.95 36.39 47.80
CA ARG H 103 -22.01 35.20 46.97
C ARG H 103 -22.00 35.55 45.49
N THR H 104 -22.62 36.68 45.12
CA THR H 104 -22.59 37.10 43.72
C THR H 104 -21.17 37.37 43.27
N ALA H 105 -20.40 38.08 44.10
CA ALA H 105 -19.00 38.33 43.77
C ALA H 105 -18.23 37.02 43.62
N GLU H 106 -18.52 36.06 44.49
CA GLU H 106 -17.86 34.76 44.38
C GLU H 106 -18.18 34.08 43.05
N ILE H 107 -19.45 34.14 42.63
CA ILE H 107 -19.83 33.52 41.37
C ILE H 107 -19.19 34.25 40.19
N ILE H 108 -19.11 35.58 40.27
CA ILE H 108 -18.50 36.35 39.19
C ILE H 108 -17.02 36.00 39.06
N ASN H 109 -16.32 35.94 40.19
CA ASN H 109 -14.90 35.58 40.16
C ASN H 109 -14.70 34.18 39.60
N TYR H 110 -15.51 33.22 40.07
CA TYR H 110 -15.36 31.83 39.62
C TYR H 110 -15.64 31.69 38.13
N ALA H 111 -16.70 32.35 37.65
CA ALA H 111 -17.01 32.27 36.22
C ALA H 111 -15.89 32.87 35.39
N ALA H 112 -15.29 33.96 35.86
CA ALA H 112 -14.23 34.61 35.11
C ALA H 112 -13.06 33.65 34.88
N GLU H 113 -12.65 32.94 35.93
CA GLU H 113 -11.52 32.02 35.81
C GLU H 113 -11.90 30.72 35.12
N GLU H 114 -13.17 30.29 35.26
CA GLU H 114 -13.62 29.12 34.52
C GLU H 114 -13.63 29.38 33.03
N GLY H 115 -14.17 30.53 32.61
CA GLY H 115 -14.36 30.79 31.20
C GLY H 115 -13.07 31.09 30.47
N LEU H 116 -12.10 31.74 31.13
CA LEU H 116 -10.87 32.08 30.45
C LEU H 116 -10.05 30.85 30.08
N ARG H 117 -10.35 29.70 30.67
CA ARG H 117 -9.71 28.44 30.34
C ARG H 117 -10.46 27.67 29.26
N MET H 118 -11.35 28.35 28.54
CA MET H 118 -12.08 27.73 27.44
C MET H 118 -11.13 26.98 26.52
N GLU H 119 -11.47 25.73 26.22
CA GLU H 119 -10.67 24.92 25.32
C GLU H 119 -11.51 24.44 24.14
N GLY H 120 -10.81 24.16 23.03
CA GLY H 120 -11.41 23.56 21.87
C GLY H 120 -11.02 22.10 21.71
N GLU H 121 -11.42 21.54 20.57
CA GLU H 121 -11.19 20.14 20.26
C GLU H 121 -10.54 20.02 18.89
N VAL H 122 -9.74 18.98 18.72
CA VAL H 122 -9.19 18.60 17.42
C VAL H 122 -9.69 17.19 17.12
N LEU H 123 -10.48 17.05 16.07
CA LEU H 123 -11.08 15.77 15.72
C LEU H 123 -10.43 15.22 14.45
N GLU H 124 -10.33 13.89 14.40
CA GLU H 124 -9.63 13.19 13.33
C GLU H 124 -10.64 12.60 12.35
N GLY H 125 -10.48 12.94 11.07
CA GLY H 125 -11.31 12.31 10.05
C GLY H 125 -11.11 10.82 9.97
N GLY H 126 -9.90 10.34 10.28
CA GLY H 126 -9.62 8.92 10.27
C GLY H 126 -10.29 8.13 11.38
N SER H 127 -10.93 8.82 12.33
CA SER H 127 -11.73 8.11 13.31
C SER H 127 -12.99 7.52 12.69
N PHE H 128 -13.45 8.06 11.57
CA PHE H 128 -14.68 7.63 10.93
C PHE H 128 -14.47 6.97 9.58
N GLU H 129 -13.58 7.48 8.72
CA GLU H 129 -13.31 6.83 7.45
C GLU H 129 -11.86 7.02 7.05
N ALA H 130 -11.26 5.95 6.51
CA ALA H 130 -9.85 5.97 6.18
C ALA H 130 -9.53 7.03 5.12
N ALA H 131 -10.43 7.21 4.16
CA ALA H 131 -10.17 8.15 3.08
C ALA H 131 -10.01 9.58 3.58
N SER H 132 -10.51 9.89 4.78
CA SER H 132 -10.43 11.23 5.34
C SER H 132 -9.40 11.34 6.45
N LYS H 133 -8.41 10.45 6.48
CA LYS H 133 -7.46 10.41 7.60
C LYS H 133 -6.59 11.65 7.69
N LYS H 134 -6.40 12.37 6.59
CA LYS H 134 -5.62 13.61 6.58
C LYS H 134 -6.46 14.84 6.91
N LYS H 135 -7.76 14.67 7.10
CA LYS H 135 -8.67 15.77 7.39
C LYS H 135 -8.85 15.88 8.89
N ILE H 136 -8.62 17.07 9.43
CA ILE H 136 -8.83 17.31 10.86
C ILE H 136 -9.77 18.50 11.02
N ALA H 137 -10.47 18.53 12.15
CA ALA H 137 -11.40 19.60 12.47
C ALA H 137 -10.90 20.32 13.71
N ILE H 138 -10.68 21.62 13.57
CA ILE H 138 -10.25 22.49 14.67
C ILE H 138 -11.50 23.17 15.21
N VAL H 139 -11.96 22.76 16.39
CA VAL H 139 -13.23 23.19 16.94
C VAL H 139 -12.95 24.12 18.11
N ARG H 140 -13.37 25.38 17.97
CA ARG H 140 -13.19 26.40 18.99
C ARG H 140 -14.53 27.00 19.40
N ARG H 141 -14.56 27.57 20.60
CA ARG H 141 -15.78 28.14 21.16
C ARG H 141 -15.94 29.60 20.77
N GLU H 142 -17.18 30.01 20.57
CA GLU H 142 -17.55 31.38 20.25
C GLU H 142 -18.77 31.76 21.05
N PRO H 143 -19.00 33.05 21.26
CA PRO H 143 -20.23 33.48 21.95
C PRO H 143 -21.46 33.31 21.05
N VAL H 144 -22.62 33.24 21.69
CA VAL H 144 -23.85 33.16 20.93
C VAL H 144 -24.33 34.54 20.47
N GLY H 145 -23.91 35.60 21.15
CA GLY H 145 -24.26 36.95 20.75
C GLY H 145 -24.78 37.80 21.88
N LEU H 146 -26.05 38.21 21.78
CA LEU H 146 -26.70 39.01 22.80
C LEU H 146 -27.52 38.10 23.69
N VAL H 147 -27.20 38.11 24.98
CA VAL H 147 -27.91 37.33 25.99
C VAL H 147 -28.85 38.24 26.75
N LEU H 148 -30.13 37.89 26.78
CA LEU H 148 -31.09 38.56 27.64
C LEU H 148 -31.15 37.80 28.95
N ALA H 149 -30.74 38.46 30.04
CA ALA H 149 -30.74 37.88 31.37
C ALA H 149 -31.90 38.46 32.17
N ILE H 150 -32.71 37.59 32.75
CA ILE H 150 -33.87 37.99 33.54
C ILE H 150 -33.73 37.35 34.90
N SER H 151 -33.56 38.18 35.94
CA SER H 151 -33.34 37.71 37.29
C SER H 151 -34.64 37.70 38.07
N PRO H 152 -34.71 36.92 39.17
CA PRO H 152 -35.95 36.82 39.94
C PRO H 152 -35.98 37.73 41.17
N PHE H 153 -37.15 37.92 41.76
CA PHE H 153 -37.27 38.82 42.91
C PHE H 153 -36.57 38.27 44.14
N ASN H 154 -36.51 36.95 44.30
CA ASN H 154 -35.98 36.37 45.53
C ASN H 154 -34.46 36.34 45.55
N TYR H 155 -33.81 36.44 44.39
CA TYR H 155 -32.35 36.57 44.30
C TYR H 155 -32.04 37.54 43.17
N PRO H 156 -32.39 38.82 43.34
CA PRO H 156 -32.26 39.76 42.22
C PRO H 156 -30.83 40.09 41.83
N VAL H 157 -29.87 39.89 42.74
CA VAL H 157 -28.46 40.14 42.45
C VAL H 157 -27.71 38.84 42.16
N ASN H 158 -27.85 37.85 43.03
CA ASN H 158 -27.12 36.59 42.86
C ASN H 158 -27.50 35.90 41.55
N LEU H 159 -28.80 35.80 41.27
CA LEU H 159 -29.25 35.16 40.03
C LEU H 159 -29.31 36.15 38.87
N ALA H 160 -28.76 37.35 39.04
CA ALA H 160 -28.37 38.18 37.90
C ALA H 160 -26.91 37.90 37.53
N GLY H 161 -26.03 37.94 38.53
CA GLY H 161 -24.62 37.66 38.27
C GLY H 161 -24.37 36.25 37.77
N SER H 162 -25.19 35.30 38.22
CA SER H 162 -25.03 33.92 37.75
C SER H 162 -25.26 33.79 36.25
N LYS H 163 -25.88 34.78 35.62
CA LYS H 163 -26.10 34.80 34.19
C LYS H 163 -25.14 35.77 33.47
N ILE H 164 -24.90 36.94 34.05
CA ILE H 164 -24.10 37.96 33.40
C ILE H 164 -22.65 37.49 33.26
N ALA H 165 -22.06 37.04 34.36
CA ALA H 165 -20.63 36.72 34.36
C ALA H 165 -20.30 35.57 33.44
N PRO H 166 -21.00 34.42 33.48
CA PRO H 166 -20.70 33.36 32.50
C PRO H 166 -20.86 33.82 31.06
N ALA H 167 -21.88 34.65 30.79
CA ALA H 167 -22.08 35.13 29.43
C ALA H 167 -20.95 36.06 28.99
N LEU H 168 -20.54 36.97 29.87
CA LEU H 168 -19.57 37.98 29.48
C LEU H 168 -18.19 37.37 29.23
N ILE H 169 -17.76 36.44 30.08
CA ILE H 169 -16.43 35.85 29.91
C ILE H 169 -16.33 35.15 28.56
N ALA H 170 -17.43 34.59 28.08
CA ALA H 170 -17.43 33.89 26.80
C ALA H 170 -17.45 34.83 25.60
N GLY H 171 -17.58 36.13 25.82
CA GLY H 171 -17.61 37.08 24.74
C GLY H 171 -18.98 37.53 24.32
N ASN H 172 -20.03 37.10 25.03
CA ASN H 172 -21.37 37.61 24.75
C ASN H 172 -21.52 39.03 25.30
N VAL H 173 -22.47 39.76 24.72
CA VAL H 173 -22.97 41.00 25.31
C VAL H 173 -24.27 40.67 26.00
N VAL H 174 -24.64 41.49 26.98
CA VAL H 174 -25.74 41.15 27.89
C VAL H 174 -26.64 42.34 28.13
N ALA H 175 -27.94 42.08 28.24
CA ALA H 175 -28.92 43.02 28.74
C ALA H 175 -29.60 42.36 29.94
N LEU H 176 -29.55 43.03 31.10
CA LEU H 176 -30.15 42.51 32.32
C LEU H 176 -31.53 43.13 32.50
N LYS H 177 -32.55 42.29 32.59
CA LYS H 177 -33.90 42.71 32.97
C LYS H 177 -34.17 42.20 34.38
N PRO H 178 -33.98 43.02 35.41
CA PRO H 178 -34.34 42.58 36.76
C PRO H 178 -35.84 42.55 36.92
N PRO H 179 -36.34 41.90 37.97
CA PRO H 179 -37.77 42.05 38.30
C PRO H 179 -38.03 43.46 38.79
N THR H 180 -39.24 43.96 38.53
CA THR H 180 -39.59 45.28 39.02
C THR H 180 -39.33 45.39 40.51
N GLN H 181 -39.88 44.46 41.29
CA GLN H 181 -39.55 44.34 42.71
C GLN H 181 -38.19 43.66 42.79
N GLY H 182 -37.14 44.49 42.85
CA GLY H 182 -35.78 43.99 42.78
C GLY H 182 -34.95 44.75 41.76
N SER H 183 -35.60 45.67 41.04
CA SER H 183 -34.90 46.43 40.00
C SER H 183 -33.86 47.37 40.59
N ILE H 184 -34.14 47.94 41.76
CA ILE H 184 -33.15 48.83 42.39
C ILE H 184 -31.87 48.06 42.68
N SER H 185 -32.00 46.83 43.20
CA SER H 185 -30.82 46.01 43.45
C SER H 185 -30.12 45.66 42.15
N GLY H 186 -30.89 45.31 41.11
CA GLY H 186 -30.29 45.00 39.82
C GLY H 186 -29.51 46.17 39.25
N LEU H 187 -30.06 47.37 39.37
CA LEU H 187 -29.36 48.55 38.87
C LEU H 187 -28.14 48.88 39.72
N LEU H 188 -28.17 48.54 41.02
CA LEU H 188 -26.97 48.68 41.84
C LEU H 188 -25.88 47.73 41.36
N LEU H 189 -26.24 46.51 40.99
CA LEU H 189 -25.27 45.60 40.39
C LEU H 189 -24.68 46.21 39.12
N ALA H 190 -25.51 46.85 38.31
CA ALA H 190 -25.01 47.46 37.08
C ALA H 190 -24.01 48.57 37.36
N GLU H 191 -24.23 49.32 38.44
CA GLU H 191 -23.26 50.36 38.79
C GLU H 191 -21.88 49.76 39.02
N ALA H 192 -21.83 48.59 39.67
CA ALA H 192 -20.54 47.94 39.93
C ALA H 192 -19.83 47.59 38.62
N PHE H 193 -20.57 47.08 37.64
CA PHE H 193 -19.96 46.77 36.35
C PHE H 193 -19.56 48.04 35.63
N ALA H 194 -20.38 49.09 35.73
CA ALA H 194 -20.03 50.37 35.11
C ALA H 194 -18.76 50.93 35.73
N GLU H 195 -18.67 50.92 37.06
CA GLU H 195 -17.46 51.44 37.70
C GLU H 195 -16.24 50.61 37.32
N ALA H 196 -16.43 49.30 37.10
CA ALA H 196 -15.32 48.46 36.67
C ALA H 196 -14.84 48.78 35.27
N GLY H 197 -15.54 49.65 34.54
CA GLY H 197 -15.12 50.03 33.21
C GLY H 197 -15.62 49.15 32.10
N ILE H 198 -16.68 48.38 32.33
CA ILE H 198 -17.25 47.50 31.30
C ILE H 198 -17.50 48.35 30.07
N PRO H 199 -17.05 47.94 28.88
CA PRO H 199 -17.18 48.81 27.71
C PRO H 199 -18.63 49.13 27.39
N ALA H 200 -18.83 50.32 26.82
CA ALA H 200 -20.17 50.79 26.48
C ALA H 200 -20.88 49.77 25.59
N GLY H 201 -22.08 49.38 26.01
CA GLY H 201 -22.90 48.46 25.25
C GLY H 201 -22.67 47.00 25.54
N VAL H 202 -21.54 46.65 26.16
CA VAL H 202 -21.27 45.25 26.49
C VAL H 202 -22.26 44.74 27.53
N PHE H 203 -22.62 45.58 28.49
CA PHE H 203 -23.60 45.23 29.51
C PHE H 203 -24.58 46.40 29.67
N ASN H 204 -25.87 46.10 29.62
CA ASN H 204 -26.92 47.10 29.72
C ASN H 204 -28.04 46.56 30.60
N THR H 205 -28.92 47.46 31.03
CA THR H 205 -30.06 47.09 31.85
C THR H 205 -31.35 47.57 31.21
N ILE H 206 -32.44 46.84 31.50
CA ILE H 206 -33.78 47.18 31.06
C ILE H 206 -34.71 47.06 32.26
N THR H 207 -35.49 48.11 32.52
CA THR H 207 -36.53 48.08 33.54
C THR H 207 -37.83 48.61 32.92
N GLY H 208 -38.95 48.11 33.42
CA GLY H 208 -40.23 48.54 32.89
C GLY H 208 -41.33 47.55 33.21
N ARG H 209 -42.52 47.88 32.72
CA ARG H 209 -43.71 47.10 32.99
C ARG H 209 -43.88 46.00 31.96
N GLY H 210 -44.17 44.79 32.43
CA GLY H 210 -44.44 43.69 31.52
C GLY H 210 -45.55 44.00 30.55
N SER H 211 -46.53 44.80 30.96
CA SER H 211 -47.63 45.18 30.09
C SER H 211 -47.19 46.07 28.94
N VAL H 212 -45.96 46.58 28.97
CA VAL H 212 -45.44 47.45 27.93
C VAL H 212 -44.33 46.78 27.15
N ILE H 213 -43.40 46.10 27.84
CA ILE H 213 -42.24 45.49 27.21
C ILE H 213 -42.07 44.02 27.55
N GLY H 214 -42.98 43.42 28.31
CA GLY H 214 -42.80 42.07 28.77
C GLY H 214 -42.49 41.08 27.67
N ASP H 215 -43.40 40.93 26.70
CA ASP H 215 -43.15 40.04 25.57
C ASP H 215 -42.11 40.62 24.61
N TYR H 216 -42.07 41.95 24.49
CA TYR H 216 -41.24 42.57 23.47
C TYR H 216 -39.76 42.26 23.68
N ILE H 217 -39.28 42.30 24.92
CA ILE H 217 -37.85 42.10 25.14
C ILE H 217 -37.43 40.69 24.74
N VAL H 218 -38.35 39.74 24.80
CA VAL H 218 -38.01 38.36 24.42
C VAL H 218 -38.16 38.16 22.93
N GLU H 219 -39.22 38.70 22.34
CA GLU H 219 -39.48 38.48 20.92
C GLU H 219 -38.43 39.16 20.04
N HIS H 220 -37.77 40.20 20.53
CA HIS H 220 -36.89 41.00 19.70
C HIS H 220 -35.86 40.12 19.01
N GLU H 221 -35.74 40.29 17.68
CA GLU H 221 -34.86 39.44 16.90
C GLU H 221 -33.39 39.68 17.23
N ALA H 222 -33.05 40.81 17.84
CA ALA H 222 -31.66 41.05 18.21
C ALA H 222 -31.19 40.08 19.29
N VAL H 223 -32.12 39.56 20.09
CA VAL H 223 -31.76 38.67 21.19
C VAL H 223 -31.45 37.28 20.64
N ASN H 224 -30.28 36.76 21.01
CA ASN H 224 -29.83 35.45 20.54
C ASN H 224 -29.97 34.35 21.58
N PHE H 225 -30.28 34.70 22.83
CA PHE H 225 -30.28 33.75 23.94
C PHE H 225 -31.05 34.39 25.09
N ILE H 226 -31.95 33.62 25.71
CA ILE H 226 -32.72 34.08 26.85
C ILE H 226 -32.39 33.21 28.05
N ASN H 227 -31.94 33.85 29.13
CA ASN H 227 -31.56 33.17 30.37
C ASN H 227 -32.47 33.71 31.47
N PHE H 228 -33.46 32.92 31.88
CA PHE H 228 -34.56 33.40 32.70
C PHE H 228 -34.72 32.55 33.95
N THR H 229 -34.96 33.23 35.08
CA THR H 229 -35.34 32.60 36.33
C THR H 229 -36.63 33.24 36.80
N GLY H 230 -37.65 32.41 37.05
CA GLY H 230 -38.93 32.94 37.48
C GLY H 230 -40.00 31.87 37.51
N SER H 231 -41.24 32.30 37.33
CA SER H 231 -42.37 31.40 37.46
C SER H 231 -42.50 30.49 36.24
N THR H 232 -43.09 29.32 36.46
CA THR H 232 -43.28 28.36 35.37
C THR H 232 -44.18 28.90 34.27
N PRO H 233 -45.34 29.48 34.55
CA PRO H 233 -46.16 30.03 33.45
C PRO H 233 -45.43 31.05 32.61
N ILE H 234 -44.67 31.96 33.22
CA ILE H 234 -43.91 32.92 32.43
C ILE H 234 -42.82 32.21 31.64
N GLY H 235 -42.16 31.23 32.26
CA GLY H 235 -41.18 30.44 31.53
C GLY H 235 -41.79 29.72 30.35
N GLU H 236 -43.01 29.21 30.51
CA GLU H 236 -43.71 28.59 29.40
C GLU H 236 -43.83 29.55 28.22
N GLY H 237 -44.28 30.77 28.49
CA GLY H 237 -44.45 31.74 27.42
C GLY H 237 -43.12 32.12 26.78
N ILE H 238 -42.06 32.21 27.58
CA ILE H 238 -40.75 32.56 27.04
C ILE H 238 -40.29 31.49 26.06
N GLY H 239 -40.55 30.22 26.37
CA GLY H 239 -40.06 29.17 25.50
C GLY H 239 -40.63 29.27 24.09
N LYS H 240 -41.93 29.57 23.97
CA LYS H 240 -42.54 29.77 22.65
C LYS H 240 -42.04 31.06 22.01
N LEU H 241 -42.05 32.17 22.76
CA LEU H 241 -41.60 33.42 22.17
C LEU H 241 -40.15 33.35 21.73
N ALA H 242 -39.38 32.43 22.31
CA ALA H 242 -37.99 32.27 21.89
C ALA H 242 -37.89 31.67 20.49
N GLY H 243 -38.89 30.91 20.07
CA GLY H 243 -38.85 30.23 18.80
C GLY H 243 -37.77 29.17 18.73
N MET H 244 -36.85 29.29 17.78
CA MET H 244 -35.74 28.35 17.66
C MET H 244 -34.53 28.77 18.48
N ARG H 245 -34.57 29.93 19.13
CA ARG H 245 -33.39 30.45 19.80
C ARG H 245 -33.15 29.71 21.11
N PRO H 246 -31.90 29.53 21.49
CA PRO H 246 -31.60 28.80 22.73
C PRO H 246 -32.03 29.58 23.97
N ILE H 247 -32.39 28.83 25.00
CA ILE H 247 -32.84 29.41 26.27
C ILE H 247 -32.33 28.56 27.43
N MET H 248 -32.32 29.17 28.61
CA MET H 248 -32.20 28.46 29.87
C MET H 248 -33.27 28.99 30.81
N LEU H 249 -34.01 28.07 31.43
CA LEU H 249 -35.12 28.42 32.30
C LEU H 249 -34.93 27.76 33.65
N GLU H 250 -35.07 28.53 34.72
CA GLU H 250 -35.08 28.04 36.09
C GLU H 250 -36.43 28.42 36.68
N LEU H 251 -37.31 27.44 36.86
CA LEU H 251 -38.70 27.69 37.18
C LEU H 251 -39.03 27.16 38.57
N GLY H 252 -40.30 26.78 38.79
CA GLY H 252 -40.77 26.42 40.10
C GLY H 252 -40.33 25.04 40.54
N GLY H 253 -40.51 24.79 41.84
CA GLY H 253 -40.15 23.51 42.41
C GLY H 253 -41.13 23.07 43.47
N LYS H 254 -41.13 21.77 43.73
CA LYS H 254 -41.88 21.15 44.82
C LYS H 254 -41.01 20.03 45.38
N ASP H 255 -39.80 20.39 45.80
CA ASP H 255 -38.79 19.39 46.19
C ASP H 255 -39.32 18.52 47.33
N SER H 256 -39.23 17.21 47.13
CA SER H 256 -39.62 16.26 48.16
C SER H 256 -38.42 15.88 49.03
N ALA H 257 -38.68 15.64 50.30
CA ALA H 257 -37.70 15.11 51.25
C ALA H 257 -38.18 13.73 51.67
N ILE H 258 -37.52 12.69 51.16
CA ILE H 258 -37.90 11.31 51.45
C ILE H 258 -37.12 10.86 52.67
N VAL H 259 -37.84 10.45 53.71
CA VAL H 259 -37.24 10.03 54.98
C VAL H 259 -37.57 8.56 55.19
N LEU H 260 -36.54 7.71 55.17
CA LEU H 260 -36.72 6.29 55.36
C LEU H 260 -36.64 5.93 56.85
N GLU H 261 -36.93 4.66 57.15
CA GLU H 261 -37.04 4.25 58.54
C GLU H 261 -35.69 4.33 59.26
N ASP H 262 -34.59 4.18 58.53
CA ASP H 262 -33.25 4.20 59.11
C ASP H 262 -32.61 5.57 59.08
N ALA H 263 -33.41 6.62 58.89
CA ALA H 263 -32.86 7.96 58.74
C ALA H 263 -32.47 8.55 60.10
N ASP H 264 -31.48 9.44 60.06
CA ASP H 264 -31.13 10.29 61.19
C ASP H 264 -32.23 11.35 61.31
N LEU H 265 -33.18 11.10 62.22
CA LEU H 265 -34.37 11.96 62.28
C LEU H 265 -34.02 13.37 62.73
N ALA H 266 -33.08 13.49 63.67
CA ALA H 266 -32.68 14.83 64.14
C ALA H 266 -32.05 15.63 63.01
N LEU H 267 -31.11 15.03 62.29
CA LEU H 267 -30.50 15.72 61.15
C LEU H 267 -31.54 16.00 60.06
N ALA H 268 -32.42 15.03 59.80
CA ALA H 268 -33.45 15.23 58.78
C ALA H 268 -34.35 16.41 59.11
N ALA H 269 -34.83 16.47 60.36
CA ALA H 269 -35.71 17.58 60.75
C ALA H 269 -34.99 18.92 60.64
N LYS H 270 -33.74 18.97 61.10
CA LYS H 270 -32.96 20.22 61.02
C LYS H 270 -32.81 20.67 59.57
N ASN H 271 -32.45 19.75 58.69
CA ASN H 271 -32.29 20.11 57.27
C ASN H 271 -33.64 20.44 56.64
N ILE H 272 -34.69 19.70 56.98
CA ILE H 272 -36.00 19.95 56.40
C ILE H 272 -36.47 21.36 56.75
N VAL H 273 -36.31 21.74 58.02
CA VAL H 273 -36.80 23.04 58.47
C VAL H 273 -35.99 24.17 57.84
N ALA H 274 -34.66 24.03 57.83
CA ALA H 274 -33.83 25.07 57.22
C ALA H 274 -34.17 25.22 55.74
N GLY H 275 -34.34 24.10 55.03
CA GLY H 275 -34.59 24.19 53.61
C GLY H 275 -35.99 24.67 53.27
N ALA H 276 -36.98 24.27 54.07
CA ALA H 276 -38.36 24.58 53.74
C ALA H 276 -38.71 26.03 54.07
N PHE H 277 -38.20 26.55 55.19
CA PHE H 277 -38.63 27.84 55.70
C PHE H 277 -37.60 28.95 55.49
N GLY H 278 -36.46 28.65 54.86
CA GLY H 278 -35.53 29.70 54.49
C GLY H 278 -36.18 30.76 53.63
N TYR H 279 -35.97 32.03 53.96
CA TYR H 279 -36.60 33.13 53.23
C TYR H 279 -38.11 32.92 53.12
N SER H 280 -38.71 32.43 54.20
CA SER H 280 -40.16 32.19 54.28
C SER H 280 -40.65 31.23 53.21
N GLY H 281 -39.77 30.36 52.72
CA GLY H 281 -40.13 29.40 51.71
C GLY H 281 -40.26 29.96 50.31
N GLN H 282 -39.84 31.20 50.08
CA GLN H 282 -39.95 31.83 48.77
C GLN H 282 -38.75 31.48 47.90
N ARG H 283 -38.57 30.18 47.69
CA ARG H 283 -37.46 29.67 46.90
C ARG H 283 -37.94 28.45 46.12
N SER H 284 -37.48 28.32 44.88
CA SER H 284 -37.86 27.17 44.07
CA SER H 284 -37.86 27.17 44.07
C SER H 284 -37.11 25.91 44.50
N THR H 285 -35.89 26.06 45.00
CA THR H 285 -35.07 24.94 45.48
C THR H 285 -35.18 24.87 47.00
N ALA H 286 -36.36 24.46 47.46
CA ALA H 286 -36.62 24.33 48.89
C ALA H 286 -37.41 23.07 49.17
N VAL H 287 -37.16 22.43 50.32
CA VAL H 287 -38.00 21.31 50.74
C VAL H 287 -39.44 21.81 50.85
N LYS H 288 -40.33 21.25 50.04
CA LYS H 288 -41.72 21.67 50.01
C LYS H 288 -42.70 20.54 50.32
N ARG H 289 -42.22 19.33 50.56
CA ARG H 289 -43.08 18.24 50.98
C ARG H 289 -42.24 17.12 51.56
N VAL H 290 -42.64 16.60 52.71
CA VAL H 290 -41.95 15.52 53.38
C VAL H 290 -42.71 14.23 53.09
N LEU H 291 -42.02 13.25 52.53
CA LEU H 291 -42.56 11.91 52.28
C LEU H 291 -41.83 10.99 53.24
N VAL H 292 -42.50 10.61 54.32
CA VAL H 292 -41.87 9.90 55.43
C VAL H 292 -42.54 8.55 55.63
N MET H 293 -41.72 7.52 55.85
CA MET H 293 -42.25 6.21 56.21
C MET H 293 -43.05 6.32 57.49
N ASP H 294 -44.26 5.76 57.49
CA ASP H 294 -45.20 6.04 58.57
C ASP H 294 -44.64 5.65 59.93
N LYS H 295 -43.74 4.66 59.98
CA LYS H 295 -43.30 4.16 61.29
C LYS H 295 -42.49 5.22 62.03
N VAL H 296 -41.80 6.11 61.31
CA VAL H 296 -40.99 7.15 61.93
C VAL H 296 -41.63 8.53 61.79
N ALA H 297 -42.87 8.58 61.28
CA ALA H 297 -43.49 9.87 60.99
C ALA H 297 -43.81 10.64 62.27
N ASP H 298 -44.38 9.96 63.28
CA ASP H 298 -44.74 10.66 64.51
C ASP H 298 -43.54 11.34 65.14
N GLN H 299 -42.41 10.62 65.23
CA GLN H 299 -41.22 11.21 65.85
C GLN H 299 -40.62 12.30 64.99
N LEU H 300 -40.59 12.11 63.66
CA LEU H 300 -40.07 13.15 62.79
C LEU H 300 -40.92 14.41 62.89
N ALA H 301 -42.24 14.25 62.82
CA ALA H 301 -43.13 15.41 62.89
C ALA H 301 -42.93 16.17 64.19
N ALA H 302 -42.73 15.46 65.30
CA ALA H 302 -42.47 16.12 66.56
C ALA H 302 -41.17 16.94 66.52
N GLU H 303 -40.12 16.38 65.91
CA GLU H 303 -38.85 17.11 65.81
C GLU H 303 -39.00 18.35 64.93
N ILE H 304 -39.71 18.22 63.80
CA ILE H 304 -39.90 19.37 62.94
C ILE H 304 -40.73 20.42 63.68
N LYS H 305 -41.81 19.99 64.35
CA LYS H 305 -42.67 20.89 65.10
C LYS H 305 -41.86 21.75 66.06
N THR H 306 -41.01 21.11 66.87
CA THR H 306 -40.23 21.86 67.86
C THR H 306 -39.34 22.90 67.19
N LEU H 307 -38.75 22.55 66.04
CA LEU H 307 -37.87 23.49 65.36
C LEU H 307 -38.66 24.62 64.72
N VAL H 308 -39.82 24.32 64.15
CA VAL H 308 -40.65 25.37 63.55
C VAL H 308 -41.09 26.36 64.61
N GLU H 309 -41.44 25.86 65.80
CA GLU H 309 -41.93 26.76 66.85
C GLU H 309 -40.87 27.75 67.30
N LYS H 310 -39.60 27.43 67.12
CA LYS H 310 -38.52 28.30 67.58
C LYS H 310 -38.03 29.26 66.50
N LEU H 311 -38.57 29.17 65.29
CA LEU H 311 -38.23 30.14 64.26
C LEU H 311 -38.75 31.51 64.64
N SER H 312 -37.94 32.54 64.42
CA SER H 312 -38.35 33.91 64.68
C SER H 312 -39.21 34.41 63.53
N VAL H 313 -40.23 35.19 63.87
CA VAL H 313 -41.18 35.75 62.90
C VAL H 313 -41.18 37.25 63.11
N GLY H 314 -40.71 37.99 62.10
CA GLY H 314 -40.62 39.43 62.23
C GLY H 314 -40.13 40.16 61.00
N MET H 315 -39.31 41.20 61.20
CA MET H 315 -38.96 42.09 60.11
C MET H 315 -37.57 41.77 59.56
N PRO H 316 -37.30 42.13 58.30
CA PRO H 316 -35.98 41.84 57.70
C PRO H 316 -34.83 42.48 58.47
N GLU H 317 -34.97 43.74 58.93
CA GLU H 317 -33.86 44.38 59.67
C GLU H 317 -33.52 43.66 60.97
N ASP H 318 -34.46 42.91 61.53
CA ASP H 318 -34.18 42.14 62.72
C ASP H 318 -33.68 40.74 62.40
N ASP H 319 -33.42 40.47 61.12
CA ASP H 319 -32.89 39.19 60.68
C ASP H 319 -33.78 38.03 61.12
N ALA H 320 -35.09 38.25 61.06
CA ALA H 320 -36.02 37.18 61.41
C ALA H 320 -35.94 36.05 60.40
N ASP H 321 -36.13 34.82 60.90
CA ASP H 321 -36.20 33.67 60.00
C ASP H 321 -37.34 33.83 59.00
N ILE H 322 -38.53 34.14 59.50
CA ILE H 322 -39.74 34.28 58.69
C ILE H 322 -40.04 35.77 58.57
N THR H 323 -39.95 36.30 57.36
CA THR H 323 -40.22 37.69 57.05
C THR H 323 -41.49 37.81 56.22
N PRO H 324 -42.03 39.02 56.08
CA PRO H 324 -43.26 39.19 55.30
C PRO H 324 -43.07 38.77 53.85
N LEU H 325 -44.12 38.19 53.27
CA LEU H 325 -44.06 37.71 51.91
C LEU H 325 -43.99 38.88 50.93
N ILE H 326 -43.70 38.54 49.66
CA ILE H 326 -43.29 39.56 48.70
C ILE H 326 -44.41 40.55 48.40
N ASP H 327 -45.67 40.11 48.42
CA ASP H 327 -46.79 41.01 48.23
C ASP H 327 -48.06 40.35 48.78
N THR H 328 -49.17 41.09 48.72
CA THR H 328 -50.42 40.61 49.32
C THR H 328 -50.97 39.41 48.56
N SER H 329 -50.92 39.43 47.23
CA SER H 329 -51.43 38.31 46.45
C SER H 329 -50.74 37.01 46.85
N ALA H 330 -49.42 37.06 47.02
CA ALA H 330 -48.69 35.86 47.44
C ALA H 330 -49.19 35.35 48.78
N ALA H 331 -49.44 36.27 49.72
CA ALA H 331 -49.91 35.86 51.04
C ALA H 331 -51.32 35.27 50.97
N ASP H 332 -52.20 35.87 50.16
CA ASP H 332 -53.54 35.32 50.00
C ASP H 332 -53.48 33.90 49.46
N PHE H 333 -52.58 33.66 48.48
CA PHE H 333 -52.46 32.33 47.90
C PHE H 333 -52.02 31.31 48.95
N VAL H 334 -51.05 31.67 49.78
CA VAL H 334 -50.56 30.74 50.81
C VAL H 334 -51.66 30.44 51.81
N GLU H 335 -52.40 31.47 52.25
CA GLU H 335 -53.50 31.24 53.18
C GLU H 335 -54.54 30.31 52.57
N GLY H 336 -54.77 30.43 51.25
CA GLY H 336 -55.72 29.55 50.61
C GLY H 336 -55.31 28.09 50.64
N LEU H 337 -54.02 27.82 50.41
CA LEU H 337 -53.54 26.45 50.53
C LEU H 337 -53.68 25.95 51.95
N ILE H 338 -53.46 26.83 52.93
CA ILE H 338 -53.60 26.44 54.33
C ILE H 338 -55.05 26.08 54.63
N LYS H 339 -56.00 26.88 54.15
CA LYS H 339 -57.40 26.59 54.43
C LYS H 339 -57.83 25.28 53.79
N ASP H 340 -57.37 25.02 52.55
CA ASP H 340 -57.73 23.76 51.89
C ASP H 340 -57.27 22.56 52.72
N ALA H 341 -56.04 22.60 53.22
CA ALA H 341 -55.52 21.49 54.02
C ALA H 341 -56.31 21.33 55.31
N THR H 342 -56.62 22.44 55.97
CA THR H 342 -57.37 22.37 57.23
C THR H 342 -58.77 21.81 56.98
N ASP H 343 -59.46 22.31 55.95
CA ASP H 343 -60.82 21.86 55.68
C ASP H 343 -60.88 20.40 55.28
N LYS H 344 -59.79 19.84 54.74
CA LYS H 344 -59.74 18.46 54.29
C LYS H 344 -59.17 17.51 55.35
N GLY H 345 -58.91 18.00 56.56
CA GLY H 345 -58.58 17.13 57.66
C GLY H 345 -57.12 17.07 58.06
N ALA H 346 -56.26 17.91 57.49
CA ALA H 346 -54.86 17.91 57.86
C ALA H 346 -54.69 18.41 59.30
N THR H 347 -53.67 17.89 59.96
CA THR H 347 -53.36 18.26 61.34
C THR H 347 -52.38 19.43 61.35
N ALA H 348 -52.81 20.57 61.88
CA ALA H 348 -51.95 21.74 62.00
C ALA H 348 -51.10 21.60 63.25
N LEU H 349 -49.81 21.32 63.09
CA LEU H 349 -48.93 21.17 64.24
C LEU H 349 -48.42 22.50 64.77
N THR H 350 -48.43 23.55 63.95
CA THR H 350 -48.11 24.90 64.40
C THR H 350 -49.23 25.84 63.94
N ALA H 351 -49.41 26.93 64.69
CA ALA H 351 -50.57 27.78 64.50
C ALA H 351 -50.36 28.75 63.35
N PHE H 352 -51.44 28.98 62.59
CA PHE H 352 -51.46 29.97 61.52
C PHE H 352 -51.81 31.33 62.09
N ASN H 353 -51.00 32.33 61.76
CA ASN H 353 -51.28 33.72 62.10
C ASN H 353 -50.77 34.60 60.97
N ARG H 354 -51.49 35.67 60.70
CA ARG H 354 -51.14 36.59 59.62
C ARG H 354 -51.33 38.02 60.09
N GLU H 355 -50.24 38.80 60.07
CA GLU H 355 -50.27 40.25 60.27
C GLU H 355 -49.78 40.93 59.01
N GLY H 356 -50.68 41.61 58.32
CA GLY H 356 -50.37 42.14 57.00
C GLY H 356 -50.09 40.98 56.07
N ASN H 357 -48.87 40.94 55.54
CA ASN H 357 -48.43 39.83 54.70
C ASN H 357 -47.39 38.97 55.41
N LEU H 358 -47.27 39.11 56.73
CA LEU H 358 -46.36 38.29 57.53
C LEU H 358 -47.15 37.07 58.03
N ILE H 359 -46.90 35.92 57.43
CA ILE H 359 -47.56 34.67 57.79
C ILE H 359 -46.62 33.87 58.66
N SER H 360 -47.16 33.29 59.73
CA SER H 360 -46.38 32.43 60.61
C SER H 360 -46.14 31.07 59.97
N PRO H 361 -45.04 30.41 60.33
CA PRO H 361 -44.73 29.11 59.70
C PRO H 361 -45.73 28.04 60.13
N VAL H 362 -46.40 27.44 59.15
CA VAL H 362 -47.46 26.47 59.40
C VAL H 362 -46.97 25.10 58.98
N LEU H 363 -46.97 24.15 59.91
CA LEU H 363 -46.57 22.77 59.66
C LEU H 363 -47.81 21.89 59.69
N PHE H 364 -48.04 21.15 58.62
CA PHE H 364 -49.16 20.23 58.52
C PHE H 364 -48.66 18.79 58.52
N ASP H 365 -49.35 17.93 59.26
CA ASP H 365 -49.14 16.49 59.25
C ASP H 365 -50.40 15.83 58.68
N HIS H 366 -50.26 14.57 58.30
CA HIS H 366 -51.38 13.80 57.74
C HIS H 366 -51.95 14.47 56.50
N VAL H 367 -51.08 15.00 55.66
CA VAL H 367 -51.48 15.58 54.38
C VAL H 367 -51.70 14.47 53.37
N THR H 368 -52.77 14.58 52.59
CA THR H 368 -53.12 13.58 51.60
C THR H 368 -53.06 14.16 50.20
N THR H 369 -53.01 13.27 49.21
CA THR H 369 -52.79 13.68 47.83
C THR H 369 -54.00 14.42 47.25
N ASP H 370 -55.13 14.45 47.94
CA ASP H 370 -56.28 15.23 47.52
CA ASP H 370 -56.27 15.23 47.50
C ASP H 370 -56.21 16.68 47.97
N MET H 371 -55.16 17.06 48.70
CA MET H 371 -55.00 18.41 49.20
C MET H 371 -54.09 19.21 48.28
N ARG H 372 -54.46 20.48 48.03
CA ARG H 372 -53.67 21.32 47.15
C ARG H 372 -52.23 21.46 47.65
N LEU H 373 -52.04 21.50 48.96
CA LEU H 373 -50.71 21.69 49.52
C LEU H 373 -49.76 20.55 49.22
N ALA H 374 -50.29 19.39 48.81
CA ALA H 374 -49.41 18.28 48.47
C ALA H 374 -48.69 18.50 47.13
N TRP H 375 -49.18 19.42 46.31
CA TRP H 375 -48.67 19.56 44.95
C TRP H 375 -48.28 20.97 44.57
N GLU H 376 -49.10 21.97 44.91
CA GLU H 376 -48.88 23.33 44.43
C GLU H 376 -47.74 24.01 45.18
N GLU H 377 -46.91 24.74 44.46
CA GLU H 377 -45.80 25.48 45.08
C GLU H 377 -46.33 26.69 45.83
N PRO H 378 -46.23 26.75 47.16
CA PRO H 378 -46.82 27.88 47.88
C PRO H 378 -46.02 29.17 47.76
N PHE H 379 -44.69 29.06 47.79
CA PHE H 379 -43.82 30.23 47.94
C PHE H 379 -44.23 30.98 49.23
N GLY H 380 -44.35 30.22 50.30
CA GLY H 380 -44.66 30.75 51.60
C GLY H 380 -44.26 29.75 52.66
N PRO H 381 -44.32 30.16 53.93
CA PRO H 381 -43.83 29.28 55.02
C PRO H 381 -44.88 28.27 55.48
N VAL H 382 -45.15 27.28 54.62
CA VAL H 382 -46.08 26.21 54.93
C VAL H 382 -45.49 24.91 54.38
N LEU H 383 -45.43 23.88 55.22
CA LEU H 383 -44.78 22.62 54.87
C LEU H 383 -45.71 21.46 55.18
N PRO H 384 -46.02 20.60 54.22
CA PRO H 384 -46.81 19.40 54.51
C PRO H 384 -45.96 18.16 54.77
N ILE H 385 -46.47 17.31 55.65
CA ILE H 385 -45.89 16.00 55.91
C ILE H 385 -46.86 14.95 55.37
N ILE H 386 -46.39 14.15 54.41
CA ILE H 386 -47.19 13.11 53.77
C ILE H 386 -46.61 11.77 54.17
N ARG H 387 -47.43 10.93 54.79
CA ARG H 387 -46.99 9.63 55.27
C ARG H 387 -47.18 8.59 54.18
N VAL H 388 -46.17 7.74 53.99
CA VAL H 388 -46.21 6.66 53.02
C VAL H 388 -45.83 5.37 53.74
N THR H 389 -46.10 4.24 53.07
CA THR H 389 -45.80 2.93 53.63
C THR H 389 -44.63 2.23 52.94
N THR H 390 -44.25 2.66 51.75
CA THR H 390 -43.17 2.03 51.01
C THR H 390 -42.33 3.09 50.33
N VAL H 391 -41.07 2.74 50.05
CA VAL H 391 -40.23 3.61 49.23
C VAL H 391 -40.83 3.76 47.84
N GLU H 392 -41.43 2.69 47.31
CA GLU H 392 -42.06 2.77 46.00
C GLU H 392 -43.16 3.83 45.98
N GLU H 393 -43.94 3.92 47.07
CA GLU H 393 -44.98 4.94 47.14
C GLU H 393 -44.38 6.35 47.18
N ALA H 394 -43.28 6.51 47.93
CA ALA H 394 -42.61 7.81 47.97
C ALA H 394 -42.14 8.22 46.58
N ILE H 395 -41.55 7.28 45.83
CA ILE H 395 -41.10 7.58 44.47
C ILE H 395 -42.29 7.95 43.59
N LYS H 396 -43.39 7.19 43.69
CA LYS H 396 -44.54 7.47 42.85
C LYS H 396 -45.09 8.86 43.12
N ILE H 397 -45.35 9.18 44.39
CA ILE H 397 -45.88 10.49 44.74
C ILE H 397 -44.92 11.59 44.32
N SER H 398 -43.63 11.38 44.53
CA SER H 398 -42.64 12.39 44.16
C SER H 398 -42.70 12.66 42.66
N ASN H 399 -42.74 11.61 41.84
CA ASN H 399 -42.73 11.75 40.39
C ASN H 399 -44.07 12.18 39.81
N GLU H 400 -45.16 12.07 40.58
CA GLU H 400 -46.45 12.56 40.11
C GLU H 400 -46.47 14.07 40.00
N SER H 401 -45.53 14.76 40.66
CA SER H 401 -45.44 16.20 40.54
C SER H 401 -44.99 16.60 39.14
N GLU H 402 -45.55 17.71 38.63
CA GLU H 402 -45.05 18.26 37.38
C GLU H 402 -43.69 18.92 37.57
N TYR H 403 -43.30 19.21 38.81
CA TYR H 403 -42.00 19.81 39.09
C TYR H 403 -40.97 18.72 39.36
N GLY H 404 -39.72 19.03 39.03
CA GLY H 404 -38.64 18.10 39.25
C GLY H 404 -37.31 18.82 39.35
N LEU H 405 -37.19 19.72 40.33
CA LEU H 405 -35.96 20.47 40.50
C LEU H 405 -34.95 19.66 41.30
N GLN H 406 -35.23 19.41 42.58
CA GLN H 406 -34.33 18.62 43.41
C GLN H 406 -35.12 17.76 44.38
N ALA H 407 -34.39 16.90 45.10
CA ALA H 407 -34.98 16.02 46.09
C ALA H 407 -33.93 15.67 47.13
N SER H 408 -34.38 15.36 48.35
CA SER H 408 -33.52 14.89 49.41
C SER H 408 -33.92 13.48 49.81
N ILE H 409 -32.93 12.65 50.13
CA ILE H 409 -33.16 11.32 50.66
C ILE H 409 -32.39 11.20 51.97
N PHE H 410 -33.09 10.88 53.04
CA PHE H 410 -32.49 10.70 54.36
C PHE H 410 -32.53 9.22 54.71
N THR H 411 -31.35 8.62 54.81
CA THR H 411 -31.21 7.19 55.01
C THR H 411 -29.74 6.89 55.26
N THR H 412 -29.48 5.72 55.83
CA THR H 412 -28.12 5.23 56.00
C THR H 412 -27.71 4.22 54.94
N ASN H 413 -28.64 3.83 54.06
CA ASN H 413 -28.37 2.85 53.02
C ASN H 413 -28.17 3.60 51.70
N PHE H 414 -26.90 3.87 51.39
CA PHE H 414 -26.53 4.69 50.24
C PHE H 414 -26.70 3.95 48.92
N PRO H 415 -26.32 2.67 48.83
CA PRO H 415 -26.63 1.93 47.60
C PRO H 415 -28.10 2.00 47.23
N LYS H 416 -29.00 1.81 48.20
CA LYS H 416 -30.42 1.98 47.91
C LYS H 416 -30.76 3.43 47.60
N ALA H 417 -30.13 4.37 48.31
CA ALA H 417 -30.37 5.79 48.04
C ALA H 417 -30.01 6.14 46.61
N PHE H 418 -28.89 5.62 46.11
CA PHE H 418 -28.54 5.85 44.71
C PHE H 418 -29.58 5.22 43.78
N GLY H 419 -30.08 4.03 44.13
CA GLY H 419 -31.11 3.41 43.33
C GLY H 419 -32.39 4.22 43.30
N ILE H 420 -32.78 4.80 44.44
CA ILE H 420 -33.94 5.67 44.46
C ILE H 420 -33.68 6.91 43.61
N ALA H 421 -32.50 7.52 43.78
CA ALA H 421 -32.19 8.75 43.05
C ALA H 421 -32.30 8.54 41.54
N GLU H 422 -31.89 7.37 41.05
CA GLU H 422 -32.01 7.10 39.62
C GLU H 422 -33.46 7.18 39.17
N GLN H 423 -34.40 6.82 40.04
CA GLN H 423 -35.81 6.81 39.68
C GLN H 423 -36.49 8.15 39.89
N LEU H 424 -35.86 9.08 40.60
CA LEU H 424 -36.48 10.37 40.86
C LEU H 424 -36.29 11.29 39.67
N GLU H 425 -37.39 11.86 39.19
CA GLU H 425 -37.40 12.76 38.03
C GLU H 425 -37.05 14.18 38.48
N VAL H 426 -35.78 14.36 38.82
CA VAL H 426 -35.26 15.63 39.30
C VAL H 426 -33.87 15.86 38.71
N GLY H 427 -33.37 17.07 38.88
CA GLY H 427 -32.03 17.39 38.42
C GLY H 427 -30.96 16.92 39.39
N THR H 428 -31.19 17.14 40.69
CA THR H 428 -30.19 16.84 41.70
C THR H 428 -30.85 16.19 42.90
N VAL H 429 -30.18 15.18 43.45
CA VAL H 429 -30.63 14.47 44.64
C VAL H 429 -29.56 14.64 45.71
N HIS H 430 -29.93 15.21 46.85
CA HIS H 430 -29.03 15.37 47.99
C HIS H 430 -29.29 14.28 49.00
N LEU H 431 -28.22 13.61 49.43
CA LEU H 431 -28.30 12.53 50.40
C LEU H 431 -28.03 13.07 51.79
N ASN H 432 -28.98 12.88 52.70
CA ASN H 432 -28.85 13.33 54.09
C ASN H 432 -28.53 14.81 54.14
N ASN H 433 -29.21 15.59 53.31
CA ASN H 433 -29.01 17.04 53.27
C ASN H 433 -30.20 17.68 52.58
N LYS H 434 -30.49 18.91 52.99
CA LYS H 434 -31.51 19.70 52.31
C LYS H 434 -31.14 19.92 50.85
N THR H 435 -32.15 20.16 50.02
CA THR H 435 -31.90 20.56 48.65
C THR H 435 -31.28 21.95 48.62
N GLN H 436 -30.43 22.19 47.62
CA GLN H 436 -29.73 23.46 47.54
C GLN H 436 -29.08 23.61 46.17
N ARG H 437 -28.89 24.87 45.76
CA ARG H 437 -28.26 25.15 44.48
C ARG H 437 -26.76 24.92 44.50
N GLY H 438 -26.11 25.16 45.65
CA GLY H 438 -24.67 25.09 45.74
C GLY H 438 -24.14 23.68 45.85
N THR H 439 -22.81 23.55 45.76
CA THR H 439 -21.92 24.67 45.44
C THR H 439 -22.06 25.05 43.97
N ASP H 440 -21.80 26.32 43.66
CA ASP H 440 -22.14 26.86 42.35
C ASP H 440 -21.32 26.27 41.21
N ASN H 441 -20.29 25.47 41.51
CA ASN H 441 -19.62 24.72 40.45
C ASN H 441 -20.40 23.46 40.09
N PHE H 442 -21.27 22.97 40.98
CA PHE H 442 -22.07 21.80 40.70
C PHE H 442 -23.16 22.13 39.67
N PRO H 443 -23.62 21.14 38.91
CA PRO H 443 -24.75 21.40 38.00
C PRO H 443 -26.01 21.74 38.76
N PHE H 444 -26.81 22.63 38.17
CA PHE H 444 -28.11 23.00 38.70
C PHE H 444 -29.10 22.98 37.55
N LEU H 445 -30.10 22.10 37.64
CA LEU H 445 -31.06 21.95 36.56
C LEU H 445 -32.36 21.40 37.13
N GLY H 446 -33.44 21.61 36.40
CA GLY H 446 -34.73 21.06 36.77
C GLY H 446 -35.33 20.28 35.62
N ALA H 447 -35.93 19.14 35.96
CA ALA H 447 -36.61 18.32 34.99
C ALA H 447 -38.08 18.74 34.89
N LYS H 448 -38.73 18.28 33.83
CA LYS H 448 -40.17 18.51 33.60
C LYS H 448 -40.42 20.01 33.63
N LYS H 449 -41.39 20.51 34.37
CA LYS H 449 -41.75 21.92 34.32
C LYS H 449 -40.87 22.80 35.20
N SER H 450 -39.80 22.25 35.77
CA SER H 450 -38.95 23.02 36.68
C SER H 450 -37.85 23.80 35.97
N GLY H 451 -37.66 23.60 34.68
CA GLY H 451 -36.71 24.42 33.94
C GLY H 451 -36.26 23.77 32.65
N ALA H 452 -35.25 24.40 32.05
CA ALA H 452 -34.66 23.96 30.79
C ALA H 452 -33.20 24.35 30.79
N GLY H 453 -32.34 23.45 30.34
CA GLY H 453 -30.92 23.71 30.33
C GLY H 453 -30.27 23.39 31.66
N VAL H 454 -28.95 23.42 31.67
CA VAL H 454 -28.14 23.07 32.84
C VAL H 454 -27.32 24.28 33.23
N GLN H 455 -27.44 24.71 34.48
CA GLN H 455 -26.66 25.82 35.01
C GLN H 455 -25.64 25.29 36.02
N GLY H 456 -25.15 26.17 36.87
CA GLY H 456 -23.82 25.97 37.41
C GLY H 456 -22.78 26.57 36.48
N VAL H 457 -21.68 27.04 37.08
CA VAL H 457 -20.79 27.97 36.36
C VAL H 457 -20.36 27.40 35.02
N LYS H 458 -19.61 26.29 35.04
CA LYS H 458 -19.08 25.78 33.79
C LYS H 458 -20.19 25.37 32.83
N TYR H 459 -21.31 24.87 33.37
CA TYR H 459 -22.42 24.47 32.51
C TYR H 459 -23.12 25.67 31.89
N SER H 460 -23.19 26.80 32.60
CA SER H 460 -23.80 27.99 32.04
CA SER H 460 -23.80 27.98 32.03
C SER H 460 -22.93 28.58 30.93
N ILE H 461 -21.61 28.51 31.08
CA ILE H 461 -20.71 29.01 30.04
C ILE H 461 -20.87 28.20 28.77
N GLU H 462 -20.89 26.87 28.90
CA GLU H 462 -21.08 26.02 27.73
C GLU H 462 -22.41 26.28 27.06
N ALA H 463 -23.47 26.47 27.84
CA ALA H 463 -24.79 26.70 27.26
C ALA H 463 -24.81 27.97 26.43
N MET H 464 -24.15 29.03 26.90
CA MET H 464 -24.15 30.32 26.23
C MET H 464 -22.95 30.49 25.30
N THR H 465 -22.40 29.39 24.80
CA THR H 465 -21.43 29.42 23.73
C THR H 465 -21.87 28.45 22.64
N THR H 466 -21.37 28.67 21.44
CA THR H 466 -21.49 27.73 20.33
C THR H 466 -20.07 27.36 19.88
N VAL H 467 -19.97 26.60 18.80
CA VAL H 467 -18.67 26.17 18.30
C VAL H 467 -18.52 26.64 16.85
N LYS H 468 -17.26 26.85 16.47
CA LYS H 468 -16.87 27.17 15.10
C LYS H 468 -15.82 26.14 14.69
N SER H 469 -16.14 25.34 13.67
CA SER H 469 -15.25 24.28 13.22
C SER H 469 -14.54 24.73 11.95
N VAL H 470 -13.21 24.59 11.94
CA VAL H 470 -12.39 24.85 10.76
C VAL H 470 -11.74 23.52 10.37
N VAL H 471 -12.01 23.08 9.14
CA VAL H 471 -11.60 21.76 8.67
C VAL H 471 -10.66 21.93 7.48
N PHE H 472 -9.55 21.21 7.50
CA PHE H 472 -8.61 21.25 6.39
C PHE H 472 -7.87 19.92 6.32
N ASP H 473 -7.23 19.68 5.17
CA ASP H 473 -6.51 18.44 4.93
C ASP H 473 -5.01 18.67 5.10
N ILE H 474 -4.38 17.81 5.91
CA ILE H 474 -2.93 17.86 6.05
C ILE H 474 -2.29 17.29 4.79
N GLN H 475 -1.20 17.92 4.36
CA GLN H 475 -0.51 17.51 3.13
C GLN H 475 0.96 17.23 3.40
PA NAP I . -7.07 9.68 -44.94
O1A NAP I . -7.79 10.82 -45.59
O2A NAP I . -7.68 8.90 -43.83
O5B NAP I . -6.66 8.68 -46.18
C5B NAP I . -5.76 7.64 -45.94
C4B NAP I . -5.98 6.54 -46.96
O4B NAP I . -7.26 5.93 -46.75
C3B NAP I . -6.02 7.05 -48.42
O3B NAP I . -5.41 6.18 -49.33
C2B NAP I . -7.54 7.20 -48.71
O2B NAP I . -7.79 7.12 -50.07
C1B NAP I . -8.04 5.97 -47.91
N9A NAP I . -9.46 6.05 -47.62
C8A NAP I . -10.23 7.16 -47.53
N7A NAP I . -11.48 6.92 -47.27
C5A NAP I . -11.54 5.56 -47.17
C6A NAP I . -12.60 4.68 -46.89
N6A NAP I . -13.85 5.13 -46.66
N1A NAP I . -12.35 3.37 -46.85
C2A NAP I . -11.10 2.96 -47.08
N3A NAP I . -10.02 3.67 -47.36
C4A NAP I . -10.30 4.98 -47.39
O3 NAP I . -5.59 10.20 -44.41
PN NAP I . -4.52 11.17 -45.19
O1N NAP I . -5.00 12.58 -45.22
O2N NAP I . -4.19 10.45 -46.46
O5D NAP I . -3.20 11.18 -44.18
C5D NAP I . -3.19 12.00 -43.02
C4D NAP I . -3.58 11.26 -41.75
O4D NAP I . -2.84 10.03 -41.71
C3D NAP I . -3.23 12.04 -40.49
O3D NAP I . -4.24 11.83 -39.55
C2D NAP I . -1.94 11.34 -40.03
O2D NAP I . -1.70 11.34 -38.66
C1D NAP I . -2.20 9.89 -40.52
N1N NAP I . -0.89 9.18 -40.64
C2N NAP I . -0.52 8.31 -39.71
C3N NAP I . 0.68 7.64 -39.79
C7N NAP I . 1.12 6.65 -38.75
O7N NAP I . 2.02 5.88 -39.01
N7N NAP I . 0.47 6.68 -37.58
C4N NAP I . 1.51 7.91 -40.88
C5N NAP I . 1.09 8.81 -41.84
C6N NAP I . -0.12 9.45 -41.69
P2B NAP I . -8.00 8.66 -50.85
O1X NAP I . -6.61 9.26 -50.92
O2X NAP I . -8.61 8.22 -52.17
O3X NAP I . -8.96 9.45 -49.96
H51A NAP I . -4.85 7.98 -45.99
H52A NAP I . -5.88 7.32 -45.03
H4B NAP I . -5.30 5.87 -46.82
H3B NAP I . -5.58 7.90 -48.50
HO3A NAP I . -4.67 6.56 -49.54
H2B NAP I . -7.94 8.03 -48.40
H1B NAP I . -7.92 5.14 -48.40
H8A NAP I . -9.89 8.03 -47.66
H61A NAP I . -14.14 5.24 -45.87
H62A NAP I . -14.37 5.32 -47.32
H2A NAP I . -10.98 2.04 -47.05
H51N NAP I . -3.80 12.74 -43.12
H52N NAP I . -2.31 12.37 -42.88
H4D NAP I . -4.51 11.00 -41.75
H3D NAP I . -3.09 12.98 -40.69
HO3N NAP I . -4.94 12.25 -39.81
H2D NAP I . -1.20 11.70 -40.52
HO2N NAP I . -1.31 12.06 -38.45
H1D NAP I . -2.70 9.34 -39.92
H2N NAP I . -1.13 8.18 -39.00
H71N NAP I . -0.18 7.22 -37.40
H72N NAP I . 0.68 6.12 -36.96
H4N NAP I . 2.33 7.47 -40.96
H5N NAP I . 1.62 9.00 -42.58
H6N NAP I . -0.43 10.07 -42.32
C1 E4P J . 4.48 10.52 -40.95
O1 E4P J . 3.33 10.52 -41.18
C2 E4P J . 5.05 9.49 -39.98
O2 E4P J . 5.32 10.11 -38.75
C3 E4P J . 6.33 8.92 -40.57
O3 E4P J . 6.79 7.87 -39.77
C4 E4P J . 7.38 10.03 -40.64
O4 E4P J . 8.63 9.45 -40.88
P E4P J . 9.70 9.39 -39.64
O1P E4P J . 10.82 10.39 -39.89
O2P E4P J . 10.30 8.00 -39.57
O3P E4P J . 9.02 9.72 -38.34
C1 GOL K . -9.10 15.83 -26.44
O1 GOL K . -9.18 14.56 -25.85
C2 GOL K . -9.72 16.86 -25.52
O2 GOL K . -11.10 16.95 -25.84
C3 GOL K . -9.54 16.47 -24.06
O3 GOL K . -10.09 17.50 -23.28
H11 GOL K . -9.55 15.86 -27.30
H12 GOL K . -8.17 16.08 -26.60
HO1 GOL K . -8.61 14.05 -26.23
H2 GOL K . -9.26 17.70 -25.66
HO2 GOL K . -11.46 17.46 -25.26
H31 GOL K . -8.58 16.34 -23.88
H32 GOL K . -9.97 15.62 -23.90
HO3 GOL K . -10.18 17.22 -22.48
PA NAP L . -23.36 -17.51 -26.72
O1A NAP L . -24.85 -17.65 -26.73
O2A NAP L . -22.64 -16.74 -27.79
O5B NAP L . -22.99 -16.88 -25.25
C5B NAP L . -21.63 -16.79 -24.89
C4B NAP L . -21.46 -15.66 -23.88
O4B NAP L . -21.76 -14.41 -24.51
C3B NAP L . -22.44 -15.74 -22.68
O3B NAP L . -21.84 -15.36 -21.48
C2B NAP L . -23.58 -14.77 -23.12
O2B NAP L . -24.23 -14.32 -21.98
C1B NAP L . -22.73 -13.69 -23.80
N9A NAP L . -23.49 -12.82 -24.69
C8A NAP L . -24.72 -13.08 -25.24
N7A NAP L . -25.16 -12.12 -26.00
C5A NAP L . -24.17 -11.18 -25.96
C6A NAP L . -24.06 -9.92 -26.58
N6A NAP L . -25.02 -9.44 -27.37
N1A NAP L . -22.96 -9.20 -26.35
C2A NAP L . -22.02 -9.72 -25.56
N3A NAP L . -22.01 -10.88 -24.93
C4A NAP L . -23.12 -11.58 -25.16
O3 NAP L . -22.62 -18.99 -26.67
PN NAP L . -22.85 -20.24 -25.64
O1N NAP L . -24.14 -20.92 -25.92
O2N NAP L . -22.58 -19.72 -24.26
O5D NAP L . -21.66 -21.34 -26.05
C5D NAP L . -21.77 -22.10 -27.23
C4D NAP L . -20.95 -21.58 -28.40
O4D NAP L . -19.64 -21.19 -27.94
C3D NAP L . -20.75 -22.65 -29.46
O3D NAP L . -20.88 -22.07 -30.73
C2D NAP L . -19.30 -23.09 -29.23
O2D NAP L . -18.60 -23.51 -30.37
C1D NAP L . -18.68 -21.81 -28.67
N1N NAP L . -17.48 -22.20 -27.86
C2N NAP L . -16.26 -22.01 -28.37
C3N NAP L . -15.14 -22.38 -27.66
C7N NAP L . -13.76 -22.17 -28.20
O7N NAP L . -12.82 -22.13 -27.43
N7N NAP L . -13.65 -22.04 -29.53
C4N NAP L . -15.30 -22.94 -26.39
C5N NAP L . -16.58 -23.12 -25.89
C6N NAP L . -17.66 -22.75 -26.65
P2B NAP L . -25.82 -15.00 -21.69
O1X NAP L . -25.57 -16.41 -21.18
O2X NAP L . -26.36 -14.02 -20.66
O3X NAP L . -26.50 -14.93 -23.06
H51A NAP L . -21.35 -17.64 -24.51
H52A NAP L . -21.09 -16.64 -25.68
H4B NAP L . -20.54 -15.65 -23.59
H3B NAP L . -22.81 -16.63 -22.56
HO3A NAP L . -21.65 -16.09 -21.09
H2B NAP L . -24.24 -15.17 -23.71
H1B NAP L . -22.33 -13.10 -23.15
H8A NAP L . -25.18 -13.87 -25.07
H61A NAP L . -24.83 -8.91 -28.02
H62A NAP L . -25.85 -9.65 -27.24
H2A NAP L . -21.27 -9.18 -25.44
H51N NAP L . -22.69 -22.13 -27.54
H52N NAP L . -21.50 -23.02 -27.07
H4D NAP L . -21.31 -20.75 -28.75
H3D NAP L . -21.38 -23.38 -29.33
HO3N NAP L . -21.68 -21.78 -30.80
H2D NAP L . -19.28 -23.78 -28.54
HO2N NAP L . -18.77 -24.33 -30.51
H1D NAP L . -18.33 -21.19 -29.34
H2N NAP L . -16.21 -21.62 -29.21
H71N NAP L . -14.33 -22.07 -30.06
H72N NAP L . -12.88 -21.91 -29.88
H4N NAP L . -14.57 -23.19 -25.89
H5N NAP L . -16.72 -23.49 -25.05
H6N NAP L . -18.54 -22.87 -26.37
C1 GOL M . -10.27 -52.65 -43.45
O1 GOL M . -11.11 -52.37 -42.36
C2 GOL M . -8.86 -52.90 -42.95
O2 GOL M . -8.01 -53.13 -44.05
C3 GOL M . -8.39 -51.70 -42.13
O3 GOL M . -8.03 -52.17 -40.86
H11 GOL M . -10.24 -51.90 -44.08
H12 GOL M . -10.57 -53.42 -43.95
HO1 GOL M . -11.84 -52.07 -42.67
H2 GOL M . -8.87 -53.68 -42.37
HO2 GOL M . -7.22 -53.22 -43.75
H31 GOL M . -9.11 -51.05 -42.09
H32 GOL M . -7.64 -51.27 -42.59
HO3 GOL M . -7.54 -51.58 -40.49
C1 GOL N . -38.74 -40.56 -31.60
O1 GOL N . -39.02 -39.85 -32.78
C2 GOL N . -39.22 -39.76 -30.40
O2 GOL N . -39.71 -38.52 -30.87
C3 GOL N . -38.09 -39.55 -29.42
O3 GOL N . -38.00 -40.66 -28.56
H11 GOL N . -37.78 -40.72 -31.51
H12 GOL N . -39.16 -41.43 -31.59
HO1 GOL N . -38.62 -39.10 -32.75
H2 GOL N . -39.91 -40.28 -29.96
HO2 GOL N . -40.38 -38.68 -31.38
H31 GOL N . -38.25 -38.73 -28.92
H32 GOL N . -37.26 -39.43 -29.91
HO3 GOL N . -38.63 -40.62 -27.99
C1 GOL O . 23.21 -62.28 -36.16
O1 GOL O . 24.21 -61.78 -35.32
C2 GOL O . 21.91 -61.57 -35.86
O2 GOL O . 21.08 -61.59 -36.99
C3 GOL O . 21.22 -62.24 -34.68
O3 GOL O . 20.87 -61.22 -33.76
H11 GOL O . 23.08 -63.24 -36.03
H12 GOL O . 23.43 -62.15 -37.10
HO1 GOL O . 24.90 -62.28 -35.39
H2 GOL O . 22.12 -60.65 -35.62
HO2 GOL O . 20.34 -61.24 -36.78
H31 GOL O . 21.82 -62.89 -34.28
H32 GOL O . 20.43 -62.72 -34.99
HO3 GOL O . 21.58 -60.95 -33.38
C1 GOL P . 47.63 -26.27 -36.24
O1 GOL P . 48.30 -27.25 -36.98
C2 GOL P . 46.26 -26.80 -35.83
O2 GOL P . 45.68 -27.40 -36.96
C3 GOL P . 46.39 -27.78 -34.67
O3 GOL P . 46.83 -27.06 -33.54
H11 GOL P . 47.49 -25.46 -36.77
H12 GOL P . 48.12 -26.02 -35.44
HO1 GOL P . 49.07 -26.95 -37.20
H2 GOL P . 45.73 -26.06 -35.50
HO2 GOL P . 46.20 -28.02 -37.22
H31 GOL P . 47.04 -28.47 -34.91
H32 GOL P . 45.55 -28.22 -34.52
HO3 GOL P . 46.67 -27.53 -32.85
C1 GOL Q . 25.90 -17.09 -23.73
O1 GOL Q . 26.85 -16.20 -24.27
C2 GOL Q . 24.51 -16.58 -24.05
O2 GOL Q . 24.07 -17.13 -25.27
C3 GOL Q . 23.54 -16.92 -22.92
O3 GOL Q . 23.43 -18.32 -22.87
H11 GOL Q . 25.99 -17.17 -22.78
H12 GOL Q . 26.00 -17.97 -24.11
HO1 GOL Q . 26.62 -16.01 -25.06
H2 GOL Q . 24.56 -15.61 -24.11
HO2 GOL Q . 24.13 -17.98 -25.20
H31 GOL Q . 22.69 -16.49 -23.08
H32 GOL Q . 23.90 -16.57 -22.08
HO3 GOL Q . 22.97 -18.54 -22.17
C1 GOL R . 34.97 -23.84 -22.55
O1 GOL R . 35.26 -22.68 -21.80
C2 GOL R . 35.98 -24.93 -22.23
O2 GOL R . 37.18 -24.65 -22.90
C3 GOL R . 35.44 -26.29 -22.63
O3 GOL R . 36.36 -27.26 -22.19
H11 GOL R . 35.00 -23.66 -23.50
H12 GOL R . 34.08 -24.18 -22.36
HO1 GOL R . 36.04 -22.43 -21.99
H2 GOL R . 36.10 -24.92 -21.26
HO2 GOL R . 37.55 -24.00 -22.51
H31 GOL R . 35.33 -26.32 -23.59
H32 GOL R . 34.56 -26.42 -22.22
HO3 GOL R . 36.03 -28.03 -22.33
C1 GOL S . 53.39 -8.60 1.78
O1 GOL S . 54.23 -9.37 2.60
C2 GOL S . 54.19 -7.48 1.15
O2 GOL S . 53.68 -7.22 -0.13
C3 GOL S . 54.13 -6.23 2.03
O3 GOL S . 55.46 -5.89 2.36
H11 GOL S . 52.65 -8.23 2.29
H12 GOL S . 53.00 -9.13 1.08
HO1 GOL S . 53.78 -10.02 2.92
H2 GOL S . 55.12 -7.77 1.11
HO2 GOL S . 53.95 -6.44 -0.36
H31 GOL S . 53.59 -6.42 2.83
H32 GOL S . 53.68 -5.52 1.54
HO3 GOL S . 55.91 -5.88 1.65
PA NAP T . 7.93 -12.46 37.08
O1A NAP T . 8.88 -13.52 37.56
O2A NAP T . 8.13 -11.02 37.44
O5B NAP T . 7.88 -12.62 35.46
C5B NAP T . 6.95 -11.86 34.73
C4B NAP T . 7.45 -11.70 33.30
O4B NAP T . 8.67 -10.97 33.22
C3B NAP T . 7.75 -13.08 32.65
O3B NAP T . 7.35 -13.15 31.30
C2B NAP T . 9.29 -13.18 32.80
O2B NAP T . 9.75 -14.06 31.83
C1B NAP T . 9.67 -11.71 32.58
N9A NAP T . 11.00 -11.41 33.09
C8A NAP T . 11.77 -12.15 33.95
N7A NAP T . 12.92 -11.63 34.22
C5A NAP T . 12.95 -10.47 33.49
C6A NAP T . 13.92 -9.47 33.36
N6A NAP T . 15.09 -9.52 33.99
N1A NAP T . 13.64 -8.43 32.56
C2A NAP T . 12.47 -8.40 31.93
N3A NAP T . 11.48 -9.28 31.97
C4A NAP T . 11.76 -10.30 32.78
O3 NAP T . 6.39 -12.84 37.51
PN NAP T . 5.66 -14.31 37.35
O1N NAP T . 6.25 -15.28 38.31
O2N NAP T . 5.63 -14.57 35.88
O5D NAP T . 4.09 -14.08 37.85
C5D NAP T . 3.77 -13.83 39.19
C4D NAP T . 3.75 -12.35 39.51
O4D NAP T . 2.88 -11.69 38.59
C3D NAP T . 3.21 -12.08 40.90
O3D NAP T . 4.26 -11.55 41.67
C2D NAP T . 2.15 -11.03 40.66
O2D NAP T . 2.25 -9.90 41.50
C1D NAP T . 2.37 -10.59 39.22
N1N NAP T . 1.06 -10.15 38.62
C2N NAP T . 0.66 -8.89 38.76
C3N NAP T . -0.53 -8.47 38.20
C7N NAP T . -1.01 -7.05 38.34
O7N NAP T . -0.58 -6.35 39.25
N7N NAP T . -1.91 -6.65 37.44
C4N NAP T . -1.29 -9.38 37.50
C5N NAP T . -0.84 -10.68 37.36
C6N NAP T . 0.34 -11.05 37.93
P2B NAP T . 9.97 -15.70 32.38
O1X NAP T . 10.77 -15.58 33.66
O2X NAP T . 8.52 -16.15 32.56
O3X NAP T . 10.72 -16.36 31.23
H51A NAP T . 6.85 -10.99 35.16
H52A NAP T . 6.09 -12.29 34.76
H4B NAP T . 6.78 -11.18 32.81
H3B NAP T . 7.30 -13.80 33.11
HO3A NAP T . 6.77 -12.54 31.22
H2B NAP T . 9.62 -13.49 33.66
H1B NAP T . 9.70 -11.46 31.65
H8A NAP T . 11.47 -12.96 34.30
H61A NAP T . 15.73 -10.00 33.68
H62A NAP T . 15.23 -9.08 34.72
H2A NAP T . 12.33 -7.66 31.39
H51N NAP T . 4.43 -14.25 39.78
H52N NAP T . 2.91 -14.20 39.43
H4D NAP T . 4.61 -11.92 39.36
H3D NAP T . 2.84 -12.89 41.29
HO3N NAP T . 4.81 -12.18 41.85
H2D NAP T . 1.28 -11.46 40.69
HO2N NAP T . 2.01 -10.13 42.29
H1D NAP T . 2.94 -9.82 39.11
H2N NAP T . 1.22 -8.32 39.23
H71N NAP T . -2.20 -7.15 36.81
H72N NAP T . -2.21 -5.86 37.46
H4N NAP T . -2.10 -9.12 37.11
H5N NAP T . -1.34 -11.31 36.88
H6N NAP T . 0.68 -11.91 37.87
C1 GOL U . 2.31 -20.82 12.82
O1 GOL U . 1.38 -20.91 13.87
C2 GOL U . 3.44 -21.80 13.07
O2 GOL U . 3.73 -21.78 14.45
C3 GOL U . 3.08 -23.19 12.58
O3 GOL U . 1.78 -23.48 13.04
H11 GOL U . 2.68 -19.93 12.73
H12 GOL U . 1.90 -21.04 11.96
HO1 GOL U . 0.94 -21.62 13.78
H2 GOL U . 4.21 -21.51 12.55
HO2 GOL U . 4.15 -21.06 14.61
H31 GOL U . 3.73 -23.82 12.93
H32 GOL U . 3.13 -23.21 11.62
HO3 GOL U . 1.49 -24.15 12.60
C1 GOL V . 7.87 5.99 35.79
O1 GOL V . 7.62 5.82 37.17
C2 GOL V . 9.16 6.73 35.59
O2 GOL V . 10.18 6.18 36.40
C3 GOL V . 9.58 6.67 34.13
O3 GOL V . 10.42 5.56 33.96
H11 GOL V . 7.15 6.48 35.37
H12 GOL V . 7.92 5.13 35.34
HO1 GOL V . 8.25 5.35 37.50
H2 GOL V . 9.01 7.66 35.83
HO2 GOL V . 9.93 6.28 37.21
H31 GOL V . 10.02 7.50 33.88
H32 GOL V . 8.78 6.59 33.57
HO3 GOL V . 10.15 5.09 33.31
PA NAP W . 22.56 20.90 35.46
O1A NAP W . 22.13 19.49 35.18
O2A NAP W . 24.00 21.27 35.52
O5B NAP W . 21.81 21.38 36.84
C5B NAP W . 20.41 21.48 36.91
C4B NAP W . 19.97 21.30 38.37
O4B NAP W . 20.26 19.97 38.80
C3B NAP W . 20.75 22.22 39.36
O3B NAP W . 19.93 22.73 40.37
C2B NAP W . 21.84 21.26 39.88
O2B NAP W . 22.25 21.72 41.12
C1B NAP W . 21.03 19.97 39.97
N9A NAP W . 21.85 18.77 40.04
C8A NAP W . 23.17 18.64 39.70
N7A NAP W . 23.64 17.45 39.88
C5A NAP W . 22.57 16.73 40.36
C6A NAP W . 22.45 15.38 40.75
N6A NAP W . 23.48 14.53 40.68
N1A NAP W . 21.27 14.97 41.20
C2A NAP W . 20.26 15.83 41.25
N3A NAP W . 20.25 17.12 40.92
C4A NAP W . 21.45 17.52 40.48
O3 NAP W . 21.94 21.95 34.35
PN NAP W . 22.06 23.58 34.35
O1N NAP W . 23.45 23.99 33.97
O2N NAP W . 21.48 24.06 35.64
O5D NAP W . 21.09 24.00 33.09
C5D NAP W . 21.42 23.84 31.72
C4D NAP W . 20.80 22.62 31.06
O4D NAP W . 19.43 22.54 31.46
C3D NAP W . 20.85 22.71 29.54
O3D NAP W . 21.16 21.44 29.04
C2D NAP W . 19.41 23.11 29.20
O2D NAP W . 18.93 22.63 27.98
C1D NAP W . 18.64 22.46 30.36
N1N NAP W . 17.36 23.21 30.52
C2N NAP W . 16.22 22.70 30.10
C3N NAP W . 15.04 23.38 30.23
C7N NAP W . 13.75 22.78 29.75
O7N NAP W . 13.80 21.85 28.97
N7N NAP W . 12.64 23.33 30.23
C4N NAP W . 15.05 24.64 30.83
C5N NAP W . 16.26 25.15 31.28
C6N NAP W . 17.42 24.43 31.10
P2B NAP W . 23.81 22.47 41.19
O1X NAP W . 23.59 23.84 40.56
O2X NAP W . 24.66 21.50 40.37
O3X NAP W . 24.13 22.52 42.68
H51A NAP W . 20.13 22.35 36.56
H52A NAP W . 20.01 20.81 36.34
H4B NAP W . 19.02 21.45 38.42
H3B NAP W . 21.15 22.99 38.91
HO3A NAP W . 19.82 23.55 40.18
H2B NAP W . 22.61 21.19 39.31
H1B NAP W . 20.48 19.94 40.77
H8A NAP W . 23.67 19.35 39.38
H61A NAP W . 24.09 14.53 41.28
H62A NAP W . 23.55 13.97 40.02
H2A NAP W . 19.46 15.49 41.56
H51N NAP W . 21.12 24.62 31.21
H52N NAP W . 22.37 23.77 31.60
H4D NAP W . 21.18 21.79 31.38
H3D NAP W . 21.48 23.38 29.26
HO3N NAP W . 21.94 21.23 29.30
H2D NAP W . 19.34 24.07 29.26
HO2N NAP W . 19.11 23.19 27.37
H1D NAP W . 18.38 21.54 30.20
H2N NAP W . 16.27 21.85 29.70
H71N NAP W . 12.62 23.99 30.78
H72N NAP W . 11.88 23.02 29.98
H4N NAP W . 14.27 25.11 30.94
H5N NAP W . 16.31 25.99 31.69
H6N NAP W . 18.24 24.74 31.37
C1 GOL X . 24.53 17.91 4.51
O1 GOL X . 23.39 18.64 4.18
C2 GOL X . 25.31 18.67 5.58
O2 GOL X . 26.50 17.96 5.87
C3 GOL X . 25.58 20.08 5.09
O3 GOL X . 25.70 20.06 3.69
H11 GOL X . 25.12 17.77 3.74
H12 GOL X . 24.31 17.03 4.86
HO1 GOL X . 22.97 18.82 4.90
H2 GOL X . 24.77 18.73 6.38
HO2 GOL X . 27.08 18.52 6.12
H31 GOL X . 26.39 20.41 5.51
H32 GOL X . 24.85 20.66 5.37
HO3 GOL X . 25.57 20.85 3.40
C1 GOL Y . -40.64 34.54 -11.85
O1 GOL Y . -41.59 34.35 -10.84
C2 GOL Y . -39.33 34.98 -11.23
O2 GOL Y . -38.51 35.59 -12.20
C3 GOL Y . -39.65 35.94 -10.09
O3 GOL Y . -38.45 36.55 -9.66
H11 GOL Y . -40.93 35.22 -12.49
H12 GOL Y . -40.49 33.73 -12.36
HO1 GOL Y . -42.30 34.07 -11.19
H2 GOL Y . -38.88 34.20 -10.88
HO2 GOL Y . -38.34 35.00 -12.79
H31 GOL Y . -40.08 35.46 -9.37
H32 GOL Y . -40.28 36.62 -10.40
HO3 GOL Y . -38.03 36.84 -10.33
C1 GOL Z . -42.52 27.91 -15.24
O1 GOL Z . -41.87 27.36 -14.12
C2 GOL Z . -43.41 26.85 -15.87
O2 GOL Z . -44.76 27.24 -15.74
C3 GOL Z . -43.02 26.64 -17.32
O3 GOL Z . -41.85 25.86 -17.35
H11 GOL Z . -41.90 28.23 -15.91
H12 GOL Z . -43.07 28.68 -14.99
HO1 GOL Z . -41.11 27.73 -14.06
H2 GOL Z . -43.26 26.02 -15.38
HO2 GOL Z . -45.22 26.66 -16.16
H31 GOL Z . -42.88 27.50 -17.74
H32 GOL Z . -43.75 26.21 -17.79
HO3 GOL Z . -41.18 26.37 -17.25
C1 GOL AA . -49.92 16.65 3.10
O1 GOL AA . -49.04 16.26 4.13
C2 GOL AA . -51.24 17.11 3.70
O2 GOL AA . -51.02 18.30 4.42
C3 GOL AA . -52.29 17.30 2.62
O3 GOL AA . -53.54 16.97 3.17
H11 GOL AA . -50.09 15.93 2.47
H12 GOL AA . -49.54 17.39 2.57
HO1 GOL AA . -48.33 15.97 3.76
H2 GOL AA . -51.54 16.40 4.28
HO2 GOL AA . -51.77 18.61 4.64
H31 GOL AA . -52.07 16.75 1.85
H32 GOL AA . -52.27 18.22 2.30
HO3 GOL AA . -54.16 17.28 2.67
C1 GOL BA . -36.13 25.46 23.51
O1 GOL BA . -37.34 24.97 22.98
C2 GOL BA . -35.21 25.84 22.36
O2 GOL BA . -34.07 26.48 22.88
C3 GOL BA . -35.95 26.73 21.37
O3 GOL BA . -36.46 27.82 22.11
H11 GOL BA . -35.69 24.80 24.06
H12 GOL BA . -36.28 26.24 24.07
HO1 GOL BA . -37.15 24.36 22.43
H2 GOL BA . -34.96 25.02 21.91
HO2 GOL BA . -34.33 27.18 23.29
H31 GOL BA . -36.66 26.22 20.95
H32 GOL BA . -35.33 27.02 20.68
HO3 GOL BA . -35.86 28.10 22.63
C1 GOL CA . -46.77 44.45 34.38
O1 GOL CA . -47.68 45.25 33.69
C2 GOL CA . -46.05 45.28 35.43
O2 GOL CA . -46.94 45.49 36.50
C3 GOL CA . -44.75 44.62 35.86
O3 GOL CA . -44.93 43.23 35.86
H11 GOL CA . -46.10 44.07 33.78
H12 GOL CA . -47.21 43.71 34.82
HO1 GOL CA . -48.24 45.56 34.25
H2 GOL CA . -45.80 46.13 35.02
HO2 GOL CA . -46.50 45.87 37.12
H31 GOL CA . -44.51 44.95 36.74
H32 GOL CA . -44.05 44.89 35.25
HO3 GOL CA . -44.17 42.86 35.87
C1 GOL DA . -43.42 41.24 43.25
O1 GOL DA . -44.71 41.74 43.41
C2 GOL DA . -43.42 40.08 42.27
O2 GOL DA . -42.18 40.02 41.62
C3 GOL DA . -43.72 38.78 43.00
O3 GOL DA . -43.94 37.77 42.04
H11 GOL DA . -43.05 40.91 44.10
H12 GOL DA . -42.80 41.92 42.93
HO1 GOL DA . -45.24 41.09 43.56
H2 GOL DA . -44.14 40.24 41.63
HO2 GOL DA . -42.18 39.32 41.12
H31 GOL DA . -44.48 38.90 43.58
H32 GOL DA . -42.96 38.57 43.58
HO3 GOL DA . -43.88 37.01 42.43
#